data_4B4O
#
_entry.id   4B4O
#
_cell.length_a   80.824
_cell.length_b   83.362
_cell.length_c   105.191
_cell.angle_alpha   89.93
_cell.angle_beta   76.73
_cell.angle_gamma   71.52
#
_symmetry.space_group_name_H-M   'P 1'
#
loop_
_entity.id
_entity.type
_entity.pdbx_description
1 polymer 'EPIMERASE FAMILY PROTEIN SDR39U1'
2 non-polymer 'NADPH DIHYDRO-NICOTINAMIDE-ADENINE-DINUCLEOTIDE PHOSPHATE'
3 non-polymer 2-{2-[2-(2-{2-[2-(2-ETHOXY-ETHOXY)-ETHOXY]-ETHOXY}-ETHOXY)-ETHOXY]-ETHOXY}-ETHANOL
4 water water
#
_entity_poly.entity_id   1
_entity_poly.type   'polypeptide(L)'
_entity_poly.pdbx_seq_one_letter_code
;(MSE)RVLVGGGTGFIGTALTQLLNARGHEVTLVSRKPGPGRITWDELAASGLPSCDAAVNLAGENILNPLRRWNETFQK
EVLGSRLETTQLLAKAITKAPQPPKAWVLVTGVAYYQPSLTAEYDEDSPGGDFDFFSNLVTKWEAAARLPGDSTRQVVVR
SGVVLGRGGGA(MSE)GH(MSE)LLPFRLGLGGPIGSGHQFFPWIHIGDLAGILTHALEANHVHGVLNGVAPSSATNAEF
AQTFGAALGRRAFIPLPSAVVQAVFGRQRAI(MSE)LLEGQKVIPRRTLATGYQYSFPELGAALKEIAENLYFQ
;
_entity_poly.pdbx_strand_id   A,B,C,D,E,F,G,H
#
loop_
_chem_comp.id
_chem_comp.type
_chem_comp.name
_chem_comp.formula
NDP non-polymer 'NADPH DIHYDRO-NICOTINAMIDE-ADENINE-DINUCLEOTIDE PHOSPHATE' 'C21 H30 N7 O17 P3'
PE4 non-polymer 2-{2-[2-(2-{2-[2-(2-ETHOXY-ETHOXY)-ETHOXY]-ETHOXY}-ETHOXY)-ETHOXY]-ETHOXY}-ETHANOL 'C16 H34 O8'
#
# COMPACT_ATOMS: atom_id res chain seq x y z
N MSE A 1 5.71 -11.48 -9.34
CA MSE A 1 4.26 -11.78 -9.50
C MSE A 1 4.01 -13.19 -9.91
O MSE A 1 4.80 -13.79 -10.60
CB MSE A 1 3.81 -10.93 -10.67
CG MSE A 1 2.41 -10.42 -10.45
SE MSE A 1 1.81 -9.36 -11.98
CE MSE A 1 3.38 -9.13 -13.13
N ARG A 2 2.88 -13.74 -9.48
CA ARG A 2 2.47 -15.07 -9.93
C ARG A 2 1.26 -14.98 -10.87
N VAL A 3 1.41 -15.47 -12.11
CA VAL A 3 0.37 -15.29 -13.14
C VAL A 3 -0.23 -16.62 -13.59
N LEU A 4 -1.56 -16.70 -13.61
CA LEU A 4 -2.29 -17.88 -14.06
C LEU A 4 -2.72 -17.65 -15.50
N VAL A 5 -2.26 -18.48 -16.44
CA VAL A 5 -2.56 -18.25 -17.86
C VAL A 5 -3.42 -19.35 -18.45
N GLY A 6 -4.70 -19.06 -18.62
CA GLY A 6 -5.59 -19.97 -19.28
C GLY A 6 -5.28 -20.10 -20.76
N GLY A 7 -5.18 -21.34 -21.23
CA GLY A 7 -4.81 -21.59 -22.62
C GLY A 7 -3.38 -21.23 -22.95
N GLY A 8 -2.55 -21.12 -21.91
CA GLY A 8 -1.16 -20.69 -22.08
C GLY A 8 -0.19 -21.65 -22.77
N THR A 9 -0.64 -22.87 -23.07
CA THR A 9 0.17 -23.81 -23.88
C THR A 9 0.32 -23.35 -25.33
N GLY A 10 -0.56 -22.45 -25.76
CA GLY A 10 -0.65 -22.07 -27.17
C GLY A 10 0.42 -21.10 -27.66
N PHE A 11 0.12 -20.52 -28.82
CA PHE A 11 1.07 -19.68 -29.56
C PHE A 11 1.38 -18.41 -28.79
N ILE A 12 0.35 -17.65 -28.49
CA ILE A 12 0.54 -16.43 -27.74
C ILE A 12 1.03 -16.78 -26.33
N GLY A 13 0.45 -17.84 -25.76
CA GLY A 13 0.73 -18.22 -24.40
C GLY A 13 2.18 -18.57 -24.14
N THR A 14 2.78 -19.26 -25.08
CA THR A 14 4.15 -19.67 -24.95
C THR A 14 5.09 -18.47 -24.99
N ALA A 15 4.79 -17.51 -25.85
CA ALA A 15 5.57 -16.29 -25.90
C ALA A 15 5.36 -15.50 -24.60
N LEU A 16 4.13 -15.44 -24.13
CA LEU A 16 3.82 -14.69 -22.90
C LEU A 16 4.54 -15.28 -21.70
N THR A 17 4.56 -16.61 -21.64
CA THR A 17 5.22 -17.30 -20.56
C THR A 17 6.74 -16.99 -20.57
N GLN A 18 7.37 -17.05 -21.75
CA GLN A 18 8.81 -16.78 -21.83
C GLN A 18 9.08 -15.38 -21.33
N LEU A 19 8.26 -14.40 -21.71
CA LEU A 19 8.54 -12.99 -21.36
C LEU A 19 8.28 -12.75 -19.88
N LEU A 20 7.17 -13.26 -19.37
CA LEU A 20 6.87 -13.21 -17.95
C LEU A 20 7.99 -13.80 -17.09
N ASN A 21 8.46 -14.99 -17.43
CA ASN A 21 9.55 -15.63 -16.68
C ASN A 21 10.81 -14.73 -16.70
N ALA A 22 11.17 -14.26 -17.89
CA ALA A 22 12.34 -13.42 -18.08
C ALA A 22 12.29 -12.15 -17.20
N ARG A 23 11.07 -11.64 -16.99
CA ARG A 23 10.87 -10.41 -16.22
C ARG A 23 10.63 -10.66 -14.72
N GLY A 24 10.84 -11.90 -14.28
CA GLY A 24 10.86 -12.24 -12.85
C GLY A 24 9.56 -12.81 -12.28
N HIS A 25 8.65 -13.24 -13.14
CA HIS A 25 7.34 -13.75 -12.72
C HIS A 25 7.23 -15.26 -12.82
N GLU A 26 6.48 -15.87 -11.91
CA GLU A 26 6.14 -17.30 -11.95
C GLU A 26 4.83 -17.49 -12.73
N VAL A 27 4.75 -18.50 -13.59
CA VAL A 27 3.56 -18.75 -14.41
C VAL A 27 3.00 -20.16 -14.25
N THR A 28 1.70 -20.24 -14.03
CA THR A 28 0.95 -21.51 -14.00
C THR A 28 -0.05 -21.49 -15.15
N LEU A 29 -0.18 -22.58 -15.88
CA LEU A 29 -1.11 -22.63 -17.02
C LEU A 29 -2.39 -23.33 -16.64
N VAL A 30 -3.51 -22.91 -17.22
CA VAL A 30 -4.72 -23.73 -17.20
C VAL A 30 -4.85 -24.39 -18.57
N SER A 31 -5.07 -25.70 -18.57
CA SER A 31 -5.04 -26.48 -19.80
C SER A 31 -6.07 -27.59 -19.73
N ARG A 32 -6.46 -28.10 -20.90
CA ARG A 32 -7.32 -29.27 -20.94
C ARG A 32 -6.61 -30.54 -20.53
N LYS A 33 -5.30 -30.55 -20.66
CA LYS A 33 -4.49 -31.75 -20.38
C LYS A 33 -3.58 -31.44 -19.20
N PRO A 34 -3.48 -32.38 -18.24
CA PRO A 34 -2.72 -32.07 -17.03
C PRO A 34 -1.24 -32.09 -17.28
N GLY A 35 -0.47 -31.83 -16.22
CA GLY A 35 0.98 -31.87 -16.30
C GLY A 35 1.65 -30.85 -15.39
N PRO A 36 2.99 -30.71 -15.54
CA PRO A 36 3.72 -29.87 -14.60
C PRO A 36 3.57 -28.40 -14.99
N GLY A 37 3.53 -27.53 -13.99
CA GLY A 37 3.38 -26.10 -14.23
C GLY A 37 1.98 -25.71 -14.66
N ARG A 38 1.00 -26.60 -14.44
CA ARG A 38 -0.37 -26.33 -14.90
C ARG A 38 -1.45 -27.08 -14.13
N ILE A 39 -2.66 -26.52 -14.18
CA ILE A 39 -3.84 -27.16 -13.66
C ILE A 39 -4.87 -27.28 -14.77
N THR A 40 -5.77 -28.25 -14.66
CA THR A 40 -6.81 -28.43 -15.67
C THR A 40 -8.06 -27.61 -15.37
N TRP A 41 -8.91 -27.46 -16.38
CA TRP A 41 -10.21 -26.76 -16.23
C TRP A 41 -11.08 -27.45 -15.23
N ASP A 42 -11.11 -28.78 -15.28
CA ASP A 42 -11.87 -29.55 -14.33
C ASP A 42 -11.41 -29.30 -12.90
N GLU A 43 -10.10 -29.18 -12.73
CA GLU A 43 -9.52 -28.94 -11.42
C GLU A 43 -9.85 -27.53 -10.93
N LEU A 44 -9.83 -26.55 -11.82
CA LEU A 44 -10.19 -25.19 -11.44
C LEU A 44 -11.64 -25.08 -10.97
N ALA A 45 -12.54 -25.79 -11.63
CA ALA A 45 -13.96 -25.76 -11.27
C ALA A 45 -14.18 -26.48 -9.94
N ALA A 46 -13.37 -27.49 -9.68
CA ALA A 46 -13.52 -28.33 -8.50
C ALA A 46 -13.05 -27.64 -7.25
N SER A 47 -11.80 -27.19 -7.28
CA SER A 47 -11.13 -26.69 -6.07
C SER A 47 -10.78 -25.20 -6.12
N GLY A 48 -11.06 -24.52 -7.23
CA GLY A 48 -11.01 -23.06 -7.24
C GLY A 48 -9.72 -22.49 -7.77
N LEU A 49 -9.59 -21.18 -7.64
CA LEU A 49 -8.47 -20.46 -8.21
C LEU A 49 -7.20 -20.69 -7.38
N PRO A 50 -6.12 -21.19 -7.99
CA PRO A 50 -4.87 -21.33 -7.23
C PRO A 50 -4.30 -19.97 -6.89
N SER A 51 -3.39 -19.92 -5.93
CA SER A 51 -2.79 -18.65 -5.50
C SER A 51 -2.14 -17.96 -6.70
N CYS A 52 -2.59 -16.74 -6.98
CA CYS A 52 -2.01 -15.95 -8.01
C CYS A 52 -2.32 -14.48 -7.80
N ASP A 53 -1.42 -13.63 -8.29
CA ASP A 53 -1.57 -12.17 -8.21
C ASP A 53 -2.31 -11.63 -9.42
N ALA A 54 -2.29 -12.38 -10.51
CA ALA A 54 -2.89 -11.94 -11.76
C ALA A 54 -3.29 -13.14 -12.61
N ALA A 55 -4.26 -12.93 -13.49
CA ALA A 55 -4.74 -14.00 -14.37
C ALA A 55 -4.95 -13.48 -15.79
N VAL A 56 -4.72 -14.36 -16.76
CA VAL A 56 -4.93 -14.07 -18.19
C VAL A 56 -5.68 -15.24 -18.82
N ASN A 57 -6.60 -14.97 -19.73
CA ASN A 57 -7.16 -16.05 -20.55
C ASN A 57 -6.84 -15.90 -22.03
N LEU A 58 -6.31 -16.99 -22.60
CA LEU A 58 -6.00 -17.10 -24.02
C LEU A 58 -6.73 -18.28 -24.66
N ALA A 59 -7.52 -19.00 -23.86
CA ALA A 59 -8.10 -20.26 -24.31
C ALA A 59 -9.09 -20.04 -25.46
N GLY A 60 -9.00 -20.89 -26.49
CA GLY A 60 -9.96 -20.85 -27.59
C GLY A 60 -9.67 -21.88 -28.67
N GLU A 61 -10.72 -22.56 -29.13
CA GLU A 61 -10.61 -23.40 -30.30
C GLU A 61 -10.09 -22.53 -31.45
N ASN A 62 -9.11 -23.04 -32.19
CA ASN A 62 -8.50 -22.29 -33.28
C ASN A 62 -9.45 -22.00 -34.45
N ILE A 63 -9.63 -20.72 -34.74
CA ILE A 63 -10.63 -20.29 -35.71
C ILE A 63 -10.17 -20.52 -37.15
N LEU A 64 -8.95 -20.08 -37.47
CA LEU A 64 -8.45 -20.13 -38.85
C LEU A 64 -8.24 -21.56 -39.39
N ASN A 65 -8.02 -22.53 -38.50
CA ASN A 65 -7.85 -23.94 -38.84
C ASN A 65 -8.57 -24.43 -40.12
N PRO A 66 -7.87 -24.39 -41.27
CA PRO A 66 -8.44 -24.86 -42.55
C PRO A 66 -8.91 -26.30 -42.60
N LEU A 67 -8.44 -27.12 -41.66
CA LEU A 67 -8.83 -28.54 -41.62
C LEU A 67 -10.25 -28.76 -41.06
N ARG A 68 -10.89 -27.72 -40.55
CA ARG A 68 -12.28 -27.83 -40.11
C ARG A 68 -13.21 -26.94 -40.93
N ARG A 69 -14.31 -27.53 -41.38
CA ARG A 69 -15.30 -26.84 -42.18
C ARG A 69 -16.09 -25.95 -41.24
N TRP A 70 -16.48 -24.79 -41.72
CA TRP A 70 -17.23 -23.86 -40.90
C TRP A 70 -18.69 -24.25 -40.79
N ASN A 71 -18.97 -25.28 -40.00
CA ASN A 71 -20.36 -25.66 -39.74
C ASN A 71 -20.83 -25.16 -38.36
N GLU A 72 -22.07 -25.45 -38.04
CA GLU A 72 -22.66 -25.04 -36.77
C GLU A 72 -21.94 -25.64 -35.57
N THR A 73 -21.50 -26.90 -35.71
CA THR A 73 -20.80 -27.59 -34.63
C THR A 73 -19.52 -26.87 -34.27
N PHE A 74 -18.76 -26.50 -35.29
CA PHE A 74 -17.46 -25.83 -35.12
C PHE A 74 -17.65 -24.41 -34.60
N GLN A 75 -18.69 -23.77 -35.12
CA GLN A 75 -19.15 -22.48 -34.64
C GLN A 75 -19.42 -22.54 -33.13
N LYS A 76 -20.19 -23.56 -32.70
CA LYS A 76 -20.50 -23.73 -31.29
C LYS A 76 -19.23 -23.91 -30.46
N GLU A 77 -18.25 -24.66 -30.96
CA GLU A 77 -16.97 -24.83 -30.25
CA GLU A 77 -16.97 -24.81 -30.25
C GLU A 77 -16.16 -23.51 -30.20
N VAL A 78 -16.18 -22.73 -31.28
CA VAL A 78 -15.42 -21.49 -31.30
C VAL A 78 -15.96 -20.58 -30.20
N LEU A 79 -17.29 -20.48 -30.14
CA LEU A 79 -17.99 -19.65 -29.18
C LEU A 79 -17.90 -20.21 -27.76
N GLY A 80 -18.29 -21.47 -27.60
CA GLY A 80 -18.33 -22.11 -26.29
C GLY A 80 -16.98 -22.18 -25.61
N SER A 81 -15.93 -22.53 -26.36
CA SER A 81 -14.60 -22.63 -25.80
C SER A 81 -14.13 -21.32 -25.17
N ARG A 82 -14.48 -20.20 -25.80
CA ARG A 82 -14.08 -18.90 -25.30
C ARG A 82 -14.96 -18.42 -24.12
N LEU A 83 -16.28 -18.51 -24.25
CA LEU A 83 -17.16 -18.06 -23.17
C LEU A 83 -17.02 -18.93 -21.90
N GLU A 84 -16.96 -20.25 -22.05
CA GLU A 84 -16.95 -21.14 -20.89
C GLU A 84 -15.67 -20.98 -20.12
N THR A 85 -14.52 -21.07 -20.79
CA THR A 85 -13.24 -20.89 -20.10
C THR A 85 -13.14 -19.51 -19.44
N THR A 86 -13.55 -18.47 -20.16
CA THR A 86 -13.52 -17.13 -19.61
C THR A 86 -14.44 -17.01 -18.38
N GLN A 87 -15.63 -17.56 -18.48
CA GLN A 87 -16.62 -17.44 -17.39
C GLN A 87 -16.13 -18.20 -16.17
N LEU A 88 -15.49 -19.32 -16.41
CA LEU A 88 -15.02 -20.20 -15.35
C LEU A 88 -13.93 -19.49 -14.54
N LEU A 89 -13.05 -18.79 -15.25
CA LEU A 89 -12.02 -17.99 -14.61
C LEU A 89 -12.62 -16.80 -13.86
N ALA A 90 -13.55 -16.12 -14.51
CA ALA A 90 -14.25 -14.97 -13.90
C ALA A 90 -14.92 -15.33 -12.58
N LYS A 91 -15.71 -16.39 -12.59
CA LYS A 91 -16.38 -16.86 -11.38
C LYS A 91 -15.38 -17.29 -10.29
N ALA A 92 -14.27 -17.88 -10.71
CA ALA A 92 -13.23 -18.32 -9.77
C ALA A 92 -12.58 -17.12 -9.09
N ILE A 93 -12.33 -16.07 -9.86
CA ILE A 93 -11.80 -14.82 -9.32
C ILE A 93 -12.77 -14.19 -8.32
N THR A 94 -14.04 -14.07 -8.71
CA THR A 94 -15.05 -13.47 -7.88
C THR A 94 -15.16 -14.17 -6.54
N LYS A 95 -15.03 -15.50 -6.53
CA LYS A 95 -15.23 -16.24 -5.28
C LYS A 95 -13.92 -16.60 -4.57
N ALA A 96 -12.78 -16.20 -5.11
CA ALA A 96 -11.49 -16.40 -4.44
C ALA A 96 -11.41 -15.55 -3.18
N PRO A 97 -10.92 -16.11 -2.06
CA PRO A 97 -10.76 -15.32 -0.82
C PRO A 97 -9.67 -14.24 -0.93
N GLN A 98 -8.56 -14.57 -1.60
CA GLN A 98 -7.48 -13.63 -1.85
C GLN A 98 -7.45 -13.40 -3.34
N PRO A 99 -8.39 -12.59 -3.86
CA PRO A 99 -8.49 -12.52 -5.33
C PRO A 99 -7.32 -11.79 -5.97
N PRO A 100 -7.04 -12.08 -7.25
CA PRO A 100 -5.91 -11.47 -7.95
C PRO A 100 -6.13 -10.00 -8.24
N LYS A 101 -5.05 -9.25 -8.28
CA LYS A 101 -5.09 -7.80 -8.46
C LYS A 101 -5.35 -7.39 -9.93
N ALA A 102 -5.01 -8.26 -10.88
CA ALA A 102 -5.27 -7.99 -12.31
C ALA A 102 -5.86 -9.19 -13.07
N TRP A 103 -6.64 -8.88 -14.11
CA TRP A 103 -7.38 -9.89 -14.95
C TRP A 103 -7.46 -9.41 -16.37
N VAL A 104 -6.80 -10.12 -17.26
CA VAL A 104 -6.60 -9.66 -18.62
C VAL A 104 -7.09 -10.68 -19.63
N LEU A 105 -7.91 -10.22 -20.58
CA LEU A 105 -8.44 -11.09 -21.64
C LEU A 105 -7.94 -10.64 -22.98
N VAL A 106 -7.69 -11.61 -23.86
CA VAL A 106 -7.35 -11.31 -25.24
C VAL A 106 -8.56 -11.61 -26.08
N THR A 107 -9.03 -10.62 -26.83
CA THR A 107 -10.05 -10.85 -27.84
C THR A 107 -9.50 -10.31 -29.17
N GLY A 108 -10.35 -9.78 -30.05
CA GLY A 108 -9.92 -9.48 -31.41
C GLY A 108 -10.43 -8.19 -32.00
N VAL A 109 -9.73 -7.72 -33.01
CA VAL A 109 -10.13 -6.50 -33.71
C VAL A 109 -11.37 -6.74 -34.57
N ALA A 110 -11.79 -7.99 -34.71
CA ALA A 110 -13.07 -8.31 -35.35
C ALA A 110 -14.24 -7.52 -34.77
N TYR A 111 -14.09 -6.99 -33.56
CA TYR A 111 -15.10 -6.10 -32.97
C TYR A 111 -15.45 -4.92 -33.88
N TYR A 112 -14.44 -4.39 -34.59
CA TYR A 112 -14.61 -3.21 -35.41
C TYR A 112 -15.04 -3.57 -36.85
N GLN A 113 -16.06 -2.87 -37.34
CA GLN A 113 -16.64 -3.14 -38.62
C GLN A 113 -15.59 -2.96 -39.74
N PRO A 114 -15.31 -4.04 -40.49
CA PRO A 114 -14.41 -3.89 -41.62
C PRO A 114 -14.90 -2.85 -42.60
N SER A 115 -13.96 -2.09 -43.14
CA SER A 115 -14.24 -0.89 -43.93
C SER A 115 -12.97 -0.42 -44.62
N LEU A 116 -13.12 0.14 -45.80
CA LEU A 116 -11.98 0.65 -46.53
C LEU A 116 -11.70 2.11 -46.17
N THR A 117 -12.66 2.74 -45.48
CA THR A 117 -12.58 4.18 -45.17
C THR A 117 -12.53 4.48 -43.67
N ALA A 118 -13.15 3.65 -42.83
CA ALA A 118 -13.26 3.97 -41.41
C ALA A 118 -11.94 3.85 -40.68
N GLU A 119 -11.90 4.44 -39.49
CA GLU A 119 -10.75 4.40 -38.61
C GLU A 119 -11.26 4.19 -37.18
N TYR A 120 -10.69 3.24 -36.47
CA TYR A 120 -11.19 2.86 -35.16
C TYR A 120 -10.12 3.01 -34.09
N ASP A 121 -10.54 3.38 -32.88
CA ASP A 121 -9.72 3.18 -31.68
C ASP A 121 -10.50 2.43 -30.62
N GLU A 122 -9.95 2.37 -29.42
CA GLU A 122 -10.52 1.54 -28.34
C GLU A 122 -11.91 2.00 -27.89
N ASP A 123 -12.26 3.24 -28.19
CA ASP A 123 -13.54 3.78 -27.76
C ASP A 123 -14.58 3.62 -28.85
N SER A 124 -14.17 3.06 -29.99
CA SER A 124 -15.08 3.01 -31.12
C SER A 124 -16.15 1.96 -30.87
N PRO A 125 -17.37 2.22 -31.34
CA PRO A 125 -18.40 1.21 -31.30
C PRO A 125 -18.26 0.06 -32.31
N GLY A 126 -18.90 -1.05 -31.99
CA GLY A 126 -18.83 -2.27 -32.79
C GLY A 126 -19.46 -3.44 -32.05
N GLY A 127 -19.02 -4.65 -32.39
CA GLY A 127 -19.46 -5.84 -31.69
C GLY A 127 -20.84 -6.40 -32.00
N ASP A 128 -21.44 -6.01 -33.13
CA ASP A 128 -22.86 -6.27 -33.35
C ASP A 128 -23.32 -6.45 -34.80
N PHE A 129 -22.43 -6.86 -35.71
CA PHE A 129 -22.74 -6.86 -37.16
C PHE A 129 -22.41 -8.17 -37.89
N ASP A 130 -21.74 -9.09 -37.21
CA ASP A 130 -21.43 -10.39 -37.78
C ASP A 130 -21.08 -11.36 -36.66
N PHE A 131 -20.78 -12.59 -37.02
CA PHE A 131 -20.51 -13.58 -36.02
C PHE A 131 -19.33 -13.25 -35.09
N PHE A 132 -18.22 -12.81 -35.68
CA PHE A 132 -17.00 -12.57 -34.89
C PHE A 132 -17.08 -11.30 -34.03
N SER A 133 -17.78 -10.29 -34.51
CA SER A 133 -18.01 -9.10 -33.70
C SER A 133 -18.92 -9.44 -32.52
N ASN A 134 -20.02 -10.16 -32.77
CA ASN A 134 -20.86 -10.66 -31.69
C ASN A 134 -20.07 -11.55 -30.72
N LEU A 135 -19.17 -12.36 -31.27
CA LEU A 135 -18.32 -13.19 -30.40
C LEU A 135 -17.58 -12.30 -29.40
N VAL A 136 -16.90 -11.28 -29.89
CA VAL A 136 -16.07 -10.45 -29.03
C VAL A 136 -16.95 -9.83 -27.95
N THR A 137 -18.14 -9.36 -28.30
CA THR A 137 -19.04 -8.75 -27.28
C THR A 137 -19.33 -9.74 -26.14
N LYS A 138 -19.76 -10.93 -26.51
CA LYS A 138 -20.14 -11.96 -25.53
C LYS A 138 -18.93 -12.43 -24.71
N TRP A 139 -17.82 -12.54 -25.41
CA TRP A 139 -16.55 -12.94 -24.84
C TRP A 139 -16.11 -11.96 -23.78
N GLU A 140 -16.14 -10.68 -24.10
CA GLU A 140 -15.79 -9.66 -23.13
C GLU A 140 -16.81 -9.63 -22.00
N ALA A 141 -18.08 -9.81 -22.32
CA ALA A 141 -19.12 -9.86 -21.28
C ALA A 141 -18.83 -10.97 -20.28
N ALA A 142 -18.33 -12.10 -20.79
CA ALA A 142 -18.07 -13.26 -19.98
C ALA A 142 -16.95 -12.98 -18.97
N ALA A 143 -16.03 -12.10 -19.35
CA ALA A 143 -14.91 -11.77 -18.49
C ALA A 143 -15.25 -10.73 -17.43
N ARG A 144 -16.34 -10.00 -17.60
CA ARG A 144 -16.54 -8.75 -16.85
C ARG A 144 -16.87 -9.03 -15.38
N LEU A 145 -16.02 -8.54 -14.50
CA LEU A 145 -16.21 -8.63 -13.07
C LEU A 145 -16.93 -7.39 -12.58
N PRO A 146 -17.88 -7.56 -11.65
CA PRO A 146 -18.38 -6.37 -11.00
C PRO A 146 -17.34 -5.96 -9.98
N GLY A 147 -17.40 -4.72 -9.52
CA GLY A 147 -16.57 -4.34 -8.39
C GLY A 147 -15.20 -3.98 -8.88
N ASP A 148 -14.43 -3.37 -7.99
CA ASP A 148 -13.15 -2.78 -8.33
C ASP A 148 -11.97 -3.50 -7.67
N SER A 149 -12.22 -4.60 -6.95
CA SER A 149 -11.15 -5.36 -6.31
C SER A 149 -10.09 -5.86 -7.26
N THR A 150 -10.49 -6.16 -8.52
CA THR A 150 -9.57 -6.67 -9.51
C THR A 150 -9.58 -5.81 -10.76
N ARG A 151 -8.39 -5.30 -11.08
CA ARG A 151 -8.15 -4.46 -12.25
C ARG A 151 -8.41 -5.28 -13.53
N GLN A 152 -9.15 -4.70 -14.47
CA GLN A 152 -9.60 -5.44 -15.67
C GLN A 152 -9.07 -4.82 -16.95
N VAL A 153 -8.51 -5.67 -17.81
CA VAL A 153 -7.98 -5.23 -19.09
C VAL A 153 -8.46 -6.19 -20.17
N VAL A 154 -8.81 -5.64 -21.33
CA VAL A 154 -9.11 -6.46 -22.48
C VAL A 154 -8.23 -5.96 -23.60
N VAL A 155 -7.44 -6.86 -24.17
CA VAL A 155 -6.59 -6.53 -25.32
C VAL A 155 -7.21 -7.11 -26.59
N ARG A 156 -7.73 -6.26 -27.44
CA ARG A 156 -8.25 -6.68 -28.72
C ARG A 156 -7.08 -6.78 -29.70
N SER A 157 -6.74 -7.99 -30.11
CA SER A 157 -5.53 -8.21 -30.89
C SER A 157 -5.78 -8.25 -32.40
N GLY A 158 -4.82 -7.75 -33.14
CA GLY A 158 -4.76 -7.98 -34.58
C GLY A 158 -4.06 -9.31 -34.84
N VAL A 159 -3.65 -9.53 -36.10
CA VAL A 159 -3.01 -10.77 -36.50
C VAL A 159 -1.64 -10.81 -35.87
N VAL A 160 -1.37 -11.89 -35.14
CA VAL A 160 -0.16 -11.99 -34.35
C VAL A 160 0.88 -12.68 -35.19
N LEU A 161 1.92 -11.94 -35.58
CA LEU A 161 2.94 -12.46 -36.47
C LEU A 161 4.17 -12.90 -35.66
N GLY A 162 4.59 -14.14 -35.85
CA GLY A 162 5.74 -14.65 -35.14
C GLY A 162 6.24 -15.98 -35.64
N ARG A 163 7.48 -16.31 -35.27
CA ARG A 163 8.03 -17.64 -35.58
C ARG A 163 7.26 -18.66 -34.75
N GLY A 164 7.09 -19.85 -35.31
CA GLY A 164 6.67 -21.01 -34.54
C GLY A 164 5.20 -21.03 -34.19
N GLY A 165 4.37 -20.52 -35.09
CA GLY A 165 2.92 -20.70 -34.94
C GLY A 165 2.09 -19.60 -35.52
N GLY A 166 0.80 -19.64 -35.20
CA GLY A 166 -0.16 -18.64 -35.65
C GLY A 166 -0.30 -18.62 -37.16
N ALA A 167 -0.61 -17.45 -37.70
CA ALA A 167 -0.82 -17.30 -39.14
C ALA A 167 0.46 -17.63 -39.92
N MSE A 168 1.62 -17.26 -39.38
CA MSE A 168 2.90 -17.55 -40.07
C MSE A 168 3.13 -19.04 -40.23
O MSE A 168 3.75 -19.47 -41.19
CB MSE A 168 4.07 -16.92 -39.30
CG MSE A 168 4.06 -15.40 -39.42
SE MSE A 168 4.59 -14.90 -41.22
CE MSE A 168 3.82 -13.12 -41.35
N GLY A 169 2.63 -19.84 -39.31
CA GLY A 169 2.65 -21.27 -39.49
C GLY A 169 2.10 -21.70 -40.85
N HIS A 170 1.02 -21.06 -41.30
CA HIS A 170 0.41 -21.36 -42.59
C HIS A 170 1.04 -20.68 -43.78
N MSE A 171 1.64 -19.50 -43.55
CA MSE A 171 2.08 -18.65 -44.67
C MSE A 171 3.54 -18.79 -45.01
O MSE A 171 3.96 -18.50 -46.12
CB MSE A 171 1.84 -17.19 -44.29
CG MSE A 171 0.39 -16.77 -44.49
SE MSE A 171 0.18 -14.82 -44.15
CE MSE A 171 0.47 -14.94 -42.19
N LEU A 172 4.35 -19.25 -44.06
CA LEU A 172 5.80 -19.08 -44.15
C LEU A 172 6.41 -19.95 -45.22
N LEU A 173 6.01 -21.22 -45.29
CA LEU A 173 6.58 -22.12 -46.30
C LEU A 173 6.18 -21.70 -47.73
N PRO A 174 4.89 -21.41 -47.98
CA PRO A 174 4.52 -20.96 -49.31
C PRO A 174 5.24 -19.69 -49.74
N PHE A 175 5.28 -18.70 -48.87
CA PHE A 175 5.99 -17.48 -49.18
C PHE A 175 7.47 -17.75 -49.48
N ARG A 176 8.10 -18.58 -48.66
CA ARG A 176 9.48 -18.97 -48.89
C ARG A 176 9.70 -19.65 -50.23
N LEU A 177 8.66 -20.26 -50.79
CA LEU A 177 8.77 -20.97 -52.04
C LEU A 177 8.34 -20.14 -53.23
N GLY A 178 8.03 -18.87 -53.00
CA GLY A 178 7.59 -17.98 -54.06
C GLY A 178 6.12 -18.09 -54.47
N LEU A 179 5.31 -18.66 -53.57
CA LEU A 179 3.88 -18.86 -53.79
C LEU A 179 3.05 -17.81 -53.03
N GLY A 180 3.72 -16.86 -52.41
CA GLY A 180 3.04 -15.78 -51.70
C GLY A 180 2.45 -14.70 -52.61
N GLY A 181 1.61 -13.85 -52.02
CA GLY A 181 1.02 -12.72 -52.71
C GLY A 181 -0.19 -12.14 -52.02
N PRO A 182 -0.82 -11.14 -52.63
CA PRO A 182 -1.99 -10.51 -52.01
C PRO A 182 -3.20 -11.41 -51.96
N ILE A 183 -4.00 -11.22 -50.91
CA ILE A 183 -5.29 -11.90 -50.75
C ILE A 183 -6.41 -11.00 -51.23
N GLY A 184 -7.14 -11.42 -52.25
CA GLY A 184 -8.22 -10.59 -52.81
C GLY A 184 -7.68 -9.40 -53.58
N SER A 185 -8.23 -8.22 -53.34
CA SER A 185 -7.72 -6.99 -53.95
C SER A 185 -6.37 -6.57 -53.37
N GLY A 186 -6.14 -6.94 -52.11
CA GLY A 186 -4.94 -6.53 -51.39
C GLY A 186 -5.08 -5.16 -50.75
N HIS A 187 -6.16 -4.47 -51.07
CA HIS A 187 -6.37 -3.13 -50.55
C HIS A 187 -6.81 -3.06 -49.12
N GLN A 188 -7.31 -4.18 -48.61
CA GLN A 188 -7.85 -4.22 -47.26
C GLN A 188 -6.80 -3.97 -46.17
N PHE A 189 -7.21 -3.31 -45.11
CA PHE A 189 -6.31 -3.05 -43.99
C PHE A 189 -5.89 -4.37 -43.35
N PHE A 190 -4.63 -4.39 -42.92
CA PHE A 190 -4.03 -5.55 -42.31
C PHE A 190 -3.58 -5.17 -40.89
N PRO A 191 -4.52 -5.26 -39.91
CA PRO A 191 -4.12 -5.01 -38.51
C PRO A 191 -3.26 -6.17 -38.02
N TRP A 192 -2.06 -5.86 -37.54
CA TRP A 192 -1.13 -6.89 -37.16
C TRP A 192 -0.37 -6.44 -35.95
N ILE A 193 0.28 -7.40 -35.29
CA ILE A 193 1.21 -7.11 -34.20
C ILE A 193 2.25 -8.22 -34.14
N HIS A 194 3.49 -7.86 -33.81
CA HIS A 194 4.52 -8.85 -33.60
C HIS A 194 4.25 -9.53 -32.29
N ILE A 195 4.44 -10.85 -32.27
CA ILE A 195 4.15 -11.63 -31.08
C ILE A 195 4.86 -11.07 -29.86
N GLY A 196 6.07 -10.57 -30.02
CA GLY A 196 6.79 -9.97 -28.90
C GLY A 196 6.09 -8.78 -28.32
N ASP A 197 5.41 -8.02 -29.17
CA ASP A 197 4.70 -6.83 -28.72
C ASP A 197 3.34 -7.13 -28.11
N LEU A 198 2.66 -8.18 -28.57
CA LEU A 198 1.45 -8.61 -27.87
C LEU A 198 1.81 -9.11 -26.48
N ALA A 199 2.84 -9.95 -26.43
CA ALA A 199 3.38 -10.44 -25.19
C ALA A 199 3.76 -9.29 -24.24
N GLY A 200 4.37 -8.25 -24.82
CA GLY A 200 4.77 -7.05 -24.09
C GLY A 200 3.60 -6.21 -23.53
N ILE A 201 2.59 -6.01 -24.36
CA ILE A 201 1.39 -5.29 -23.94
C ILE A 201 0.71 -6.03 -22.80
N LEU A 202 0.53 -7.32 -22.96
CA LEU A 202 -0.09 -8.14 -21.94
C LEU A 202 0.68 -8.05 -20.63
N THR A 203 1.99 -8.16 -20.72
CA THR A 203 2.85 -8.05 -19.55
C THR A 203 2.74 -6.68 -18.89
N HIS A 204 2.70 -5.64 -19.71
CA HIS A 204 2.57 -4.31 -19.19
C HIS A 204 1.24 -4.16 -18.49
N ALA A 205 0.18 -4.76 -19.05
CA ALA A 205 -1.15 -4.72 -18.43
C ALA A 205 -1.11 -5.39 -17.06
N LEU A 206 -0.43 -6.53 -17.00
CA LEU A 206 -0.28 -7.26 -15.74
C LEU A 206 0.54 -6.49 -14.69
N GLU A 207 1.58 -5.79 -15.11
CA GLU A 207 2.51 -5.18 -14.15
C GLU A 207 2.08 -3.79 -13.72
N ALA A 208 1.66 -2.96 -14.68
CA ALA A 208 1.41 -1.55 -14.44
C ALA A 208 0.00 -1.36 -13.92
N ASN A 209 -0.14 -0.84 -12.72
CA ASN A 209 -1.46 -0.79 -12.11
C ASN A 209 -2.32 0.45 -12.49
N HIS A 210 -1.86 1.28 -13.42
CA HIS A 210 -2.68 2.34 -14.00
C HIS A 210 -3.42 1.88 -15.25
N VAL A 211 -3.13 0.68 -15.73
CA VAL A 211 -3.69 0.21 -16.98
C VAL A 211 -5.03 -0.46 -16.72
N HIS A 212 -6.08 -0.02 -17.42
CA HIS A 212 -7.40 -0.62 -17.28
C HIS A 212 -8.16 -0.51 -18.58
N GLY A 213 -9.14 -1.37 -18.80
CA GLY A 213 -10.04 -1.25 -19.95
C GLY A 213 -9.51 -1.84 -21.22
N VAL A 214 -10.00 -1.30 -22.33
CA VAL A 214 -9.73 -1.88 -23.64
C VAL A 214 -8.47 -1.27 -24.23
N LEU A 215 -7.59 -2.16 -24.71
CA LEU A 215 -6.37 -1.80 -25.41
C LEU A 215 -6.31 -2.52 -26.76
N ASN A 216 -5.96 -1.80 -27.81
CA ASN A 216 -5.87 -2.41 -29.14
C ASN A 216 -4.50 -3.01 -29.30
N GLY A 217 -4.46 -4.32 -29.42
CA GLY A 217 -3.21 -5.05 -29.58
C GLY A 217 -2.74 -5.09 -31.03
N VAL A 218 -2.39 -3.91 -31.54
CA VAL A 218 -1.94 -3.74 -32.92
C VAL A 218 -0.73 -2.82 -32.96
N ALA A 219 0.15 -3.06 -33.92
CA ALA A 219 1.29 -2.18 -34.14
C ALA A 219 0.71 -0.89 -34.66
N PRO A 220 1.33 0.24 -34.36
CA PRO A 220 0.81 1.50 -34.88
C PRO A 220 1.22 1.63 -36.33
N SER A 221 0.56 0.85 -37.18
CA SER A 221 0.93 0.74 -38.57
C SER A 221 -0.32 0.88 -39.42
N SER A 222 -0.14 1.18 -40.69
CA SER A 222 -1.25 1.33 -41.62
C SER A 222 -1.16 0.32 -42.76
N ALA A 223 -0.48 -0.79 -42.52
CA ALA A 223 -0.29 -1.78 -43.57
C ALA A 223 -1.62 -2.16 -44.18
N THR A 224 -1.61 -2.30 -45.50
CA THR A 224 -2.67 -3.02 -46.23
C THR A 224 -2.15 -4.44 -46.46
N ASN A 225 -3.05 -5.35 -46.83
CA ASN A 225 -2.64 -6.71 -47.17
C ASN A 225 -1.63 -6.76 -48.34
N ALA A 226 -1.83 -5.92 -49.37
CA ALA A 226 -0.86 -5.83 -50.48
C ALA A 226 0.51 -5.43 -49.95
N GLU A 227 0.55 -4.44 -49.05
CA GLU A 227 1.84 -4.02 -48.46
C GLU A 227 2.49 -5.12 -47.61
N PHE A 228 1.67 -5.86 -46.88
CA PHE A 228 2.17 -7.03 -46.15
C PHE A 228 2.84 -8.08 -47.07
N ALA A 229 2.18 -8.46 -48.14
CA ALA A 229 2.71 -9.49 -49.03
C ALA A 229 4.03 -9.03 -49.62
N GLN A 230 4.06 -7.79 -50.07
CA GLN A 230 5.24 -7.22 -50.70
C GLN A 230 6.43 -7.16 -49.74
N THR A 231 6.18 -6.65 -48.52
CA THR A 231 7.22 -6.52 -47.47
C THR A 231 7.73 -7.87 -47.00
N PHE A 232 6.83 -8.84 -46.95
CA PHE A 232 7.20 -10.19 -46.55
C PHE A 232 8.07 -10.87 -47.62
N GLY A 233 7.67 -10.76 -48.88
CA GLY A 233 8.50 -11.23 -49.98
C GLY A 233 9.88 -10.58 -49.95
N ALA A 234 9.93 -9.27 -49.80
CA ALA A 234 11.21 -8.57 -49.72
C ALA A 234 12.04 -9.15 -48.58
N ALA A 235 11.45 -9.35 -47.42
CA ALA A 235 12.21 -9.83 -46.25
C ALA A 235 12.77 -11.22 -46.46
N LEU A 236 12.09 -12.03 -47.27
CA LEU A 236 12.54 -13.41 -47.55
C LEU A 236 13.40 -13.50 -48.82
N GLY A 237 13.46 -12.39 -49.56
CA GLY A 237 14.15 -12.37 -50.85
C GLY A 237 13.44 -13.16 -51.96
N ARG A 238 12.11 -13.08 -51.99
CA ARG A 238 11.32 -13.89 -52.89
C ARG A 238 10.29 -13.12 -53.64
N ARG A 239 9.98 -13.62 -54.82
CA ARG A 239 8.80 -13.24 -55.58
C ARG A 239 7.55 -13.45 -54.73
N ALA A 240 6.68 -12.44 -54.63
CA ALA A 240 5.38 -12.59 -53.95
C ALA A 240 4.24 -12.01 -54.83
N PHE A 241 4.11 -12.56 -56.04
CA PHE A 241 3.28 -12.00 -57.11
C PHE A 241 1.97 -12.72 -57.37
N ILE A 242 1.68 -13.76 -56.61
CA ILE A 242 0.53 -14.63 -56.91
C ILE A 242 -0.69 -14.32 -56.04
N PRO A 243 -1.72 -13.66 -56.63
CA PRO A 243 -2.87 -13.26 -55.82
C PRO A 243 -3.77 -14.44 -55.53
N LEU A 244 -4.33 -14.50 -54.31
CA LEU A 244 -5.38 -15.48 -53.97
C LEU A 244 -6.73 -14.85 -54.25
N PRO A 245 -7.45 -15.33 -55.27
CA PRO A 245 -8.75 -14.75 -55.51
C PRO A 245 -9.71 -14.97 -54.36
N SER A 246 -10.70 -14.09 -54.27
CA SER A 246 -11.70 -14.13 -53.20
C SER A 246 -12.46 -15.45 -53.19
N ALA A 247 -12.90 -15.89 -54.38
CA ALA A 247 -13.68 -17.12 -54.53
C ALA A 247 -12.95 -18.32 -53.92
N VAL A 248 -11.62 -18.35 -54.06
CA VAL A 248 -10.82 -19.49 -53.61
C VAL A 248 -10.67 -19.45 -52.10
N VAL A 249 -10.47 -18.27 -51.54
CA VAL A 249 -10.36 -18.12 -50.09
C VAL A 249 -11.71 -18.47 -49.44
N GLN A 250 -12.80 -18.08 -50.09
CA GLN A 250 -14.14 -18.44 -49.61
C GLN A 250 -14.41 -19.94 -49.69
N ALA A 251 -13.93 -20.56 -50.76
CA ALA A 251 -14.08 -21.99 -50.92
C ALA A 251 -13.41 -22.72 -49.77
N VAL A 252 -12.21 -22.30 -49.39
CA VAL A 252 -11.43 -23.04 -48.39
C VAL A 252 -11.92 -22.76 -46.98
N PHE A 253 -12.21 -21.49 -46.68
CA PHE A 253 -12.50 -21.08 -45.32
C PHE A 253 -13.97 -20.82 -45.03
N GLY A 254 -14.78 -20.65 -46.08
CA GLY A 254 -16.19 -20.24 -45.90
C GLY A 254 -16.39 -18.72 -45.89
N ARG A 255 -17.59 -18.26 -46.29
CA ARG A 255 -17.89 -16.84 -46.41
C ARG A 255 -17.51 -16.11 -45.15
N GLN A 256 -17.92 -16.68 -44.01
CA GLN A 256 -17.85 -15.97 -42.72
C GLN A 256 -16.41 -15.77 -42.24
N ARG A 257 -15.58 -16.80 -42.32
CA ARG A 257 -14.16 -16.65 -41.94
C ARG A 257 -13.38 -15.85 -42.97
N ALA A 258 -13.76 -15.99 -44.23
CA ALA A 258 -13.11 -15.29 -45.32
C ALA A 258 -13.04 -13.77 -45.04
N ILE A 259 -14.01 -13.26 -44.29
CA ILE A 259 -14.08 -11.85 -43.88
C ILE A 259 -12.77 -11.44 -43.22
N MSE A 260 -12.24 -12.34 -42.39
CA MSE A 260 -11.02 -12.06 -41.65
C MSE A 260 -9.81 -11.97 -42.54
O MSE A 260 -8.80 -11.40 -42.14
CB MSE A 260 -10.75 -13.17 -40.62
CG MSE A 260 -11.68 -13.00 -39.42
SE MSE A 260 -11.51 -14.55 -38.24
CE MSE A 260 -12.13 -15.64 -39.74
N LEU A 261 -9.92 -12.53 -43.75
CA LEU A 261 -8.79 -12.56 -44.70
C LEU A 261 -8.94 -11.53 -45.83
N LEU A 262 -10.14 -11.40 -46.37
CA LEU A 262 -10.40 -10.54 -47.54
C LEU A 262 -10.73 -9.10 -47.19
N GLU A 263 -11.10 -8.85 -45.95
CA GLU A 263 -11.45 -7.51 -45.51
C GLU A 263 -10.65 -7.13 -44.28
N GLY A 264 -10.81 -5.89 -43.84
CA GLY A 264 -10.02 -5.35 -42.75
C GLY A 264 -10.49 -4.06 -42.11
N GLN A 265 -9.92 -3.79 -40.94
CA GLN A 265 -10.25 -2.62 -40.13
C GLN A 265 -8.97 -1.82 -39.95
N LYS A 266 -9.05 -0.51 -40.11
CA LYS A 266 -7.92 0.35 -39.74
C LYS A 266 -8.02 0.62 -38.24
N VAL A 267 -7.10 0.07 -37.46
CA VAL A 267 -7.20 0.17 -36.01
C VAL A 267 -5.99 0.92 -35.46
N ILE A 268 -6.28 1.97 -34.68
CA ILE A 268 -5.26 2.72 -33.94
C ILE A 268 -5.16 2.26 -32.48
N PRO A 269 -3.94 2.05 -32.00
CA PRO A 269 -3.71 1.67 -30.61
C PRO A 269 -3.51 2.92 -29.77
N ARG A 270 -4.55 3.73 -29.65
CA ARG A 270 -4.46 5.02 -28.95
C ARG A 270 -4.24 4.80 -27.46
N ARG A 271 -5.15 4.02 -26.87
CA ARG A 271 -5.08 3.74 -25.45
C ARG A 271 -3.86 2.88 -25.10
N THR A 272 -3.47 2.00 -26.01
CA THR A 272 -2.30 1.16 -25.78
C THR A 272 -1.08 2.06 -25.61
N LEU A 273 -0.91 3.01 -26.53
CA LEU A 273 0.24 3.91 -26.45
C LEU A 273 0.15 4.79 -25.18
N ALA A 274 -1.06 5.15 -24.79
CA ALA A 274 -1.29 6.00 -23.62
C ALA A 274 -0.90 5.32 -22.34
N THR A 275 -0.78 3.99 -22.34
CA THR A 275 -0.36 3.24 -21.14
C THR A 275 1.12 3.38 -20.87
N GLY A 276 1.85 4.00 -21.78
CA GLY A 276 3.31 4.09 -21.67
C GLY A 276 4.06 2.93 -22.33
N TYR A 277 3.34 1.93 -22.85
CA TYR A 277 3.96 0.82 -23.56
C TYR A 277 4.69 1.29 -24.80
N GLN A 278 5.87 0.70 -25.04
CA GLN A 278 6.73 1.07 -26.14
C GLN A 278 7.09 -0.14 -26.99
N TYR A 279 6.74 -0.07 -28.27
CA TYR A 279 6.81 -1.22 -29.18
C TYR A 279 8.23 -1.55 -29.59
N SER A 280 8.55 -2.84 -29.60
CA SER A 280 9.84 -3.33 -30.11
C SER A 280 9.85 -3.38 -31.63
N PHE A 281 8.69 -3.64 -32.22
CA PHE A 281 8.56 -3.81 -33.68
C PHE A 281 7.33 -3.06 -34.20
N PRO A 282 7.35 -1.74 -34.09
CA PRO A 282 6.20 -0.95 -34.57
C PRO A 282 6.04 -0.87 -36.10
N GLU A 283 7.14 -1.04 -36.82
CA GLU A 283 7.13 -0.92 -38.28
CA GLU A 283 7.16 -0.92 -38.25
C GLU A 283 7.14 -2.33 -38.87
N LEU A 284 6.34 -2.55 -39.90
CA LEU A 284 6.12 -3.91 -40.43
C LEU A 284 7.38 -4.57 -40.96
N GLY A 285 8.18 -3.80 -41.68
CA GLY A 285 9.46 -4.29 -42.18
C GLY A 285 10.33 -4.84 -41.09
N ALA A 286 10.48 -4.10 -40.00
CA ALA A 286 11.33 -4.56 -38.91
C ALA A 286 10.78 -5.85 -38.31
N ALA A 287 9.45 -5.94 -38.20
CA ALA A 287 8.81 -7.12 -37.65
C ALA A 287 9.06 -8.35 -38.51
N LEU A 288 8.83 -8.23 -39.81
CA LEU A 288 9.00 -9.37 -40.72
C LEU A 288 10.46 -9.78 -40.90
N LYS A 289 11.35 -8.80 -40.79
CA LYS A 289 12.79 -9.04 -40.81
C LYS A 289 13.24 -9.91 -39.61
N GLU A 290 12.72 -9.65 -38.41
CA GLU A 290 12.98 -10.49 -37.24
C GLU A 290 12.54 -11.92 -37.49
N ILE A 291 11.31 -12.07 -37.98
CA ILE A 291 10.75 -13.39 -38.26
C ILE A 291 11.57 -14.14 -39.32
N ALA A 292 11.92 -13.43 -40.39
CA ALA A 292 12.63 -14.03 -41.53
C ALA A 292 14.09 -14.37 -41.24
N GLU A 293 14.76 -13.59 -40.40
CA GLU A 293 16.19 -13.81 -40.17
C GLU A 293 16.50 -14.88 -39.12
N ASN A 294 15.46 -15.30 -38.40
CA ASN A 294 15.57 -16.26 -37.29
C ASN A 294 14.67 -17.47 -37.60
N LEU A 295 15.25 -18.60 -38.00
CA LEU A 295 14.48 -19.79 -38.43
C LEU A 295 15.25 -21.10 -38.19
N MSE B 1 -35.20 15.26 -38.03
CA MSE B 1 -35.87 13.94 -37.82
C MSE B 1 -37.16 14.29 -37.15
O MSE B 1 -37.23 15.33 -36.49
CB MSE B 1 -34.83 13.13 -37.04
CG MSE B 1 -35.39 12.03 -36.15
SE MSE B 1 -34.01 11.31 -35.02
CE MSE B 1 -33.95 9.64 -36.07
N ARG B 2 -38.24 13.54 -37.43
CA ARG B 2 -39.47 13.71 -36.66
C ARG B 2 -39.54 12.64 -35.61
N VAL B 3 -39.77 13.05 -34.37
CA VAL B 3 -39.92 12.11 -33.28
C VAL B 3 -41.34 12.11 -32.71
N LEU B 4 -41.92 10.93 -32.53
CA LEU B 4 -43.21 10.75 -31.88
C LEU B 4 -42.96 10.39 -30.41
N VAL B 5 -43.42 11.21 -29.48
CA VAL B 5 -43.15 10.95 -28.05
C VAL B 5 -44.40 10.65 -27.25
N GLY B 6 -44.60 9.38 -26.95
CA GLY B 6 -45.71 8.95 -26.13
C GLY B 6 -45.52 9.43 -24.69
N GLY B 7 -46.56 10.03 -24.13
CA GLY B 7 -46.48 10.58 -22.79
C GLY B 7 -45.55 11.78 -22.68
N GLY B 8 -45.27 12.44 -23.82
CA GLY B 8 -44.33 13.55 -23.86
C GLY B 8 -44.75 14.86 -23.22
N THR B 9 -45.99 14.96 -22.75
CA THR B 9 -46.42 16.12 -21.96
C THR B 9 -45.74 16.18 -20.58
N GLY B 10 -45.19 15.07 -20.13
CA GLY B 10 -44.72 14.94 -18.75
C GLY B 10 -43.38 15.60 -18.48
N PHE B 11 -42.80 15.18 -17.36
CA PHE B 11 -41.59 15.77 -16.83
C PHE B 11 -40.41 15.51 -17.74
N ILE B 12 -40.13 14.25 -17.97
CA ILE B 12 -39.03 13.88 -18.85
C ILE B 12 -39.35 14.35 -20.27
N GLY B 13 -40.61 14.18 -20.66
CA GLY B 13 -41.05 14.50 -22.00
C GLY B 13 -40.87 15.94 -22.41
N THR B 14 -41.17 16.84 -21.49
CA THR B 14 -41.02 18.25 -21.74
C THR B 14 -39.55 18.63 -21.94
N ALA B 15 -38.66 18.04 -21.14
CA ALA B 15 -37.23 18.29 -21.27
C ALA B 15 -36.75 17.73 -22.60
N LEU B 16 -37.21 16.53 -22.94
CA LEU B 16 -36.78 15.88 -24.17
C LEU B 16 -37.22 16.70 -25.39
N THR B 17 -38.44 17.19 -25.35
CA THR B 17 -38.98 17.97 -26.44
C THR B 17 -38.14 19.25 -26.63
N GLN B 18 -37.82 19.94 -25.53
CA GLN B 18 -37.04 21.19 -25.62
C GLN B 18 -35.65 20.90 -26.25
N LEU B 19 -35.02 19.81 -25.86
CA LEU B 19 -33.69 19.48 -26.39
C LEU B 19 -33.76 19.07 -27.86
N LEU B 20 -34.73 18.21 -28.18
CA LEU B 20 -34.94 17.77 -29.55
C LEU B 20 -35.16 18.95 -30.48
N ASN B 21 -36.04 19.87 -30.08
CA ASN B 21 -36.33 21.03 -30.90
C ASN B 21 -35.05 21.83 -31.13
N ALA B 22 -34.31 22.06 -30.04
CA ALA B 22 -33.10 22.87 -30.08
C ALA B 22 -32.06 22.27 -31.03
N ARG B 23 -32.07 20.93 -31.15
CA ARG B 23 -31.12 20.21 -32.00
C ARG B 23 -31.65 19.95 -33.44
N GLY B 24 -32.75 20.60 -33.80
CA GLY B 24 -33.25 20.62 -35.18
C GLY B 24 -34.36 19.63 -35.53
N HIS B 25 -34.96 19.00 -34.52
CA HIS B 25 -35.94 17.96 -34.75
C HIS B 25 -37.33 18.42 -34.49
N GLU B 26 -38.28 17.86 -35.22
CA GLU B 26 -39.70 18.10 -34.98
C GLU B 26 -40.24 17.06 -34.01
N VAL B 27 -41.12 17.46 -33.09
CA VAL B 27 -41.74 16.53 -32.12
C VAL B 27 -43.27 16.53 -32.19
N THR B 28 -43.87 15.35 -32.22
CA THR B 28 -45.31 15.14 -32.03
C THR B 28 -45.52 14.31 -30.75
N LEU B 29 -46.48 14.69 -29.92
CA LEU B 29 -46.73 13.95 -28.67
C LEU B 29 -47.91 13.00 -28.84
N VAL B 30 -47.88 11.86 -28.16
CA VAL B 30 -49.07 11.07 -27.99
C VAL B 30 -49.56 11.30 -26.58
N SER B 31 -50.84 11.60 -26.45
CA SER B 31 -51.40 12.03 -25.17
C SER B 31 -52.83 11.52 -25.02
N ARG B 32 -53.31 11.45 -23.78
CA ARG B 32 -54.71 11.10 -23.52
C ARG B 32 -55.67 12.23 -23.88
N LYS B 33 -55.15 13.45 -23.90
CA LYS B 33 -55.97 14.63 -24.18
C LYS B 33 -55.48 15.27 -25.49
N PRO B 34 -56.42 15.65 -26.37
CA PRO B 34 -56.00 16.12 -27.69
C PRO B 34 -55.40 17.51 -27.61
N GLY B 35 -54.99 18.01 -28.76
CA GLY B 35 -54.48 19.38 -28.86
C GLY B 35 -53.42 19.54 -29.92
N PRO B 36 -52.77 20.71 -29.96
CA PRO B 36 -51.82 20.99 -31.05
C PRO B 36 -50.49 20.30 -30.77
N GLY B 37 -49.82 19.85 -31.83
CA GLY B 37 -48.55 19.16 -31.69
C GLY B 37 -48.67 17.75 -31.14
N ARG B 38 -49.88 17.20 -31.17
CA ARG B 38 -50.10 15.87 -30.58
C ARG B 38 -51.30 15.10 -31.14
N ILE B 39 -51.24 13.79 -30.99
CA ILE B 39 -52.35 12.93 -31.32
C ILE B 39 -52.69 12.08 -30.09
N THR B 40 -53.92 11.62 -30.00
CA THR B 40 -54.35 10.80 -28.88
C THR B 40 -54.10 9.32 -29.10
N TRP B 41 -54.17 8.56 -28.03
CA TRP B 41 -54.04 7.11 -28.09
C TRP B 41 -55.13 6.52 -28.92
N ASP B 42 -56.35 7.01 -28.75
CA ASP B 42 -57.50 6.52 -29.52
C ASP B 42 -57.29 6.75 -31.01
N GLU B 43 -56.70 7.89 -31.34
CA GLU B 43 -56.41 8.23 -32.73
C GLU B 43 -55.28 7.36 -33.30
N LEU B 44 -54.26 7.05 -32.51
CA LEU B 44 -53.20 6.14 -32.93
C LEU B 44 -53.73 4.75 -33.24
N ALA B 45 -54.64 4.25 -32.42
CA ALA B 45 -55.20 2.90 -32.65
C ALA B 45 -56.10 2.90 -33.88
N ALA B 46 -56.76 4.02 -34.14
CA ALA B 46 -57.76 4.13 -35.22
C ALA B 46 -57.08 4.22 -36.57
N SER B 47 -56.17 5.17 -36.73
CA SER B 47 -55.59 5.46 -38.03
C SER B 47 -54.09 5.13 -38.15
N GLY B 48 -53.45 4.70 -37.07
CA GLY B 48 -52.09 4.17 -37.17
C GLY B 48 -50.98 5.16 -36.85
N LEU B 49 -49.75 4.73 -37.08
CA LEU B 49 -48.59 5.54 -36.71
C LEU B 49 -48.42 6.71 -37.67
N PRO B 50 -48.40 7.95 -37.15
CA PRO B 50 -48.16 9.08 -38.05
C PRO B 50 -46.73 9.06 -38.56
N SER B 51 -46.49 9.79 -39.62
CA SER B 51 -45.16 9.85 -40.25
C SER B 51 -44.13 10.27 -39.18
N CYS B 52 -43.14 9.41 -38.94
CA CYS B 52 -42.06 9.74 -38.02
C CYS B 52 -40.83 8.89 -38.32
N ASP B 53 -39.67 9.42 -38.00
CA ASP B 53 -38.39 8.74 -38.19
C ASP B 53 -38.02 7.94 -36.96
N ALA B 54 -38.57 8.32 -35.82
CA ALA B 54 -38.26 7.70 -34.54
C ALA B 54 -39.44 7.83 -33.58
N ALA B 55 -39.55 6.90 -32.63
CA ALA B 55 -40.59 6.94 -31.59
C ALA B 55 -40.00 6.67 -30.21
N VAL B 56 -40.57 7.31 -29.21
CA VAL B 56 -40.19 7.15 -27.83
C VAL B 56 -41.45 7.01 -26.98
N ASN B 57 -41.45 6.13 -25.97
CA ASN B 57 -42.55 6.08 -25.02
C ASN B 57 -42.10 6.44 -23.61
N LEU B 58 -42.81 7.41 -23.02
CA LEU B 58 -42.63 7.83 -21.64
C LEU B 58 -43.93 7.69 -20.84
N ALA B 59 -44.99 7.19 -21.47
CA ALA B 59 -46.31 7.18 -20.86
C ALA B 59 -46.37 6.27 -19.65
N GLY B 60 -46.97 6.76 -18.57
CA GLY B 60 -47.13 5.96 -17.36
C GLY B 60 -47.83 6.71 -16.25
N GLU B 61 -48.78 6.06 -15.59
CA GLU B 61 -49.36 6.59 -14.37
C GLU B 61 -48.22 6.81 -13.37
N ASN B 62 -48.22 7.97 -12.73
CA ASN B 62 -47.14 8.32 -11.81
C ASN B 62 -47.09 7.43 -10.56
N ILE B 63 -45.96 6.77 -10.37
CA ILE B 63 -45.83 5.78 -9.33
C ILE B 63 -45.67 6.40 -7.94
N LEU B 64 -44.77 7.38 -7.82
CA LEU B 64 -44.45 7.96 -6.51
C LEU B 64 -45.57 8.76 -5.87
N ASN B 65 -46.46 9.30 -6.70
CA ASN B 65 -47.64 10.06 -6.26
C ASN B 65 -48.19 9.71 -4.87
N PRO B 66 -47.73 10.44 -3.83
CA PRO B 66 -48.21 10.23 -2.45
C PRO B 66 -49.71 10.41 -2.21
N LEU B 67 -50.39 11.07 -3.14
CA LEU B 67 -51.83 11.26 -3.01
C LEU B 67 -52.66 9.99 -3.36
N ARG B 68 -52.02 8.94 -3.87
CA ARG B 68 -52.72 7.68 -4.10
C ARG B 68 -52.17 6.56 -3.22
N ARG B 69 -53.08 5.84 -2.59
CA ARG B 69 -52.73 4.70 -1.74
C ARG B 69 -52.32 3.55 -2.65
N TRP B 70 -51.33 2.77 -2.24
CA TRP B 70 -50.90 1.63 -3.03
C TRP B 70 -51.84 0.45 -2.92
N ASN B 71 -52.99 0.53 -3.58
CA ASN B 71 -53.91 -0.61 -3.62
C ASN B 71 -53.81 -1.36 -4.96
N GLU B 72 -54.60 -2.41 -5.09
CA GLU B 72 -54.61 -3.23 -6.28
C GLU B 72 -55.04 -2.43 -7.51
N THR B 73 -56.00 -1.52 -7.34
CA THR B 73 -56.51 -0.70 -8.43
C THR B 73 -55.41 0.17 -9.02
N PHE B 74 -54.64 0.80 -8.13
CA PHE B 74 -53.54 1.69 -8.51
C PHE B 74 -52.38 0.92 -9.13
N GLN B 75 -52.13 -0.24 -8.55
CA GLN B 75 -51.21 -1.23 -9.10
C GLN B 75 -51.56 -1.60 -10.54
N LYS B 76 -52.82 -1.94 -10.78
CA LYS B 76 -53.31 -2.25 -12.11
C LYS B 76 -53.10 -1.09 -13.08
N GLU B 77 -53.35 0.15 -12.64
CA GLU B 77 -53.11 1.33 -13.49
C GLU B 77 -51.61 1.56 -13.75
N VAL B 78 -50.76 1.33 -12.75
CA VAL B 78 -49.31 1.50 -12.94
C VAL B 78 -48.82 0.56 -14.03
N LEU B 79 -49.24 -0.69 -13.93
CA LEU B 79 -48.89 -1.74 -14.90
C LEU B 79 -49.55 -1.52 -16.25
N GLY B 80 -50.89 -1.38 -16.25
CA GLY B 80 -51.65 -1.28 -17.48
C GLY B 80 -51.31 -0.08 -18.32
N SER B 81 -51.13 1.07 -17.67
CA SER B 81 -50.78 2.30 -18.38
C SER B 81 -49.46 2.16 -19.17
N ARG B 82 -48.49 1.43 -18.60
CA ARG B 82 -47.22 1.22 -19.28
C ARG B 82 -47.26 0.15 -20.38
N LEU B 83 -47.85 -1.00 -20.09
CA LEU B 83 -47.90 -2.09 -21.06
C LEU B 83 -48.79 -1.72 -22.27
N GLU B 84 -49.96 -1.14 -22.00
CA GLU B 84 -50.91 -0.88 -23.09
C GLU B 84 -50.37 0.19 -24.02
N THR B 85 -49.94 1.32 -23.50
CA THR B 85 -49.37 2.37 -24.35
C THR B 85 -48.14 1.84 -25.12
N THR B 86 -47.25 1.12 -24.44
CA THR B 86 -46.08 0.58 -25.09
C THR B 86 -46.45 -0.41 -26.20
N GLN B 87 -47.40 -1.28 -25.93
CA GLN B 87 -47.79 -2.31 -26.86
C GLN B 87 -48.43 -1.68 -28.08
N LEU B 88 -49.19 -0.62 -27.83
CA LEU B 88 -49.94 0.05 -28.89
C LEU B 88 -48.98 0.69 -29.88
N LEU B 89 -47.93 1.29 -29.35
CA LEU B 89 -46.88 1.86 -30.17
C LEU B 89 -46.11 0.79 -30.93
N ALA B 90 -45.76 -0.29 -30.24
CA ALA B 90 -45.02 -1.40 -30.82
C ALA B 90 -45.76 -1.99 -32.02
N LYS B 91 -47.03 -2.30 -31.83
CA LYS B 91 -47.86 -2.83 -32.91
C LYS B 91 -48.03 -1.83 -34.07
N ALA B 92 -48.10 -0.56 -33.74
CA ALA B 92 -48.20 0.48 -34.75
C ALA B 92 -46.95 0.55 -35.60
N ILE B 93 -45.79 0.43 -34.95
CA ILE B 93 -44.51 0.43 -35.66
C ILE B 93 -44.40 -0.78 -36.58
N THR B 94 -44.72 -1.95 -36.05
CA THR B 94 -44.67 -3.21 -36.82
C THR B 94 -45.54 -3.12 -38.07
N LYS B 95 -46.71 -2.49 -37.98
CA LYS B 95 -47.62 -2.47 -39.13
C LYS B 95 -47.56 -1.20 -39.97
N ALA B 96 -46.71 -0.26 -39.60
CA ALA B 96 -46.53 0.95 -40.38
C ALA B 96 -45.89 0.61 -41.72
N PRO B 97 -46.39 1.19 -42.82
CA PRO B 97 -45.76 1.01 -44.14
C PRO B 97 -44.35 1.63 -44.27
N GLN B 98 -44.16 2.82 -43.69
CA GLN B 98 -42.85 3.50 -43.67
C GLN B 98 -42.41 3.52 -42.22
N PRO B 99 -41.96 2.38 -41.68
CA PRO B 99 -41.73 2.34 -40.22
C PRO B 99 -40.52 3.18 -39.79
N PRO B 100 -40.52 3.64 -38.54
CA PRO B 100 -39.43 4.48 -38.03
C PRO B 100 -38.14 3.72 -37.84
N LYS B 101 -37.03 4.44 -37.99
CA LYS B 101 -35.69 3.83 -37.95
C LYS B 101 -35.21 3.55 -36.50
N ALA B 102 -35.78 4.24 -35.51
CA ALA B 102 -35.49 3.96 -34.07
C ALA B 102 -36.74 3.94 -33.15
N TRP B 103 -36.64 3.19 -32.07
CA TRP B 103 -37.72 2.99 -31.09
C TRP B 103 -37.11 2.85 -29.71
N VAL B 104 -37.39 3.81 -28.84
CA VAL B 104 -36.71 3.93 -27.58
C VAL B 104 -37.71 3.95 -26.41
N LEU B 105 -37.50 3.09 -25.43
CA LEU B 105 -38.37 3.01 -24.26
C LEU B 105 -37.61 3.41 -23.02
N VAL B 106 -38.29 4.10 -22.11
CA VAL B 106 -37.72 4.41 -20.80
C VAL B 106 -38.35 3.49 -19.77
N THR B 107 -37.51 2.75 -19.05
CA THR B 107 -37.98 1.98 -17.91
C THR B 107 -37.12 2.39 -16.70
N GLY B 108 -36.84 1.46 -15.79
CA GLY B 108 -36.20 1.84 -14.55
C GLY B 108 -35.11 0.91 -14.03
N VAL B 109 -34.28 1.45 -13.15
CA VAL B 109 -33.24 0.66 -12.49
C VAL B 109 -33.80 -0.31 -11.46
N ALA B 110 -35.10 -0.21 -11.17
CA ALA B 110 -35.79 -1.22 -10.33
C ALA B 110 -35.59 -2.65 -10.83
N TYR B 111 -35.20 -2.80 -12.10
CA TYR B 111 -34.84 -4.10 -12.68
C TYR B 111 -33.77 -4.82 -11.85
N TYR B 112 -32.82 -4.05 -11.30
CA TYR B 112 -31.68 -4.60 -10.57
C TYR B 112 -31.99 -4.73 -9.08
N GLN B 113 -31.67 -5.89 -8.54
CA GLN B 113 -31.97 -6.26 -7.17
C GLN B 113 -31.29 -5.29 -6.20
N PRO B 114 -32.07 -4.57 -5.38
CA PRO B 114 -31.43 -3.69 -4.40
C PRO B 114 -30.53 -4.48 -3.49
N SER B 115 -29.41 -3.87 -3.14
CA SER B 115 -28.31 -4.53 -2.44
C SER B 115 -27.32 -3.48 -1.93
N LEU B 116 -26.72 -3.75 -0.79
CA LEU B 116 -25.70 -2.84 -0.24
C LEU B 116 -24.30 -3.20 -0.77
N THR B 117 -24.18 -4.38 -1.39
CA THR B 117 -22.89 -4.89 -1.85
C THR B 117 -22.77 -5.03 -3.38
N ALA B 118 -23.87 -5.33 -4.06
CA ALA B 118 -23.80 -5.66 -5.48
C ALA B 118 -23.53 -4.44 -6.34
N GLU B 119 -23.12 -4.72 -7.57
CA GLU B 119 -22.86 -3.74 -8.58
C GLU B 119 -23.43 -4.24 -9.91
N TYR B 120 -24.18 -3.41 -10.60
CA TYR B 120 -24.91 -3.82 -11.81
C TYR B 120 -24.51 -2.98 -13.01
N ASP B 121 -24.47 -3.60 -14.19
CA ASP B 121 -24.46 -2.87 -15.45
C ASP B 121 -25.57 -3.38 -16.36
N GLU B 122 -25.57 -2.95 -17.61
CA GLU B 122 -26.68 -3.22 -18.51
C GLU B 122 -26.83 -4.71 -18.84
N ASP B 123 -25.79 -5.49 -18.61
CA ASP B 123 -25.84 -6.89 -18.91
C ASP B 123 -26.24 -7.70 -17.68
N SER B 124 -26.45 -7.04 -16.56
CA SER B 124 -26.72 -7.75 -15.32
C SER B 124 -28.13 -8.31 -15.29
N PRO B 125 -28.31 -9.46 -14.64
CA PRO B 125 -29.64 -10.07 -14.58
C PRO B 125 -30.51 -9.42 -13.52
N GLY B 126 -31.81 -9.63 -13.64
CA GLY B 126 -32.79 -9.04 -12.75
C GLY B 126 -34.21 -9.25 -13.27
N GLY B 127 -35.10 -8.37 -12.87
CA GLY B 127 -36.45 -8.32 -13.42
C GLY B 127 -37.42 -9.34 -12.90
N ASP B 128 -37.12 -9.96 -11.77
CA ASP B 128 -37.87 -11.17 -11.34
C ASP B 128 -38.01 -11.43 -9.80
N PHE B 129 -37.97 -10.39 -8.98
CA PHE B 129 -37.92 -10.55 -7.51
C PHE B 129 -38.87 -9.67 -6.71
N ASP B 130 -39.56 -8.74 -7.38
CA ASP B 130 -40.55 -7.89 -6.74
C ASP B 130 -41.46 -7.27 -7.79
N PHE B 131 -42.42 -6.48 -7.36
CA PHE B 131 -43.38 -5.89 -8.29
C PHE B 131 -42.74 -5.00 -9.37
N PHE B 132 -41.83 -4.13 -8.96
CA PHE B 132 -41.25 -3.19 -9.91
C PHE B 132 -40.23 -3.83 -10.88
N SER B 133 -39.51 -4.84 -10.41
CA SER B 133 -38.60 -5.56 -11.29
C SER B 133 -39.43 -6.34 -12.32
N ASN B 134 -40.47 -7.04 -11.87
CA ASN B 134 -41.40 -7.71 -12.79
C ASN B 134 -42.05 -6.71 -13.73
N LEU B 135 -42.37 -5.53 -13.23
CA LEU B 135 -42.91 -4.50 -14.11
C LEU B 135 -41.95 -4.22 -15.28
N VAL B 136 -40.70 -3.95 -14.96
CA VAL B 136 -39.74 -3.63 -15.99
C VAL B 136 -39.64 -4.76 -17.02
N THR B 137 -39.63 -6.01 -16.57
CA THR B 137 -39.56 -7.14 -17.51
C THR B 137 -40.74 -7.12 -18.51
N LYS B 138 -41.95 -7.01 -17.99
CA LYS B 138 -43.16 -7.04 -18.81
C LYS B 138 -43.24 -5.82 -19.73
N TRP B 139 -42.80 -4.70 -19.19
CA TRP B 139 -42.75 -3.42 -19.88
C TRP B 139 -41.83 -3.48 -21.06
N GLU B 140 -40.64 -4.00 -20.83
CA GLU B 140 -39.68 -4.17 -21.93
C GLU B 140 -40.18 -5.21 -22.94
N ALA B 141 -40.78 -6.28 -22.45
CA ALA B 141 -41.37 -7.30 -23.34
C ALA B 141 -42.42 -6.67 -24.26
N ALA B 142 -43.20 -5.75 -23.72
CA ALA B 142 -44.25 -5.10 -24.47
C ALA B 142 -43.67 -4.24 -25.60
N ALA B 143 -42.46 -3.70 -25.40
CA ALA B 143 -41.79 -2.86 -26.41
C ALA B 143 -41.09 -3.66 -27.51
N ARG B 144 -40.84 -4.94 -27.28
CA ARG B 144 -39.96 -5.70 -28.13
C ARG B 144 -40.59 -5.98 -29.49
N LEU B 145 -39.99 -5.46 -30.55
CA LEU B 145 -40.46 -5.67 -31.92
C LEU B 145 -39.81 -6.92 -32.46
N PRO B 146 -40.57 -7.76 -33.17
CA PRO B 146 -39.91 -8.76 -34.00
C PRO B 146 -39.41 -8.06 -35.26
N GLY B 147 -38.43 -8.65 -35.91
CA GLY B 147 -37.93 -8.04 -37.14
C GLY B 147 -36.89 -6.98 -36.81
N ASP B 148 -36.05 -6.70 -37.81
CA ASP B 148 -34.85 -5.91 -37.65
C ASP B 148 -34.94 -4.53 -38.34
N SER B 149 -36.10 -4.19 -38.89
CA SER B 149 -36.34 -2.94 -39.67
C SER B 149 -36.14 -1.66 -38.77
N THR B 150 -36.37 -1.82 -37.46
CA THR B 150 -36.27 -0.69 -36.52
C THR B 150 -35.31 -0.95 -35.37
N ARG B 151 -34.36 -0.04 -35.22
CA ARG B 151 -33.37 -0.04 -34.12
C ARG B 151 -34.09 0.10 -32.79
N GLN B 152 -33.70 -0.73 -31.81
CA GLN B 152 -34.40 -0.76 -30.52
C GLN B 152 -33.46 -0.38 -29.37
N VAL B 153 -33.92 0.52 -28.52
CA VAL B 153 -33.16 0.95 -27.35
C VAL B 153 -34.05 1.00 -26.13
N VAL B 154 -33.53 0.55 -25.00
CA VAL B 154 -34.26 0.69 -23.75
C VAL B 154 -33.36 1.39 -22.76
N VAL B 155 -33.83 2.50 -22.20
CA VAL B 155 -33.05 3.23 -21.21
C VAL B 155 -33.66 3.03 -19.84
N ARG B 156 -32.92 2.31 -18.99
CA ARG B 156 -33.34 2.09 -17.63
C ARG B 156 -32.86 3.26 -16.77
N SER B 157 -33.81 4.06 -16.27
CA SER B 157 -33.46 5.33 -15.67
C SER B 157 -33.40 5.27 -14.16
N GLY B 158 -32.48 6.03 -13.59
CA GLY B 158 -32.47 6.27 -12.15
C GLY B 158 -33.41 7.40 -11.84
N VAL B 159 -33.29 7.96 -10.64
CA VAL B 159 -34.11 9.08 -10.22
C VAL B 159 -33.70 10.32 -11.02
N VAL B 160 -34.67 10.93 -11.71
CA VAL B 160 -34.39 12.03 -12.61
C VAL B 160 -34.53 13.33 -11.82
N LEU B 161 -33.40 14.02 -11.63
CA LEU B 161 -33.40 15.23 -10.82
C LEU B 161 -33.44 16.47 -11.72
N GLY B 162 -34.39 17.35 -11.47
CA GLY B 162 -34.51 18.55 -12.28
C GLY B 162 -35.52 19.53 -11.74
N ARG B 163 -35.43 20.77 -12.21
CA ARG B 163 -36.42 21.77 -11.85
C ARG B 163 -37.74 21.40 -12.47
N GLY B 164 -38.81 21.78 -11.80
CA GLY B 164 -40.12 21.80 -12.44
C GLY B 164 -40.75 20.45 -12.59
N GLY B 165 -40.48 19.54 -11.64
CA GLY B 165 -41.20 18.27 -11.60
C GLY B 165 -40.40 17.12 -11.03
N GLY B 166 -40.95 15.92 -11.20
CA GLY B 166 -40.33 14.71 -10.71
C GLY B 166 -40.16 14.70 -9.22
N ALA B 167 -39.12 14.01 -8.75
CA ALA B 167 -38.83 13.87 -7.34
C ALA B 167 -38.59 15.24 -6.67
N MSE B 168 -37.88 16.13 -7.35
CA MSE B 168 -37.58 17.45 -6.83
C MSE B 168 -38.84 18.27 -6.58
O MSE B 168 -38.89 19.09 -5.66
CB MSE B 168 -36.68 18.22 -7.78
CG MSE B 168 -35.27 17.62 -7.81
SE MSE B 168 -34.36 18.06 -6.13
CE MSE B 168 -32.96 16.68 -6.18
N GLY B 169 -39.89 18.03 -7.35
CA GLY B 169 -41.20 18.61 -7.04
C GLY B 169 -41.61 18.39 -5.59
N HIS B 170 -41.39 17.20 -5.07
CA HIS B 170 -41.72 16.87 -3.67
C HIS B 170 -40.68 17.27 -2.64
N MSE B 171 -39.41 17.33 -3.03
CA MSE B 171 -38.31 17.49 -2.09
C MSE B 171 -37.84 18.91 -1.93
O MSE B 171 -37.28 19.26 -0.88
CB MSE B 171 -37.12 16.67 -2.57
CG MSE B 171 -37.25 15.18 -2.23
SE MSE B 171 -35.60 14.22 -2.72
CE MSE B 171 -35.60 14.65 -4.65
N LEU B 172 -38.09 19.76 -2.92
CA LEU B 172 -37.36 21.01 -3.02
C LEU B 172 -37.78 22.01 -1.95
N LEU B 173 -39.09 22.15 -1.73
CA LEU B 173 -39.55 23.08 -0.71
C LEU B 173 -39.12 22.67 0.69
N PRO B 174 -39.31 21.39 1.06
CA PRO B 174 -38.90 21.00 2.41
C PRO B 174 -37.41 21.18 2.65
N PHE B 175 -36.60 20.76 1.70
CA PHE B 175 -35.17 20.96 1.82
C PHE B 175 -34.83 22.44 1.97
N ARG B 176 -35.46 23.28 1.14
CA ARG B 176 -35.24 24.74 1.22
C ARG B 176 -35.62 25.32 2.57
N LEU B 177 -36.51 24.66 3.29
CA LEU B 177 -36.96 25.11 4.60
C LEU B 177 -36.22 24.44 5.76
N GLY B 178 -35.18 23.64 5.46
CA GLY B 178 -34.37 23.00 6.48
C GLY B 178 -34.96 21.71 7.05
N LEU B 179 -35.92 21.14 6.31
CA LEU B 179 -36.63 19.92 6.74
C LEU B 179 -36.13 18.71 6.01
N GLY B 180 -35.09 18.89 5.22
CA GLY B 180 -34.46 17.78 4.51
C GLY B 180 -33.59 16.89 5.39
N GLY B 181 -33.21 15.76 4.82
CA GLY B 181 -32.31 14.83 5.47
C GLY B 181 -32.33 13.43 4.87
N PRO B 182 -31.55 12.50 5.47
CA PRO B 182 -31.49 11.15 4.96
C PRO B 182 -32.80 10.39 5.14
N ILE B 183 -33.07 9.50 4.20
CA ILE B 183 -34.21 8.61 4.26
C ILE B 183 -33.72 7.26 4.81
N GLY B 184 -34.24 6.85 5.97
CA GLY B 184 -33.85 5.56 6.56
C GLY B 184 -32.44 5.66 7.14
N SER B 185 -31.59 4.67 6.85
CA SER B 185 -30.20 4.71 7.29
C SER B 185 -29.41 5.74 6.49
N GLY B 186 -29.82 6.00 5.25
CA GLY B 186 -29.08 6.84 4.35
C GLY B 186 -27.94 6.12 3.64
N HIS B 187 -27.66 4.89 4.04
CA HIS B 187 -26.57 4.13 3.43
C HIS B 187 -26.87 3.62 2.05
N GLN B 188 -28.15 3.58 1.69
CA GLN B 188 -28.56 2.95 0.43
C GLN B 188 -28.06 3.71 -0.79
N PHE B 189 -27.72 2.98 -1.86
CA PHE B 189 -27.32 3.63 -3.08
C PHE B 189 -28.46 4.49 -3.64
N PHE B 190 -28.08 5.61 -4.23
CA PHE B 190 -28.99 6.56 -4.81
C PHE B 190 -28.63 6.71 -6.31
N PRO B 191 -29.19 5.82 -7.15
CA PRO B 191 -29.01 5.99 -8.61
C PRO B 191 -29.83 7.18 -9.10
N TRP B 192 -29.16 8.13 -9.73
CA TRP B 192 -29.78 9.37 -10.13
C TRP B 192 -29.22 9.80 -11.47
N ILE B 193 -29.92 10.72 -12.11
CA ILE B 193 -29.43 11.38 -13.30
C ILE B 193 -30.06 12.77 -13.40
N HIS B 194 -29.31 13.72 -13.91
CA HIS B 194 -29.86 15.03 -14.13
C HIS B 194 -30.78 14.94 -15.32
N ILE B 195 -31.90 15.63 -15.26
CA ILE B 195 -32.86 15.60 -16.34
C ILE B 195 -32.24 15.94 -17.69
N GLY B 196 -31.31 16.89 -17.72
CA GLY B 196 -30.65 17.24 -18.96
C GLY B 196 -29.89 16.08 -19.58
N ASP B 197 -29.35 15.23 -18.73
CA ASP B 197 -28.56 14.09 -19.18
C ASP B 197 -29.45 12.91 -19.59
N LEU B 198 -30.62 12.73 -18.96
CA LEU B 198 -31.56 11.73 -19.45
C LEU B 198 -32.05 12.16 -20.82
N ALA B 199 -32.40 13.44 -20.93
CA ALA B 199 -32.81 14.01 -22.20
C ALA B 199 -31.76 13.83 -23.26
N GLY B 200 -30.50 14.02 -22.86
CA GLY B 200 -29.35 13.88 -23.75
C GLY B 200 -29.10 12.46 -24.22
N ILE B 201 -29.18 11.52 -23.29
CA ILE B 201 -29.01 10.10 -23.62
C ILE B 201 -30.10 9.67 -24.62
N LEU B 202 -31.34 10.02 -24.34
CA LEU B 202 -32.46 9.69 -25.18
C LEU B 202 -32.26 10.27 -26.58
N THR B 203 -31.84 11.53 -26.64
CA THR B 203 -31.56 12.17 -27.92
C THR B 203 -30.42 11.52 -28.67
N HIS B 204 -29.38 11.14 -27.94
CA HIS B 204 -28.27 10.44 -28.55
C HIS B 204 -28.72 9.08 -29.09
N ALA B 205 -29.60 8.41 -28.35
CA ALA B 205 -30.15 7.14 -28.80
C ALA B 205 -30.92 7.33 -30.11
N LEU B 206 -31.75 8.38 -30.15
CA LEU B 206 -32.52 8.68 -31.35
C LEU B 206 -31.63 9.05 -32.53
N GLU B 207 -30.53 9.76 -32.31
CA GLU B 207 -29.71 10.29 -33.42
C GLU B 207 -28.66 9.31 -33.92
N ALA B 208 -27.95 8.67 -33.00
CA ALA B 208 -26.79 7.86 -33.33
C ALA B 208 -27.23 6.46 -33.69
N ASN B 209 -26.96 6.03 -34.92
CA ASN B 209 -27.52 4.75 -35.36
C ASN B 209 -26.70 3.51 -34.97
N HIS B 210 -25.65 3.69 -34.17
CA HIS B 210 -24.91 2.57 -33.58
C HIS B 210 -25.42 2.17 -32.22
N VAL B 211 -26.35 2.95 -31.68
CA VAL B 211 -26.85 2.72 -30.34
C VAL B 211 -28.02 1.75 -30.34
N HIS B 212 -27.93 0.68 -29.57
CA HIS B 212 -28.98 -0.37 -29.52
C HIS B 212 -28.98 -1.02 -28.18
N GLY B 213 -30.09 -1.62 -27.79
CA GLY B 213 -30.17 -2.39 -26.58
C GLY B 213 -30.32 -1.57 -25.33
N VAL B 214 -29.88 -2.12 -24.21
CA VAL B 214 -30.15 -1.56 -22.88
C VAL B 214 -29.05 -0.59 -22.49
N LEU B 215 -29.47 0.59 -22.05
CA LEU B 215 -28.57 1.64 -21.56
C LEU B 215 -29.03 2.06 -20.17
N ASN B 216 -28.11 2.18 -19.23
CA ASN B 216 -28.47 2.63 -17.89
C ASN B 216 -28.48 4.14 -17.85
N GLY B 217 -29.67 4.70 -17.62
CA GLY B 217 -29.85 6.13 -17.54
C GLY B 217 -29.51 6.68 -16.16
N VAL B 218 -28.24 6.59 -15.80
CA VAL B 218 -27.73 7.06 -14.53
C VAL B 218 -26.43 7.84 -14.72
N ALA B 219 -26.18 8.81 -13.85
CA ALA B 219 -24.92 9.54 -13.84
C ALA B 219 -23.88 8.54 -13.36
N PRO B 220 -22.64 8.63 -13.85
CA PRO B 220 -21.60 7.70 -13.39
C PRO B 220 -21.15 8.14 -12.00
N SER B 221 -21.99 7.91 -11.01
CA SER B 221 -21.75 8.41 -9.67
C SER B 221 -21.98 7.26 -8.73
N SER B 222 -21.48 7.41 -7.51
CA SER B 222 -21.66 6.39 -6.45
C SER B 222 -22.41 6.97 -5.25
N ALA B 223 -23.22 7.99 -5.47
CA ALA B 223 -23.93 8.63 -4.37
C ALA B 223 -24.73 7.62 -3.56
N THR B 224 -24.68 7.76 -2.24
CA THR B 224 -25.64 7.12 -1.33
C THR B 224 -26.70 8.17 -1.00
N ASN B 225 -27.82 7.74 -0.45
CA ASN B 225 -28.87 8.68 -0.08
C ASN B 225 -28.40 9.70 0.95
N ALA B 226 -27.57 9.27 1.91
CA ALA B 226 -26.98 10.21 2.89
C ALA B 226 -26.16 11.26 2.18
N GLU B 227 -25.34 10.85 1.23
CA GLU B 227 -24.53 11.80 0.43
C GLU B 227 -25.42 12.76 -0.39
N PHE B 228 -26.52 12.25 -0.94
CA PHE B 228 -27.49 13.11 -1.61
C PHE B 228 -28.08 14.21 -0.70
N ALA B 229 -28.54 13.83 0.48
CA ALA B 229 -29.16 14.79 1.41
C ALA B 229 -28.16 15.88 1.79
N GLN B 230 -26.94 15.45 2.08
CA GLN B 230 -25.90 16.34 2.51
C GLN B 230 -25.50 17.32 1.41
N THR B 231 -25.29 16.80 0.21
CA THR B 231 -24.92 17.61 -0.94
C THR B 231 -26.02 18.59 -1.35
N PHE B 232 -27.26 18.15 -1.20
CA PHE B 232 -28.39 18.97 -1.56
C PHE B 232 -28.53 20.14 -0.57
N GLY B 233 -28.40 19.84 0.72
CA GLY B 233 -28.39 20.87 1.75
C GLY B 233 -27.28 21.89 1.50
N ALA B 234 -26.09 21.39 1.23
CA ALA B 234 -24.97 22.27 0.89
C ALA B 234 -25.32 23.18 -0.28
N ALA B 235 -25.87 22.62 -1.35
CA ALA B 235 -26.17 23.39 -2.55
C ALA B 235 -27.24 24.47 -2.32
N LEU B 236 -28.14 24.25 -1.35
CA LEU B 236 -29.14 25.24 -1.01
C LEU B 236 -28.69 26.18 0.14
N GLY B 237 -27.57 25.88 0.77
CA GLY B 237 -27.14 26.57 1.99
C GLY B 237 -28.02 26.31 3.23
N ARG B 238 -28.45 25.07 3.42
CA ARG B 238 -29.39 24.72 4.49
C ARG B 238 -28.97 23.52 5.28
N ARG B 239 -29.40 23.52 6.54
CA ARG B 239 -29.40 22.35 7.39
C ARG B 239 -30.18 21.22 6.71
N ALA B 240 -29.61 20.03 6.62
CA ALA B 240 -30.33 18.85 6.15
C ALA B 240 -30.13 17.66 7.08
N PHE B 241 -30.50 17.84 8.35
CA PHE B 241 -30.15 16.94 9.47
C PHE B 241 -31.28 16.05 9.98
N ILE B 242 -32.46 16.16 9.38
CA ILE B 242 -33.67 15.47 9.88
C ILE B 242 -33.96 14.16 9.16
N PRO B 243 -33.66 13.00 9.80
CA PRO B 243 -33.85 11.73 9.11
C PRO B 243 -35.32 11.33 9.04
N LEU B 244 -35.74 10.76 7.91
CA LEU B 244 -37.08 10.17 7.78
C LEU B 244 -37.00 8.70 8.16
N PRO B 245 -37.59 8.29 9.29
CA PRO B 245 -37.52 6.89 9.62
C PRO B 245 -38.21 6.00 8.61
N SER B 246 -37.81 4.74 8.56
CA SER B 246 -38.37 3.76 7.64
C SER B 246 -39.86 3.58 7.82
N ALA B 247 -40.27 3.43 9.07
CA ALA B 247 -41.68 3.26 9.44
C ALA B 247 -42.57 4.35 8.84
N VAL B 248 -42.07 5.59 8.84
CA VAL B 248 -42.87 6.73 8.36
C VAL B 248 -42.96 6.75 6.86
N VAL B 249 -41.87 6.40 6.19
CA VAL B 249 -41.89 6.34 4.73
C VAL B 249 -42.81 5.20 4.29
N GLN B 250 -42.79 4.10 5.02
CA GLN B 250 -43.70 2.99 4.74
C GLN B 250 -45.16 3.34 4.98
N ALA B 251 -45.41 4.11 6.04
CA ALA B 251 -46.75 4.56 6.36
C ALA B 251 -47.30 5.42 5.21
N VAL B 252 -46.49 6.31 4.66
CA VAL B 252 -46.98 7.22 3.61
C VAL B 252 -47.07 6.57 2.24
N PHE B 253 -46.07 5.77 1.86
CA PHE B 253 -46.00 5.21 0.51
C PHE B 253 -46.38 3.74 0.38
N GLY B 254 -46.40 3.00 1.49
CA GLY B 254 -46.58 1.54 1.47
C GLY B 254 -45.30 0.76 1.34
N ARG B 255 -45.28 -0.49 1.82
CA ARG B 255 -44.06 -1.34 1.86
C ARG B 255 -43.39 -1.35 0.49
N GLN B 256 -44.22 -1.58 -0.52
CA GLN B 256 -43.73 -1.91 -1.85
C GLN B 256 -43.07 -0.73 -2.55
N ARG B 257 -43.69 0.45 -2.49
CA ARG B 257 -43.02 1.66 -3.01
C ARG B 257 -41.87 2.14 -2.14
N ALA B 258 -41.98 1.94 -0.84
CA ALA B 258 -40.96 2.35 0.10
C ALA B 258 -39.59 1.80 -0.31
N ILE B 259 -39.58 0.64 -0.97
CA ILE B 259 -38.37 0.02 -1.48
C ILE B 259 -37.58 0.99 -2.34
N MSE B 260 -38.29 1.76 -3.14
CA MSE B 260 -37.66 2.70 -4.05
C MSE B 260 -37.01 3.82 -3.32
O MSE B 260 -36.16 4.51 -3.90
CB MSE B 260 -38.71 3.28 -5.00
CG MSE B 260 -39.05 2.25 -6.05
SE MSE B 260 -40.57 2.80 -7.11
CE MSE B 260 -40.61 4.72 -6.74
N LEU B 261 -37.40 4.05 -2.06
CA LEU B 261 -36.88 5.17 -1.25
C LEU B 261 -35.87 4.75 -0.20
N LEU B 262 -36.14 3.63 0.47
CA LEU B 262 -35.28 3.14 1.55
C LEU B 262 -34.10 2.25 1.09
N GLU B 263 -34.19 1.69 -0.11
CA GLU B 263 -33.18 0.78 -0.62
C GLU B 263 -32.69 1.24 -1.97
N GLY B 264 -31.66 0.57 -2.46
CA GLY B 264 -31.00 1.01 -3.69
C GLY B 264 -30.08 0.02 -4.39
N GLN B 265 -29.77 0.36 -5.64
CA GLN B 265 -28.92 -0.44 -6.51
C GLN B 265 -27.74 0.40 -6.92
N LYS B 266 -26.54 -0.17 -6.88
CA LYS B 266 -25.38 0.51 -7.45
C LYS B 266 -25.36 0.19 -8.96
N VAL B 267 -25.64 1.19 -9.79
CA VAL B 267 -25.80 0.95 -11.23
C VAL B 267 -24.75 1.70 -12.03
N ILE B 268 -23.96 0.98 -12.84
CA ILE B 268 -22.94 1.58 -13.72
C ILE B 268 -23.49 1.74 -15.12
N PRO B 269 -23.31 2.92 -15.71
CA PRO B 269 -23.73 3.17 -17.07
C PRO B 269 -22.63 2.81 -18.04
N ARG B 270 -22.29 1.53 -18.12
CA ARG B 270 -21.16 1.08 -18.95
C ARG B 270 -21.49 1.27 -20.41
N ARG B 271 -22.59 0.67 -20.82
CA ARG B 271 -23.03 0.74 -22.21
C ARG B 271 -23.42 2.16 -22.63
N THR B 272 -23.96 2.93 -21.70
CA THR B 272 -24.31 4.31 -21.98
C THR B 272 -23.04 5.08 -22.36
N LEU B 273 -21.98 4.94 -21.56
CA LEU B 273 -20.75 5.65 -21.86
C LEU B 273 -20.15 5.14 -23.18
N ALA B 274 -20.30 3.85 -23.45
CA ALA B 274 -19.73 3.25 -24.64
C ALA B 274 -20.38 3.77 -25.92
N THR B 275 -21.56 4.39 -25.81
CA THR B 275 -22.25 4.96 -26.97
C THR B 275 -21.60 6.25 -27.43
N GLY B 276 -20.65 6.77 -26.65
CA GLY B 276 -20.02 8.04 -26.95
C GLY B 276 -20.71 9.22 -26.30
N TYR B 277 -21.84 9.00 -25.62
CA TYR B 277 -22.52 10.06 -24.88
C TYR B 277 -21.66 10.63 -23.79
N GLN B 278 -21.72 11.94 -23.65
CA GLN B 278 -20.88 12.68 -22.67
C GLN B 278 -21.75 13.53 -21.77
N TYR B 279 -21.65 13.28 -20.46
CA TYR B 279 -22.57 13.85 -19.48
C TYR B 279 -22.28 15.33 -19.22
N SER B 280 -23.34 16.12 -19.14
CA SER B 280 -23.23 17.52 -18.75
C SER B 280 -23.07 17.66 -17.22
N PHE B 281 -23.68 16.74 -16.46
CA PHE B 281 -23.69 16.81 -15.00
C PHE B 281 -23.41 15.43 -14.41
N PRO B 282 -22.21 14.91 -14.66
CA PRO B 282 -21.86 13.58 -14.11
C PRO B 282 -21.65 13.53 -12.58
N GLU B 283 -21.28 14.65 -11.98
CA GLU B 283 -20.98 14.71 -10.55
C GLU B 283 -22.20 15.32 -9.82
N LEU B 284 -22.58 14.75 -8.69
CA LEU B 284 -23.85 15.09 -8.03
C LEU B 284 -23.88 16.54 -7.59
N GLY B 285 -22.77 17.02 -7.07
CA GLY B 285 -22.65 18.41 -6.67
C GLY B 285 -22.97 19.36 -7.80
N ALA B 286 -22.39 19.12 -8.97
CA ALA B 286 -22.64 19.99 -10.13
C ALA B 286 -24.11 19.96 -10.52
N ALA B 287 -24.72 18.77 -10.44
CA ALA B 287 -26.13 18.62 -10.80
C ALA B 287 -27.03 19.40 -9.87
N LEU B 288 -26.83 19.23 -8.57
CA LEU B 288 -27.71 19.88 -7.59
C LEU B 288 -27.48 21.39 -7.56
N LYS B 289 -26.27 21.82 -7.88
CA LYS B 289 -25.93 23.24 -7.99
C LYS B 289 -26.72 23.91 -9.14
N GLU B 290 -26.83 23.22 -10.27
CA GLU B 290 -27.67 23.71 -11.38
C GLU B 290 -29.13 23.89 -10.94
N ILE B 291 -29.67 22.87 -10.30
CA ILE B 291 -31.04 22.89 -9.83
C ILE B 291 -31.27 23.99 -8.80
N ALA B 292 -30.35 24.12 -7.85
CA ALA B 292 -30.46 25.10 -6.77
C ALA B 292 -30.25 26.55 -7.20
N GLU B 293 -29.40 26.80 -8.20
CA GLU B 293 -29.07 28.18 -8.60
C GLU B 293 -30.09 28.78 -9.56
N ASN B 294 -30.97 27.94 -10.09
CA ASN B 294 -31.96 28.33 -11.10
C ASN B 294 -33.36 28.01 -10.54
N LEU B 295 -34.12 29.02 -10.12
CA LEU B 295 -35.45 28.80 -9.49
C LEU B 295 -36.37 30.01 -9.71
N MSE C 1 10.16 -1.85 -26.35
CA MSE C 1 11.00 -0.62 -26.54
C MSE C 1 12.17 -0.87 -27.45
O MSE C 1 12.71 -1.97 -27.45
CB MSE C 1 11.61 -0.34 -25.18
CG MSE C 1 11.80 1.14 -24.89
SE MSE C 1 12.69 1.27 -23.14
CE MSE C 1 12.77 3.19 -23.51
N ARG C 2 12.60 0.15 -28.18
CA ARG C 2 13.86 0.06 -28.96
C ARG C 2 14.94 0.92 -28.28
N VAL C 3 16.07 0.32 -27.93
CA VAL C 3 17.14 1.04 -27.23
C VAL C 3 18.41 1.10 -28.08
N LEU C 4 19.00 2.30 -28.18
CA LEU C 4 20.29 2.49 -28.87
C LEU C 4 21.38 2.55 -27.83
N VAL C 5 22.34 1.63 -27.86
CA VAL C 5 23.38 1.59 -26.82
C VAL C 5 24.78 1.87 -27.37
N GLY C 6 25.25 3.07 -27.11
CA GLY C 6 26.59 3.46 -27.52
C GLY C 6 27.62 2.73 -26.70
N GLY C 7 28.61 2.16 -27.36
CA GLY C 7 29.63 1.38 -26.68
C GLY C 7 29.09 0.09 -26.10
N GLY C 8 27.95 -0.37 -26.61
CA GLY C 8 27.29 -1.55 -26.05
C GLY C 8 27.92 -2.91 -26.30
N THR C 9 28.98 -2.95 -27.10
CA THR C 9 29.78 -4.17 -27.24
C THR C 9 30.55 -4.54 -25.96
N GLY C 10 30.74 -3.58 -25.06
CA GLY C 10 31.62 -3.75 -23.90
C GLY C 10 31.05 -4.60 -22.77
N PHE C 11 31.73 -4.49 -21.63
CA PHE C 11 31.41 -5.27 -20.45
C PHE C 11 30.01 -4.96 -19.91
N ILE C 12 29.78 -3.70 -19.56
CA ILE C 12 28.48 -3.29 -19.05
C ILE C 12 27.44 -3.46 -20.16
N GLY C 13 27.84 -3.10 -21.38
CA GLY C 13 26.93 -3.11 -22.51
C GLY C 13 26.38 -4.47 -22.82
N THR C 14 27.22 -5.48 -22.73
CA THR C 14 26.82 -6.84 -23.02
C THR C 14 25.82 -7.35 -21.98
N ALA C 15 26.01 -7.00 -20.71
CA ALA C 15 25.05 -7.38 -19.66
C ALA C 15 23.74 -6.63 -19.89
N LEU C 16 23.82 -5.35 -20.23
CA LEU C 16 22.61 -4.53 -20.42
C LEU C 16 21.81 -5.04 -21.61
N THR C 17 22.51 -5.40 -22.68
CA THR C 17 21.86 -5.90 -23.87
C THR C 17 21.13 -7.22 -23.56
N GLN C 18 21.80 -8.12 -22.86
CA GLN C 18 21.19 -9.37 -22.49
C GLN C 18 19.91 -9.16 -21.67
N LEU C 19 19.94 -8.24 -20.70
CA LEU C 19 18.78 -8.05 -19.84
C LEU C 19 17.64 -7.37 -20.60
N LEU C 20 17.98 -6.35 -21.37
CA LEU C 20 17.00 -5.68 -22.25
C LEU C 20 16.31 -6.67 -23.21
N ASN C 21 17.07 -7.50 -23.89
CA ASN C 21 16.49 -8.50 -24.81
C ASN C 21 15.55 -9.42 -24.06
N ALA C 22 16.00 -9.93 -22.92
CA ALA C 22 15.22 -10.85 -22.09
C ALA C 22 13.88 -10.24 -21.71
N ARG C 23 13.87 -8.91 -21.50
CA ARG C 23 12.69 -8.20 -21.04
C ARG C 23 11.80 -7.69 -22.17
N GLY C 24 12.11 -8.09 -23.41
CA GLY C 24 11.27 -7.83 -24.58
C GLY C 24 11.65 -6.65 -25.46
N HIS C 25 12.85 -6.12 -25.26
CA HIS C 25 13.28 -4.93 -25.99
C HIS C 25 14.25 -5.26 -27.09
N GLU C 26 14.21 -4.45 -28.15
CA GLU C 26 15.21 -4.52 -29.22
C GLU C 26 16.36 -3.58 -28.92
N VAL C 27 17.58 -4.03 -29.19
CA VAL C 27 18.75 -3.22 -28.97
C VAL C 27 19.57 -3.07 -30.26
N THR C 28 19.93 -1.83 -30.57
CA THR C 28 20.95 -1.52 -31.59
C THR C 28 22.17 -0.94 -30.90
N LEU C 29 23.37 -1.32 -31.32
CA LEU C 29 24.60 -0.80 -30.72
C LEU C 29 25.19 0.30 -31.60
N VAL C 30 25.84 1.27 -30.98
CA VAL C 30 26.74 2.15 -31.70
C VAL C 30 28.15 1.68 -31.40
N SER C 31 28.96 1.50 -32.43
CA SER C 31 30.27 0.91 -32.30
C SER C 31 31.26 1.56 -33.27
N ARG C 32 32.56 1.42 -32.99
CA ARG C 32 33.57 1.88 -33.91
C ARG C 32 33.69 0.97 -35.12
N LYS C 33 33.27 -0.27 -34.97
CA LYS C 33 33.39 -1.26 -36.04
C LYS C 33 31.98 -1.68 -36.49
N PRO C 34 31.77 -1.75 -37.81
CA PRO C 34 30.39 -2.01 -38.28
C PRO C 34 29.99 -3.46 -38.09
N GLY C 35 28.77 -3.75 -38.47
CA GLY C 35 28.25 -5.11 -38.39
C GLY C 35 26.75 -5.16 -38.11
N PRO C 36 26.22 -6.37 -37.89
CA PRO C 36 24.78 -6.53 -37.75
C PRO C 36 24.32 -6.09 -36.35
N GLY C 37 23.14 -5.52 -36.26
CA GLY C 37 22.61 -5.05 -34.99
C GLY C 37 23.29 -3.79 -34.48
N ARG C 38 23.98 -3.08 -35.36
CA ARG C 38 24.72 -1.89 -34.93
C ARG C 38 24.99 -0.90 -36.03
N ILE C 39 25.22 0.34 -35.63
CA ILE C 39 25.71 1.34 -36.55
C ILE C 39 26.99 1.96 -36.03
N THR C 40 27.78 2.54 -36.92
CA THR C 40 29.03 3.17 -36.51
C THR C 40 28.85 4.63 -36.13
N TRP C 41 29.83 5.16 -35.42
CA TRP C 41 29.83 6.57 -35.02
C TRP C 41 29.84 7.45 -36.22
N ASP C 42 30.65 7.10 -37.20
CA ASP C 42 30.73 7.87 -38.45
C ASP C 42 29.39 7.92 -39.14
N GLU C 43 28.67 6.81 -39.10
CA GLU C 43 27.37 6.73 -39.71
C GLU C 43 26.33 7.56 -38.95
N LEU C 44 26.39 7.55 -37.61
CA LEU C 44 25.49 8.36 -36.79
C LEU C 44 25.67 9.85 -37.05
N ALA C 45 26.92 10.28 -37.19
CA ALA C 45 27.23 11.68 -37.40
C ALA C 45 26.80 12.11 -38.80
N ALA C 46 26.84 11.18 -39.76
CA ALA C 46 26.52 11.48 -41.15
C ALA C 46 25.02 11.59 -41.38
N SER C 47 24.29 10.55 -40.98
CA SER C 47 22.87 10.44 -41.29
C SER C 47 21.92 10.46 -40.10
N GLY C 48 22.44 10.58 -38.89
CA GLY C 48 21.60 10.91 -37.74
C GLY C 48 21.12 9.74 -36.89
N LEU C 49 20.28 10.04 -35.92
CA LEU C 49 19.90 9.07 -34.90
C LEU C 49 18.90 8.08 -35.50
N PRO C 50 19.18 6.78 -35.40
CA PRO C 50 18.18 5.83 -35.87
C PRO C 50 16.97 5.81 -34.97
N SER C 51 15.84 5.29 -35.48
CA SER C 51 14.60 5.27 -34.70
C SER C 51 14.82 4.50 -33.40
N CYS C 52 14.54 5.15 -32.29
CA CYS C 52 14.66 4.50 -30.99
C CYS C 52 13.82 5.23 -29.97
N ASP C 53 13.39 4.51 -28.93
CA ASP C 53 12.57 5.07 -27.84
C ASP C 53 13.46 5.56 -26.69
N ALA C 54 14.67 5.02 -26.61
CA ALA C 54 15.62 5.40 -25.57
C ALA C 54 17.06 5.19 -26.05
N ALA C 55 17.99 5.94 -25.46
CA ALA C 55 19.39 5.84 -25.80
C ALA C 55 20.24 5.80 -24.54
N VAL C 56 21.35 5.05 -24.60
CA VAL C 56 22.30 4.94 -23.53
C VAL C 56 23.70 5.09 -24.11
N ASN C 57 24.61 5.78 -23.40
CA ASN C 57 26.03 5.77 -23.79
C ASN C 57 26.92 5.15 -22.74
N LEU C 58 27.72 4.19 -23.19
CA LEU C 58 28.71 3.51 -22.38
C LEU C 58 30.12 3.64 -22.98
N ALA C 59 30.23 4.34 -24.10
CA ALA C 59 31.48 4.34 -24.87
C ALA C 59 32.60 5.01 -24.10
N GLY C 60 33.78 4.41 -24.12
CA GLY C 60 34.94 4.99 -23.45
C GLY C 60 36.18 4.13 -23.58
N GLU C 61 37.31 4.75 -23.92
CA GLU C 61 38.59 4.10 -23.84
C GLU C 61 38.79 3.60 -22.40
N ASN C 62 39.22 2.35 -22.27
CA ASN C 62 39.35 1.72 -20.97
C ASN C 62 40.44 2.37 -20.12
N ILE C 63 40.04 2.85 -18.95
CA ILE C 63 40.91 3.61 -18.10
C ILE C 63 41.92 2.73 -17.36
N LEU C 64 41.43 1.66 -16.71
CA LEU C 64 42.30 0.84 -15.84
C LEU C 64 43.36 0.04 -16.64
N ASN C 65 43.13 -0.21 -17.92
CA ASN C 65 44.08 -0.90 -18.81
C ASN C 65 45.60 -0.76 -18.51
N PRO C 66 46.16 -1.73 -17.76
CA PRO C 66 47.55 -1.66 -17.34
C PRO C 66 48.55 -1.68 -18.47
N LEU C 67 48.11 -2.10 -19.64
CA LEU C 67 49.00 -2.18 -20.80
C LEU C 67 49.28 -0.81 -21.45
N ARG C 68 48.59 0.24 -20.98
CA ARG C 68 48.90 1.58 -21.46
C ARG C 68 49.42 2.47 -20.33
N ARG C 69 50.52 3.18 -20.62
CA ARG C 69 51.14 4.10 -19.67
C ARG C 69 50.28 5.35 -19.60
N TRP C 70 50.16 5.92 -18.41
CA TRP C 70 49.36 7.13 -18.25
C TRP C 70 50.08 8.36 -18.75
N ASN C 71 50.16 8.51 -20.07
CA ASN C 71 50.71 9.74 -20.63
C ASN C 71 49.59 10.69 -21.12
N GLU C 72 50.01 11.82 -21.66
CA GLU C 72 49.10 12.84 -22.14
C GLU C 72 48.24 12.33 -23.30
N THR C 73 48.83 11.51 -24.17
CA THR C 73 48.11 10.96 -25.31
C THR C 73 46.95 10.11 -24.86
N PHE C 74 47.20 9.25 -23.86
CA PHE C 74 46.21 8.30 -23.34
C PHE C 74 45.13 9.05 -22.55
N GLN C 75 45.59 10.05 -21.83
CA GLN C 75 44.72 11.02 -21.15
C GLN C 75 43.74 11.66 -22.14
N LYS C 76 44.26 12.15 -23.27
CA LYS C 76 43.44 12.77 -24.31
C LYS C 76 42.44 11.78 -24.85
N GLU C 77 42.83 10.52 -25.06
CA GLU C 77 41.87 9.48 -25.50
C GLU C 77 40.80 9.14 -24.44
N VAL C 78 41.18 9.12 -23.15
CA VAL C 78 40.23 8.81 -22.10
C VAL C 78 39.14 9.86 -22.11
N LEU C 79 39.57 11.11 -22.16
CA LEU C 79 38.67 12.26 -22.17
C LEU C 79 37.88 12.36 -23.49
N GLY C 80 38.60 12.39 -24.61
CA GLY C 80 37.99 12.59 -25.92
C GLY C 80 36.99 11.51 -26.29
N SER C 81 37.32 10.27 -26.00
CA SER C 81 36.44 9.16 -26.32
C SER C 81 35.08 9.28 -25.62
N ARG C 82 35.07 9.78 -24.40
CA ARG C 82 33.81 9.96 -23.67
C ARG C 82 33.03 11.23 -24.07
N LEU C 83 33.71 12.38 -24.18
CA LEU C 83 33.05 13.62 -24.57
C LEU C 83 32.51 13.56 -26.02
N GLU C 84 33.32 13.06 -26.95
CA GLU C 84 32.92 13.08 -28.36
C GLU C 84 31.74 12.16 -28.61
N THR C 85 31.82 10.91 -28.17
CA THR C 85 30.70 9.99 -28.35
C THR C 85 29.44 10.50 -27.65
N THR C 86 29.58 11.00 -26.44
CA THR C 86 28.42 11.54 -25.72
C THR C 86 27.81 12.74 -26.45
N GLN C 87 28.67 13.64 -26.91
CA GLN C 87 28.21 14.87 -27.57
C GLN C 87 27.51 14.52 -28.87
N LEU C 88 28.01 13.50 -29.56
CA LEU C 88 27.53 13.09 -30.88
C LEU C 88 26.12 12.55 -30.73
N LEU C 89 25.91 11.77 -29.67
CA LEU C 89 24.60 11.27 -29.34
C LEU C 89 23.65 12.41 -28.92
N ALA C 90 24.14 13.30 -28.05
CA ALA C 90 23.35 14.43 -27.55
C ALA C 90 22.82 15.30 -28.70
N LYS C 91 23.72 15.70 -29.58
CA LYS C 91 23.34 16.49 -30.75
C LYS C 91 22.39 15.73 -31.69
N ALA C 92 22.58 14.43 -31.83
CA ALA C 92 21.71 13.62 -32.68
C ALA C 92 20.29 13.53 -32.10
N ILE C 93 20.18 13.41 -30.77
CA ILE C 93 18.89 13.43 -30.09
C ILE C 93 18.18 14.77 -30.28
N THR C 94 18.90 15.86 -30.01
CA THR C 94 18.35 17.20 -30.13
C THR C 94 17.79 17.45 -31.52
N LYS C 95 18.45 16.94 -32.56
CA LYS C 95 18.01 17.24 -33.93
C LYS C 95 17.18 16.12 -34.59
N ALA C 96 16.93 15.04 -33.86
CA ALA C 96 16.09 13.96 -34.38
C ALA C 96 14.63 14.42 -34.46
N PRO C 97 13.93 14.07 -35.56
CA PRO C 97 12.52 14.42 -35.71
C PRO C 97 11.60 13.70 -34.73
N GLN C 98 11.88 12.42 -34.48
CA GLN C 98 11.14 11.63 -33.51
C GLN C 98 12.11 11.30 -32.39
N PRO C 99 12.41 12.29 -31.53
CA PRO C 99 13.45 12.05 -30.53
C PRO C 99 13.03 11.03 -29.47
N PRO C 100 14.01 10.35 -28.87
CA PRO C 100 13.74 9.33 -27.86
C PRO C 100 13.24 9.93 -26.56
N LYS C 101 12.42 9.17 -25.86
CA LYS C 101 11.76 9.66 -24.64
C LYS C 101 12.73 9.60 -23.44
N ALA C 102 13.80 8.81 -23.53
CA ALA C 102 14.82 8.73 -22.46
C ALA C 102 16.28 8.70 -22.97
N TRP C 103 17.19 9.23 -22.14
CA TRP C 103 18.63 9.36 -22.46
C TRP C 103 19.42 9.18 -21.20
N VAL C 104 20.20 8.11 -21.14
CA VAL C 104 20.86 7.70 -19.93
C VAL C 104 22.37 7.59 -20.16
N LEU C 105 23.14 8.21 -19.27
CA LEU C 105 24.61 8.17 -19.35
C LEU C 105 25.16 7.46 -18.12
N VAL C 106 26.24 6.70 -18.33
CA VAL C 106 26.99 6.13 -17.22
C VAL C 106 28.27 6.92 -17.04
N THR C 107 28.47 7.47 -15.83
CA THR C 107 29.74 8.06 -15.47
C THR C 107 30.22 7.38 -14.19
N GLY C 108 30.92 8.09 -13.31
CA GLY C 108 31.62 7.44 -12.18
C GLY C 108 31.54 8.15 -10.84
N VAL C 109 31.75 7.39 -9.78
CA VAL C 109 31.79 7.93 -8.43
C VAL C 109 33.05 8.75 -8.17
N ALA C 110 33.99 8.74 -9.12
CA ALA C 110 35.15 9.64 -9.07
C ALA C 110 34.77 11.12 -8.94
N TYR C 111 33.51 11.45 -9.25
CA TYR C 111 32.97 12.80 -9.00
C TYR C 111 33.12 13.25 -7.53
N TYR C 112 32.98 12.32 -6.61
CA TYR C 112 33.02 12.61 -5.20
C TYR C 112 34.45 12.52 -4.66
N GLN C 113 34.82 13.53 -3.90
CA GLN C 113 36.14 13.65 -3.32
C GLN C 113 36.48 12.46 -2.44
N PRO C 114 37.53 11.68 -2.79
CA PRO C 114 37.93 10.61 -1.89
C PRO C 114 38.28 11.13 -0.52
N SER C 115 37.89 10.36 0.50
CA SER C 115 37.93 10.79 1.88
C SER C 115 37.70 9.61 2.80
N LEU C 116 38.33 9.65 3.96
CA LEU C 116 38.14 8.60 4.95
C LEU C 116 36.97 8.92 5.91
N THR C 117 36.50 10.17 5.89
CA THR C 117 35.48 10.67 6.80
C THR C 117 34.17 11.04 6.11
N ALA C 118 34.21 11.50 4.87
CA ALA C 118 33.01 12.02 4.18
C ALA C 118 32.03 10.92 3.79
N GLU C 119 30.81 11.36 3.52
CA GLU C 119 29.73 10.52 3.06
C GLU C 119 28.98 11.29 1.98
N TYR C 120 28.75 10.66 0.83
CA TYR C 120 28.19 11.35 -0.34
C TYR C 120 26.88 10.71 -0.79
N ASP C 121 25.95 11.52 -1.27
CA ASP C 121 24.83 11.01 -2.06
C ASP C 121 24.73 11.80 -3.37
N GLU C 122 23.65 11.59 -4.12
CA GLU C 122 23.53 12.13 -5.48
C GLU C 122 23.47 13.63 -5.51
N ASP C 123 23.13 14.25 -4.38
CA ASP C 123 23.04 15.69 -4.31
C ASP C 123 24.36 16.31 -3.82
N SER C 124 25.36 15.49 -3.52
CA SER C 124 26.62 16.02 -2.97
C SER C 124 27.45 16.72 -4.05
N PRO C 125 28.18 17.76 -3.64
CA PRO C 125 29.05 18.46 -4.59
C PRO C 125 30.36 17.75 -4.87
N GLY C 126 30.99 18.10 -5.99
CA GLY C 126 32.20 17.46 -6.44
C GLY C 126 32.54 17.86 -7.86
N GLY C 127 33.27 17.01 -8.55
CA GLY C 127 33.58 17.20 -9.96
C GLY C 127 34.68 18.20 -10.32
N ASP C 128 35.52 18.58 -9.37
CA ASP C 128 36.37 19.77 -9.55
C ASP C 128 37.71 19.77 -8.81
N PHE C 129 38.27 18.60 -8.52
CA PHE C 129 39.47 18.52 -7.66
C PHE C 129 40.59 17.63 -8.18
N ASP C 130 40.33 16.89 -9.26
CA ASP C 130 41.35 16.03 -9.88
C ASP C 130 40.91 15.67 -11.29
N PHE C 131 41.74 14.91 -12.00
CA PHE C 131 41.47 14.62 -13.40
C PHE C 131 40.13 13.91 -13.61
N PHE C 132 39.89 12.90 -12.79
CA PHE C 132 38.71 12.07 -13.00
C PHE C 132 37.41 12.76 -12.56
N SER C 133 37.49 13.60 -11.54
CA SER C 133 36.31 14.36 -11.12
C SER C 133 35.96 15.40 -12.20
N ASN C 134 36.97 16.11 -12.69
CA ASN C 134 36.79 17.01 -13.83
C ASN C 134 36.24 16.26 -15.04
N LEU C 135 36.73 15.05 -15.26
CA LEU C 135 36.22 14.25 -16.37
C LEU C 135 34.71 14.11 -16.23
N VAL C 136 34.25 13.66 -15.08
CA VAL C 136 32.84 13.39 -14.90
C VAL C 136 32.03 14.66 -15.14
N THR C 137 32.52 15.81 -14.66
CA THR C 137 31.78 17.08 -14.89
C THR C 137 31.61 17.34 -16.40
N LYS C 138 32.70 17.28 -17.14
CA LYS C 138 32.69 17.59 -18.56
C LYS C 138 31.84 16.56 -19.32
N TRP C 139 31.97 15.33 -18.89
CA TRP C 139 31.26 14.20 -19.47
C TRP C 139 29.77 14.38 -19.33
N GLU C 140 29.33 14.72 -18.12
CA GLU C 140 27.92 14.98 -17.88
C GLU C 140 27.47 16.20 -18.64
N ALA C 141 28.30 17.23 -18.69
CA ALA C 141 27.96 18.43 -19.44
C ALA C 141 27.73 18.12 -20.94
N ALA C 142 28.52 17.20 -21.47
CA ALA C 142 28.41 16.79 -22.84
C ALA C 142 27.07 16.14 -23.13
N ALA C 143 26.53 15.45 -22.12
CA ALA C 143 25.27 14.73 -22.28
C ALA C 143 24.04 15.61 -22.09
N ARG C 144 24.22 16.78 -21.53
CA ARG C 144 23.08 17.58 -21.11
C ARG C 144 22.34 18.17 -22.29
N LEU C 145 21.08 17.77 -22.45
CA LEU C 145 20.24 18.27 -23.53
C LEU C 145 19.56 19.51 -23.05
N PRO C 146 19.48 20.54 -23.92
CA PRO C 146 18.50 21.60 -23.63
C PRO C 146 17.12 21.08 -24.00
N GLY C 147 16.09 21.69 -23.47
CA GLY C 147 14.74 21.27 -23.83
C GLY C 147 14.33 20.09 -22.99
N ASP C 148 13.01 19.91 -22.90
CA ASP C 148 12.41 19.00 -21.93
C ASP C 148 11.75 17.79 -22.61
N SER C 149 11.89 17.67 -23.94
CA SER C 149 11.31 16.52 -24.67
C SER C 149 11.84 15.15 -24.27
N THR C 150 13.07 15.08 -23.75
CA THR C 150 13.70 13.80 -23.44
C THR C 150 14.11 13.71 -21.97
N ARG C 151 13.62 12.69 -21.30
CA ARG C 151 13.95 12.37 -19.92
C ARG C 151 15.46 12.07 -19.81
N GLN C 152 16.13 12.66 -18.82
CA GLN C 152 17.58 12.55 -18.70
C GLN C 152 17.99 11.90 -17.38
N VAL C 153 18.87 10.92 -17.47
CA VAL C 153 19.37 10.21 -16.31
C VAL C 153 20.87 10.06 -16.43
N VAL C 154 21.57 10.27 -15.32
CA VAL C 154 23.01 9.99 -15.27
C VAL C 154 23.23 9.01 -14.12
N VAL C 155 23.85 7.86 -14.41
CA VAL C 155 24.19 6.91 -13.36
C VAL C 155 25.68 6.95 -13.09
N ARG C 156 26.06 7.43 -11.90
CA ARG C 156 27.46 7.45 -11.49
C ARG C 156 27.80 6.12 -10.86
N SER C 157 28.63 5.34 -11.53
CA SER C 157 28.85 3.94 -11.16
C SER C 157 30.10 3.75 -10.29
N GLY C 158 30.00 2.82 -9.35
CA GLY C 158 31.16 2.32 -8.65
C GLY C 158 31.82 1.23 -9.46
N VAL C 159 32.70 0.44 -8.84
CA VAL C 159 33.41 -0.65 -9.52
C VAL C 159 32.39 -1.72 -9.81
N VAL C 160 32.30 -2.11 -11.07
CA VAL C 160 31.30 -3.05 -11.52
C VAL C 160 31.90 -4.46 -11.47
N LEU C 161 31.38 -5.28 -10.57
CA LEU C 161 31.96 -6.60 -10.34
C LEU C 161 31.12 -7.63 -11.07
N GLY C 162 31.76 -8.46 -11.88
CA GLY C 162 31.04 -9.49 -12.61
C GLY C 162 31.94 -10.48 -13.33
N ARG C 163 31.37 -11.62 -13.69
CA ARG C 163 32.10 -12.60 -14.49
C ARG C 163 32.29 -12.00 -15.88
N GLY C 164 33.39 -12.36 -16.50
CA GLY C 164 33.57 -12.12 -17.94
C GLY C 164 33.93 -10.70 -18.30
N GLY C 165 34.65 -10.01 -17.42
CA GLY C 165 35.23 -8.71 -17.76
C GLY C 165 35.39 -7.77 -16.59
N GLY C 166 35.69 -6.52 -16.93
CA GLY C 166 35.90 -5.47 -15.95
C GLY C 166 37.06 -5.76 -15.03
N ALA C 167 36.97 -5.28 -13.79
CA ALA C 167 38.04 -5.45 -12.82
C ALA C 167 38.29 -6.91 -12.53
N MSE C 168 37.24 -7.71 -12.45
CA MSE C 168 37.39 -9.13 -12.13
C MSE C 168 38.21 -9.84 -13.18
O MSE C 168 38.89 -10.81 -12.90
CB MSE C 168 36.01 -9.78 -11.98
CG MSE C 168 35.26 -9.31 -10.73
SE MSE C 168 36.15 -10.10 -9.18
CE MSE C 168 35.22 -9.56 -7.56
N GLY C 169 38.16 -9.37 -14.41
CA GLY C 169 39.05 -9.88 -15.45
C GLY C 169 40.51 -9.89 -15.01
N HIS C 170 40.94 -8.83 -14.32
CA HIS C 170 42.31 -8.73 -13.81
C HIS C 170 42.57 -9.42 -12.50
N MSE C 171 41.54 -9.55 -11.67
CA MSE C 171 41.72 -9.98 -10.28
C MSE C 171 41.48 -11.45 -10.04
O MSE C 171 41.98 -12.02 -9.09
CB MSE C 171 40.76 -9.19 -9.39
CG MSE C 171 41.27 -7.78 -9.05
SE MSE C 171 40.05 -6.88 -7.78
CE MSE C 171 38.54 -6.79 -9.00
N LEU C 172 40.72 -12.08 -10.93
CA LEU C 172 40.11 -13.36 -10.60
C LEU C 172 41.12 -14.46 -10.56
N LEU C 173 42.02 -14.52 -11.53
CA LEU C 173 43.03 -15.57 -11.54
C LEU C 173 44.02 -15.46 -10.38
N PRO C 174 44.62 -14.27 -10.16
CA PRO C 174 45.48 -14.14 -8.99
C PRO C 174 44.81 -14.50 -7.65
N PHE C 175 43.60 -14.00 -7.42
CA PHE C 175 42.88 -14.36 -6.21
C PHE C 175 42.67 -15.86 -6.09
N ARG C 176 42.27 -16.49 -7.20
CA ARG C 176 42.10 -17.94 -7.23
C ARG C 176 43.36 -18.71 -6.91
N LEU C 177 44.51 -18.10 -7.16
CA LEU C 177 45.80 -18.74 -6.90
C LEU C 177 46.39 -18.39 -5.52
N GLY C 178 45.64 -17.66 -4.70
CA GLY C 178 46.10 -17.23 -3.37
C GLY C 178 46.99 -16.00 -3.34
N LEU C 179 46.99 -15.23 -4.42
CA LEU C 179 47.85 -14.06 -4.57
C LEU C 179 47.08 -12.77 -4.31
N GLY C 180 45.83 -12.90 -3.94
CA GLY C 180 45.01 -11.76 -3.61
C GLY C 180 45.31 -11.12 -2.26
N GLY C 181 44.76 -9.93 -2.07
CA GLY C 181 44.86 -9.22 -0.81
C GLY C 181 44.52 -7.74 -0.90
N PRO C 182 44.67 -7.01 0.23
CA PRO C 182 44.35 -5.60 0.25
C PRO C 182 45.31 -4.76 -0.61
N ILE C 183 44.77 -3.68 -1.16
CA ILE C 183 45.54 -2.69 -1.92
C ILE C 183 45.84 -1.53 -0.98
N GLY C 184 47.11 -1.28 -0.73
CA GLY C 184 47.52 -0.20 0.16
C GLY C 184 47.20 -0.54 1.60
N SER C 185 46.61 0.39 2.34
CA SER C 185 46.21 0.13 3.73
C SER C 185 45.01 -0.81 3.79
N GLY C 186 44.19 -0.79 2.74
CA GLY C 186 42.94 -1.52 2.71
C GLY C 186 41.79 -0.79 3.39
N HIS C 187 42.09 0.31 4.07
CA HIS C 187 41.07 1.05 4.80
C HIS C 187 40.14 1.85 3.95
N GLN C 188 40.55 2.11 2.72
CA GLN C 188 39.77 2.96 1.83
C GLN C 188 38.41 2.37 1.48
N PHE C 189 37.42 3.24 1.31
CA PHE C 189 36.11 2.79 0.87
C PHE C 189 36.18 2.18 -0.53
N PHE C 190 35.38 1.15 -0.71
CA PHE C 190 35.31 0.40 -1.96
C PHE C 190 33.86 0.48 -2.48
N PRO C 191 33.53 1.55 -3.22
CA PRO C 191 32.20 1.63 -3.86
C PRO C 191 32.13 0.63 -5.00
N TRP C 192 31.15 -0.26 -4.95
CA TRP C 192 31.06 -1.34 -5.90
C TRP C 192 29.62 -1.62 -6.22
N ILE C 193 29.39 -2.32 -7.32
CA ILE C 193 28.05 -2.80 -7.68
C ILE C 193 28.20 -4.07 -8.49
N HIS C 194 27.29 -5.00 -8.30
CA HIS C 194 27.26 -6.22 -9.10
C HIS C 194 26.77 -5.84 -10.48
N ILE C 195 27.38 -6.42 -11.50
CA ILE C 195 27.03 -6.10 -12.89
C ILE C 195 25.55 -6.26 -13.15
N GLY C 196 24.91 -7.27 -12.56
CA GLY C 196 23.49 -7.46 -12.71
C GLY C 196 22.68 -6.30 -12.19
N ASP C 197 23.17 -5.65 -11.15
CA ASP C 197 22.48 -4.50 -10.55
C ASP C 197 22.72 -3.18 -11.29
N LEU C 198 23.91 -2.99 -11.88
CA LEU C 198 24.09 -1.84 -12.75
C LEU C 198 23.20 -2.01 -13.99
N ALA C 199 23.19 -3.21 -14.57
CA ALA C 199 22.32 -3.55 -15.70
C ALA C 199 20.85 -3.31 -15.34
N GLY C 200 20.47 -3.68 -14.11
CA GLY C 200 19.13 -3.49 -13.61
C GLY C 200 18.73 -2.04 -13.42
N ILE C 201 19.63 -1.25 -12.82
CA ILE C 201 19.37 0.17 -12.62
C ILE C 201 19.18 0.85 -13.97
N LEU C 202 20.09 0.57 -14.90
CA LEU C 202 20.03 1.16 -16.23
C LEU C 202 18.72 0.79 -16.93
N THR C 203 18.33 -0.47 -16.81
CA THR C 203 17.07 -0.93 -17.37
C THR C 203 15.86 -0.25 -16.72
N HIS C 204 15.90 -0.11 -15.40
CA HIS C 204 14.82 0.58 -14.67
C HIS C 204 14.76 2.02 -15.11
N ALA C 205 15.92 2.66 -15.32
CA ALA C 205 15.97 4.02 -15.76
C ALA C 205 15.34 4.16 -17.17
N LEU C 206 15.62 3.20 -18.04
CA LEU C 206 15.03 3.19 -19.37
C LEU C 206 13.52 2.94 -19.36
N GLU C 207 13.05 2.07 -18.48
CA GLU C 207 11.64 1.65 -18.50
C GLU C 207 10.71 2.56 -17.71
N ALA C 208 11.14 2.97 -16.51
CA ALA C 208 10.28 3.73 -15.56
C ALA C 208 10.38 5.22 -15.86
N ASN C 209 9.25 5.82 -16.23
CA ASN C 209 9.29 7.21 -16.68
C ASN C 209 9.24 8.25 -15.54
N HIS C 210 9.28 7.83 -14.29
CA HIS C 210 9.46 8.74 -13.15
C HIS C 210 10.92 8.95 -12.75
N VAL C 211 11.83 8.19 -13.38
CA VAL C 211 13.26 8.23 -13.01
C VAL C 211 13.96 9.34 -13.80
N HIS C 212 14.64 10.26 -13.11
CA HIS C 212 15.33 11.39 -13.76
C HIS C 212 16.52 11.80 -12.93
N GLY C 213 17.50 12.45 -13.55
CA GLY C 213 18.62 13.02 -12.81
C GLY C 213 19.70 12.03 -12.43
N VAL C 214 20.41 12.34 -11.36
CA VAL C 214 21.61 11.61 -10.99
C VAL C 214 21.24 10.46 -10.07
N LEU C 215 21.75 9.27 -10.40
CA LEU C 215 21.61 8.07 -9.57
C LEU C 215 22.97 7.47 -9.30
N ASN C 216 23.23 7.10 -8.05
CA ASN C 216 24.49 6.48 -7.71
C ASN C 216 24.37 4.99 -8.00
N GLY C 217 25.18 4.51 -8.96
CA GLY C 217 25.23 3.10 -9.30
C GLY C 217 26.17 2.31 -8.39
N VAL C 218 25.77 2.23 -7.11
CA VAL C 218 26.51 1.48 -6.10
C VAL C 218 25.55 0.62 -5.28
N ALA C 219 26.03 -0.51 -4.82
CA ALA C 219 25.27 -1.33 -3.90
C ALA C 219 25.21 -0.53 -2.59
N PRO C 220 24.12 -0.65 -1.84
CA PRO C 220 24.03 0.03 -0.55
C PRO C 220 24.90 -0.66 0.49
N SER C 221 26.21 -0.51 0.36
CA SER C 221 27.15 -1.25 1.16
C SER C 221 28.17 -0.27 1.69
N SER C 222 28.88 -0.68 2.74
CA SER C 222 29.97 0.11 3.31
C SER C 222 31.33 -0.59 3.21
N ALA C 223 31.48 -1.48 2.25
CA ALA C 223 32.70 -2.23 2.11
C ALA C 223 33.92 -1.29 2.07
N THR C 224 34.99 -1.69 2.76
CA THR C 224 36.31 -1.13 2.54
C THR C 224 37.06 -2.09 1.61
N ASN C 225 38.17 -1.64 1.04
CA ASN C 225 38.99 -2.53 0.20
C ASN C 225 39.48 -3.78 0.95
N ALA C 226 39.87 -3.63 2.22
CA ALA C 226 40.28 -4.77 3.05
C ALA C 226 39.14 -5.77 3.17
N GLU C 227 37.91 -5.28 3.40
CA GLU C 227 36.77 -6.16 3.51
C GLU C 227 36.49 -6.87 2.16
N PHE C 228 36.67 -6.16 1.07
CA PHE C 228 36.56 -6.78 -0.27
C PHE C 228 37.52 -7.96 -0.49
N ALA C 229 38.80 -7.75 -0.19
CA ALA C 229 39.83 -8.80 -0.38
C ALA C 229 39.54 -10.03 0.45
N GLN C 230 39.17 -9.80 1.71
CA GLN C 230 38.84 -10.87 2.63
C GLN C 230 37.62 -11.66 2.14
N THR C 231 36.54 -10.96 1.78
CA THR C 231 35.27 -11.60 1.38
C THR C 231 35.47 -12.37 0.07
N PHE C 232 36.34 -11.85 -0.77
CA PHE C 232 36.55 -12.46 -2.05
C PHE C 232 37.35 -13.76 -1.89
N GLY C 233 38.39 -13.70 -1.08
CA GLY C 233 39.12 -14.88 -0.70
C GLY C 233 38.19 -15.94 -0.11
N ALA C 234 37.39 -15.55 0.88
CA ALA C 234 36.46 -16.49 1.48
C ALA C 234 35.56 -17.11 0.41
N ALA C 235 35.01 -16.32 -0.52
CA ALA C 235 34.10 -16.84 -1.53
C ALA C 235 34.77 -17.83 -2.48
N LEU C 236 36.08 -17.70 -2.68
CA LEU C 236 36.83 -18.61 -3.55
C LEU C 236 37.49 -19.75 -2.77
N GLY C 237 37.44 -19.68 -1.45
CA GLY C 237 38.15 -20.65 -0.59
C GLY C 237 39.66 -20.49 -0.63
N ARG C 238 40.11 -19.26 -0.59
CA ARG C 238 41.50 -18.96 -0.67
C ARG C 238 42.02 -17.99 0.37
N ARG C 239 43.29 -18.18 0.70
CA ARG C 239 44.11 -17.18 1.37
C ARG C 239 44.07 -15.89 0.54
N ALA C 240 43.78 -14.75 1.17
CA ALA C 240 43.91 -13.45 0.51
C ALA C 240 44.69 -12.47 1.41
N PHE C 241 45.92 -12.85 1.79
CA PHE C 241 46.72 -12.20 2.85
C PHE C 241 47.86 -11.33 2.29
N ILE C 242 48.01 -11.21 0.98
CA ILE C 242 49.19 -10.54 0.36
C ILE C 242 48.91 -9.09 -0.06
N PRO C 243 49.40 -8.11 0.72
CA PRO C 243 49.02 -6.70 0.41
C PRO C 243 49.81 -6.17 -0.76
N LEU C 244 49.16 -5.36 -1.61
CA LEU C 244 49.85 -4.64 -2.69
C LEU C 244 50.26 -3.27 -2.17
N PRO C 245 51.56 -3.05 -1.94
CA PRO C 245 51.94 -1.74 -1.47
C PRO C 245 51.56 -0.61 -2.44
N SER C 246 51.45 0.59 -1.90
CA SER C 246 51.12 1.77 -2.68
C SER C 246 52.12 2.03 -3.78
N ALA C 247 53.40 1.98 -3.44
CA ALA C 247 54.50 2.23 -4.39
C ALA C 247 54.36 1.37 -5.63
N VAL C 248 53.93 0.12 -5.46
CA VAL C 248 53.88 -0.85 -6.56
C VAL C 248 52.67 -0.61 -7.44
N VAL C 249 51.55 -0.24 -6.82
CA VAL C 249 50.38 0.13 -7.61
C VAL C 249 50.66 1.41 -8.40
N GLN C 250 51.36 2.35 -7.80
CA GLN C 250 51.73 3.59 -8.48
C GLN C 250 52.68 3.32 -9.63
N ALA C 251 53.60 2.39 -9.43
CA ALA C 251 54.55 2.01 -10.48
C ALA C 251 53.83 1.47 -11.69
N VAL C 252 52.82 0.63 -11.47
CA VAL C 252 52.13 0.00 -12.59
C VAL C 252 51.11 0.91 -13.26
N PHE C 253 50.35 1.66 -12.46
CA PHE C 253 49.24 2.46 -12.99
C PHE C 253 49.49 3.95 -13.11
N GLY C 254 50.53 4.46 -12.43
CA GLY C 254 50.73 5.91 -12.29
C GLY C 254 50.00 6.55 -11.12
N ARG C 255 50.51 7.68 -10.64
CA ARG C 255 49.97 8.36 -9.45
C ARG C 255 48.47 8.59 -9.60
N GLN C 256 48.09 9.11 -10.76
CA GLN C 256 46.74 9.61 -10.99
C GLN C 256 45.70 8.49 -10.99
N ARG C 257 45.97 7.40 -11.70
CA ARG C 257 45.05 6.25 -11.69
C ARG C 257 45.06 5.50 -10.38
N ALA C 258 46.22 5.46 -9.75
CA ALA C 258 46.36 4.80 -8.47
C ALA C 258 45.33 5.31 -7.43
N ILE C 259 44.92 6.57 -7.57
CA ILE C 259 43.88 7.17 -6.75
C ILE C 259 42.60 6.30 -6.74
N MSE C 260 42.25 5.77 -7.91
CA MSE C 260 41.08 4.94 -8.02
C MSE C 260 41.22 3.64 -7.27
O MSE C 260 40.21 2.97 -7.01
CB MSE C 260 40.83 4.62 -9.49
CG MSE C 260 40.23 5.82 -10.18
SE MSE C 260 40.13 5.55 -12.10
CE MSE C 260 40.76 3.69 -12.21
N LEU C 261 42.46 3.24 -6.96
CA LEU C 261 42.74 1.94 -6.32
C LEU C 261 43.06 2.10 -4.82
N LEU C 262 43.87 3.10 -4.49
CA LEU C 262 44.38 3.29 -3.14
C LEU C 262 43.45 4.13 -2.27
N GLU C 263 42.55 4.88 -2.88
CA GLU C 263 41.64 5.75 -2.14
C GLU C 263 40.19 5.46 -2.49
N GLY C 264 39.27 6.10 -1.79
CA GLY C 264 37.85 5.83 -1.98
C GLY C 264 36.86 6.82 -1.40
N GLN C 265 35.62 6.69 -1.88
CA GLN C 265 34.50 7.55 -1.50
C GLN C 265 33.42 6.67 -0.86
N LYS C 266 32.88 7.10 0.26
CA LYS C 266 31.70 6.42 0.79
C LYS C 266 30.46 7.00 0.06
N VAL C 267 29.83 6.20 -0.80
CA VAL C 267 28.75 6.68 -1.65
C VAL C 267 27.43 5.96 -1.37
N ILE C 268 26.39 6.73 -1.03
CA ILE C 268 25.05 6.19 -0.73
C ILE C 268 24.15 6.34 -1.95
N PRO C 269 23.44 5.28 -2.32
CA PRO C 269 22.52 5.32 -3.43
C PRO C 269 21.14 5.72 -2.95
N ARG C 270 21.00 6.96 -2.49
CA ARG C 270 19.73 7.42 -1.91
C ARG C 270 18.68 7.53 -2.98
N ARG C 271 19.00 8.29 -4.02
CA ARG C 271 18.09 8.49 -5.12
C ARG C 271 17.82 7.20 -5.90
N THR C 272 18.82 6.33 -5.98
CA THR C 272 18.67 5.06 -6.69
C THR C 272 17.61 4.23 -5.99
N LEU C 273 17.71 4.12 -4.66
CA LEU C 273 16.71 3.38 -3.90
C LEU C 273 15.33 4.04 -3.98
N ALA C 274 15.30 5.37 -4.01
CA ALA C 274 14.02 6.09 -4.09
C ALA C 274 13.28 5.86 -5.41
N THR C 275 13.96 5.36 -6.45
CA THR C 275 13.31 5.07 -7.73
C THR C 275 12.48 3.81 -7.67
N GLY C 276 12.55 3.09 -6.56
CA GLY C 276 11.84 1.83 -6.43
C GLY C 276 12.66 0.62 -6.88
N TYR C 277 13.87 0.87 -7.43
CA TYR C 277 14.74 -0.23 -7.83
C TYR C 277 15.12 -1.08 -6.63
N GLN C 278 15.17 -2.38 -6.87
CA GLN C 278 15.47 -3.34 -5.83
C GLN C 278 16.64 -4.23 -6.21
N TYR C 279 17.66 -4.20 -5.37
CA TYR C 279 18.93 -4.83 -5.69
C TYR C 279 18.83 -6.33 -5.58
N SER C 280 19.43 -7.01 -6.54
CA SER C 280 19.59 -8.46 -6.48
C SER C 280 20.74 -8.89 -5.56
N PHE C 281 21.77 -8.05 -5.51
CA PHE C 281 23.00 -8.35 -4.77
C PHE C 281 23.47 -7.13 -3.97
N PRO C 282 22.68 -6.70 -3.01
CA PRO C 282 23.05 -5.55 -2.21
C PRO C 282 24.22 -5.77 -1.23
N GLU C 283 24.41 -7.02 -0.80
CA GLU C 283 25.44 -7.35 0.18
CA GLU C 283 25.43 -7.37 0.17
C GLU C 283 26.63 -7.93 -0.57
N LEU C 284 27.84 -7.53 -0.18
CA LEU C 284 29.05 -7.89 -0.92
C LEU C 284 29.30 -9.41 -0.97
N GLY C 285 29.09 -10.08 0.16
CA GLY C 285 29.22 -11.53 0.22
C GLY C 285 28.33 -12.23 -0.79
N ALA C 286 27.06 -11.85 -0.87
CA ALA C 286 26.15 -12.47 -1.83
C ALA C 286 26.61 -12.23 -3.26
N ALA C 287 27.13 -11.01 -3.52
CA ALA C 287 27.62 -10.64 -4.85
C ALA C 287 28.82 -11.51 -5.28
N LEU C 288 29.82 -11.62 -4.41
CA LEU C 288 31.03 -12.34 -4.73
C LEU C 288 30.75 -13.85 -4.81
N LYS C 289 29.79 -14.32 -4.03
CA LYS C 289 29.37 -15.72 -4.06
C LYS C 289 28.77 -16.08 -5.42
N GLU C 290 27.96 -15.20 -5.99
CA GLU C 290 27.43 -15.40 -7.35
C GLU C 290 28.57 -15.51 -8.38
N ILE C 291 29.51 -14.58 -8.31
CA ILE C 291 30.64 -14.54 -9.21
C ILE C 291 31.51 -15.79 -9.05
N ALA C 292 31.78 -16.19 -7.81
CA ALA C 292 32.63 -17.35 -7.52
C ALA C 292 31.99 -18.70 -7.87
N GLU C 293 30.69 -18.83 -7.70
CA GLU C 293 30.03 -20.14 -7.88
C GLU C 293 29.70 -20.45 -9.35
N ASN C 294 29.80 -19.43 -10.19
CA ASN C 294 29.45 -19.53 -11.62
C ASN C 294 30.70 -19.18 -12.44
N LEU C 295 31.36 -20.18 -13.04
CA LEU C 295 32.64 -19.96 -13.79
C LEU C 295 32.85 -21.03 -14.89
N MSE D 1 -22.27 17.08 -22.51
CA MSE D 1 -20.84 17.46 -22.57
C MSE D 1 -20.53 18.69 -21.78
O MSE D 1 -21.33 19.61 -21.76
CB MSE D 1 -20.50 17.81 -24.01
CG MSE D 1 -19.11 17.37 -24.41
SE MSE D 1 -18.76 17.87 -26.26
CE MSE D 1 -20.34 18.88 -26.77
N ARG D 2 -19.34 18.74 -21.17
CA ARG D 2 -18.86 19.99 -20.54
C ARG D 2 -17.76 20.61 -21.41
N VAL D 3 -17.94 21.86 -21.84
CA VAL D 3 -16.95 22.55 -22.69
C VAL D 3 -16.32 23.75 -21.98
N LEU D 4 -14.99 23.83 -22.03
CA LEU D 4 -14.25 24.98 -21.50
C LEU D 4 -13.90 25.91 -22.66
N VAL D 5 -14.40 27.14 -22.67
CA VAL D 5 -14.17 28.07 -23.82
C VAL D 5 -13.31 29.27 -23.44
N GLY D 6 -12.06 29.22 -23.84
CA GLY D 6 -11.14 30.32 -23.63
C GLY D 6 -11.53 31.51 -24.50
N GLY D 7 -11.62 32.68 -23.90
CA GLY D 7 -12.03 33.86 -24.61
C GLY D 7 -13.49 33.82 -25.02
N GLY D 8 -14.27 32.98 -24.37
CA GLY D 8 -15.66 32.77 -24.74
C GLY D 8 -16.64 33.91 -24.46
N THR D 9 -16.20 34.96 -23.79
CA THR D 9 -17.02 36.16 -23.63
C THR D 9 -17.24 36.93 -24.94
N GLY D 10 -16.39 36.66 -25.94
CA GLY D 10 -16.36 37.47 -27.15
C GLY D 10 -17.46 37.19 -28.14
N PHE D 11 -17.23 37.67 -29.36
CA PHE D 11 -18.20 37.61 -30.45
C PHE D 11 -18.50 36.17 -30.86
N ILE D 12 -17.47 35.43 -31.28
CA ILE D 12 -17.64 34.04 -31.67
C ILE D 12 -18.05 33.24 -30.45
N GLY D 13 -17.43 33.54 -29.32
CA GLY D 13 -17.64 32.80 -28.12
C GLY D 13 -19.07 32.83 -27.65
N THR D 14 -19.69 33.99 -27.74
CA THR D 14 -21.07 34.15 -27.28
C THR D 14 -22.02 33.36 -28.13
N ALA D 15 -21.80 33.33 -29.44
CA ALA D 15 -22.63 32.54 -30.35
C ALA D 15 -22.39 31.06 -30.04
N LEU D 16 -21.14 30.66 -29.83
CA LEU D 16 -20.82 29.25 -29.58
C LEU D 16 -21.45 28.78 -28.27
N THR D 17 -21.39 29.62 -27.25
CA THR D 17 -21.95 29.28 -25.95
C THR D 17 -23.47 29.11 -26.09
N GLN D 18 -24.13 30.01 -26.80
CA GLN D 18 -25.56 29.92 -26.97
C GLN D 18 -25.96 28.62 -27.66
N LEU D 19 -25.21 28.22 -28.70
CA LEU D 19 -25.57 27.01 -29.45
C LEU D 19 -25.26 25.75 -28.64
N LEU D 20 -24.10 25.72 -27.99
CA LEU D 20 -23.74 24.63 -27.07
C LEU D 20 -24.78 24.42 -25.96
N ASN D 21 -25.19 25.49 -25.29
CA ASN D 21 -26.22 25.39 -24.23
C ASN D 21 -27.51 24.80 -24.81
N ALA D 22 -27.94 25.36 -25.94
CA ALA D 22 -29.20 24.97 -26.59
C ALA D 22 -29.18 23.46 -26.91
N ARG D 23 -28.00 22.93 -27.23
CA ARG D 23 -27.84 21.54 -27.61
C ARG D 23 -27.53 20.59 -26.43
N GLY D 24 -27.66 21.10 -25.21
CA GLY D 24 -27.60 20.30 -23.98
C GLY D 24 -26.26 20.24 -23.27
N HIS D 25 -25.36 21.14 -23.61
CA HIS D 25 -24.01 21.16 -23.04
C HIS D 25 -23.84 22.23 -22.00
N GLU D 26 -23.01 21.96 -21.00
CA GLU D 26 -22.56 23.00 -20.05
C GLU D 26 -21.28 23.69 -20.53
N VAL D 27 -21.21 25.00 -20.35
CA VAL D 27 -20.05 25.79 -20.74
C VAL D 27 -19.44 26.54 -19.56
N THR D 28 -18.13 26.44 -19.42
CA THR D 28 -17.33 27.32 -18.55
C THR D 28 -16.44 28.18 -19.43
N LEU D 29 -16.29 29.47 -19.10
CA LEU D 29 -15.41 30.36 -19.87
C LEU D 29 -14.06 30.55 -19.18
N VAL D 30 -13.00 30.73 -19.95
CA VAL D 30 -11.74 31.26 -19.39
C VAL D 30 -11.67 32.71 -19.81
N SER D 31 -11.41 33.59 -18.85
CA SER D 31 -11.50 35.03 -19.07
C SER D 31 -10.43 35.76 -18.28
N ARG D 32 -10.08 36.97 -18.71
CA ARG D 32 -9.16 37.80 -17.94
C ARG D 32 -9.79 38.32 -16.67
N LYS D 33 -11.10 38.39 -16.63
CA LYS D 33 -11.83 38.96 -15.50
C LYS D 33 -12.69 37.84 -14.87
N PRO D 34 -12.66 37.72 -13.53
CA PRO D 34 -13.35 36.61 -12.89
C PRO D 34 -14.87 36.80 -12.90
N GLY D 35 -15.56 35.82 -12.35
CA GLY D 35 -17.00 35.87 -12.27
C GLY D 35 -17.64 34.49 -12.38
N PRO D 36 -18.98 34.47 -12.45
CA PRO D 36 -19.67 33.18 -12.40
C PRO D 36 -19.63 32.52 -13.78
N GLY D 37 -19.58 31.20 -13.79
CA GLY D 37 -19.51 30.45 -15.05
C GLY D 37 -18.17 30.56 -15.76
N ARG D 38 -17.15 31.00 -15.02
CA ARG D 38 -15.83 31.18 -15.64
C ARG D 38 -14.66 31.13 -14.66
N ILE D 39 -13.48 30.83 -15.19
CA ILE D 39 -12.26 30.92 -14.41
C ILE D 39 -11.27 31.81 -15.14
N THR D 40 -10.31 32.39 -14.40
CA THR D 40 -9.34 33.28 -15.02
C THR D 40 -8.11 32.54 -15.52
N TRP D 41 -7.35 33.21 -16.37
CA TRP D 41 -6.10 32.65 -16.90
C TRP D 41 -5.12 32.39 -15.83
N ASP D 42 -5.02 33.34 -14.92
CA ASP D 42 -4.13 33.17 -13.76
C ASP D 42 -4.48 31.95 -12.95
N GLU D 43 -5.77 31.72 -12.78
CA GLU D 43 -6.22 30.61 -12.02
C GLU D 43 -5.93 29.30 -12.74
N LEU D 44 -6.10 29.28 -14.06
CA LEU D 44 -5.82 28.07 -14.87
C LEU D 44 -4.35 27.67 -14.76
N ALA D 45 -3.47 28.66 -14.79
CA ALA D 45 -2.02 28.44 -14.72
C ALA D 45 -1.62 27.93 -13.34
N ALA D 46 -2.34 28.38 -12.32
CA ALA D 46 -2.02 28.05 -10.95
C ALA D 46 -2.44 26.65 -10.58
N SER D 47 -3.72 26.36 -10.79
CA SER D 47 -4.31 25.12 -10.30
C SER D 47 -4.77 24.14 -11.39
N GLY D 48 -4.65 24.51 -12.66
CA GLY D 48 -4.85 23.56 -13.73
C GLY D 48 -6.20 23.55 -14.41
N LEU D 49 -6.39 22.57 -15.28
CA LEU D 49 -7.59 22.51 -16.15
C LEU D 49 -8.79 22.00 -15.35
N PRO D 50 -9.90 22.76 -15.35
CA PRO D 50 -11.07 22.26 -14.64
C PRO D 50 -11.67 21.08 -15.39
N SER D 51 -12.51 20.30 -14.70
CA SER D 51 -13.12 19.13 -15.31
C SER D 51 -13.90 19.54 -16.58
N CYS D 52 -13.54 18.93 -17.70
CA CYS D 52 -14.24 19.18 -18.95
C CYS D 52 -14.00 18.04 -19.92
N ASP D 53 -14.96 17.83 -20.83
CA ASP D 53 -14.87 16.81 -21.86
C ASP D 53 -14.20 17.34 -23.12
N ALA D 54 -14.25 18.66 -23.29
CA ALA D 54 -13.68 19.31 -24.47
C ALA D 54 -13.29 20.76 -24.16
N ALA D 55 -12.33 21.29 -24.89
CA ALA D 55 -11.88 22.68 -24.71
C ALA D 55 -11.72 23.38 -26.04
N VAL D 56 -11.99 24.69 -26.04
CA VAL D 56 -11.84 25.53 -27.21
C VAL D 56 -11.10 26.79 -26.80
N ASN D 57 -10.21 27.31 -27.65
CA ASN D 57 -9.66 28.66 -27.43
C ASN D 57 -10.04 29.66 -28.51
N LEU D 58 -10.60 30.80 -28.07
CA LEU D 58 -10.95 31.91 -28.93
C LEU D 58 -10.23 33.22 -28.51
N ALA D 59 -9.41 33.14 -27.46
CA ALA D 59 -8.84 34.35 -26.85
C ALA D 59 -7.88 35.07 -27.80
N GLY D 60 -8.00 36.39 -27.88
CA GLY D 60 -7.08 37.19 -28.69
C GLY D 60 -7.39 38.70 -28.65
N GLU D 61 -6.36 39.51 -28.47
CA GLU D 61 -6.48 40.94 -28.62
C GLU D 61 -7.01 41.22 -30.03
N ASN D 62 -7.99 42.10 -30.13
CA ASN D 62 -8.64 42.37 -31.40
C ASN D 62 -7.70 43.04 -32.40
N ILE D 63 -7.54 42.41 -33.55
CA ILE D 63 -6.60 42.86 -34.56
C ILE D 63 -7.09 44.08 -35.36
N LEU D 64 -8.32 44.00 -35.87
CA LEU D 64 -8.85 45.07 -36.78
C LEU D 64 -9.05 46.40 -36.04
N ASN D 65 -9.25 46.36 -34.71
CA ASN D 65 -9.44 47.58 -33.89
C ASN D 65 -8.76 48.89 -34.39
N PRO D 66 -9.50 49.72 -35.14
CA PRO D 66 -8.95 50.98 -35.72
C PRO D 66 -8.48 51.99 -34.70
N LEU D 67 -8.91 51.83 -33.45
CA LEU D 67 -8.51 52.78 -32.39
C LEU D 67 -7.07 52.53 -31.88
N ARG D 68 -6.44 51.44 -32.32
CA ARG D 68 -5.04 51.22 -31.95
C ARG D 68 -4.12 51.24 -33.18
N ARG D 69 -3.02 51.99 -33.06
CA ARG D 69 -2.04 52.14 -34.15
C ARG D 69 -1.25 50.86 -34.22
N TRP D 70 -0.88 50.44 -35.43
CA TRP D 70 -0.10 49.21 -35.59
C TRP D 70 1.34 49.40 -35.24
N ASN D 71 1.64 49.51 -33.96
CA ASN D 71 3.05 49.58 -33.52
C ASN D 71 3.53 48.24 -32.98
N GLU D 72 4.79 48.22 -32.55
CA GLU D 72 5.42 47.03 -32.04
C GLU D 72 4.72 46.53 -30.77
N THR D 73 4.29 47.47 -29.92
CA THR D 73 3.60 47.11 -28.68
C THR D 73 2.32 46.34 -28.93
N PHE D 74 1.53 46.85 -29.88
CA PHE D 74 0.24 46.26 -30.26
C PHE D 74 0.43 44.93 -30.98
N GLN D 75 1.44 44.90 -31.82
CA GLN D 75 1.92 43.67 -32.42
C GLN D 75 2.24 42.61 -31.38
N LYS D 76 3.01 42.98 -30.37
CA LYS D 76 3.35 42.06 -29.30
C LYS D 76 2.12 41.54 -28.57
N GLU D 77 1.13 42.41 -28.30
CA GLU D 77 -0.12 41.91 -27.68
C GLU D 77 -0.94 41.01 -28.61
N VAL D 78 -0.96 41.31 -29.91
CA VAL D 78 -1.73 40.49 -30.84
C VAL D 78 -1.16 39.08 -30.79
N LEU D 79 0.17 39.00 -30.84
CA LEU D 79 0.87 37.72 -30.83
C LEU D 79 0.79 37.04 -29.48
N GLY D 80 1.20 37.76 -28.45
CA GLY D 80 1.31 37.21 -27.10
C GLY D 80 -0.02 36.73 -26.56
N SER D 81 -1.07 37.49 -26.78
CA SER D 81 -2.40 37.13 -26.29
C SER D 81 -2.87 35.79 -26.84
N ARG D 82 -2.55 35.51 -28.10
CA ARG D 82 -2.92 34.23 -28.71
C ARG D 82 -2.00 33.05 -28.33
N LEU D 83 -0.68 33.24 -28.35
CA LEU D 83 0.25 32.17 -28.00
C LEU D 83 0.16 31.80 -26.52
N GLU D 84 0.10 32.79 -25.65
CA GLU D 84 0.16 32.51 -24.20
C GLU D 84 -1.09 31.80 -23.74
N THR D 85 -2.26 32.32 -24.10
CA THR D 85 -3.51 31.63 -23.75
C THR D 85 -3.58 30.23 -24.35
N THR D 86 -3.22 30.10 -25.62
CA THR D 86 -3.26 28.78 -26.28
C THR D 86 -2.27 27.80 -25.62
N GLN D 87 -1.07 28.27 -25.33
CA GLN D 87 -0.04 27.43 -24.71
C GLN D 87 -0.46 26.97 -23.31
N LEU D 88 -1.10 27.88 -22.59
CA LEU D 88 -1.49 27.65 -21.22
C LEU D 88 -2.54 26.54 -21.18
N LEU D 89 -3.47 26.58 -22.13
CA LEU D 89 -4.50 25.54 -22.26
C LEU D 89 -3.89 24.21 -22.69
N ALA D 90 -3.02 24.25 -23.69
CA ALA D 90 -2.35 23.06 -24.18
C ALA D 90 -1.60 22.33 -23.06
N LYS D 91 -0.78 23.06 -22.31
CA LYS D 91 -0.02 22.46 -21.21
C LYS D 91 -0.95 21.91 -20.12
N ALA D 92 -2.05 22.60 -19.88
CA ALA D 92 -3.00 22.17 -18.87
C ALA D 92 -3.64 20.85 -19.29
N ILE D 93 -3.97 20.73 -20.58
CA ILE D 93 -4.55 19.50 -21.13
C ILE D 93 -3.56 18.35 -20.97
N THR D 94 -2.33 18.59 -21.39
CA THR D 94 -1.30 17.56 -21.35
C THR D 94 -1.10 17.04 -19.94
N LYS D 95 -1.18 17.90 -18.93
CA LYS D 95 -0.89 17.46 -17.56
C LYS D 95 -2.13 17.14 -16.73
N ALA D 96 -3.32 17.28 -17.31
CA ALA D 96 -4.55 16.93 -16.63
C ALA D 96 -4.64 15.40 -16.44
N PRO D 97 -5.07 14.94 -15.25
CA PRO D 97 -5.24 13.52 -14.98
C PRO D 97 -6.38 12.90 -15.78
N GLN D 98 -7.48 13.62 -15.91
CA GLN D 98 -8.63 13.20 -16.71
C GLN D 98 -8.70 14.17 -17.88
N PRO D 99 -7.80 14.03 -18.87
CA PRO D 99 -7.78 15.02 -19.94
C PRO D 99 -9.02 14.97 -20.84
N PRO D 100 -9.36 16.10 -21.46
CA PRO D 100 -10.53 16.18 -22.35
C PRO D 100 -10.36 15.41 -23.64
N LYS D 101 -11.46 14.89 -24.15
CA LYS D 101 -11.43 14.05 -25.36
C LYS D 101 -11.26 14.89 -26.65
N ALA D 102 -11.56 16.20 -26.60
CA ALA D 102 -11.38 17.09 -27.75
C ALA D 102 -10.74 18.47 -27.39
N TRP D 103 -10.00 19.05 -28.36
CA TRP D 103 -9.33 20.35 -28.22
C TRP D 103 -9.35 21.07 -29.53
N VAL D 104 -10.05 22.21 -29.58
CA VAL D 104 -10.34 22.88 -30.83
C VAL D 104 -9.85 24.33 -30.77
N LEU D 105 -9.08 24.74 -31.77
CA LEU D 105 -8.54 26.11 -31.84
C LEU D 105 -9.12 26.81 -33.05
N VAL D 106 -9.37 28.12 -32.90
CA VAL D 106 -9.72 28.95 -34.06
C VAL D 106 -8.52 29.82 -34.44
N THR D 107 -8.11 29.72 -35.70
CA THR D 107 -7.12 30.64 -36.23
C THR D 107 -7.71 31.24 -37.49
N GLY D 108 -6.89 31.54 -38.50
CA GLY D 108 -7.37 32.35 -39.62
C GLY D 108 -6.91 31.91 -41.01
N VAL D 109 -7.65 32.34 -42.02
CA VAL D 109 -7.27 32.06 -43.39
C VAL D 109 -6.05 32.87 -43.85
N ALA D 110 -5.60 33.83 -43.03
CA ALA D 110 -4.34 34.53 -43.28
C ALA D 110 -3.14 33.59 -43.49
N TYR D 111 -3.27 32.35 -43.07
CA TYR D 111 -2.27 31.31 -43.34
C TYR D 111 -1.96 31.19 -44.83
N TYR D 112 -2.97 31.35 -45.67
CA TYR D 112 -2.86 31.15 -47.09
C TYR D 112 -2.45 32.45 -47.79
N GLN D 113 -1.45 32.34 -48.66
CA GLN D 113 -0.88 33.50 -49.36
C GLN D 113 -1.95 34.19 -50.21
N PRO D 114 -2.20 35.48 -49.95
CA PRO D 114 -3.17 36.19 -50.75
C PRO D 114 -2.72 36.23 -52.18
N SER D 115 -3.69 36.09 -53.09
CA SER D 115 -3.43 35.85 -54.50
C SER D 115 -4.70 36.03 -55.29
N LEU D 116 -4.56 36.50 -56.52
CA LEU D 116 -5.72 36.67 -57.39
C LEU D 116 -5.98 35.42 -58.21
N THR D 117 -5.00 34.52 -58.24
CA THR D 117 -5.05 33.31 -59.08
C THR D 117 -5.13 32.00 -58.27
N ALA D 118 -4.55 31.96 -57.08
CA ALA D 118 -4.45 30.71 -56.30
C ALA D 118 -5.78 30.24 -55.77
N GLU D 119 -5.80 28.95 -55.43
CA GLU D 119 -6.93 28.31 -54.77
C GLU D 119 -6.38 27.39 -53.66
N TYR D 120 -6.91 27.52 -52.45
CA TYR D 120 -6.37 26.83 -51.30
C TYR D 120 -7.41 25.91 -50.67
N ASP D 121 -6.96 24.77 -50.16
CA ASP D 121 -7.77 24.00 -49.19
C ASP D 121 -6.95 23.70 -47.95
N GLU D 122 -7.48 22.83 -47.09
CA GLU D 122 -6.88 22.61 -45.75
C GLU D 122 -5.52 21.95 -45.81
N ASP D 123 -5.20 21.33 -46.94
CA ASP D 123 -3.90 20.70 -47.11
C ASP D 123 -2.90 21.65 -47.77
N SER D 124 -3.29 22.89 -48.09
CA SER D 124 -2.40 23.79 -48.81
C SER D 124 -1.33 24.37 -47.89
N PRO D 125 -0.13 24.61 -48.44
CA PRO D 125 0.95 25.18 -47.64
C PRO D 125 0.78 26.70 -47.45
N GLY D 126 1.46 27.23 -46.47
CA GLY D 126 1.41 28.63 -46.11
C GLY D 126 2.08 28.88 -44.78
N GLY D 127 1.66 29.95 -44.11
CA GLY D 127 2.12 30.26 -42.77
C GLY D 127 3.49 30.91 -42.60
N ASP D 128 4.05 31.47 -43.66
CA ASP D 128 5.48 31.81 -43.67
C ASP D 128 5.91 33.00 -44.51
N PHE D 129 5.01 33.95 -44.78
CA PHE D 129 5.29 35.01 -45.78
C PHE D 129 4.94 36.42 -45.32
N ASP D 130 4.29 36.54 -44.18
CA ASP D 130 3.97 37.84 -43.60
C ASP D 130 3.63 37.67 -42.13
N PHE D 131 3.33 38.75 -41.46
CA PHE D 131 3.13 38.72 -40.02
C PHE D 131 1.96 37.81 -39.63
N PHE D 132 0.85 37.92 -40.32
CA PHE D 132 -0.34 37.17 -39.96
C PHE D 132 -0.26 35.68 -40.30
N SER D 133 0.44 35.35 -41.38
CA SER D 133 0.66 33.94 -41.71
C SER D 133 1.61 33.32 -40.67
N ASN D 134 2.68 34.03 -40.33
CA ASN D 134 3.56 33.58 -39.26
C ASN D 134 2.80 33.45 -37.96
N LEU D 135 1.89 34.37 -37.71
CA LEU D 135 1.09 34.30 -36.50
C LEU D 135 0.37 32.97 -36.46
N VAL D 136 -0.36 32.64 -37.52
CA VAL D 136 -1.14 31.41 -37.53
C VAL D 136 -0.24 30.18 -37.30
N THR D 137 0.95 30.14 -37.92
CA THR D 137 1.87 29.02 -37.67
C THR D 137 2.21 28.85 -36.18
N LYS D 138 2.65 29.93 -35.55
CA LYS D 138 3.09 29.89 -34.15
C LYS D 138 1.91 29.56 -33.26
N TRP D 139 0.77 30.11 -33.62
CA TRP D 139 -0.48 29.95 -32.89
C TRP D 139 -0.90 28.51 -32.88
N GLU D 140 -0.89 27.90 -34.06
CA GLU D 140 -1.20 26.50 -34.16
C GLU D 140 -0.13 25.64 -33.46
N ALA D 141 1.13 26.02 -33.58
CA ALA D 141 2.20 25.28 -32.93
C ALA D 141 2.00 25.29 -31.42
N ALA D 142 1.53 26.41 -30.87
CA ALA D 142 1.28 26.52 -29.44
C ALA D 142 0.17 25.57 -28.98
N ALA D 143 -0.79 25.28 -29.87
CA ALA D 143 -1.92 24.40 -29.54
C ALA D 143 -1.59 22.93 -29.68
N ARG D 144 -0.51 22.61 -30.36
CA ARG D 144 -0.24 21.22 -30.74
C ARG D 144 0.17 20.39 -29.53
N LEU D 145 -0.64 19.39 -29.22
CA LEU D 145 -0.38 18.50 -28.09
C LEU D 145 0.47 17.37 -28.60
N PRO D 146 1.50 16.96 -27.82
CA PRO D 146 2.07 15.63 -28.09
C PRO D 146 1.11 14.56 -27.52
N GLY D 147 1.20 13.35 -28.04
CA GLY D 147 0.28 12.32 -27.57
C GLY D 147 -1.05 12.42 -28.31
N ASP D 148 -1.74 11.29 -28.39
CA ASP D 148 -2.92 11.14 -29.23
C ASP D 148 -4.19 10.97 -28.38
N SER D 149 -4.10 11.07 -27.05
CA SER D 149 -5.28 10.93 -26.17
C SER D 149 -6.38 11.93 -26.40
N THR D 150 -6.04 13.09 -26.92
CA THR D 150 -7.02 14.14 -27.14
C THR D 150 -7.10 14.48 -28.62
N ARG D 151 -8.32 14.38 -29.15
CA ARG D 151 -8.64 14.74 -30.53
C ARG D 151 -8.35 16.24 -30.75
N GLN D 152 -7.67 16.56 -31.84
CA GLN D 152 -7.22 17.95 -32.10
C GLN D 152 -7.85 18.45 -33.38
N VAL D 153 -8.43 19.64 -33.30
CA VAL D 153 -9.03 20.30 -34.46
C VAL D 153 -8.58 21.75 -34.50
N VAL D 154 -8.25 22.24 -35.69
CA VAL D 154 -7.95 23.65 -35.86
C VAL D 154 -8.86 24.17 -36.96
N VAL D 155 -9.67 25.19 -36.66
CA VAL D 155 -10.53 25.81 -37.65
C VAL D 155 -9.97 27.14 -38.07
N ARG D 156 -9.51 27.22 -39.32
CA ARG D 156 -9.00 28.48 -39.90
C ARG D 156 -10.16 29.25 -40.46
N SER D 157 -10.50 30.36 -39.80
CA SER D 157 -11.73 31.07 -40.09
C SER D 157 -11.54 32.21 -41.07
N GLY D 158 -12.54 32.42 -41.92
CA GLY D 158 -12.64 33.64 -42.70
C GLY D 158 -13.30 34.72 -41.88
N VAL D 159 -13.73 35.79 -42.54
CA VAL D 159 -14.39 36.91 -41.86
C VAL D 159 -15.74 36.45 -41.37
N VAL D 160 -16.00 36.61 -40.07
CA VAL D 160 -17.18 36.09 -39.46
C VAL D 160 -18.23 37.17 -39.48
N LEU D 161 -19.29 36.96 -40.25
CA LEU D 161 -20.31 37.99 -40.43
C LEU D 161 -21.50 37.68 -39.54
N GLY D 162 -21.92 38.65 -38.73
CA GLY D 162 -23.05 38.45 -37.87
C GLY D 162 -23.52 39.71 -37.19
N ARG D 163 -24.75 39.67 -36.67
CA ARG D 163 -25.28 40.78 -35.88
C ARG D 163 -24.47 40.83 -34.57
N GLY D 164 -24.30 42.03 -34.04
CA GLY D 164 -23.85 42.21 -32.68
C GLY D 164 -22.37 41.97 -32.47
N GLY D 165 -21.57 42.29 -33.46
CA GLY D 165 -20.12 42.31 -33.28
C GLY D 165 -19.32 41.98 -34.51
N GLY D 166 -18.03 41.76 -34.31
CA GLY D 166 -17.09 41.49 -35.38
C GLY D 166 -16.95 42.61 -36.38
N ALA D 167 -16.66 42.26 -37.61
CA ALA D 167 -16.53 43.23 -38.68
C ALA D 167 -17.83 44.03 -38.94
N MSE D 168 -18.98 43.39 -38.84
CA MSE D 168 -20.27 44.08 -39.07
C MSE D 168 -20.48 45.18 -38.07
O MSE D 168 -21.12 46.18 -38.36
CB MSE D 168 -21.44 43.08 -38.99
CG MSE D 168 -21.45 42.15 -40.19
SE MSE D 168 -22.05 43.14 -41.76
CE MSE D 168 -21.83 41.65 -43.01
N GLY D 169 -19.93 45.01 -36.87
CA GLY D 169 -19.93 46.12 -35.91
C GLY D 169 -19.41 47.43 -36.52
N HIS D 170 -18.37 47.37 -37.32
CA HIS D 170 -17.81 48.54 -38.00
C HIS D 170 -18.49 48.95 -39.29
N MSE D 171 -19.09 48.00 -39.99
CA MSE D 171 -19.55 48.23 -41.36
C MSE D 171 -21.01 48.59 -41.45
O MSE D 171 -21.44 49.21 -42.41
CB MSE D 171 -19.33 46.97 -42.19
CG MSE D 171 -17.89 46.84 -42.67
SE MSE D 171 -17.67 45.30 -43.88
CE MSE D 171 -18.33 43.88 -42.67
N LEU D 172 -21.78 48.19 -40.44
CA LEU D 172 -23.22 48.14 -40.59
C LEU D 172 -23.84 49.52 -40.68
N LEU D 173 -23.43 50.45 -39.81
CA LEU D 173 -24.01 51.78 -39.84
C LEU D 173 -23.65 52.55 -41.12
N PRO D 174 -22.36 52.57 -41.50
CA PRO D 174 -22.03 53.24 -42.76
C PRO D 174 -22.77 52.68 -43.97
N PHE D 175 -22.81 51.36 -44.10
CA PHE D 175 -23.56 50.76 -45.18
C PHE D 175 -25.03 51.18 -45.16
N ARG D 176 -25.63 51.15 -43.98
CA ARG D 176 -27.03 51.55 -43.81
C ARG D 176 -27.27 52.98 -44.22
N LEU D 177 -26.23 53.81 -44.17
CA LEU D 177 -26.36 55.21 -44.51
C LEU D 177 -25.95 55.51 -45.94
N GLY D 178 -25.68 54.47 -46.73
CA GLY D 178 -25.29 54.62 -48.13
C GLY D 178 -23.83 54.98 -48.37
N LEU D 179 -23.00 54.74 -47.36
CA LEU D 179 -21.57 55.10 -47.41
C LEU D 179 -20.71 53.87 -47.70
N GLY D 180 -21.38 52.75 -47.93
CA GLY D 180 -20.66 51.51 -48.23
C GLY D 180 -20.13 51.46 -49.63
N GLY D 181 -19.29 50.45 -49.86
CA GLY D 181 -18.73 50.18 -51.19
C GLY D 181 -17.51 49.30 -51.18
N PRO D 182 -16.92 49.07 -52.37
CA PRO D 182 -15.75 48.21 -52.45
C PRO D 182 -14.53 48.81 -51.79
N ILE D 183 -13.68 47.94 -51.26
CA ILE D 183 -12.41 48.30 -50.68
C ILE D 183 -11.34 48.05 -51.74
N GLY D 184 -10.64 49.10 -52.14
CA GLY D 184 -9.58 48.97 -53.15
C GLY D 184 -10.16 48.69 -54.50
N SER D 185 -9.62 47.72 -55.23
CA SER D 185 -10.16 47.36 -56.53
C SER D 185 -11.49 46.64 -56.40
N GLY D 186 -11.68 45.96 -55.27
CA GLY D 186 -12.84 45.12 -55.05
C GLY D 186 -12.70 43.73 -55.65
N HIS D 187 -11.64 43.51 -56.43
CA HIS D 187 -11.46 42.24 -57.12
C HIS D 187 -11.02 41.14 -56.21
N GLN D 188 -10.49 41.50 -55.04
CA GLN D 188 -9.90 40.52 -54.13
C GLN D 188 -10.92 39.53 -53.58
N PHE D 189 -10.49 38.31 -53.37
CA PHE D 189 -11.35 37.32 -52.76
C PHE D 189 -11.73 37.71 -51.31
N PHE D 190 -12.96 37.39 -50.96
CA PHE D 190 -13.52 37.72 -49.68
C PHE D 190 -13.96 36.41 -49.00
N PRO D 191 -13.02 35.72 -48.34
CA PRO D 191 -13.39 34.56 -47.54
C PRO D 191 -14.21 34.96 -46.33
N TRP D 192 -15.40 34.39 -46.19
CA TRP D 192 -16.33 34.80 -45.14
C TRP D 192 -17.09 33.59 -44.64
N ILE D 193 -17.70 33.73 -43.48
CA ILE D 193 -18.61 32.73 -42.94
C ILE D 193 -19.64 33.43 -42.05
N HIS D 194 -20.86 32.94 -42.07
CA HIS D 194 -21.89 33.43 -41.17
C HIS D 194 -21.60 32.93 -39.77
N ILE D 195 -21.78 33.79 -38.79
CA ILE D 195 -21.46 33.42 -37.42
C ILE D 195 -22.14 32.14 -36.99
N GLY D 196 -23.36 31.90 -37.44
CA GLY D 196 -24.06 30.68 -37.10
C GLY D 196 -23.35 29.45 -37.61
N ASP D 197 -22.70 29.58 -38.76
CA ASP D 197 -21.99 28.46 -39.36
C ASP D 197 -20.60 28.22 -38.76
N LEU D 198 -19.92 29.27 -38.30
CA LEU D 198 -18.68 29.05 -37.55
C LEU D 198 -19.04 28.36 -36.24
N ALA D 199 -20.06 28.87 -35.56
CA ALA D 199 -20.55 28.27 -34.33
C ALA D 199 -20.93 26.80 -34.55
N GLY D 200 -21.56 26.53 -35.70
CA GLY D 200 -21.96 25.18 -36.06
C GLY D 200 -20.81 24.23 -36.32
N ILE D 201 -19.82 24.70 -37.07
CA ILE D 201 -18.63 23.90 -37.36
C ILE D 201 -17.91 23.57 -36.06
N LEU D 202 -17.70 24.56 -35.22
CA LEU D 202 -17.05 24.36 -33.94
C LEU D 202 -17.82 23.35 -33.09
N THR D 203 -19.14 23.48 -33.04
CA THR D 203 -19.98 22.53 -32.33
C THR D 203 -19.90 21.12 -32.89
N HIS D 204 -19.91 21.02 -34.22
CA HIS D 204 -19.76 19.71 -34.90
C HIS D 204 -18.41 19.10 -34.59
N ALA D 205 -17.37 19.94 -34.54
CA ALA D 205 -16.04 19.47 -34.17
C ALA D 205 -16.04 18.92 -32.74
N LEU D 206 -16.70 19.63 -31.82
CA LEU D 206 -16.76 19.19 -30.44
C LEU D 206 -17.57 17.90 -30.27
N GLU D 207 -18.63 17.74 -31.03
CA GLU D 207 -19.55 16.59 -30.82
C GLU D 207 -19.15 15.36 -31.59
N ALA D 208 -18.75 15.52 -32.86
CA ALA D 208 -18.46 14.41 -33.77
C ALA D 208 -17.02 13.94 -33.60
N ASN D 209 -16.83 12.69 -33.17
CA ASN D 209 -15.48 12.25 -32.85
C ASN D 209 -14.66 11.74 -34.04
N HIS D 210 -15.19 11.88 -35.24
CA HIS D 210 -14.42 11.57 -36.48
C HIS D 210 -13.70 12.80 -37.00
N VAL D 211 -13.98 13.96 -36.42
CA VAL D 211 -13.45 15.24 -36.94
C VAL D 211 -12.10 15.54 -36.33
N HIS D 212 -11.09 15.74 -37.16
CA HIS D 212 -9.71 15.97 -36.68
C HIS D 212 -8.95 16.81 -37.66
N GLY D 213 -7.90 17.49 -37.21
CA GLY D 213 -7.05 18.26 -38.08
C GLY D 213 -7.58 19.63 -38.46
N VAL D 214 -7.16 20.11 -39.62
CA VAL D 214 -7.45 21.46 -40.09
C VAL D 214 -8.77 21.48 -40.87
N LEU D 215 -9.65 22.41 -40.50
CA LEU D 215 -10.88 22.68 -41.20
C LEU D 215 -10.96 24.16 -41.57
N ASN D 216 -11.33 24.45 -42.81
CA ASN D 216 -11.44 25.86 -43.22
C ASN D 216 -12.81 26.37 -42.85
N GLY D 217 -12.85 27.35 -41.95
CA GLY D 217 -14.09 27.95 -41.47
C GLY D 217 -14.56 29.04 -42.41
N VAL D 218 -14.93 28.63 -43.62
CA VAL D 218 -15.44 29.54 -44.63
C VAL D 218 -16.68 28.93 -45.28
N ALA D 219 -17.57 29.79 -45.76
CA ALA D 219 -18.71 29.36 -46.52
C ALA D 219 -18.14 28.90 -47.86
N PRO D 220 -18.78 27.91 -48.50
CA PRO D 220 -18.31 27.46 -49.80
C PRO D 220 -18.74 28.46 -50.87
N SER D 221 -18.09 29.62 -50.86
CA SER D 221 -18.50 30.73 -51.69
C SER D 221 -17.27 31.28 -52.39
N SER D 222 -17.48 31.99 -53.49
CA SER D 222 -16.41 32.59 -54.28
C SER D 222 -16.51 34.10 -54.30
N ALA D 223 -17.18 34.66 -53.31
CA ALA D 223 -17.39 36.07 -53.26
C ALA D 223 -16.06 36.82 -53.41
N THR D 224 -16.09 37.89 -54.19
CA THR D 224 -15.05 38.91 -54.16
C THR D 224 -15.54 40.05 -53.26
N ASN D 225 -14.64 40.95 -52.86
CA ASN D 225 -15.02 42.09 -52.06
C ASN D 225 -16.05 43.00 -52.75
N ALA D 226 -15.90 43.21 -54.06
CA ALA D 226 -16.86 43.96 -54.84
C ALA D 226 -18.26 43.31 -54.77
N GLU D 227 -18.32 41.99 -54.91
CA GLU D 227 -19.59 41.26 -54.80
C GLU D 227 -20.18 41.41 -53.38
N PHE D 228 -19.32 41.36 -52.36
CA PHE D 228 -19.78 41.56 -50.97
C PHE D 228 -20.47 42.94 -50.77
N ALA D 229 -19.82 44.00 -51.23
CA ALA D 229 -20.34 45.37 -51.05
C ALA D 229 -21.70 45.52 -51.75
N GLN D 230 -21.76 45.00 -52.97
CA GLN D 230 -22.98 45.06 -53.78
C GLN D 230 -24.12 44.26 -53.12
N THR D 231 -23.85 43.03 -52.71
CA THR D 231 -24.85 42.17 -52.11
C THR D 231 -25.33 42.73 -50.76
N PHE D 232 -24.43 43.36 -50.05
CA PHE D 232 -24.75 43.90 -48.74
C PHE D 232 -25.65 45.13 -48.88
N GLY D 233 -25.31 46.00 -49.81
CA GLY D 233 -26.16 47.12 -50.17
C GLY D 233 -27.56 46.64 -50.57
N ALA D 234 -27.61 45.68 -51.49
CA ALA D 234 -28.90 45.17 -51.92
C ALA D 234 -29.69 44.67 -50.71
N ALA D 235 -29.06 43.92 -49.80
CA ALA D 235 -29.76 43.36 -48.66
C ALA D 235 -30.32 44.43 -47.70
N LEU D 236 -29.67 45.59 -47.66
CA LEU D 236 -30.11 46.68 -46.81
C LEU D 236 -31.02 47.68 -47.55
N GLY D 237 -31.12 47.52 -48.87
CA GLY D 237 -31.83 48.49 -49.73
C GLY D 237 -31.11 49.82 -49.88
N ARG D 238 -29.79 49.75 -50.06
CA ARG D 238 -28.97 50.90 -50.15
C ARG D 238 -28.00 50.93 -51.31
N ARG D 239 -27.75 52.15 -51.77
CA ARG D 239 -26.59 52.47 -52.60
C ARG D 239 -25.32 51.99 -51.87
N ALA D 240 -24.47 51.25 -52.58
CA ALA D 240 -23.14 50.89 -52.05
C ALA D 240 -22.05 51.17 -53.11
N PHE D 241 -21.99 52.42 -53.57
CA PHE D 241 -21.21 52.83 -54.75
C PHE D 241 -19.89 53.55 -54.40
N ILE D 242 -19.57 53.72 -53.12
CA ILE D 242 -18.43 54.56 -52.71
C ILE D 242 -17.17 53.76 -52.38
N PRO D 243 -16.16 53.78 -53.28
CA PRO D 243 -14.98 52.92 -53.04
C PRO D 243 -14.06 53.52 -51.99
N LEU D 244 -13.47 52.66 -51.15
CA LEU D 244 -12.41 53.09 -50.21
C LEU D 244 -11.06 52.88 -50.89
N PRO D 245 -10.37 53.97 -51.25
CA PRO D 245 -9.08 53.75 -51.91
C PRO D 245 -8.09 53.06 -50.99
N SER D 246 -7.10 52.43 -51.60
CA SER D 246 -6.07 51.71 -50.88
C SER D 246 -5.30 52.61 -49.93
N ALA D 247 -4.88 53.77 -50.42
CA ALA D 247 -4.13 54.73 -49.63
C ALA D 247 -4.82 55.05 -48.29
N VAL D 248 -6.14 55.15 -48.31
CA VAL D 248 -6.92 55.60 -47.17
C VAL D 248 -7.08 54.46 -46.18
N VAL D 249 -7.25 53.26 -46.69
CA VAL D 249 -7.27 52.10 -45.82
C VAL D 249 -5.90 51.86 -45.16
N GLN D 250 -4.83 52.07 -45.91
CA GLN D 250 -3.48 51.99 -45.35
C GLN D 250 -3.19 53.08 -44.32
N ALA D 251 -3.70 54.28 -44.55
CA ALA D 251 -3.55 55.36 -43.59
C ALA D 251 -4.20 54.99 -42.27
N VAL D 252 -5.39 54.40 -42.31
CA VAL D 252 -6.13 54.15 -41.09
C VAL D 252 -5.62 52.91 -40.37
N PHE D 253 -5.33 51.85 -41.11
CA PHE D 253 -4.99 50.55 -40.50
C PHE D 253 -3.50 50.19 -40.52
N GLY D 254 -2.71 50.87 -41.35
CA GLY D 254 -1.32 50.49 -41.58
C GLY D 254 -1.14 49.45 -42.69
N ARG D 255 0.03 49.46 -43.32
CA ARG D 255 0.32 48.62 -44.50
C ARG D 255 -0.02 47.16 -44.20
N GLN D 256 0.41 46.70 -43.04
CA GLN D 256 0.35 45.28 -42.68
C GLN D 256 -1.07 44.78 -42.47
N ARG D 257 -1.90 45.51 -41.72
CA ARG D 257 -3.32 45.13 -41.55
C ARG D 257 -4.14 45.35 -42.80
N ALA D 258 -3.78 46.37 -43.56
CA ALA D 258 -4.50 46.68 -44.80
C ALA D 258 -4.54 45.45 -45.75
N ILE D 259 -3.53 44.58 -45.66
CA ILE D 259 -3.51 43.33 -46.40
C ILE D 259 -4.78 42.51 -46.20
N MSE D 260 -5.28 42.49 -44.98
CA MSE D 260 -6.47 41.75 -44.63
C MSE D 260 -7.69 42.34 -45.27
O MSE D 260 -8.72 41.64 -45.39
CB MSE D 260 -6.69 41.75 -43.13
CG MSE D 260 -5.72 40.79 -42.44
SE MSE D 260 -5.81 41.07 -40.48
CE MSE D 260 -7.10 39.63 -40.25
N LEU D 261 -7.61 43.60 -45.69
CA LEU D 261 -8.77 44.30 -46.30
C LEU D 261 -8.66 44.42 -47.83
N LEU D 262 -7.47 44.75 -48.33
CA LEU D 262 -7.25 45.03 -49.75
C LEU D 262 -6.92 43.78 -50.58
N GLU D 263 -6.53 42.71 -49.91
CA GLU D 263 -6.19 41.47 -50.61
C GLU D 263 -6.98 40.30 -50.04
N GLY D 264 -6.84 39.14 -50.67
CA GLY D 264 -7.59 37.96 -50.29
C GLY D 264 -7.12 36.63 -50.82
N GLN D 265 -7.67 35.58 -50.22
CA GLN D 265 -7.34 34.19 -50.55
C GLN D 265 -8.61 33.50 -51.00
N LYS D 266 -8.54 32.73 -52.07
CA LYS D 266 -9.66 31.88 -52.42
C LYS D 266 -9.54 30.58 -51.61
N VAL D 267 -10.42 30.37 -50.64
CA VAL D 267 -10.30 29.25 -49.71
C VAL D 267 -11.50 28.30 -49.82
N ILE D 268 -11.23 27.03 -50.09
CA ILE D 268 -12.26 26.01 -50.18
C ILE D 268 -12.33 25.20 -48.89
N PRO D 269 -13.55 25.00 -48.36
CA PRO D 269 -13.74 24.19 -47.17
C PRO D 269 -13.95 22.73 -47.52
N ARG D 270 -12.92 22.10 -48.07
CA ARG D 270 -13.03 20.73 -48.54
C ARG D 270 -13.22 19.79 -47.37
N ARG D 271 -12.27 19.84 -46.44
CA ARG D 271 -12.32 18.99 -45.27
C ARG D 271 -13.54 19.30 -44.39
N THR D 272 -13.94 20.56 -44.33
CA THR D 272 -15.09 20.96 -43.50
C THR D 272 -16.32 20.25 -44.02
N LEU D 273 -16.53 20.30 -45.32
CA LEU D 273 -17.68 19.64 -45.93
C LEU D 273 -17.60 18.12 -45.76
N ALA D 274 -16.39 17.57 -45.81
CA ALA D 274 -16.19 16.13 -45.67
C ALA D 274 -16.53 15.64 -44.27
N THR D 275 -16.60 16.54 -43.28
CA THR D 275 -16.98 16.15 -41.91
C THR D 275 -18.48 15.86 -41.77
N GLY D 276 -19.23 16.12 -42.83
CA GLY D 276 -20.67 15.95 -42.81
C GLY D 276 -21.41 17.19 -42.37
N TYR D 277 -20.69 18.24 -41.97
CA TYR D 277 -21.32 19.51 -41.58
C TYR D 277 -22.06 20.10 -42.74
N GLN D 278 -23.21 20.68 -42.42
CA GLN D 278 -24.09 21.26 -43.40
C GLN D 278 -24.42 22.70 -43.07
N TYR D 279 -24.09 23.58 -44.01
CA TYR D 279 -24.16 25.01 -43.78
C TYR D 279 -25.59 25.51 -43.77
N SER D 280 -25.89 26.37 -42.81
CA SER D 280 -27.17 27.08 -42.77
C SER D 280 -27.22 28.26 -43.75
N PHE D 281 -26.07 28.90 -43.98
CA PHE D 281 -25.97 30.08 -44.84
C PHE D 281 -24.75 29.98 -45.79
N PRO D 282 -24.78 29.02 -46.72
CA PRO D 282 -23.64 28.84 -47.62
C PRO D 282 -23.52 29.94 -48.69
N GLU D 283 -24.63 30.59 -49.03
CA GLU D 283 -24.66 31.57 -50.10
C GLU D 283 -24.67 32.95 -49.47
N LEU D 284 -23.87 33.87 -50.02
CA LEU D 284 -23.66 35.20 -49.38
C LEU D 284 -24.92 36.03 -49.24
N GLY D 285 -25.75 36.02 -50.27
CA GLY D 285 -27.03 36.67 -50.22
C GLY D 285 -27.89 36.21 -49.06
N ALA D 286 -28.02 34.90 -48.88
CA ALA D 286 -28.83 34.36 -47.80
C ALA D 286 -28.26 34.79 -46.44
N ALA D 287 -26.94 34.81 -46.33
CA ALA D 287 -26.26 35.21 -45.09
C ALA D 287 -26.55 36.66 -44.73
N LEU D 288 -26.37 37.56 -45.70
CA LEU D 288 -26.53 38.99 -45.44
C LEU D 288 -28.01 39.33 -45.24
N LYS D 289 -28.90 38.60 -45.90
CA LYS D 289 -30.34 38.75 -45.69
C LYS D 289 -30.75 38.43 -44.24
N GLU D 290 -30.19 37.38 -43.66
CA GLU D 290 -30.43 37.07 -42.25
C GLU D 290 -29.99 38.22 -41.35
N ILE D 291 -28.78 38.70 -41.59
CA ILE D 291 -28.22 39.79 -40.80
C ILE D 291 -29.06 41.06 -40.94
N ALA D 292 -29.47 41.37 -42.17
CA ALA D 292 -30.23 42.59 -42.47
C ALA D 292 -31.69 42.56 -41.98
N GLU D 293 -32.32 41.41 -42.00
CA GLU D 293 -33.75 41.32 -41.64
C GLU D 293 -33.98 41.22 -40.13
N ASN D 294 -32.91 40.98 -39.38
CA ASN D 294 -32.97 40.78 -37.92
C ASN D 294 -32.07 41.84 -37.25
N LEU D 295 -32.68 42.85 -36.62
CA LEU D 295 -31.88 43.95 -36.03
C LEU D 295 -32.63 44.54 -34.82
N MSE E 1 1.38 5.19 33.54
CA MSE E 1 2.49 5.73 32.69
C MSE E 1 2.73 7.19 32.94
O MSE E 1 1.79 7.95 33.09
CB MSE E 1 2.17 5.63 31.21
CG MSE E 1 3.39 5.29 30.39
SE MSE E 1 2.94 5.28 28.47
CE MSE E 1 3.13 3.36 28.13
N ARG E 2 4.00 7.61 32.95
CA ARG E 2 4.32 9.05 33.03
C ARG E 2 4.82 9.53 31.67
N VAL E 3 4.18 10.54 31.10
CA VAL E 3 4.55 11.04 29.76
C VAL E 3 5.05 12.49 29.78
N LEU E 4 6.19 12.72 29.15
CA LEU E 4 6.76 14.07 29.03
C LEU E 4 6.40 14.61 27.65
N VAL E 5 5.68 15.72 27.56
CA VAL E 5 5.26 16.24 26.28
C VAL E 5 5.88 17.60 25.98
N GLY E 6 6.87 17.60 25.10
CA GLY E 6 7.45 18.84 24.59
C GLY E 6 6.47 19.60 23.71
N GLY E 7 6.31 20.90 24.01
CA GLY E 7 5.36 21.73 23.31
C GLY E 7 3.91 21.40 23.60
N GLY E 8 3.67 20.70 24.71
CA GLY E 8 2.33 20.21 25.03
C GLY E 8 1.29 21.23 25.44
N THR E 9 1.69 22.49 25.56
CA THR E 9 0.71 23.58 25.81
C THR E 9 -0.18 23.82 24.59
N GLY E 10 0.25 23.34 23.43
CA GLY E 10 -0.37 23.70 22.16
C GLY E 10 -1.66 22.96 21.86
N PHE E 11 -2.07 23.05 20.60
CA PHE E 11 -3.34 22.55 20.12
C PHE E 11 -3.41 21.04 20.24
N ILE E 12 -2.49 20.37 19.59
CA ILE E 12 -2.46 18.92 19.67
C ILE E 12 -2.16 18.51 21.11
N GLY E 13 -1.23 19.23 21.74
CA GLY E 13 -0.75 18.89 23.07
C GLY E 13 -1.85 18.90 24.13
N THR E 14 -2.74 19.87 24.03
CA THR E 14 -3.83 19.99 24.99
C THR E 14 -4.81 18.85 24.85
N ALA E 15 -5.08 18.43 23.62
CA ALA E 15 -5.95 17.30 23.37
C ALA E 15 -5.27 16.03 23.85
N LEU E 16 -3.98 15.90 23.60
CA LEU E 16 -3.25 14.70 24.01
C LEU E 16 -3.23 14.57 25.53
N THR E 17 -3.04 15.68 26.21
CA THR E 17 -2.97 15.68 27.64
C THR E 17 -4.30 15.24 28.22
N GLN E 18 -5.40 15.77 27.69
CA GLN E 18 -6.74 15.41 28.19
C GLN E 18 -6.96 13.91 28.03
N LEU E 19 -6.57 13.33 26.90
CA LEU E 19 -6.83 11.92 26.66
C LEU E 19 -5.92 11.04 27.52
N LEU E 20 -4.64 11.38 27.59
CA LEU E 20 -3.70 10.67 28.44
C LEU E 20 -4.17 10.64 29.89
N ASN E 21 -4.56 11.79 30.44
CA ASN E 21 -5.05 11.86 31.83
C ASN E 21 -6.27 10.95 32.01
N ALA E 22 -7.21 11.04 31.09
CA ALA E 22 -8.45 10.24 31.11
C ALA E 22 -8.14 8.74 31.15
N ARG E 23 -7.07 8.33 30.47
CA ARG E 23 -6.68 6.92 30.35
C ARG E 23 -5.71 6.46 31.46
N GLY E 24 -5.52 7.31 32.48
CA GLY E 24 -4.79 6.94 33.71
C GLY E 24 -3.34 7.37 33.80
N HIS E 25 -2.89 8.21 32.87
CA HIS E 25 -1.47 8.60 32.79
C HIS E 25 -1.23 9.97 33.36
N GLU E 26 -0.03 10.15 33.93
CA GLU E 26 0.42 11.47 34.40
C GLU E 26 1.19 12.17 33.27
N VAL E 27 0.98 13.47 33.10
CA VAL E 27 1.66 14.24 32.05
C VAL E 27 2.43 15.43 32.61
N THR E 28 3.68 15.58 32.17
CA THR E 28 4.49 16.79 32.39
C THR E 28 4.78 17.45 31.03
N LEU E 29 4.69 18.76 30.95
CA LEU E 29 4.96 19.47 29.69
C LEU E 29 6.36 20.05 29.69
N VAL E 30 7.00 20.11 28.53
CA VAL E 30 8.16 20.96 28.35
C VAL E 30 7.70 22.20 27.62
N SER E 31 8.06 23.37 28.14
CA SER E 31 7.57 24.65 27.63
C SER E 31 8.63 25.72 27.73
N ARG E 32 8.49 26.77 26.93
CA ARG E 32 9.40 27.92 27.02
C ARG E 32 9.14 28.75 28.26
N LYS E 33 7.94 28.64 28.79
CA LYS E 33 7.53 29.44 29.94
C LYS E 33 7.26 28.49 31.12
N PRO E 34 7.77 28.82 32.30
CA PRO E 34 7.62 27.90 33.43
C PRO E 34 6.20 27.86 33.97
N GLY E 35 6.01 27.03 34.98
CA GLY E 35 4.71 26.89 35.62
C GLY E 35 4.42 25.48 36.12
N PRO E 36 3.17 25.24 36.56
CA PRO E 36 2.87 23.98 37.22
C PRO E 36 2.63 22.91 36.17
N GLY E 37 3.02 21.68 36.48
CA GLY E 37 2.86 20.58 35.54
C GLY E 37 3.82 20.63 34.36
N ARG E 38 4.89 21.42 34.48
CA ARG E 38 5.83 21.57 33.37
C ARG E 38 7.24 22.00 33.78
N ILE E 39 8.19 21.70 32.91
CA ILE E 39 9.55 22.17 33.06
C ILE E 39 9.94 22.91 31.77
N THR E 40 10.89 23.82 31.89
CA THR E 40 11.35 24.59 30.74
C THR E 40 12.48 23.90 29.98
N TRP E 41 12.72 24.37 28.76
CA TRP E 41 13.82 23.87 27.94
C TRP E 41 15.14 24.10 28.61
N ASP E 42 15.30 25.29 29.21
CA ASP E 42 16.54 25.63 29.92
C ASP E 42 16.78 24.68 31.08
N GLU E 43 15.70 24.31 31.77
CA GLU E 43 15.78 23.39 32.89
C GLU E 43 16.11 21.98 32.42
N LEU E 44 15.54 21.54 31.30
CA LEU E 44 15.87 20.23 30.73
C LEU E 44 17.37 20.11 30.35
N ALA E 45 17.93 21.17 29.78
CA ALA E 45 19.33 21.16 29.39
C ALA E 45 20.22 21.18 30.63
N ALA E 46 19.76 21.82 31.71
CA ALA E 46 20.53 22.02 32.92
C ALA E 46 20.62 20.76 33.74
N SER E 47 19.47 20.19 34.07
CA SER E 47 19.40 19.07 35.00
C SER E 47 18.92 17.74 34.38
N GLY E 48 18.57 17.74 33.10
CA GLY E 48 18.33 16.49 32.40
C GLY E 48 16.88 16.06 32.31
N LEU E 49 16.66 14.86 31.79
CA LEU E 49 15.32 14.35 31.55
C LEU E 49 14.68 13.98 32.89
N PRO E 50 13.52 14.56 33.21
CA PRO E 50 12.82 14.08 34.40
C PRO E 50 12.33 12.66 34.25
N SER E 51 12.03 12.01 35.38
CA SER E 51 11.55 10.63 35.37
C SER E 51 10.29 10.54 34.49
N CYS E 52 10.36 9.71 33.45
CA CYS E 52 9.21 9.46 32.60
C CYS E 52 9.36 8.13 31.89
N ASP E 53 8.23 7.51 31.56
CA ASP E 53 8.21 6.22 30.87
C ASP E 53 8.19 6.43 29.36
N ALA E 54 7.73 7.60 28.93
CA ALA E 54 7.58 7.92 27.51
C ALA E 54 7.72 9.42 27.30
N ALA E 55 8.17 9.81 26.10
CA ALA E 55 8.29 11.23 25.75
C ALA E 55 7.74 11.47 24.33
N VAL E 56 7.17 12.65 24.14
CA VAL E 56 6.62 13.10 22.87
C VAL E 56 7.14 14.51 22.62
N ASN E 57 7.45 14.84 21.37
CA ASN E 57 7.69 16.24 21.02
C ASN E 57 6.67 16.79 20.02
N LEU E 58 6.07 17.91 20.39
CA LEU E 58 5.13 18.63 19.55
C LEU E 58 5.61 20.07 19.31
N ALA E 59 6.77 20.42 19.86
CA ALA E 59 7.25 21.81 19.86
C ALA E 59 7.56 22.31 18.44
N GLY E 60 7.10 23.51 18.12
CA GLY E 60 7.35 24.11 16.83
C GLY E 60 6.73 25.48 16.69
N GLU E 61 7.50 26.42 16.17
CA GLU E 61 6.94 27.70 15.77
C GLU E 61 5.81 27.44 14.76
N ASN E 62 4.68 28.10 14.95
CA ASN E 62 3.51 27.88 14.13
C ASN E 62 3.71 28.31 12.68
N ILE E 63 3.55 27.37 11.77
CA ILE E 63 3.86 27.61 10.38
C ILE E 63 2.80 28.44 9.69
N LEU E 64 1.54 28.07 9.86
CA LEU E 64 0.47 28.72 9.10
C LEU E 64 0.22 30.16 9.48
N ASN E 65 0.57 30.52 10.72
CA ASN E 65 0.42 31.88 11.25
C ASN E 65 0.48 33.05 10.23
N PRO E 66 -0.70 33.49 9.76
CA PRO E 66 -0.78 34.55 8.71
C PRO E 66 -0.21 35.89 9.14
N LEU E 67 -0.03 36.07 10.44
CA LEU E 67 0.51 37.32 10.97
C LEU E 67 2.03 37.44 10.79
N ARG E 68 2.69 36.39 10.32
CA ARG E 68 4.12 36.47 10.00
C ARG E 68 4.38 36.24 8.53
N ARG E 69 5.18 37.14 7.95
CA ARG E 69 5.58 37.08 6.54
C ARG E 69 6.61 35.94 6.39
N TRP E 70 6.54 35.20 5.29
CA TRP E 70 7.47 34.10 5.06
C TRP E 70 8.83 34.59 4.62
N ASN E 71 9.60 35.16 5.54
CA ASN E 71 10.97 35.55 5.24
C ASN E 71 11.98 34.53 5.78
N GLU E 72 13.25 34.80 5.53
CA GLU E 72 14.32 33.90 5.91
C GLU E 72 14.38 33.73 7.44
N THR E 73 14.11 34.81 8.18
CA THR E 73 14.17 34.78 9.62
C THR E 73 13.14 33.81 10.16
N PHE E 74 11.92 33.87 9.60
CA PHE E 74 10.78 33.05 10.06
C PHE E 74 11.00 31.60 9.65
N GLN E 75 11.56 31.44 8.46
CA GLN E 75 12.03 30.15 7.97
C GLN E 75 13.01 29.51 8.94
N LYS E 76 14.03 30.28 9.36
CA LYS E 76 15.01 29.80 10.33
C LYS E 76 14.34 29.38 11.65
N GLU E 77 13.36 30.15 12.14
CA GLU E 77 12.63 29.78 13.36
C GLU E 77 11.76 28.53 13.16
N VAL E 78 11.14 28.38 12.00
CA VAL E 78 10.31 27.19 11.74
C VAL E 78 11.18 25.93 11.83
N LEU E 79 12.32 25.98 11.15
CA LEU E 79 13.29 24.88 11.15
C LEU E 79 13.98 24.69 12.51
N GLY E 80 14.57 25.76 13.04
CA GLY E 80 15.33 25.70 14.27
C GLY E 80 14.53 25.27 15.47
N SER E 81 13.31 25.80 15.60
CA SER E 81 12.45 25.44 16.70
C SER E 81 12.16 23.93 16.75
N ARG E 82 12.02 23.30 15.58
CA ARG E 82 11.75 21.86 15.52
C ARG E 82 12.99 20.99 15.72
N LEU E 83 14.09 21.31 15.03
CA LEU E 83 15.33 20.54 15.18
C LEU E 83 15.94 20.70 16.60
N GLU E 84 16.00 21.91 17.14
CA GLU E 84 16.66 22.14 18.43
C GLU E 84 15.90 21.45 19.55
N THR E 85 14.59 21.69 19.66
CA THR E 85 13.80 21.04 20.72
C THR E 85 13.87 19.52 20.58
N THR E 86 13.72 19.02 19.35
CA THR E 86 13.77 17.58 19.13
C THR E 86 15.13 17.01 19.53
N GLN E 87 16.20 17.69 19.14
CA GLN E 87 17.56 17.20 19.40
C GLN E 87 17.84 17.20 20.89
N LEU E 88 17.31 18.21 21.56
CA LEU E 88 17.56 18.40 23.00
C LEU E 88 16.92 17.27 23.77
N LEU E 89 15.72 16.88 23.35
CA LEU E 89 15.01 15.74 23.93
C LEU E 89 15.71 14.43 23.60
N ALA E 90 16.12 14.26 22.36
CA ALA E 90 16.85 13.09 21.92
C ALA E 90 18.13 12.84 22.75
N LYS E 91 18.95 13.87 22.87
CA LYS E 91 20.19 13.78 23.64
C LYS E 91 19.89 13.53 25.13
N ALA E 92 18.80 14.12 25.64
CA ALA E 92 18.37 13.92 27.03
C ALA E 92 17.97 12.46 27.29
N ILE E 93 17.26 11.87 26.34
CA ILE E 93 16.90 10.45 26.40
C ILE E 93 18.14 9.55 26.39
N THR E 94 19.03 9.79 25.43
CA THR E 94 20.24 8.99 25.29
C THR E 94 21.09 9.01 26.57
N LYS E 95 21.16 10.14 27.28
CA LYS E 95 22.00 10.24 28.46
C LYS E 95 21.25 10.07 29.79
N ALA E 96 19.95 9.83 29.75
CA ALA E 96 19.18 9.55 30.98
C ALA E 96 19.58 8.21 31.56
N PRO E 97 19.75 8.13 32.89
CA PRO E 97 20.06 6.85 33.56
C PRO E 97 18.93 5.82 33.51
N GLN E 98 17.69 6.28 33.68
CA GLN E 98 16.50 5.43 33.57
C GLN E 98 15.73 5.91 32.33
N PRO E 99 16.22 5.55 31.12
CA PRO E 99 15.61 6.17 29.92
C PRO E 99 14.20 5.67 29.65
N PRO E 100 13.37 6.50 28.99
CA PRO E 100 11.99 6.12 28.68
C PRO E 100 11.87 5.01 27.64
N LYS E 101 10.81 4.20 27.76
CA LYS E 101 10.62 3.05 26.91
C LYS E 101 10.08 3.42 25.52
N ALA E 102 9.45 4.59 25.39
CA ALA E 102 8.96 5.08 24.09
C ALA E 102 9.26 6.57 23.82
N TRP E 103 9.41 6.90 22.53
CA TRP E 103 9.77 8.26 22.06
C TRP E 103 9.07 8.50 20.74
N VAL E 104 8.14 9.45 20.75
CA VAL E 104 7.23 9.66 19.64
C VAL E 104 7.34 11.10 19.15
N LEU E 105 7.50 11.26 17.85
CA LEU E 105 7.59 12.60 17.24
C LEU E 105 6.39 12.79 16.31
N VAL E 106 5.89 14.02 16.24
CA VAL E 106 4.89 14.36 15.24
C VAL E 106 5.59 15.19 14.18
N THR E 107 5.49 14.75 12.93
CA THR E 107 5.90 15.57 11.78
C THR E 107 4.72 15.66 10.82
N GLY E 108 4.96 15.74 9.52
CA GLY E 108 3.88 16.06 8.58
C GLY E 108 3.84 15.28 7.28
N VAL E 109 2.67 15.27 6.65
CA VAL E 109 2.51 14.61 5.36
C VAL E 109 3.22 15.37 4.24
N ALA E 110 3.71 16.56 4.54
CA ALA E 110 4.51 17.32 3.57
C ALA E 110 5.67 16.51 3.02
N TYR E 111 6.05 15.45 3.72
CA TYR E 111 7.09 14.53 3.26
C TYR E 111 6.79 13.98 1.88
N TYR E 112 5.52 13.74 1.61
CA TYR E 112 5.10 13.14 0.34
C TYR E 112 4.82 14.20 -0.73
N GLN E 113 5.36 13.96 -1.91
CA GLN E 113 5.25 14.88 -3.03
C GLN E 113 3.77 15.12 -3.41
N PRO E 114 3.31 16.38 -3.27
CA PRO E 114 1.97 16.68 -3.75
C PRO E 114 1.78 16.32 -5.19
N SER E 115 0.61 15.79 -5.49
CA SER E 115 0.31 15.17 -6.78
C SER E 115 -1.20 14.97 -6.89
N LEU E 116 -1.72 15.09 -8.09
CA LEU E 116 -3.14 14.84 -8.34
C LEU E 116 -3.43 13.36 -8.66
N THR E 117 -2.37 12.59 -8.90
CA THR E 117 -2.50 11.18 -9.29
C THR E 117 -1.87 10.19 -8.31
N ALA E 118 -0.81 10.59 -7.60
CA ALA E 118 -0.02 9.66 -6.78
C ALA E 118 -0.77 9.25 -5.53
N GLU E 119 -0.31 8.14 -4.95
CA GLU E 119 -0.88 7.58 -3.73
C GLU E 119 0.29 7.12 -2.84
N TYR E 120 0.28 7.53 -1.58
CA TYR E 120 1.42 7.30 -0.67
C TYR E 120 1.02 6.51 0.55
N ASP E 121 1.93 5.67 1.05
CA ASP E 121 1.82 5.15 2.41
C ASP E 121 3.13 5.38 3.17
N GLU E 122 3.25 4.79 4.36
CA GLU E 122 4.36 5.09 5.26
C GLU E 122 5.70 4.65 4.69
N ASP E 123 5.69 3.76 3.72
CA ASP E 123 6.94 3.26 3.14
C ASP E 123 7.30 4.05 1.89
N SER E 124 6.48 5.02 1.52
CA SER E 124 6.72 5.76 0.28
C SER E 124 7.90 6.72 0.45
N PRO E 125 8.69 6.89 -0.61
CA PRO E 125 9.78 7.85 -0.58
C PRO E 125 9.31 9.32 -0.69
N GLY E 126 10.18 10.22 -0.27
CA GLY E 126 9.90 11.63 -0.25
C GLY E 126 10.97 12.40 0.52
N GLY E 127 10.59 13.55 1.08
CA GLY E 127 11.46 14.31 1.96
C GLY E 127 12.56 15.12 1.31
N ASP E 128 12.46 15.38 0.01
CA ASP E 128 13.61 15.89 -0.74
C ASP E 128 13.31 16.81 -1.97
N PHE E 129 12.18 17.50 -1.99
CA PHE E 129 11.73 18.25 -3.18
C PHE E 129 11.26 19.67 -2.92
N ASP E 130 11.15 20.07 -1.66
CA ASP E 130 10.76 21.44 -1.30
C ASP E 130 11.14 21.69 0.15
N PHE E 131 10.87 22.89 0.63
CA PHE E 131 11.27 23.26 1.97
C PHE E 131 10.67 22.37 3.05
N PHE E 132 9.36 22.10 2.95
CA PHE E 132 8.66 21.36 3.99
C PHE E 132 8.98 19.87 3.99
N SER E 133 9.22 19.30 2.82
CA SER E 133 9.64 17.92 2.74
C SER E 133 11.04 17.77 3.32
N ASN E 134 11.95 18.66 2.95
CA ASN E 134 13.29 18.70 3.57
C ASN E 134 13.21 18.91 5.07
N LEU E 135 12.27 19.75 5.50
CA LEU E 135 12.07 19.95 6.93
C LEU E 135 11.80 18.59 7.61
N VAL E 136 10.82 17.86 7.09
CA VAL E 136 10.46 16.60 7.72
C VAL E 136 11.65 15.65 7.79
N THR E 137 12.44 15.58 6.73
CA THR E 137 13.62 14.70 6.75
C THR E 137 14.57 15.07 7.91
N LYS E 138 14.92 16.35 8.00
CA LYS E 138 15.87 16.83 9.02
C LYS E 138 15.30 16.68 10.42
N TRP E 139 14.01 16.93 10.52
CA TRP E 139 13.26 16.84 11.77
C TRP E 139 13.26 15.44 12.29
N GLU E 140 12.96 14.48 11.42
CA GLU E 140 13.01 13.07 11.80
C GLU E 140 14.44 12.65 12.13
N ALA E 141 15.41 13.14 11.36
CA ALA E 141 16.83 12.85 11.65
C ALA E 141 17.21 13.33 13.05
N ALA E 142 16.67 14.48 13.45
CA ALA E 142 16.96 15.05 14.76
C ALA E 142 16.44 14.19 15.88
N ALA E 143 15.33 13.48 15.63
CA ALA E 143 14.72 12.62 16.65
C ALA E 143 15.38 11.25 16.74
N ARG E 144 16.17 10.86 15.75
CA ARG E 144 16.63 9.50 15.66
C ARG E 144 17.68 9.18 16.75
N LEU E 145 17.35 8.24 17.64
CA LEU E 145 18.24 7.81 18.70
C LEU E 145 19.09 6.67 18.18
N PRO E 146 20.40 6.70 18.50
CA PRO E 146 21.16 5.46 18.33
C PRO E 146 20.80 4.51 19.49
N GLY E 147 21.02 3.22 19.31
CA GLY E 147 20.72 2.28 20.38
C GLY E 147 19.26 1.89 20.35
N ASP E 148 18.98 0.73 20.96
CA ASP E 148 17.68 0.06 20.86
C ASP E 148 16.92 0.07 22.19
N SER E 149 17.44 0.76 23.22
CA SER E 149 16.74 0.83 24.51
C SER E 149 15.36 1.49 24.48
N THR E 150 15.13 2.41 23.53
CA THR E 150 13.89 3.17 23.47
C THR E 150 13.18 3.01 22.14
N ARG E 151 11.94 2.58 22.23
CA ARG E 151 11.05 2.39 21.07
C ARG E 151 10.82 3.72 20.39
N GLN E 152 10.92 3.76 19.07
CA GLN E 152 10.84 5.03 18.32
C GLN E 152 9.68 5.05 17.31
N VAL E 153 8.88 6.12 17.37
CA VAL E 153 7.69 6.24 16.51
C VAL E 153 7.61 7.65 15.95
N VAL E 154 7.29 7.78 14.68
CA VAL E 154 7.08 9.09 14.07
C VAL E 154 5.72 9.09 13.44
N VAL E 155 4.87 10.02 13.85
CA VAL E 155 3.55 10.16 13.25
C VAL E 155 3.55 11.35 12.30
N ARG E 156 3.45 11.09 11.00
CA ARG E 156 3.34 12.14 10.00
C ARG E 156 1.88 12.53 9.87
N SER E 157 1.56 13.75 10.31
CA SER E 157 0.17 14.17 10.46
C SER E 157 -0.34 14.95 9.27
N GLY E 158 -1.62 14.73 8.96
CA GLY E 158 -2.34 15.61 8.04
C GLY E 158 -2.85 16.83 8.80
N VAL E 159 -3.78 17.56 8.20
CA VAL E 159 -4.38 18.72 8.84
C VAL E 159 -5.24 18.23 9.98
N VAL E 160 -4.99 18.77 11.17
CA VAL E 160 -5.68 18.32 12.38
C VAL E 160 -6.90 19.21 12.55
N LEU E 161 -8.08 18.62 12.41
CA LEU E 161 -9.33 19.36 12.53
C LEU E 161 -9.96 19.20 13.92
N GLY E 162 -10.23 20.31 14.59
CA GLY E 162 -10.79 20.25 15.91
C GLY E 162 -11.24 21.58 16.46
N ARG E 163 -12.07 21.55 17.50
CA ARG E 163 -12.48 22.77 18.15
C ARG E 163 -11.31 23.35 18.87
N GLY E 164 -11.30 24.67 18.98
CA GLY E 164 -10.40 25.34 19.90
C GLY E 164 -8.96 25.38 19.44
N GLY E 165 -8.75 25.50 18.13
CA GLY E 165 -7.42 25.79 17.61
C GLY E 165 -7.14 25.21 16.25
N GLY E 166 -5.86 25.26 15.87
CA GLY E 166 -5.39 24.75 14.60
C GLY E 166 -5.99 25.48 13.41
N ALA E 167 -6.16 24.76 12.30
CA ALA E 167 -6.73 25.32 11.09
C ALA E 167 -8.15 25.81 11.32
N MSE E 168 -8.94 25.09 12.10
CA MSE E 168 -10.35 25.48 12.36
C MSE E 168 -10.42 26.82 13.07
O MSE E 168 -11.37 27.57 12.89
CB MSE E 168 -11.07 24.43 13.19
CG MSE E 168 -11.33 23.19 12.37
SE MSE E 168 -12.77 23.54 11.09
CE MSE E 168 -12.38 22.25 9.67
N GLY E 169 -9.43 27.14 13.88
CA GLY E 169 -9.33 28.49 14.45
C GLY E 169 -9.49 29.60 13.40
N HIS E 170 -8.87 29.41 12.23
CA HIS E 170 -8.97 30.37 11.14
C HIS E 170 -10.18 30.23 10.25
N MSE E 171 -10.73 29.02 10.14
CA MSE E 171 -11.75 28.73 9.14
C MSE E 171 -13.15 28.81 9.69
O MSE E 171 -14.11 29.05 8.94
CB MSE E 171 -11.56 27.33 8.61
CG MSE E 171 -10.45 27.25 7.55
SE MSE E 171 -10.36 25.43 6.78
CE MSE E 171 -10.07 24.37 8.40
N LEU E 172 -13.32 28.65 10.99
CA LEU E 172 -14.63 28.34 11.54
C LEU E 172 -15.57 29.52 11.47
N LEU E 173 -15.11 30.71 11.85
CA LEU E 173 -15.98 31.88 11.83
C LEU E 173 -16.38 32.25 10.41
N PRO E 174 -15.42 32.31 9.48
CA PRO E 174 -15.82 32.63 8.12
C PRO E 174 -16.82 31.63 7.52
N PHE E 175 -16.56 30.35 7.69
CA PHE E 175 -17.49 29.36 7.19
C PHE E 175 -18.87 29.53 7.82
N ARG E 176 -18.91 29.77 9.14
CA ARG E 176 -20.16 30.00 9.83
C ARG E 176 -20.91 31.21 9.28
N LEU E 177 -20.20 32.15 8.68
CA LEU E 177 -20.81 33.37 8.17
C LEU E 177 -21.11 33.29 6.69
N GLY E 178 -20.92 32.12 6.10
CA GLY E 178 -21.17 31.91 4.66
C GLY E 178 -20.09 32.39 3.72
N LEU E 179 -18.88 32.57 4.27
CA LEU E 179 -17.73 33.07 3.52
C LEU E 179 -16.76 31.95 3.15
N GLY E 180 -17.14 30.71 3.47
CA GLY E 180 -16.34 29.56 3.14
C GLY E 180 -16.41 29.15 1.67
N GLY E 181 -15.50 28.24 1.29
CA GLY E 181 -15.49 27.65 -0.04
C GLY E 181 -14.18 26.97 -0.38
N PRO E 182 -14.10 26.44 -1.62
CA PRO E 182 -12.87 25.79 -2.05
C PRO E 182 -11.68 26.72 -2.18
N ILE E 183 -10.50 26.18 -1.90
CA ILE E 183 -9.23 26.87 -2.04
C ILE E 183 -8.63 26.47 -3.39
N GLY E 184 -8.44 27.43 -4.28
CA GLY E 184 -7.88 27.13 -5.61
C GLY E 184 -8.88 26.39 -6.46
N SER E 185 -8.43 25.33 -7.11
CA SER E 185 -9.34 24.50 -7.93
C SER E 185 -10.27 23.68 -7.06
N GLY E 186 -9.82 23.36 -5.84
CA GLY E 186 -10.54 22.48 -4.95
C GLY E 186 -10.30 21.01 -5.23
N HIS E 187 -9.62 20.71 -6.33
CA HIS E 187 -9.37 19.32 -6.71
C HIS E 187 -8.33 18.64 -5.90
N GLN E 188 -7.51 19.42 -5.20
CA GLN E 188 -6.37 18.88 -4.47
C GLN E 188 -6.79 17.97 -3.32
N PHE E 189 -6.02 16.92 -3.06
CA PHE E 189 -6.28 16.07 -1.94
C PHE E 189 -6.16 16.86 -0.64
N PHE E 190 -7.02 16.50 0.31
CA PHE E 190 -7.06 17.12 1.62
C PHE E 190 -6.81 16.06 2.69
N PRO E 191 -5.52 15.77 3.00
CA PRO E 191 -5.21 14.82 4.07
C PRO E 191 -5.54 15.47 5.40
N TRP E 192 -6.39 14.83 6.17
CA TRP E 192 -6.89 15.41 7.41
C TRP E 192 -7.02 14.33 8.44
N ILE E 193 -7.13 14.76 9.70
CA ILE E 193 -7.45 13.87 10.80
C ILE E 193 -8.17 14.64 11.90
N HIS E 194 -9.13 14.01 12.54
CA HIS E 194 -9.80 14.64 13.66
C HIS E 194 -8.84 14.67 14.81
N ILE E 195 -8.82 15.77 15.55
CA ILE E 195 -7.90 15.91 16.67
C ILE E 195 -8.00 14.74 17.65
N GLY E 196 -9.20 14.23 17.89
CA GLY E 196 -9.37 13.09 18.77
C GLY E 196 -8.64 11.85 18.29
N ASP E 197 -8.56 11.70 16.97
CA ASP E 197 -7.88 10.55 16.38
C ASP E 197 -6.37 10.72 16.31
N LEU E 198 -5.86 11.93 16.14
CA LEU E 198 -4.41 12.13 16.28
C LEU E 198 -4.03 11.85 17.73
N ALA E 199 -4.79 12.40 18.67
CA ALA E 199 -4.56 12.19 20.08
C ALA E 199 -4.58 10.69 20.40
N GLY E 200 -5.51 9.99 19.77
CA GLY E 200 -5.66 8.55 19.94
C GLY E 200 -4.47 7.75 19.41
N ILE E 201 -4.03 8.10 18.19
CA ILE E 201 -2.91 7.40 17.55
C ILE E 201 -1.68 7.59 18.42
N LEU E 202 -1.42 8.83 18.82
CA LEU E 202 -0.28 9.13 19.67
C LEU E 202 -0.35 8.33 20.97
N THR E 203 -1.53 8.27 21.60
CA THR E 203 -1.72 7.51 22.81
C THR E 203 -1.50 6.03 22.60
N HIS E 204 -1.96 5.53 21.48
CA HIS E 204 -1.77 4.14 21.15
C HIS E 204 -0.30 3.85 20.94
N ALA E 205 0.41 4.78 20.29
CA ALA E 205 1.85 4.64 20.08
C ALA E 205 2.59 4.59 21.44
N LEU E 206 2.18 5.46 22.37
CA LEU E 206 2.76 5.46 23.71
C LEU E 206 2.47 4.20 24.50
N GLU E 207 1.27 3.65 24.38
CA GLU E 207 0.85 2.51 25.22
C GLU E 207 1.26 1.15 24.66
N ALA E 208 1.07 0.95 23.37
CA ALA E 208 1.26 -0.36 22.75
C ALA E 208 2.70 -0.54 22.35
N ASN E 209 3.34 -1.53 22.93
CA ASN E 209 4.78 -1.69 22.72
C ASN E 209 5.16 -2.47 21.42
N HIS E 210 4.19 -2.82 20.58
CA HIS E 210 4.50 -3.35 19.25
C HIS E 210 4.61 -2.28 18.18
N VAL E 211 4.27 -1.04 18.53
CA VAL E 211 4.21 0.05 17.54
C VAL E 211 5.58 0.68 17.40
N HIS E 212 6.08 0.77 16.17
CA HIS E 212 7.40 1.38 15.91
C HIS E 212 7.42 1.96 14.54
N GLY E 213 8.30 2.93 14.31
CA GLY E 213 8.47 3.51 12.97
C GLY E 213 7.46 4.57 12.59
N VAL E 214 7.25 4.70 11.28
CA VAL E 214 6.45 5.77 10.71
C VAL E 214 5.00 5.35 10.63
N LEU E 215 4.13 6.23 11.12
CA LEU E 215 2.68 6.08 11.02
C LEU E 215 2.09 7.32 10.39
N ASN E 216 1.18 7.14 9.44
CA ASN E 216 0.53 8.30 8.82
C ASN E 216 -0.66 8.71 9.67
N GLY E 217 -0.58 9.92 10.23
CA GLY E 217 -1.64 10.46 11.06
C GLY E 217 -2.74 11.12 10.25
N VAL E 218 -3.44 10.29 9.48
CA VAL E 218 -4.53 10.74 8.62
C VAL E 218 -5.72 9.80 8.76
N ALA E 219 -6.92 10.34 8.58
CA ALA E 219 -8.13 9.55 8.54
C ALA E 219 -8.06 8.77 7.25
N PRO E 220 -8.61 7.55 7.23
CA PRO E 220 -8.58 6.78 5.99
C PRO E 220 -9.67 7.30 5.06
N SER E 221 -9.42 8.48 4.51
CA SER E 221 -10.40 9.18 3.71
C SER E 221 -9.74 9.64 2.42
N SER E 222 -10.58 9.96 1.43
CA SER E 222 -10.11 10.42 0.14
C SER E 222 -10.62 11.82 -0.16
N ALA E 223 -10.93 12.58 0.87
CA ALA E 223 -11.46 13.90 0.64
C ALA E 223 -10.54 14.73 -0.26
N THR E 224 -11.15 15.50 -1.16
CA THR E 224 -10.49 16.62 -1.83
C THR E 224 -10.87 17.88 -1.06
N ASN E 225 -10.17 18.98 -1.33
CA ASN E 225 -10.50 20.24 -0.71
C ASN E 225 -11.90 20.71 -1.04
N ALA E 226 -12.34 20.53 -2.28
CA ALA E 226 -13.71 20.87 -2.68
C ALA E 226 -14.71 20.08 -1.82
N GLU E 227 -14.45 18.78 -1.64
CA GLU E 227 -15.34 17.94 -0.82
C GLU E 227 -15.33 18.40 0.65
N PHE E 228 -14.19 18.80 1.17
CA PHE E 228 -14.10 19.41 2.50
C PHE E 228 -14.98 20.66 2.66
N ALA E 229 -14.87 21.60 1.73
CA ALA E 229 -15.63 22.85 1.80
C ALA E 229 -17.13 22.58 1.80
N GLN E 230 -17.53 21.72 0.88
CA GLN E 230 -18.93 21.38 0.74
C GLN E 230 -19.47 20.69 1.99
N THR E 231 -18.75 19.69 2.51
CA THR E 231 -19.15 18.94 3.68
C THR E 231 -19.21 19.83 4.92
N PHE E 232 -18.29 20.77 5.00
CA PHE E 232 -18.21 21.64 6.14
C PHE E 232 -19.39 22.62 6.14
N GLY E 233 -19.67 23.20 4.97
CA GLY E 233 -20.87 24.02 4.80
C GLY E 233 -22.14 23.25 5.17
N ALA E 234 -22.27 22.04 4.65
CA ALA E 234 -23.43 21.21 4.99
C ALA E 234 -23.52 21.01 6.51
N ALA E 235 -22.42 20.71 7.19
CA ALA E 235 -22.44 20.48 8.64
C ALA E 235 -22.87 21.71 9.43
N LEU E 236 -22.56 22.89 8.91
CA LEU E 236 -22.89 24.13 9.58
C LEU E 236 -24.23 24.71 9.11
N GLY E 237 -24.80 24.11 8.06
CA GLY E 237 -26.03 24.62 7.44
C GLY E 237 -25.83 25.93 6.68
N ARG E 238 -24.72 26.05 5.99
CA ARG E 238 -24.35 27.31 5.35
C ARG E 238 -23.91 27.14 3.93
N ARG E 239 -24.15 28.20 3.16
CA ARG E 239 -23.54 28.40 1.85
C ARG E 239 -22.01 28.34 1.98
N ALA E 240 -21.34 27.56 1.14
CA ALA E 240 -19.86 27.55 1.08
C ALA E 240 -19.36 27.64 -0.36
N PHE E 241 -19.78 28.70 -1.05
CA PHE E 241 -19.67 28.82 -2.51
C PHE E 241 -18.57 29.75 -3.01
N ILE E 242 -17.83 30.34 -2.09
CA ILE E 242 -16.88 31.41 -2.43
C ILE E 242 -15.45 30.87 -2.55
N PRO E 243 -14.95 30.70 -3.80
CA PRO E 243 -13.61 30.14 -3.94
C PRO E 243 -12.53 31.15 -3.60
N LEU E 244 -11.46 30.70 -2.94
CA LEU E 244 -10.27 31.52 -2.71
C LEU E 244 -9.29 31.32 -3.86
N PRO E 245 -9.07 32.35 -4.69
CA PRO E 245 -8.15 32.12 -5.79
C PRO E 245 -6.75 31.88 -5.30
N SER E 246 -5.97 31.22 -6.14
CA SER E 246 -4.60 30.89 -5.83
C SER E 246 -3.79 32.14 -5.54
N ALA E 247 -3.91 33.15 -6.41
CA ALA E 247 -3.13 34.39 -6.31
C ALA E 247 -3.31 35.04 -4.95
N VAL E 248 -4.51 34.95 -4.39
CA VAL E 248 -4.82 35.59 -3.12
C VAL E 248 -4.25 34.81 -1.95
N VAL E 249 -4.30 33.48 -2.02
CA VAL E 249 -3.71 32.64 -0.99
C VAL E 249 -2.18 32.81 -1.02
N GLN E 250 -1.60 32.92 -2.21
CA GLN E 250 -0.17 33.22 -2.34
C GLN E 250 0.22 34.61 -1.80
N ALA E 251 -0.62 35.60 -2.03
CA ALA E 251 -0.38 36.93 -1.53
C ALA E 251 -0.33 36.91 -0.01
N VAL E 252 -1.23 36.18 0.63
CA VAL E 252 -1.32 36.23 2.09
C VAL E 252 -0.23 35.37 2.74
N PHE E 253 -0.01 34.17 2.21
CA PHE E 253 0.86 33.18 2.84
C PHE E 253 2.23 33.02 2.22
N GLY E 254 2.41 33.50 0.99
CA GLY E 254 3.65 33.27 0.22
C GLY E 254 3.64 31.98 -0.57
N ARG E 255 4.43 31.94 -1.67
CA ARG E 255 4.44 30.82 -2.61
C ARG E 255 4.59 29.49 -1.87
N GLN E 256 5.57 29.49 -0.97
CA GLN E 256 6.05 28.26 -0.35
C GLN E 256 5.02 27.65 0.61
N ARG E 257 4.40 28.45 1.46
CA ARG E 257 3.34 27.96 2.34
C ARG E 257 2.06 27.65 1.60
N ALA E 258 1.79 28.42 0.56
CA ALA E 258 0.59 28.25 -0.23
C ALA E 258 0.47 26.79 -0.74
N ILE E 259 1.61 26.14 -0.94
CA ILE E 259 1.68 24.72 -1.33
C ILE E 259 0.83 23.86 -0.39
N MSE E 260 0.88 24.18 0.90
CA MSE E 260 0.15 23.42 1.90
C MSE E 260 -1.32 23.61 1.80
O MSE E 260 -2.07 22.77 2.31
CB MSE E 260 0.59 23.85 3.30
CG MSE E 260 1.97 23.26 3.62
SE MSE E 260 2.68 24.00 5.30
CE MSE E 260 1.03 24.15 6.33
N LEU E 261 -1.75 24.69 1.13
CA LEU E 261 -3.18 25.00 0.99
C LEU E 261 -3.75 24.67 -0.40
N LEU E 262 -2.98 24.98 -1.45
CA LEU E 262 -3.44 24.81 -2.83
C LEU E 262 -3.19 23.43 -3.42
N GLU E 263 -2.29 22.66 -2.82
CA GLU E 263 -1.93 21.36 -3.34
C GLU E 263 -2.09 20.32 -2.24
N GLY E 264 -1.92 19.04 -2.63
CA GLY E 264 -2.15 17.94 -1.70
C GLY E 264 -1.60 16.60 -2.08
N GLN E 265 -1.55 15.72 -1.09
CA GLN E 265 -1.05 14.35 -1.22
C GLN E 265 -2.19 13.40 -0.86
N LYS E 266 -2.37 12.35 -1.64
CA LYS E 266 -3.27 11.28 -1.22
C LYS E 266 -2.47 10.34 -0.29
N VAL E 267 -2.79 10.32 0.99
CA VAL E 267 -2.01 9.54 1.95
C VAL E 267 -2.86 8.45 2.60
N ILE E 268 -2.39 7.21 2.53
CA ILE E 268 -3.03 6.08 3.18
C ILE E 268 -2.35 5.75 4.51
N PRO E 269 -3.14 5.59 5.57
CA PRO E 269 -2.63 5.18 6.87
C PRO E 269 -2.57 3.66 6.99
N ARG E 270 -1.72 3.03 6.19
CA ARG E 270 -1.64 1.57 6.16
CA ARG E 270 -1.65 1.57 6.15
C ARG E 270 -1.07 1.05 7.46
N ARG E 271 0.12 1.54 7.81
CA ARG E 271 0.80 1.12 9.03
C ARG E 271 0.04 1.56 10.30
N THR E 272 -0.62 2.70 10.24
CA THR E 272 -1.43 3.15 11.34
C THR E 272 -2.53 2.13 11.64
N LEU E 273 -3.26 1.71 10.60
CA LEU E 273 -4.33 0.75 10.78
C LEU E 273 -3.76 -0.59 11.26
N ALA E 274 -2.58 -0.94 10.78
CA ALA E 274 -1.97 -2.22 11.13
C ALA E 274 -1.60 -2.29 12.60
N THR E 275 -1.50 -1.15 13.28
CA THR E 275 -1.19 -1.14 14.72
C THR E 275 -2.36 -1.57 15.58
N GLY E 276 -3.51 -1.77 14.96
CA GLY E 276 -4.73 -2.10 15.69
C GLY E 276 -5.53 -0.87 16.11
N TYR E 277 -5.02 0.33 15.85
CA TYR E 277 -5.75 1.55 16.17
C TYR E 277 -7.04 1.64 15.39
N GLN E 278 -8.09 2.11 16.06
CA GLN E 278 -9.43 2.21 15.47
C GLN E 278 -9.98 3.61 15.59
N TYR E 279 -10.32 4.20 14.45
CA TYR E 279 -10.66 5.62 14.38
C TYR E 279 -12.04 5.89 14.93
N SER E 280 -12.14 6.98 15.68
CA SER E 280 -13.44 7.49 16.15
C SER E 280 -14.19 8.26 15.06
N PHE E 281 -13.43 8.92 14.18
CA PHE E 281 -14.01 9.79 13.15
C PHE E 281 -13.30 9.55 11.80
N PRO E 282 -13.42 8.34 11.25
CA PRO E 282 -12.77 8.04 9.99
C PRO E 282 -13.40 8.72 8.75
N GLU E 283 -14.67 9.06 8.82
CA GLU E 283 -15.39 9.65 7.69
C GLU E 283 -15.45 11.18 7.94
N LEU E 284 -15.22 11.98 6.90
CA LEU E 284 -15.11 13.44 7.06
C LEU E 284 -16.39 14.08 7.58
N GLY E 285 -17.54 13.63 7.08
CA GLY E 285 -18.83 14.10 7.57
C GLY E 285 -19.01 13.95 9.06
N ALA E 286 -18.69 12.78 9.58
CA ALA E 286 -18.82 12.55 11.03
C ALA E 286 -17.88 13.46 11.81
N ALA E 287 -16.67 13.68 11.27
CA ALA E 287 -15.68 14.54 11.93
C ALA E 287 -16.16 15.98 12.02
N LEU E 288 -16.63 16.52 10.89
CA LEU E 288 -17.05 17.91 10.85
C LEU E 288 -18.34 18.14 11.60
N LYS E 289 -19.19 17.11 11.67
CA LYS E 289 -20.40 17.14 12.47
C LYS E 289 -20.09 17.28 13.98
N GLU E 290 -19.10 16.55 14.47
CA GLU E 290 -18.66 16.70 15.85
C GLU E 290 -18.20 18.13 16.14
N ILE E 291 -17.36 18.65 15.26
CA ILE E 291 -16.84 20.01 15.40
C ILE E 291 -17.97 21.05 15.37
N ALA E 292 -18.90 20.90 14.43
CA ALA E 292 -20.00 21.85 14.25
C ALA E 292 -21.04 21.82 15.34
N GLU E 293 -21.33 20.64 15.90
CA GLU E 293 -22.42 20.51 16.86
C GLU E 293 -22.04 20.92 18.27
N ASN E 294 -20.73 21.08 18.50
CA ASN E 294 -20.17 21.36 19.82
C ASN E 294 -19.40 22.68 19.73
N LEU E 295 -19.95 23.75 20.28
CA LEU E 295 -19.33 25.09 20.17
C LEU E 295 -19.73 26.00 21.36
N MSE F 1 -12.41 4.54 18.34
CA MSE F 1 -13.36 3.44 18.04
C MSE F 1 -14.77 3.95 18.08
O MSE F 1 -15.08 4.83 18.87
CB MSE F 1 -13.27 2.43 19.16
CG MSE F 1 -13.49 1.02 18.66
SE MSE F 1 -13.44 -0.24 20.14
CE MSE F 1 -13.38 0.98 21.67
N ARG F 2 -15.65 3.39 17.24
CA ARG F 2 -17.07 3.70 17.33
C ARG F 2 -17.81 2.51 17.91
N VAL F 3 -18.51 2.69 19.02
CA VAL F 3 -19.25 1.57 19.66
C VAL F 3 -20.76 1.77 19.61
N LEU F 4 -21.49 0.74 19.22
CA LEU F 4 -22.95 0.75 19.24
C LEU F 4 -23.42 0.01 20.51
N VAL F 5 -24.13 0.69 21.40
CA VAL F 5 -24.52 0.05 22.69
C VAL F 5 -26.03 -0.13 22.79
N GLY F 6 -26.48 -1.36 22.60
CA GLY F 6 -27.89 -1.68 22.76
C GLY F 6 -28.29 -1.62 24.21
N GLY F 7 -29.39 -0.93 24.51
CA GLY F 7 -29.84 -0.74 25.87
C GLY F 7 -28.92 0.17 26.67
N GLY F 8 -28.10 0.95 25.99
CA GLY F 8 -27.07 1.76 26.66
C GLY F 8 -27.55 2.94 27.47
N THR F 9 -28.84 3.24 27.45
CA THR F 9 -29.43 4.27 28.32
C THR F 9 -29.42 3.85 29.80
N GLY F 10 -29.27 2.55 30.05
CA GLY F 10 -29.45 2.01 31.38
C GLY F 10 -28.29 2.22 32.34
N PHE F 11 -28.33 1.44 33.41
CA PHE F 11 -27.40 1.54 34.52
C PHE F 11 -25.99 1.21 34.09
N ILE F 12 -25.79 -0.01 33.59
CA ILE F 12 -24.46 -0.42 33.13
C ILE F 12 -24.08 0.42 31.91
N GLY F 13 -25.05 0.66 31.03
CA GLY F 13 -24.80 1.38 29.81
C GLY F 13 -24.28 2.79 30.00
N THR F 14 -24.82 3.48 30.98
CA THR F 14 -24.42 4.84 31.26
C THR F 14 -23.01 4.91 31.79
N ALA F 15 -22.64 3.97 32.64
CA ALA F 15 -21.26 3.87 33.11
C ALA F 15 -20.32 3.51 31.94
N LEU F 16 -20.73 2.57 31.10
CA LEU F 16 -19.89 2.15 29.97
C LEU F 16 -19.69 3.28 28.97
N THR F 17 -20.75 4.03 28.70
CA THR F 17 -20.67 5.17 27.81
C THR F 17 -19.70 6.22 28.35
N GLN F 18 -19.81 6.54 29.63
CA GLN F 18 -18.92 7.53 30.23
C GLN F 18 -17.46 7.14 30.11
N LEU F 19 -17.15 5.87 30.37
CA LEU F 19 -15.77 5.41 30.31
C LEU F 19 -15.26 5.37 28.86
N LEU F 20 -16.07 4.83 27.96
CA LEU F 20 -15.74 4.83 26.53
C LEU F 20 -15.45 6.22 25.99
N ASN F 21 -16.32 7.17 26.29
CA ASN F 21 -16.10 8.55 25.84
C ASN F 21 -14.78 9.07 26.39
N ALA F 22 -14.56 8.88 27.68
CA ALA F 22 -13.36 9.38 28.36
C ALA F 22 -12.09 8.84 27.70
N ARG F 23 -12.18 7.61 27.18
CA ARG F 23 -11.05 6.94 26.57
C ARG F 23 -10.94 7.15 25.06
N GLY F 24 -11.73 8.09 24.53
CA GLY F 24 -11.58 8.56 23.15
C GLY F 24 -12.50 7.93 22.12
N HIS F 25 -13.53 7.24 22.57
CA HIS F 25 -14.46 6.52 21.67
C HIS F 25 -15.77 7.23 21.52
N GLU F 26 -16.36 7.10 20.32
CA GLU F 26 -17.72 7.59 20.07
C GLU F 26 -18.72 6.47 20.36
N VAL F 27 -19.86 6.82 20.96
CA VAL F 27 -20.87 5.87 21.30
C VAL F 27 -22.24 6.26 20.72
N THR F 28 -22.87 5.30 20.04
CA THR F 28 -24.28 5.43 19.62
C THR F 28 -25.09 4.42 20.41
N LEU F 29 -26.28 4.79 20.87
CA LEU F 29 -27.14 3.85 21.63
C LEU F 29 -28.21 3.24 20.71
N VAL F 30 -28.60 2.01 20.98
CA VAL F 30 -29.85 1.50 20.45
C VAL F 30 -30.87 1.54 21.60
N SER F 31 -32.04 2.09 21.33
CA SER F 31 -33.04 2.33 22.35
C SER F 31 -34.45 2.13 21.80
N ARG F 32 -35.42 1.90 22.70
CA ARG F 32 -36.81 1.82 22.30
C ARG F 32 -37.38 3.17 21.93
N LYS F 33 -36.77 4.23 22.45
CA LYS F 33 -37.27 5.59 22.24
C LYS F 33 -36.20 6.36 21.47
N PRO F 34 -36.63 7.13 20.45
CA PRO F 34 -35.64 7.78 19.60
C PRO F 34 -34.99 8.97 20.29
N GLY F 35 -34.07 9.61 19.57
CA GLY F 35 -33.40 10.80 20.08
C GLY F 35 -31.95 10.92 19.61
N PRO F 36 -31.21 11.88 20.20
CA PRO F 36 -29.89 12.20 19.66
C PRO F 36 -28.89 11.20 20.21
N GLY F 37 -27.90 10.86 19.41
CA GLY F 37 -26.90 9.90 19.82
C GLY F 37 -27.41 8.46 19.86
N ARG F 38 -28.55 8.19 19.20
CA ARG F 38 -29.14 6.86 19.25
C ARG F 38 -30.05 6.53 18.07
N ILE F 39 -30.23 5.24 17.84
CA ILE F 39 -31.21 4.75 16.88
C ILE F 39 -32.14 3.77 17.57
N THR F 40 -33.33 3.58 17.02
CA THR F 40 -34.31 2.66 17.61
C THR F 40 -34.15 1.23 17.08
N TRP F 41 -34.75 0.30 17.80
CA TRP F 41 -34.75 -1.11 17.39
C TRP F 41 -35.45 -1.29 16.09
N ASP F 42 -36.57 -0.61 15.94
CA ASP F 42 -37.34 -0.69 14.69
C ASP F 42 -36.51 -0.21 13.52
N GLU F 43 -35.73 0.83 13.75
CA GLU F 43 -34.90 1.38 12.70
C GLU F 43 -33.75 0.44 12.36
N LEU F 44 -33.15 -0.19 13.37
CA LEU F 44 -32.09 -1.17 13.14
C LEU F 44 -32.58 -2.36 12.31
N ALA F 45 -33.76 -2.85 12.60
CA ALA F 45 -34.33 -4.00 11.89
C ALA F 45 -34.70 -3.62 10.45
N ALA F 46 -35.07 -2.35 10.23
CA ALA F 46 -35.53 -1.88 8.93
C ALA F 46 -34.36 -1.64 7.98
N SER F 47 -33.38 -0.87 8.42
CA SER F 47 -32.29 -0.44 7.55
C SER F 47 -30.90 -0.96 7.93
N GLY F 48 -30.77 -1.69 9.02
CA GLY F 48 -29.53 -2.39 9.31
C GLY F 48 -28.58 -1.71 10.29
N LEU F 49 -27.39 -2.30 10.43
CA LEU F 49 -26.43 -1.87 11.44
C LEU F 49 -25.74 -0.58 11.03
N PRO F 50 -25.78 0.47 11.88
CA PRO F 50 -25.01 1.66 11.53
C PRO F 50 -23.51 1.41 11.61
N SER F 51 -22.73 2.27 10.95
CA SER F 51 -21.27 2.10 10.93
C SER F 51 -20.73 2.07 12.36
N CYS F 52 -20.03 1.01 12.71
CA CYS F 52 -19.41 0.88 14.01
C CYS F 52 -18.28 -0.14 13.96
N ASP F 53 -17.30 0.02 14.84
CA ASP F 53 -16.17 -0.90 14.95
C ASP F 53 -16.47 -2.02 15.94
N ALA F 54 -17.39 -1.76 16.85
CA ALA F 54 -17.71 -2.71 17.89
C ALA F 54 -19.17 -2.50 18.37
N ALA F 55 -19.79 -3.57 18.87
CA ALA F 55 -21.14 -3.50 19.37
C ALA F 55 -21.28 -4.23 20.68
N VAL F 56 -22.20 -3.75 21.52
CA VAL F 56 -22.49 -4.34 22.81
C VAL F 56 -23.99 -4.37 22.98
N ASN F 57 -24.54 -5.43 23.58
CA ASN F 57 -25.95 -5.43 23.99
C ASN F 57 -26.13 -5.55 25.51
N LEU F 58 -26.88 -4.62 26.05
CA LEU F 58 -27.26 -4.59 27.46
C LEU F 58 -28.79 -4.60 27.64
N ALA F 59 -29.53 -4.61 26.55
CA ALA F 59 -30.98 -4.43 26.62
C ALA F 59 -31.65 -5.57 27.37
N GLY F 60 -32.59 -5.22 28.23
CA GLY F 60 -33.37 -6.22 28.93
C GLY F 60 -34.39 -5.61 29.87
N GLU F 61 -35.61 -6.14 29.85
CA GLU F 61 -36.60 -5.80 30.86
C GLU F 61 -36.01 -6.13 32.24
N ASN F 62 -36.14 -5.20 33.18
CA ASN F 62 -35.55 -5.33 34.51
C ASN F 62 -36.18 -6.48 35.29
N ILE F 63 -35.36 -7.42 35.68
CA ILE F 63 -35.82 -8.63 36.33
C ILE F 63 -36.22 -8.40 37.79
N LEU F 64 -35.35 -7.75 38.57
CA LEU F 64 -35.59 -7.63 40.04
C LEU F 64 -36.77 -6.72 40.36
N ASN F 65 -37.14 -5.80 39.45
CA ASN F 65 -38.29 -4.89 39.61
C ASN F 65 -39.47 -5.41 40.48
N PRO F 66 -39.46 -5.07 41.79
CA PRO F 66 -40.52 -5.51 42.72
C PRO F 66 -41.92 -5.05 42.39
N LEU F 67 -42.02 -4.02 41.54
CA LEU F 67 -43.35 -3.50 41.16
C LEU F 67 -44.08 -4.39 40.14
N ARG F 68 -43.40 -5.40 39.60
CA ARG F 68 -44.07 -6.35 38.71
C ARG F 68 -44.12 -7.76 39.32
N ARG F 69 -45.30 -8.37 39.28
CA ARG F 69 -45.50 -9.72 39.80
C ARG F 69 -44.89 -10.69 38.81
N TRP F 70 -44.31 -11.77 39.30
CA TRP F 70 -43.70 -12.77 38.44
C TRP F 70 -44.73 -13.66 37.78
N ASN F 71 -45.44 -13.14 36.79
CA ASN F 71 -46.37 -13.96 36.02
C ASN F 71 -45.77 -14.37 34.67
N GLU F 72 -46.54 -15.13 33.92
CA GLU F 72 -46.13 -15.62 32.63
C GLU F 72 -45.86 -14.48 31.64
N THR F 73 -46.68 -13.43 31.71
CA THR F 73 -46.52 -12.28 30.82
C THR F 73 -45.15 -11.60 31.02
N PHE F 74 -44.79 -11.40 32.29
CA PHE F 74 -43.54 -10.72 32.68
C PHE F 74 -42.34 -11.61 32.36
N GLN F 75 -42.53 -12.90 32.59
CA GLN F 75 -41.61 -13.93 32.17
C GLN F 75 -41.32 -13.86 30.67
N LYS F 76 -42.38 -13.79 29.87
CA LYS F 76 -42.24 -13.66 28.42
C LYS F 76 -41.47 -12.38 28.04
N GLU F 77 -41.73 -11.25 28.70
CA GLU F 77 -40.98 -10.00 28.46
CA GLU F 77 -40.97 -10.00 28.46
C GLU F 77 -39.50 -10.10 28.89
N VAL F 78 -39.23 -10.77 30.01
CA VAL F 78 -37.85 -10.90 30.46
C VAL F 78 -37.07 -11.64 29.40
N LEU F 79 -37.64 -12.74 28.93
CA LEU F 79 -37.02 -13.58 27.92
C LEU F 79 -36.95 -12.90 26.56
N GLY F 80 -38.11 -12.45 26.08
CA GLY F 80 -38.25 -11.87 24.75
C GLY F 80 -37.43 -10.63 24.55
N SER F 81 -37.40 -9.77 25.54
CA SER F 81 -36.62 -8.54 25.47
C SER F 81 -35.13 -8.81 25.26
N ARG F 82 -34.60 -9.84 25.89
CA ARG F 82 -33.20 -10.20 25.73
C ARG F 82 -32.90 -10.95 24.41
N LEU F 83 -33.68 -11.97 24.08
CA LEU F 83 -33.45 -12.73 22.85
C LEU F 83 -33.68 -11.88 21.59
N GLU F 84 -34.76 -11.10 21.56
CA GLU F 84 -35.10 -10.34 20.34
C GLU F 84 -34.10 -9.28 20.06
N THR F 85 -33.78 -8.45 21.05
CA THR F 85 -32.75 -7.40 20.85
C THR F 85 -31.40 -8.03 20.47
N THR F 86 -31.01 -9.09 21.17
CA THR F 86 -29.71 -9.73 20.89
C THR F 86 -29.69 -10.31 19.48
N GLN F 87 -30.78 -10.97 19.10
CA GLN F 87 -30.87 -11.63 17.81
C GLN F 87 -30.85 -10.59 16.69
N LEU F 88 -31.51 -9.46 16.94
CA LEU F 88 -31.64 -8.39 15.95
C LEU F 88 -30.26 -7.80 15.65
N LEU F 89 -29.46 -7.63 16.71
CA LEU F 89 -28.08 -7.14 16.58
C LEU F 89 -27.19 -8.18 15.88
N ALA F 90 -27.32 -9.44 16.30
CA ALA F 90 -26.55 -10.53 15.71
C ALA F 90 -26.77 -10.62 14.22
N LYS F 91 -28.04 -10.67 13.79
CA LYS F 91 -28.35 -10.74 12.40
C LYS F 91 -27.86 -9.52 11.63
N ALA F 92 -27.92 -8.36 12.27
CA ALA F 92 -27.51 -7.13 11.62
C ALA F 92 -26.00 -7.15 11.39
N ILE F 93 -25.25 -7.67 12.37
CA ILE F 93 -23.79 -7.84 12.25
C ILE F 93 -23.43 -8.80 11.11
N THR F 94 -24.09 -9.95 11.10
CA THR F 94 -23.85 -10.97 10.09
C THR F 94 -24.08 -10.43 8.69
N LYS F 95 -25.10 -9.59 8.50
CA LYS F 95 -25.40 -9.11 7.14
C LYS F 95 -24.83 -7.73 6.81
N ALA F 96 -24.10 -7.13 7.74
CA ALA F 96 -23.47 -5.84 7.49
C ALA F 96 -22.33 -6.02 6.49
N PRO F 97 -22.20 -5.11 5.52
CA PRO F 97 -21.10 -5.19 4.54
C PRO F 97 -19.74 -4.92 5.17
N GLN F 98 -19.67 -3.95 6.09
CA GLN F 98 -18.43 -3.63 6.83
C GLN F 98 -18.67 -3.99 8.29
N PRO F 99 -18.66 -5.29 8.61
CA PRO F 99 -19.08 -5.67 9.95
C PRO F 99 -18.10 -5.25 11.03
N PRO F 100 -18.57 -5.08 12.28
CA PRO F 100 -17.72 -4.68 13.38
C PRO F 100 -16.73 -5.75 13.81
N LYS F 101 -15.58 -5.31 14.30
CA LYS F 101 -14.48 -6.22 14.65
C LYS F 101 -14.73 -6.90 16.01
N ALA F 102 -15.59 -6.34 16.86
CA ALA F 102 -15.95 -6.97 18.13
C ALA F 102 -17.46 -6.92 18.48
N TRP F 103 -17.92 -7.91 19.25
CA TRP F 103 -19.33 -8.07 19.65
C TRP F 103 -19.39 -8.65 21.02
N VAL F 104 -19.90 -7.87 21.97
CA VAL F 104 -19.84 -8.23 23.38
C VAL F 104 -21.24 -8.25 23.99
N LEU F 105 -21.58 -9.34 24.69
CA LEU F 105 -22.89 -9.48 25.34
C LEU F 105 -22.69 -9.55 26.84
N VAL F 106 -23.63 -8.97 27.59
CA VAL F 106 -23.66 -9.17 29.02
C VAL F 106 -24.79 -10.14 29.37
N THR F 107 -24.46 -11.22 30.07
CA THR F 107 -25.48 -12.09 30.64
C THR F 107 -25.19 -12.22 32.14
N GLY F 108 -25.46 -13.38 32.74
CA GLY F 108 -25.43 -13.47 34.20
C GLY F 108 -24.81 -14.73 34.77
N VAL F 109 -24.39 -14.64 36.01
CA VAL F 109 -23.87 -15.82 36.73
C VAL F 109 -24.95 -16.84 37.07
N ALA F 110 -26.22 -16.51 36.84
CA ALA F 110 -27.31 -17.46 37.00
C ALA F 110 -27.10 -18.72 36.19
N TYR F 111 -26.22 -18.66 35.20
CA TYR F 111 -25.82 -19.85 34.43
C TYR F 111 -25.31 -21.00 35.33
N TYR F 112 -24.60 -20.65 36.41
CA TYR F 112 -23.99 -21.63 37.30
C TYR F 112 -24.96 -22.04 38.40
N GLN F 113 -25.05 -23.33 38.62
CA GLN F 113 -25.96 -23.91 39.61
C GLN F 113 -25.66 -23.39 41.01
N PRO F 114 -26.63 -22.68 41.65
CA PRO F 114 -26.42 -22.25 43.02
C PRO F 114 -26.14 -23.44 43.91
N SER F 115 -25.22 -23.24 44.86
CA SER F 115 -24.64 -24.31 45.65
C SER F 115 -23.88 -23.70 46.80
N LEU F 116 -23.87 -24.40 47.93
CA LEU F 116 -23.08 -23.98 49.08
C LEU F 116 -21.65 -24.57 49.06
N THR F 117 -21.43 -25.56 48.20
CA THR F 117 -20.14 -26.29 48.12
C THR F 117 -19.39 -26.08 46.80
N ALA F 118 -20.08 -25.86 45.69
CA ALA F 118 -19.43 -25.80 44.37
C ALA F 118 -18.62 -24.52 44.17
N GLU F 119 -17.74 -24.59 43.19
CA GLU F 119 -16.92 -23.49 42.74
C GLU F 119 -16.89 -23.50 41.20
N TYR F 120 -17.14 -22.36 40.56
CA TYR F 120 -17.30 -22.30 39.11
C TYR F 120 -16.31 -21.35 38.49
N ASP F 121 -15.86 -21.65 37.29
CA ASP F 121 -15.20 -20.64 36.43
C ASP F 121 -15.84 -20.64 35.05
N GLU F 122 -15.23 -19.92 34.11
CA GLU F 122 -15.86 -19.68 32.79
C GLU F 122 -16.05 -20.95 31.98
N ASP F 123 -15.30 -22.00 32.33
CA ASP F 123 -15.39 -23.25 31.59
C ASP F 123 -16.37 -24.21 32.27
N SER F 124 -16.97 -23.81 33.38
CA SER F 124 -17.87 -24.70 34.10
C SER F 124 -19.19 -24.90 33.37
N PRO F 125 -19.77 -26.08 33.48
CA PRO F 125 -21.07 -26.34 32.88
C PRO F 125 -22.24 -25.77 33.67
N GLY F 126 -23.37 -25.60 32.99
CA GLY F 126 -24.56 -25.00 33.56
C GLY F 126 -25.60 -24.69 32.51
N GLY F 127 -26.46 -23.73 32.79
CA GLY F 127 -27.42 -23.22 31.81
C GLY F 127 -28.66 -24.05 31.55
N ASP F 128 -28.98 -24.99 32.45
CA ASP F 128 -29.98 -26.03 32.16
C ASP F 128 -30.80 -26.59 33.33
N PHE F 129 -30.98 -25.83 34.39
CA PHE F 129 -31.60 -26.36 35.63
C PHE F 129 -32.70 -25.48 36.25
N ASP F 130 -32.90 -24.29 35.71
CA ASP F 130 -33.96 -23.40 36.18
C ASP F 130 -34.22 -22.32 35.12
N PHE F 131 -35.17 -21.44 35.39
CA PHE F 131 -35.55 -20.44 34.39
C PHE F 131 -34.40 -19.51 33.98
N PHE F 132 -33.66 -19.02 34.96
CA PHE F 132 -32.61 -18.06 34.69
C PHE F 132 -31.35 -18.67 34.04
N SER F 133 -31.05 -19.92 34.38
CA SER F 133 -29.94 -20.62 33.72
C SER F 133 -30.30 -20.92 32.26
N ASN F 134 -31.51 -21.40 32.02
CA ASN F 134 -32.02 -21.57 30.65
C ASN F 134 -32.06 -20.24 29.90
N LEU F 135 -32.44 -19.16 30.58
CA LEU F 135 -32.39 -17.85 29.96
C LEU F 135 -30.98 -17.57 29.42
N VAL F 136 -29.98 -17.69 30.27
CA VAL F 136 -28.62 -17.37 29.84
C VAL F 136 -28.21 -18.22 28.63
N THR F 137 -28.53 -19.50 28.62
CA THR F 137 -28.20 -20.34 27.48
C THR F 137 -28.80 -19.79 26.18
N LYS F 138 -30.11 -19.53 26.20
CA LYS F 138 -30.84 -19.05 24.99
C LYS F 138 -30.33 -17.68 24.56
N TRP F 139 -30.04 -16.86 25.56
CA TRP F 139 -29.53 -15.51 25.38
C TRP F 139 -28.20 -15.53 24.69
N GLU F 140 -27.31 -16.38 25.17
CA GLU F 140 -25.99 -16.52 24.55
C GLU F 140 -26.11 -17.12 23.18
N ALA F 141 -26.99 -18.11 23.03
CA ALA F 141 -27.21 -18.71 21.69
C ALA F 141 -27.69 -17.64 20.66
N ALA F 142 -28.50 -16.71 21.13
CA ALA F 142 -29.02 -15.63 20.32
C ALA F 142 -27.91 -14.70 19.82
N ALA F 143 -26.88 -14.53 20.63
CA ALA F 143 -25.72 -13.68 20.27
C ALA F 143 -24.72 -14.35 19.35
N ARG F 144 -24.75 -15.67 19.24
CA ARG F 144 -23.67 -16.38 18.62
C ARG F 144 -23.69 -16.19 17.10
N LEU F 145 -22.61 -15.58 16.58
CA LEU F 145 -22.47 -15.34 15.16
C LEU F 145 -21.79 -16.53 14.53
N PRO F 146 -22.27 -16.98 13.36
CA PRO F 146 -21.44 -17.90 12.59
C PRO F 146 -20.35 -17.06 11.91
N GLY F 147 -19.27 -17.69 11.50
CA GLY F 147 -18.22 -16.94 10.83
C GLY F 147 -17.31 -16.31 11.86
N ASP F 148 -16.09 -16.02 11.41
CA ASP F 148 -14.98 -15.64 12.28
C ASP F 148 -14.56 -14.17 12.09
N SER F 149 -15.27 -13.43 11.24
CA SER F 149 -14.96 -12.02 11.00
C SER F 149 -15.06 -11.11 12.20
N THR F 150 -15.89 -11.48 13.17
CA THR F 150 -16.13 -10.65 14.34
C THR F 150 -15.80 -11.38 15.61
N ARG F 151 -14.91 -10.77 16.40
CA ARG F 151 -14.50 -11.25 17.70
C ARG F 151 -15.70 -11.26 18.67
N GLN F 152 -15.89 -12.35 19.41
CA GLN F 152 -17.10 -12.54 20.24
C GLN F 152 -16.74 -12.72 21.71
N VAL F 153 -17.42 -11.96 22.55
CA VAL F 153 -17.18 -12.01 23.99
C VAL F 153 -18.52 -12.03 24.72
N VAL F 154 -18.61 -12.85 25.75
CA VAL F 154 -19.78 -12.84 26.59
C VAL F 154 -19.32 -12.64 28.02
N VAL F 155 -19.83 -11.60 28.68
CA VAL F 155 -19.50 -11.35 30.08
C VAL F 155 -20.66 -11.73 30.98
N ARG F 156 -20.48 -12.80 31.75
CA ARG F 156 -21.51 -13.25 32.72
C ARG F 156 -21.32 -12.49 34.01
N SER F 157 -22.25 -11.60 34.32
CA SER F 157 -22.07 -10.62 35.40
C SER F 157 -22.68 -11.09 36.69
N GLY F 158 -22.03 -10.74 37.77
CA GLY F 158 -22.65 -10.82 39.10
C GLY F 158 -23.48 -9.59 39.37
N VAL F 159 -23.84 -9.36 40.64
CA VAL F 159 -24.63 -8.16 41.01
C VAL F 159 -23.73 -6.96 40.85
N VAL F 160 -24.22 -5.98 40.10
CA VAL F 160 -23.43 -4.81 39.82
C VAL F 160 -23.77 -3.77 40.88
N LEU F 161 -22.77 -3.43 41.70
CA LEU F 161 -22.96 -2.48 42.77
C LEU F 161 -22.43 -1.10 42.37
N GLY F 162 -23.28 -0.09 42.48
CA GLY F 162 -22.86 1.24 42.14
C GLY F 162 -23.84 2.32 42.54
N ARG F 163 -23.36 3.57 42.56
CA ARG F 163 -24.23 4.72 42.82
C ARG F 163 -25.16 4.88 41.61
N GLY F 164 -26.36 5.34 41.88
CA GLY F 164 -27.24 5.81 40.80
C GLY F 164 -27.88 4.71 39.98
N GLY F 165 -28.18 3.58 40.61
CA GLY F 165 -29.03 2.57 39.98
C GLY F 165 -28.76 1.16 40.40
N GLY F 166 -29.34 0.22 39.67
CA GLY F 166 -29.20 -1.20 39.95
C GLY F 166 -29.76 -1.61 41.30
N ALA F 167 -29.16 -2.64 41.87
CA ALA F 167 -29.58 -3.16 43.17
C ALA F 167 -29.44 -2.11 44.29
N MSE F 168 -28.40 -1.30 44.26
CA MSE F 168 -28.21 -0.25 45.27
C MSE F 168 -29.34 0.75 45.25
O MSE F 168 -29.66 1.35 46.27
CB MSE F 168 -26.88 0.47 45.06
CG MSE F 168 -25.69 -0.46 45.38
SE MSE F 168 -25.56 -0.67 47.30
CE MSE F 168 -24.61 -2.36 47.30
N GLY F 169 -29.94 0.98 44.08
CA GLY F 169 -31.13 1.83 44.01
C GLY F 169 -32.18 1.40 45.04
N HIS F 170 -32.36 0.10 45.23
CA HIS F 170 -33.33 -0.45 46.18
C HIS F 170 -32.84 -0.55 47.60
N MSE F 171 -31.53 -0.71 47.77
CA MSE F 171 -30.98 -1.08 49.08
C MSE F 171 -30.48 0.10 49.86
O MSE F 171 -30.38 0.03 51.10
CB MSE F 171 -29.82 -2.05 48.87
CG MSE F 171 -30.28 -3.49 48.65
SE MSE F 171 -28.74 -4.71 48.56
CE MSE F 171 -27.92 -3.90 46.97
N LEU F 172 -30.14 1.17 49.17
CA LEU F 172 -29.30 2.20 49.77
C LEU F 172 -30.02 2.99 50.86
N LEU F 173 -31.26 3.39 50.60
CA LEU F 173 -32.00 4.17 51.61
C LEU F 173 -32.33 3.34 52.86
N PRO F 174 -32.84 2.10 52.68
CA PRO F 174 -33.08 1.27 53.88
C PRO F 174 -31.81 1.01 54.72
N PHE F 175 -30.72 0.65 54.06
CA PHE F 175 -29.48 0.45 54.79
C PHE F 175 -29.06 1.71 55.52
N ARG F 176 -29.14 2.85 54.84
CA ARG F 176 -28.82 4.13 55.47
C ARG F 176 -29.67 4.42 56.70
N LEU F 177 -30.87 3.85 56.76
CA LEU F 177 -31.78 4.10 57.86
C LEU F 177 -31.70 3.03 58.95
N GLY F 178 -30.75 2.11 58.82
CA GLY F 178 -30.57 1.03 59.79
C GLY F 178 -31.50 -0.16 59.64
N LEU F 179 -32.11 -0.29 58.46
CA LEU F 179 -33.08 -1.33 58.18
C LEU F 179 -32.45 -2.44 57.37
N GLY F 180 -31.16 -2.34 57.11
CA GLY F 180 -30.45 -3.36 56.38
C GLY F 180 -30.19 -4.62 57.19
N GLY F 181 -29.75 -5.64 56.46
CA GLY F 181 -29.31 -6.90 57.07
C GLY F 181 -29.24 -8.07 56.10
N PRO F 182 -28.90 -9.25 56.61
CA PRO F 182 -28.82 -10.42 55.77
C PRO F 182 -30.16 -10.84 55.18
N ILE F 183 -30.12 -11.41 53.99
CA ILE F 183 -31.26 -11.99 53.34
C ILE F 183 -31.22 -13.52 53.56
N GLY F 184 -32.23 -14.04 54.24
CA GLY F 184 -32.30 -15.49 54.52
C GLY F 184 -31.27 -15.87 55.57
N SER F 185 -30.53 -16.94 55.34
CA SER F 185 -29.49 -17.36 56.28
C SER F 185 -28.32 -16.40 56.21
N GLY F 186 -28.12 -15.79 55.06
CA GLY F 186 -26.95 -14.95 54.82
C GLY F 186 -25.71 -15.74 54.43
N HIS F 187 -25.78 -17.07 54.50
CA HIS F 187 -24.64 -17.92 54.18
C HIS F 187 -24.36 -18.03 52.72
N GLN F 188 -25.33 -17.69 51.87
CA GLN F 188 -25.21 -17.86 50.41
C GLN F 188 -24.12 -16.98 49.80
N PHE F 189 -23.45 -17.50 48.77
CA PHE F 189 -22.44 -16.72 48.08
C PHE F 189 -23.09 -15.52 47.41
N PHE F 190 -22.34 -14.42 47.41
CA PHE F 190 -22.77 -13.16 46.86
C PHE F 190 -21.79 -12.75 45.76
N PRO F 191 -22.00 -13.23 44.52
CA PRO F 191 -21.17 -12.79 43.38
C PRO F 191 -21.51 -11.37 43.02
N TRP F 192 -20.52 -10.50 43.04
CA TRP F 192 -20.74 -9.06 42.86
C TRP F 192 -19.62 -8.46 42.09
N ILE F 193 -19.85 -7.28 41.55
CA ILE F 193 -18.81 -6.48 40.88
C ILE F 193 -19.16 -5.01 41.02
N HIS F 194 -18.13 -4.17 41.20
CA HIS F 194 -18.34 -2.74 41.20
C HIS F 194 -18.62 -2.30 39.80
N ILE F 195 -19.57 -1.38 39.65
CA ILE F 195 -19.95 -0.91 38.32
C ILE F 195 -18.77 -0.41 37.50
N GLY F 196 -17.80 0.24 38.13
CA GLY F 196 -16.58 0.67 37.43
C GLY F 196 -15.80 -0.45 36.84
N ASP F 197 -15.80 -1.60 37.51
CA ASP F 197 -15.08 -2.79 37.03
C ASP F 197 -15.84 -3.59 35.93
N LEU F 198 -17.17 -3.60 35.97
CA LEU F 198 -17.91 -4.16 34.86
C LEU F 198 -17.69 -3.28 33.64
N ALA F 199 -17.81 -1.97 33.80
CA ALA F 199 -17.55 -1.00 32.73
C ALA F 199 -16.13 -1.18 32.17
N GLY F 200 -15.17 -1.44 33.07
CA GLY F 200 -13.78 -1.67 32.69
C GLY F 200 -13.53 -2.95 31.92
N ILE F 201 -14.13 -4.04 32.37
CA ILE F 201 -14.01 -5.31 31.69
C ILE F 201 -14.59 -5.19 30.29
N LEU F 202 -15.77 -4.60 30.19
CA LEU F 202 -16.45 -4.43 28.91
C LEU F 202 -15.61 -3.60 27.97
N THR F 203 -15.05 -2.53 28.49
CA THR F 203 -14.15 -1.70 27.71
C THR F 203 -12.90 -2.43 27.26
N HIS F 204 -12.32 -3.23 28.16
CA HIS F 204 -11.13 -4.02 27.84
C HIS F 204 -11.46 -5.03 26.76
N ALA F 205 -12.66 -5.61 26.83
CA ALA F 205 -13.09 -6.57 25.83
C ALA F 205 -13.19 -5.88 24.48
N LEU F 206 -13.75 -4.66 24.47
CA LEU F 206 -13.93 -3.92 23.23
C LEU F 206 -12.58 -3.48 22.63
N GLU F 207 -11.62 -3.12 23.47
CA GLU F 207 -10.36 -2.58 22.98
C GLU F 207 -9.31 -3.65 22.64
N ALA F 208 -9.14 -4.64 23.52
CA ALA F 208 -8.04 -5.61 23.42
C ALA F 208 -8.43 -6.77 22.54
N ASN F 209 -7.71 -6.95 21.43
CA ASN F 209 -8.20 -7.91 20.43
C ASN F 209 -7.75 -9.34 20.69
N HIS F 210 -7.13 -9.60 21.83
CA HIS F 210 -6.84 -10.97 22.26
C HIS F 210 -7.96 -11.57 23.10
N VAL F 211 -8.95 -10.75 23.47
CA VAL F 211 -10.00 -11.18 24.39
C VAL F 211 -11.14 -11.83 23.62
N HIS F 212 -11.50 -13.06 23.97
CA HIS F 212 -12.54 -13.84 23.29
C HIS F 212 -13.30 -14.67 24.29
N GLY F 213 -14.54 -15.05 23.97
CA GLY F 213 -15.26 -16.06 24.73
C GLY F 213 -15.90 -15.55 26.00
N VAL F 214 -16.06 -16.46 26.95
CA VAL F 214 -16.80 -16.19 28.18
C VAL F 214 -15.85 -15.62 29.22
N LEU F 215 -16.27 -14.50 29.83
CA LEU F 215 -15.56 -13.89 30.95
C LEU F 215 -16.55 -13.72 32.11
N ASN F 216 -16.13 -14.06 33.33
CA ASN F 216 -16.99 -13.89 34.49
C ASN F 216 -16.83 -12.48 35.02
N GLY F 217 -17.91 -11.72 34.93
CA GLY F 217 -17.93 -10.34 35.40
C GLY F 217 -18.20 -10.24 36.90
N VAL F 218 -17.24 -10.74 37.67
CA VAL F 218 -17.30 -10.72 39.12
C VAL F 218 -15.97 -10.25 39.67
N ALA F 219 -16.01 -9.60 40.82
CA ALA F 219 -14.80 -9.27 41.54
C ALA F 219 -14.23 -10.60 42.06
N PRO F 220 -12.90 -10.72 42.17
CA PRO F 220 -12.31 -11.94 42.69
C PRO F 220 -12.47 -12.00 44.19
N SER F 221 -13.70 -12.24 44.64
CA SER F 221 -14.04 -12.12 46.05
C SER F 221 -14.85 -13.34 46.43
N SER F 222 -14.91 -13.60 47.74
CA SER F 222 -15.65 -14.75 48.26
C SER F 222 -16.76 -14.32 49.18
N ALA F 223 -17.22 -13.08 49.02
CA ALA F 223 -18.24 -12.56 49.93
C ALA F 223 -19.44 -13.49 49.98
N THR F 224 -19.99 -13.65 51.18
CA THR F 224 -21.32 -14.22 51.37
C THR F 224 -22.28 -13.05 51.53
N ASN F 225 -23.57 -13.32 51.42
CA ASN F 225 -24.57 -12.27 51.64
C ASN F 225 -24.49 -11.64 53.06
N ALA F 226 -24.25 -12.46 54.08
CA ALA F 226 -24.05 -11.97 55.42
C ALA F 226 -22.89 -10.99 55.47
N GLU F 227 -21.78 -11.35 54.84
CA GLU F 227 -20.62 -10.48 54.82
C GLU F 227 -20.95 -9.16 54.10
N PHE F 228 -21.71 -9.25 53.01
CA PHE F 228 -22.15 -8.05 52.28
C PHE F 228 -22.93 -7.07 53.16
N ALA F 229 -23.92 -7.59 53.86
CA ALA F 229 -24.76 -6.75 54.73
C ALA F 229 -23.93 -6.06 55.83
N GLN F 230 -23.05 -6.84 56.45
CA GLN F 230 -22.20 -6.34 57.51
C GLN F 230 -21.24 -5.25 56.97
N THR F 231 -20.57 -5.52 55.84
CA THR F 231 -19.60 -4.58 55.26
C THR F 231 -20.26 -3.30 54.78
N PHE F 232 -21.49 -3.44 54.32
CA PHE F 232 -22.21 -2.31 53.81
C PHE F 232 -22.65 -1.39 54.96
N GLY F 233 -23.16 -2.01 56.02
CA GLY F 233 -23.45 -1.27 57.25
C GLY F 233 -22.24 -0.54 57.77
N ALA F 234 -21.13 -1.25 57.87
CA ALA F 234 -19.89 -0.62 58.33
C ALA F 234 -19.57 0.59 57.45
N ALA F 235 -19.64 0.46 56.13
CA ALA F 235 -19.30 1.56 55.24
C ALA F 235 -20.21 2.76 55.38
N LEU F 236 -21.45 2.55 55.80
CA LEU F 236 -22.41 3.64 56.02
C LEU F 236 -22.43 4.13 57.47
N GLY F 237 -21.73 3.43 58.35
CA GLY F 237 -21.76 3.72 59.78
C GLY F 237 -23.10 3.39 60.43
N ARG F 238 -23.72 2.28 60.01
CA ARG F 238 -25.03 1.91 60.49
C ARG F 238 -25.14 0.47 60.96
N ARG F 239 -26.04 0.26 61.91
CA ARG F 239 -26.57 -1.05 62.26
C ARG F 239 -27.11 -1.73 61.01
N ALA F 240 -26.70 -2.98 60.76
CA ALA F 240 -27.34 -3.78 59.70
C ALA F 240 -27.70 -5.19 60.24
N PHE F 241 -28.54 -5.20 61.29
CA PHE F 241 -28.82 -6.39 62.12
C PHE F 241 -30.19 -7.04 61.83
N ILE F 242 -30.96 -6.52 60.88
CA ILE F 242 -32.36 -6.99 60.62
C ILE F 242 -32.47 -7.98 59.45
N PRO F 243 -32.64 -9.30 59.74
CA PRO F 243 -32.66 -10.28 58.66
C PRO F 243 -33.97 -10.26 57.93
N LEU F 244 -33.94 -10.40 56.60
CA LEU F 244 -35.13 -10.59 55.79
C LEU F 244 -35.41 -12.09 55.68
N PRO F 245 -36.48 -12.57 56.33
CA PRO F 245 -36.74 -13.99 56.20
C PRO F 245 -37.04 -14.41 54.77
N SER F 246 -36.85 -15.69 54.51
CA SER F 246 -37.09 -16.28 53.19
C SER F 246 -38.52 -16.08 52.74
N ALA F 247 -39.46 -16.38 53.63
CA ALA F 247 -40.89 -16.28 53.34
C ALA F 247 -41.27 -14.92 52.78
N VAL F 248 -40.66 -13.88 53.35
CA VAL F 248 -41.00 -12.50 53.00
C VAL F 248 -40.37 -12.12 51.68
N VAL F 249 -39.17 -12.58 51.41
CA VAL F 249 -38.56 -12.34 50.12
C VAL F 249 -39.35 -13.06 49.02
N GLN F 250 -39.81 -14.27 49.32
CA GLN F 250 -40.63 -15.04 48.38
C GLN F 250 -41.98 -14.38 48.12
N ALA F 251 -42.57 -13.80 49.17
CA ALA F 251 -43.83 -13.11 49.03
C ALA F 251 -43.69 -11.92 48.09
N VAL F 252 -42.60 -11.18 48.22
CA VAL F 252 -42.44 -9.97 47.45
C VAL F 252 -41.98 -10.25 46.02
N PHE F 253 -41.06 -11.18 45.82
CA PHE F 253 -40.47 -11.44 44.53
C PHE F 253 -40.94 -12.70 43.81
N GLY F 254 -41.58 -13.63 44.52
CA GLY F 254 -41.92 -14.95 43.98
C GLY F 254 -40.81 -15.97 44.15
N ARG F 255 -41.19 -17.26 44.20
CA ARG F 255 -40.25 -18.36 44.43
C ARG F 255 -39.03 -18.27 43.49
N GLN F 256 -39.32 -18.06 42.21
CA GLN F 256 -38.32 -18.19 41.15
C GLN F 256 -37.26 -17.06 41.22
N ARG F 257 -37.68 -15.82 41.40
CA ARG F 257 -36.72 -14.71 41.54
C ARG F 257 -36.01 -14.74 42.89
N ALA F 258 -36.72 -15.22 43.91
CA ALA F 258 -36.14 -15.29 45.25
C ALA F 258 -34.82 -16.09 45.25
N ILE F 259 -34.69 -17.02 44.31
CA ILE F 259 -33.45 -17.80 44.13
C ILE F 259 -32.24 -16.88 43.98
N MSE F 260 -32.43 -15.80 43.24
CA MSE F 260 -31.35 -14.86 43.00
C MSE F 260 -30.94 -14.16 44.24
O MSE F 260 -29.85 -13.55 44.28
CB MSE F 260 -31.79 -13.82 41.96
CG MSE F 260 -31.77 -14.43 40.55
SE MSE F 260 -32.60 -13.19 39.28
CE MSE F 260 -31.83 -11.56 40.08
N LEU F 261 -31.81 -14.15 45.25
CA LEU F 261 -31.58 -13.41 46.48
C LEU F 261 -31.17 -14.31 47.65
N LEU F 262 -31.84 -15.45 47.78
CA LEU F 262 -31.63 -16.36 48.89
C LEU F 262 -30.51 -17.37 48.64
N GLU F 263 -30.12 -17.56 47.40
CA GLU F 263 -29.10 -18.55 47.05
C GLU F 263 -27.99 -17.91 46.25
N GLY F 264 -26.92 -18.67 45.98
CA GLY F 264 -25.74 -18.13 45.32
C GLY F 264 -24.75 -19.12 44.76
N GLN F 265 -23.88 -18.59 43.91
CA GLN F 265 -22.83 -19.35 43.21
C GLN F 265 -21.49 -18.77 43.58
N LYS F 266 -20.54 -19.62 43.89
CA LYS F 266 -19.18 -19.15 44.06
C LYS F 266 -18.54 -19.09 42.67
N VAL F 267 -18.28 -17.90 42.16
CA VAL F 267 -17.80 -17.74 40.79
C VAL F 267 -16.41 -17.07 40.75
N ILE F 268 -15.46 -17.74 40.11
CA ILE F 268 -14.09 -17.23 39.93
C ILE F 268 -13.93 -16.62 38.53
N PRO F 269 -13.33 -15.43 38.46
CA PRO F 269 -13.08 -14.77 37.20
C PRO F 269 -11.72 -15.15 36.68
N ARG F 270 -11.56 -16.42 36.33
CA ARG F 270 -10.25 -16.91 35.91
C ARG F 270 -9.85 -16.32 34.58
N ARG F 271 -10.74 -16.50 33.60
CA ARG F 271 -10.49 -16.00 32.26
C ARG F 271 -10.46 -14.46 32.22
N THR F 272 -11.26 -13.82 33.07
CA THR F 272 -11.26 -12.37 33.13
C THR F 272 -9.87 -11.89 33.53
N LEU F 273 -9.32 -12.48 34.58
CA LEU F 273 -7.99 -12.07 35.06
C LEU F 273 -6.91 -12.40 34.02
N ALA F 274 -7.08 -13.52 33.32
CA ALA F 274 -6.11 -13.93 32.32
C ALA F 274 -6.11 -12.98 31.07
N THR F 275 -7.13 -12.13 30.89
CA THR F 275 -7.12 -11.13 29.81
C THR F 275 -6.19 -9.94 30.08
N GLY F 276 -5.65 -9.88 31.29
CA GLY F 276 -4.79 -8.79 31.69
C GLY F 276 -5.55 -7.67 32.37
N TYR F 277 -6.88 -7.76 32.41
CA TYR F 277 -7.68 -6.74 33.11
C TYR F 277 -7.33 -6.68 34.59
N GLN F 278 -7.30 -5.47 35.10
CA GLN F 278 -6.93 -5.21 36.48
C GLN F 278 -8.00 -4.42 37.21
N TYR F 279 -8.49 -4.99 38.30
CA TYR F 279 -9.64 -4.47 38.98
C TYR F 279 -9.30 -3.24 39.78
N SER F 280 -10.19 -2.25 39.71
CA SER F 280 -10.10 -1.06 40.56
C SER F 280 -10.62 -1.31 41.98
N PHE F 281 -11.60 -2.21 42.10
CA PHE F 281 -12.26 -2.49 43.37
C PHE F 281 -12.46 -4.01 43.53
N PRO F 282 -11.36 -4.75 43.62
CA PRO F 282 -11.47 -6.18 43.82
C PRO F 282 -12.00 -6.62 45.19
N GLU F 283 -11.81 -5.80 46.23
CA GLU F 283 -12.16 -6.18 47.60
C GLU F 283 -13.47 -5.48 47.95
N LEU F 284 -14.39 -6.19 48.60
CA LEU F 284 -15.76 -5.69 48.82
C LEU F 284 -15.80 -4.42 49.66
N GLY F 285 -14.98 -4.38 50.71
CA GLY F 285 -14.87 -3.19 51.53
C GLY F 285 -14.48 -1.95 50.75
N ALA F 286 -13.47 -2.06 49.90
CA ALA F 286 -13.05 -0.92 49.07
C ALA F 286 -14.17 -0.48 48.13
N ALA F 287 -14.90 -1.45 47.58
CA ALA F 287 -16.01 -1.17 46.67
C ALA F 287 -17.13 -0.40 47.37
N LEU F 288 -17.57 -0.89 48.52
CA LEU F 288 -18.69 -0.28 49.22
C LEU F 288 -18.30 1.08 49.81
N LYS F 289 -17.01 1.23 50.16
CA LYS F 289 -16.47 2.51 50.63
C LYS F 289 -16.55 3.60 49.53
N GLU F 290 -16.24 3.25 48.29
CA GLU F 290 -16.40 4.17 47.16
C GLU F 290 -17.86 4.61 47.01
N ILE F 291 -18.76 3.64 47.04
CA ILE F 291 -20.18 3.91 46.90
C ILE F 291 -20.70 4.78 48.04
N ALA F 292 -20.30 4.46 49.27
CA ALA F 292 -20.77 5.17 50.47
C ALA F 292 -20.19 6.57 50.63
N GLU F 293 -18.95 6.79 50.21
CA GLU F 293 -18.30 8.11 50.42
C GLU F 293 -18.67 9.15 49.36
N ASN F 294 -19.29 8.68 48.26
CA ASN F 294 -19.63 9.53 47.11
C ASN F 294 -21.17 9.46 46.92
N LEU F 295 -21.89 10.52 47.28
CA LEU F 295 -23.37 10.52 47.20
C LEU F 295 -23.92 11.96 47.03
N MSE G 1 24.29 -19.60 30.58
CA MSE G 1 22.94 -19.96 31.08
C MSE G 1 22.92 -21.44 31.21
O MSE G 1 23.53 -22.13 30.39
CB MSE G 1 21.92 -19.59 30.02
CG MSE G 1 20.58 -19.25 30.61
SE MSE G 1 19.28 -18.99 29.20
CE MSE G 1 20.47 -18.18 27.89
N ARG G 2 22.17 -21.97 32.19
CA ARG G 2 21.90 -23.42 32.27
C ARG G 2 20.44 -23.70 31.87
N VAL G 3 20.23 -24.52 30.85
CA VAL G 3 18.87 -24.81 30.37
C VAL G 3 18.49 -26.28 30.58
N LEU G 4 17.31 -26.51 31.12
CA LEU G 4 16.78 -27.85 31.28
C LEU G 4 15.82 -28.11 30.11
N VAL G 5 16.09 -29.12 29.29
CA VAL G 5 15.21 -29.39 28.13
C VAL G 5 14.50 -30.73 28.22
N GLY G 6 13.21 -30.66 28.55
CA GLY G 6 12.37 -31.87 28.61
C GLY G 6 12.12 -32.41 27.21
N GLY G 7 12.34 -33.70 27.03
CA GLY G 7 12.22 -34.33 25.71
C GLY G 7 13.31 -33.92 24.75
N GLY G 8 14.41 -33.41 25.26
CA GLY G 8 15.46 -32.82 24.42
C GLY G 8 16.31 -33.76 23.61
N THR G 9 16.11 -35.06 23.78
CA THR G 9 16.75 -36.06 22.91
C THR G 9 16.19 -36.04 21.48
N GLY G 10 15.01 -35.46 21.29
CA GLY G 10 14.29 -35.53 20.02
C GLY G 10 14.80 -34.63 18.92
N PHE G 11 13.95 -34.47 17.91
CA PHE G 11 14.28 -33.76 16.67
C PHE G 11 14.54 -32.27 16.93
N ILE G 12 13.54 -31.59 17.46
CA ILE G 12 13.69 -30.19 17.81
C ILE G 12 14.76 -30.05 18.92
N GLY G 13 14.71 -30.95 19.89
CA GLY G 13 15.57 -30.87 21.03
C GLY G 13 17.04 -30.93 20.68
N THR G 14 17.39 -31.78 19.72
CA THR G 14 18.77 -31.95 19.32
C THR G 14 19.29 -30.71 18.64
N ALA G 15 18.45 -30.06 17.83
CA ALA G 15 18.85 -28.82 17.17
C ALA G 15 18.98 -27.71 18.22
N LEU G 16 18.06 -27.67 19.18
CA LEU G 16 18.11 -26.63 20.21
C LEU G 16 19.35 -26.78 21.08
N THR G 17 19.69 -28.01 21.43
CA THR G 17 20.84 -28.28 22.25
C THR G 17 22.10 -27.85 21.51
N GLN G 18 22.22 -28.20 20.24
CA GLN G 18 23.39 -27.82 19.47
C GLN G 18 23.57 -26.28 19.44
N LEU G 19 22.49 -25.53 19.25
CA LEU G 19 22.58 -24.06 19.15
C LEU G 19 22.88 -23.44 20.51
N LEU G 20 22.19 -23.93 21.53
CA LEU G 20 22.47 -23.49 22.90
C LEU G 20 23.93 -23.69 23.30
N ASN G 21 24.46 -24.88 23.05
CA ASN G 21 25.87 -25.18 23.39
C ASN G 21 26.80 -24.22 22.65
N ALA G 22 26.56 -24.06 21.36
CA ALA G 22 27.38 -23.20 20.51
C ALA G 22 27.40 -21.76 21.02
N ARG G 23 26.30 -21.33 21.61
CA ARG G 23 26.17 -19.95 22.13
C ARG G 23 26.61 -19.77 23.60
N GLY G 24 27.23 -20.82 24.15
CA GLY G 24 27.86 -20.77 25.47
C GLY G 24 27.07 -21.33 26.64
N HIS G 25 25.96 -22.01 26.38
CA HIS G 25 25.07 -22.46 27.42
C HIS G 25 25.25 -23.93 27.72
N GLU G 26 25.02 -24.31 28.98
CA GLU G 26 24.95 -25.74 29.38
C GLU G 26 23.52 -26.25 29.30
N VAL G 27 23.37 -27.49 28.83
CA VAL G 27 22.07 -28.09 28.67
C VAL G 27 22.00 -29.42 29.40
N THR G 28 20.96 -29.59 30.20
CA THR G 28 20.59 -30.88 30.80
C THR G 28 19.26 -31.32 30.17
N LEU G 29 19.13 -32.60 29.86
CA LEU G 29 17.88 -33.13 29.29
C LEU G 29 17.02 -33.81 30.37
N VAL G 30 15.70 -33.75 30.22
CA VAL G 30 14.82 -34.64 30.95
C VAL G 30 14.38 -35.71 29.96
N SER G 31 14.49 -36.98 30.35
CA SER G 31 14.26 -38.09 29.44
C SER G 31 13.63 -39.27 30.18
N ARG G 32 12.98 -40.15 29.43
CA ARG G 32 12.44 -41.38 30.02
C ARG G 32 13.53 -42.35 30.39
N LYS G 33 14.68 -42.24 29.74
CA LYS G 33 15.78 -43.15 29.95
C LYS G 33 16.96 -42.38 30.55
N PRO G 34 17.60 -42.95 31.59
CA PRO G 34 18.64 -42.21 32.29
C PRO G 34 19.91 -42.13 31.47
N GLY G 35 20.90 -41.44 32.02
CA GLY G 35 22.20 -41.32 31.40
C GLY G 35 22.89 -40.00 31.69
N PRO G 36 24.02 -39.76 31.00
CA PRO G 36 24.80 -38.58 31.32
C PRO G 36 24.17 -37.33 30.67
N GLY G 37 24.28 -36.19 31.33
CA GLY G 37 23.74 -34.95 30.81
C GLY G 37 22.22 -34.87 30.89
N ARG G 38 21.62 -35.74 31.71
CA ARG G 38 20.16 -35.81 31.81
C ARG G 38 19.64 -36.40 33.10
N ILE G 39 18.40 -36.06 33.42
CA ILE G 39 17.70 -36.73 34.51
C ILE G 39 16.38 -37.28 34.00
N THR G 40 15.84 -38.28 34.70
CA THR G 40 14.60 -38.90 34.29
C THR G 40 13.38 -38.18 34.87
N TRP G 41 12.22 -38.45 34.29
CA TRP G 41 10.95 -37.90 34.78
C TRP G 41 10.66 -38.36 36.16
N ASP G 42 10.90 -39.64 36.42
CA ASP G 42 10.69 -40.20 37.75
C ASP G 42 11.55 -39.50 38.77
N GLU G 43 12.78 -39.20 38.39
CA GLU G 43 13.68 -38.53 39.28
C GLU G 43 13.27 -37.08 39.53
N LEU G 44 12.80 -36.37 38.50
CA LEU G 44 12.32 -34.98 38.64
C LEU G 44 11.12 -34.89 39.60
N ALA G 45 10.20 -35.85 39.51
CA ALA G 45 9.02 -35.87 40.39
C ALA G 45 9.42 -36.20 41.83
N ALA G 46 10.46 -37.02 42.00
CA ALA G 46 10.87 -37.49 43.30
C ALA G 46 11.65 -36.41 44.07
N SER G 47 12.68 -35.86 43.47
CA SER G 47 13.59 -34.94 44.15
C SER G 47 13.61 -33.50 43.61
N GLY G 48 12.85 -33.21 42.57
CA GLY G 48 12.60 -31.82 42.19
C GLY G 48 13.45 -31.27 41.06
N LEU G 49 13.31 -29.98 40.81
CA LEU G 49 13.92 -29.33 39.65
C LEU G 49 15.40 -29.09 39.88
N PRO G 50 16.26 -29.58 38.97
CA PRO G 50 17.69 -29.30 39.17
C PRO G 50 17.99 -27.84 38.92
N SER G 51 19.13 -27.36 39.41
CA SER G 51 19.50 -25.96 39.24
C SER G 51 19.52 -25.62 37.73
N CYS G 52 18.74 -24.63 37.37
CA CYS G 52 18.75 -24.14 36.00
C CYS G 52 18.23 -22.71 35.99
N ASP G 53 18.66 -21.95 34.97
CA ASP G 53 18.22 -20.57 34.77
C ASP G 53 16.96 -20.53 33.91
N ALA G 54 16.74 -21.56 33.09
CA ALA G 54 15.62 -21.62 32.16
C ALA G 54 15.24 -23.07 31.87
N ALA G 55 13.98 -23.28 31.52
CA ALA G 55 13.48 -24.62 31.20
C ALA G 55 12.62 -24.60 29.96
N VAL G 56 12.68 -25.69 29.20
CA VAL G 56 11.89 -25.88 28.01
C VAL G 56 11.29 -27.29 28.03
N ASN G 57 10.03 -27.46 27.58
CA ASN G 57 9.49 -28.80 27.37
C ASN G 57 9.14 -29.09 25.89
N LEU G 58 9.70 -30.19 25.39
CA LEU G 58 9.45 -30.68 24.05
C LEU G 58 8.87 -32.11 24.06
N ALA G 59 8.65 -32.66 25.26
CA ALA G 59 8.27 -34.06 25.38
C ALA G 59 6.93 -34.34 24.75
N GLY G 60 6.83 -35.42 24.00
CA GLY G 60 5.54 -35.86 23.46
C GLY G 60 5.64 -37.13 22.63
N GLU G 61 4.72 -38.06 22.83
CA GLU G 61 4.57 -39.19 21.92
C GLU G 61 4.34 -38.66 20.52
N ASN G 62 5.06 -39.21 19.56
CA ASN G 62 4.99 -38.73 18.20
C ASN G 62 3.61 -38.94 17.56
N ILE G 63 2.99 -37.85 17.13
CA ILE G 63 1.64 -37.87 16.60
C ILE G 63 1.53 -38.43 15.17
N LEU G 64 2.38 -37.96 14.26
CA LEU G 64 2.30 -38.37 12.85
C LEU G 64 2.65 -39.84 12.59
N ASN G 65 3.45 -40.43 13.46
CA ASN G 65 3.86 -41.84 13.37
C ASN G 65 2.86 -42.81 12.68
N PRO G 66 3.01 -43.02 11.37
CA PRO G 66 2.11 -43.91 10.60
C PRO G 66 2.07 -45.36 11.05
N LEU G 67 3.05 -45.78 11.83
CA LEU G 67 3.07 -47.16 12.32
C LEU G 67 2.10 -47.41 13.49
N ARG G 68 1.47 -46.35 13.99
CA ARG G 68 0.45 -46.54 15.02
C ARG G 68 -0.91 -46.11 14.52
N ARG G 69 -1.91 -46.95 14.76
CA ARG G 69 -3.31 -46.66 14.36
C ARG G 69 -3.84 -45.64 15.34
N TRP G 70 -4.68 -44.74 14.85
CA TRP G 70 -5.28 -43.74 15.72
C TRP G 70 -6.40 -44.30 16.55
N ASN G 71 -6.09 -45.07 17.59
CA ASN G 71 -7.11 -45.56 18.50
C ASN G 71 -7.13 -44.74 19.79
N GLU G 72 -8.03 -45.13 20.68
CA GLU G 72 -8.18 -44.44 21.96
C GLU G 72 -6.94 -44.55 22.84
N THR G 73 -6.27 -45.70 22.80
CA THR G 73 -5.06 -45.90 23.56
C THR G 73 -3.96 -44.91 23.16
N PHE G 74 -3.78 -44.76 21.84
CA PHE G 74 -2.74 -43.90 21.26
C PHE G 74 -3.07 -42.43 21.48
N GLN G 75 -4.35 -42.15 21.35
CA GLN G 75 -4.90 -40.86 21.74
C GLN G 75 -4.56 -40.50 23.19
N LYS G 76 -4.81 -41.42 24.11
CA LYS G 76 -4.48 -41.20 25.51
C LYS G 76 -2.99 -40.93 25.70
N GLU G 77 -2.12 -41.67 25.00
CA GLU G 77 -0.67 -41.43 25.09
C GLU G 77 -0.27 -40.06 24.49
N VAL G 78 -0.91 -39.66 23.40
CA VAL G 78 -0.56 -38.40 22.77
C VAL G 78 -0.87 -37.28 23.77
N LEU G 79 -2.04 -37.36 24.36
CA LEU G 79 -2.49 -36.38 25.36
C LEU G 79 -1.68 -36.48 26.68
N GLY G 80 -1.63 -37.67 27.27
CA GLY G 80 -1.01 -37.88 28.56
C GLY G 80 0.46 -37.54 28.59
N SER G 81 1.17 -37.96 27.55
CA SER G 81 2.59 -37.68 27.45
C SER G 81 2.91 -36.19 27.49
N ARG G 82 2.07 -35.37 26.87
CA ARG G 82 2.28 -33.93 26.88
C ARG G 82 1.84 -33.24 28.19
N LEU G 83 0.65 -33.57 28.67
CA LEU G 83 0.16 -32.94 29.90
C LEU G 83 0.99 -33.34 31.13
N GLU G 84 1.32 -34.63 31.26
CA GLU G 84 2.00 -35.10 32.48
C GLU G 84 3.38 -34.53 32.56
N THR G 85 4.17 -34.65 31.49
CA THR G 85 5.52 -34.06 31.48
C THR G 85 5.45 -32.54 31.72
N THR G 86 4.55 -31.86 31.02
CA THR G 86 4.47 -30.41 31.18
C THR G 86 4.07 -30.03 32.61
N GLN G 87 3.10 -30.75 33.17
CA GLN G 87 2.60 -30.45 34.51
C GLN G 87 3.67 -30.69 35.56
N LEU G 88 4.46 -31.73 35.34
CA LEU G 88 5.49 -32.13 36.26
C LEU G 88 6.58 -31.05 36.33
N LEU G 89 6.94 -30.50 35.17
CA LEU G 89 7.89 -29.41 35.08
C LEU G 89 7.32 -28.13 35.70
N ALA G 90 6.06 -27.82 35.38
CA ALA G 90 5.39 -26.63 35.95
C ALA G 90 5.38 -26.65 37.48
N LYS G 91 4.94 -27.77 38.06
CA LYS G 91 4.88 -27.89 39.51
C LYS G 91 6.27 -27.83 40.13
N ALA G 92 7.25 -28.39 39.43
CA ALA G 92 8.62 -28.39 39.93
C ALA G 92 9.16 -26.98 39.99
N ILE G 93 8.85 -26.18 38.96
CA ILE G 93 9.26 -24.78 38.90
C ILE G 93 8.63 -24.01 40.05
N THR G 94 7.32 -24.17 40.21
CA THR G 94 6.59 -23.46 41.23
C THR G 94 7.16 -23.73 42.61
N LYS G 95 7.59 -24.96 42.88
CA LYS G 95 8.05 -25.28 44.22
C LYS G 95 9.57 -25.27 44.38
N ALA G 96 10.30 -24.93 43.33
CA ALA G 96 11.76 -24.76 43.44
C ALA G 96 12.10 -23.55 44.30
N PRO G 97 13.11 -23.68 45.19
CA PRO G 97 13.57 -22.56 45.99
C PRO G 97 14.25 -21.45 45.17
N GLN G 98 15.06 -21.84 44.18
CA GLN G 98 15.72 -20.89 43.27
C GLN G 98 15.13 -21.10 41.88
N PRO G 99 13.91 -20.60 41.63
CA PRO G 99 13.23 -21.01 40.41
C PRO G 99 13.86 -20.36 39.19
N PRO G 100 13.71 -20.99 38.01
CA PRO G 100 14.28 -20.46 36.76
C PRO G 100 13.60 -19.21 36.30
N LYS G 101 14.36 -18.34 35.66
CA LYS G 101 13.85 -17.04 35.23
C LYS G 101 12.97 -17.15 33.98
N ALA G 102 13.10 -18.24 33.20
CA ALA G 102 12.27 -18.47 32.01
C ALA G 102 11.72 -19.89 31.89
N TRP G 103 10.55 -20.02 31.27
CA TRP G 103 9.86 -21.32 31.06
C TRP G 103 9.14 -21.30 29.74
N VAL G 104 9.58 -22.13 28.82
CA VAL G 104 9.10 -22.07 27.44
C VAL G 104 8.52 -23.42 27.02
N LEU G 105 7.31 -23.40 26.46
CA LEU G 105 6.66 -24.63 25.97
C LEU G 105 6.49 -24.56 24.46
N VAL G 106 6.62 -25.71 23.80
CA VAL G 106 6.30 -25.79 22.39
C VAL G 106 4.96 -26.51 22.24
N THR G 107 4.03 -25.86 21.56
CA THR G 107 2.79 -26.52 21.17
C THR G 107 2.62 -26.32 19.66
N GLY G 108 1.38 -26.21 19.16
CA GLY G 108 1.16 -26.32 17.73
C GLY G 108 0.13 -25.36 17.17
N VAL G 109 0.24 -25.11 15.87
CA VAL G 109 -0.71 -24.24 15.18
C VAL G 109 -2.09 -24.90 15.02
N ALA G 110 -2.21 -26.18 15.37
CA ALA G 110 -3.51 -26.85 15.43
C ALA G 110 -4.53 -26.11 16.31
N TYR G 111 -4.05 -25.22 17.19
CA TYR G 111 -4.91 -24.33 17.96
C TYR G 111 -5.88 -23.52 17.08
N TYR G 112 -5.41 -23.11 15.91
CA TYR G 112 -6.19 -22.27 15.01
C TYR G 112 -7.03 -23.10 14.05
N GLN G 113 -8.28 -22.73 13.93
CA GLN G 113 -9.27 -23.44 13.12
C GLN G 113 -8.84 -23.47 11.64
N PRO G 114 -8.65 -24.67 11.09
CA PRO G 114 -8.28 -24.75 9.69
C PRO G 114 -9.36 -24.13 8.84
N SER G 115 -8.94 -23.43 7.79
CA SER G 115 -9.80 -22.58 7.00
C SER G 115 -9.07 -22.17 5.73
N LEU G 116 -9.82 -22.02 4.65
CA LEU G 116 -9.25 -21.56 3.38
C LEU G 116 -9.28 -20.03 3.27
N THR G 117 -10.04 -19.38 4.16
CA THR G 117 -10.25 -17.93 4.13
C THR G 117 -9.66 -17.16 5.34
N ALA G 118 -9.56 -17.80 6.50
CA ALA G 118 -9.12 -17.11 7.71
C ALA G 118 -7.67 -16.77 7.70
N GLU G 119 -7.32 -15.83 8.59
CA GLU G 119 -5.95 -15.46 8.88
C GLU G 119 -5.79 -15.32 10.41
N TYR G 120 -4.77 -15.95 10.98
CA TYR G 120 -4.60 -16.01 12.42
C TYR G 120 -3.28 -15.41 12.86
N ASP G 121 -3.28 -14.77 14.03
CA ASP G 121 -2.04 -14.45 14.72
C ASP G 121 -2.10 -14.93 16.15
N GLU G 122 -1.14 -14.53 16.97
CA GLU G 122 -1.02 -15.06 18.32
C GLU G 122 -2.19 -14.68 19.24
N ASP G 123 -2.93 -13.66 18.86
CA ASP G 123 -4.03 -13.19 19.67
C ASP G 123 -5.34 -13.81 19.19
N SER G 124 -5.29 -14.66 18.16
CA SER G 124 -6.52 -15.21 17.59
C SER G 124 -7.10 -16.31 18.47
N PRO G 125 -8.42 -16.44 18.47
CA PRO G 125 -9.06 -17.47 19.29
C PRO G 125 -9.01 -18.84 18.64
N GLY G 126 -9.21 -19.87 19.44
CA GLY G 126 -9.15 -21.24 18.99
C GLY G 126 -9.15 -22.21 20.16
N GLY G 127 -8.59 -23.39 19.92
CA GLY G 127 -8.35 -24.36 20.98
C GLY G 127 -9.54 -25.18 21.44
N ASP G 128 -10.61 -25.23 20.65
CA ASP G 128 -11.89 -25.76 21.14
C ASP G 128 -12.83 -26.43 20.12
N PHE G 129 -12.30 -26.96 19.02
CA PHE G 129 -13.14 -27.42 17.90
C PHE G 129 -12.78 -28.81 17.36
N ASP G 130 -11.69 -29.39 17.86
CA ASP G 130 -11.28 -30.74 17.47
C ASP G 130 -10.27 -31.25 18.48
N PHE G 131 -9.82 -32.46 18.28
CA PHE G 131 -8.95 -33.11 19.25
C PHE G 131 -7.64 -32.33 19.45
N PHE G 132 -7.01 -31.91 18.36
CA PHE G 132 -5.70 -31.29 18.44
C PHE G 132 -5.75 -29.86 18.98
N SER G 133 -6.84 -29.15 18.70
CA SER G 133 -7.02 -27.81 19.25
C SER G 133 -7.25 -27.93 20.75
N ASN G 134 -8.12 -28.85 21.17
CA ASN G 134 -8.32 -29.13 22.59
C ASN G 134 -7.01 -29.55 23.25
N LEU G 135 -6.22 -30.35 22.55
CA LEU G 135 -4.94 -30.75 23.07
C LEU G 135 -4.11 -29.50 23.43
N VAL G 136 -3.94 -28.60 22.47
CA VAL G 136 -3.12 -27.43 22.71
C VAL G 136 -3.65 -26.66 23.91
N THR G 137 -4.98 -26.50 24.03
CA THR G 137 -5.52 -25.76 25.18
C THR G 137 -5.08 -26.39 26.52
N LYS G 138 -5.27 -27.69 26.65
CA LYS G 138 -4.99 -28.41 27.89
C LYS G 138 -3.49 -28.39 28.17
N TRP G 139 -2.75 -28.51 27.08
CA TRP G 139 -1.28 -28.54 27.11
C TRP G 139 -0.74 -27.24 27.64
N GLU G 140 -1.23 -26.14 27.09
CA GLU G 140 -0.84 -24.82 27.56
C GLU G 140 -1.32 -24.58 28.98
N ALA G 141 -2.52 -25.03 29.31
CA ALA G 141 -3.04 -24.89 30.68
C ALA G 141 -2.11 -25.59 31.68
N ALA G 142 -1.57 -26.72 31.28
CA ALA G 142 -0.71 -27.51 32.14
C ALA G 142 0.58 -26.77 32.43
N ALA G 143 1.03 -25.97 31.47
CA ALA G 143 2.28 -25.20 31.61
C ALA G 143 2.12 -23.90 32.40
N ARG G 144 0.90 -23.45 32.60
CA ARG G 144 0.67 -22.11 33.16
C ARG G 144 1.01 -22.07 34.64
N LEU G 145 1.98 -21.25 34.98
CA LEU G 145 2.41 -21.07 36.36
C LEU G 145 1.61 -19.94 36.94
N PRO G 146 1.18 -20.09 38.20
CA PRO G 146 0.69 -18.90 38.91
C PRO G 146 1.91 -18.12 39.38
N GLY G 147 1.75 -16.85 39.65
CA GLY G 147 2.90 -16.08 40.14
C GLY G 147 3.72 -15.59 38.97
N ASP G 148 4.48 -14.52 39.24
CA ASP G 148 5.15 -13.75 38.20
C ASP G 148 6.69 -13.89 38.28
N SER G 149 7.20 -14.75 39.16
CA SER G 149 8.65 -14.97 39.28
C SER G 149 9.34 -15.50 38.04
N THR G 150 8.61 -16.23 37.20
CA THR G 150 9.19 -16.88 36.03
C THR G 150 8.50 -16.44 34.77
N ARG G 151 9.30 -15.90 33.85
CA ARG G 151 8.87 -15.48 32.53
C ARG G 151 8.32 -16.68 31.75
N GLN G 152 7.17 -16.52 31.13
CA GLN G 152 6.47 -17.64 30.47
C GLN G 152 6.31 -17.38 28.97
N VAL G 153 6.68 -18.37 28.17
CA VAL G 153 6.57 -18.26 26.72
C VAL G 153 5.95 -19.56 26.17
N VAL G 154 5.04 -19.45 25.23
CA VAL G 154 4.50 -20.63 24.54
C VAL G 154 4.71 -20.42 23.04
N VAL G 155 5.44 -21.32 22.39
CA VAL G 155 5.65 -21.24 20.95
C VAL G 155 4.80 -22.26 20.24
N ARG G 156 3.80 -21.77 19.52
CA ARG G 156 2.93 -22.64 18.71
C ARG G 156 3.59 -22.86 17.36
N SER G 157 4.05 -24.09 17.12
CA SER G 157 4.89 -24.37 15.97
C SER G 157 4.10 -24.91 14.78
N GLY G 158 4.54 -24.52 13.60
CA GLY G 158 4.10 -25.17 12.36
C GLY G 158 4.92 -26.43 12.12
N VAL G 159 4.86 -26.97 10.89
CA VAL G 159 5.63 -28.14 10.52
C VAL G 159 7.10 -27.76 10.48
N VAL G 160 7.92 -28.49 11.22
CA VAL G 160 9.32 -28.18 11.36
C VAL G 160 10.07 -28.95 10.30
N LEU G 161 10.67 -28.24 9.35
CA LEU G 161 11.32 -28.88 8.23
C LEU G 161 12.82 -28.87 8.47
N GLY G 162 13.45 -30.03 8.39
CA GLY G 162 14.87 -30.12 8.58
C GLY G 162 15.45 -31.46 8.21
N ARG G 163 16.76 -31.49 8.04
CA ARG G 163 17.50 -32.71 7.82
C ARG G 163 17.43 -33.53 9.13
N GLY G 164 17.39 -34.85 8.97
CA GLY G 164 17.60 -35.75 10.10
C GLY G 164 16.43 -35.89 11.05
N GLY G 165 15.21 -35.81 10.54
CA GLY G 165 14.04 -36.12 11.33
C GLY G 165 12.81 -35.35 10.95
N GLY G 166 11.80 -35.46 11.81
CA GLY G 166 10.52 -34.82 11.60
C GLY G 166 9.79 -35.30 10.37
N ALA G 167 9.00 -34.42 9.77
CA ALA G 167 8.27 -34.77 8.57
C ALA G 167 9.16 -35.15 7.42
N MSE G 168 10.29 -34.47 7.27
CA MSE G 168 11.22 -34.74 6.14
C MSE G 168 11.74 -36.15 6.20
O MSE G 168 12.02 -36.77 5.18
CB MSE G 168 12.39 -33.76 6.14
CG MSE G 168 11.95 -32.36 5.74
SE MSE G 168 11.57 -32.34 3.81
CE MSE G 168 10.13 -31.04 3.91
N GLY G 169 11.85 -36.69 7.41
CA GLY G 169 12.17 -38.11 7.56
C GLY G 169 11.28 -39.00 6.72
N HIS G 170 9.98 -38.69 6.67
CA HIS G 170 9.02 -39.46 5.86
C HIS G 170 8.93 -39.08 4.39
N MSE G 171 9.24 -37.82 4.07
CA MSE G 171 8.95 -37.28 2.74
C MSE G 171 10.13 -37.34 1.82
O MSE G 171 9.95 -37.32 0.60
CB MSE G 171 8.52 -35.83 2.88
CG MSE G 171 7.05 -35.69 3.27
SE MSE G 171 6.46 -33.81 3.25
CE MSE G 171 7.63 -33.18 4.73
N LEU G 172 11.33 -37.38 2.37
CA LEU G 172 12.50 -37.03 1.60
C LEU G 172 12.81 -38.09 0.54
N LEU G 173 12.76 -39.36 0.90
CA LEU G 173 13.10 -40.40 -0.05
C LEU G 173 12.06 -40.48 -1.19
N PRO G 174 10.76 -40.49 -0.86
CA PRO G 174 9.78 -40.51 -1.93
C PRO G 174 9.91 -39.33 -2.89
N PHE G 175 10.04 -38.15 -2.35
CA PHE G 175 10.23 -36.97 -3.22
C PHE G 175 11.46 -37.13 -4.10
N ARG G 176 12.55 -37.61 -3.52
CA ARG G 176 13.78 -37.83 -4.27
C ARG G 176 13.59 -38.80 -5.39
N LEU G 177 12.61 -39.69 -5.27
CA LEU G 177 12.37 -40.73 -6.28
C LEU G 177 11.28 -40.35 -7.27
N GLY G 178 10.80 -39.10 -7.18
CA GLY G 178 9.76 -38.60 -8.08
C GLY G 178 8.35 -38.99 -7.72
N LEU G 179 8.15 -39.43 -6.47
CA LEU G 179 6.85 -39.89 -5.99
C LEU G 179 6.15 -38.81 -5.16
N GLY G 180 6.76 -37.64 -5.08
CA GLY G 180 6.17 -36.52 -4.40
C GLY G 180 5.03 -35.86 -5.15
N GLY G 181 4.31 -35.01 -4.42
CA GLY G 181 3.23 -34.21 -4.98
C GLY G 181 2.28 -33.66 -3.94
N PRO G 182 1.23 -32.98 -4.41
CA PRO G 182 0.31 -32.34 -3.49
C PRO G 182 -0.50 -33.36 -2.72
N ILE G 183 -0.87 -32.99 -1.50
CA ILE G 183 -1.75 -33.79 -0.65
C ILE G 183 -3.16 -33.23 -0.77
N GLY G 184 -4.08 -34.03 -1.26
CA GLY G 184 -5.47 -33.57 -1.42
C GLY G 184 -5.58 -32.58 -2.56
N SER G 185 -6.27 -31.47 -2.34
CA SER G 185 -6.38 -30.43 -3.37
C SER G 185 -5.08 -29.69 -3.53
N GLY G 186 -4.30 -29.62 -2.45
CA GLY G 186 -3.08 -28.84 -2.42
C GLY G 186 -3.31 -27.37 -2.11
N HIS G 187 -4.57 -26.94 -2.08
CA HIS G 187 -4.91 -25.54 -1.86
C HIS G 187 -4.69 -25.13 -0.41
N GLN G 188 -4.65 -26.09 0.51
CA GLN G 188 -4.60 -25.81 1.95
C GLN G 188 -3.31 -25.11 2.35
N PHE G 189 -3.41 -24.23 3.33
CA PHE G 189 -2.24 -23.55 3.83
C PHE G 189 -1.29 -24.53 4.50
N PHE G 190 -0.01 -24.24 4.34
CA PHE G 190 1.05 -25.07 4.84
C PHE G 190 1.92 -24.22 5.77
N PRO G 191 1.52 -24.13 7.07
CA PRO G 191 2.35 -23.44 8.04
C PRO G 191 3.59 -24.27 8.31
N TRP G 192 4.76 -23.67 8.13
CA TRP G 192 6.02 -24.39 8.27
C TRP G 192 7.05 -23.51 8.86
N ILE G 193 8.13 -24.11 9.35
CA ILE G 193 9.31 -23.38 9.84
C ILE G 193 10.55 -24.27 9.65
N HIS G 194 11.66 -23.66 9.30
CA HIS G 194 12.93 -24.38 9.20
C HIS G 194 13.40 -24.68 10.61
N ILE G 195 13.92 -25.87 10.80
CA ILE G 195 14.35 -26.30 12.14
C ILE G 195 15.33 -25.32 12.79
N GLY G 196 16.22 -24.73 12.01
CA GLY G 196 17.12 -23.72 12.51
C GLY G 196 16.42 -22.51 13.09
N ASP G 197 15.27 -22.16 12.52
CA ASP G 197 14.51 -21.00 12.96
C ASP G 197 13.62 -21.31 14.17
N LEU G 198 13.11 -22.53 14.29
CA LEU G 198 12.43 -22.89 15.54
C LEU G 198 13.45 -22.91 16.68
N ALA G 199 14.60 -23.51 16.42
CA ALA G 199 15.70 -23.54 17.39
C ALA G 199 16.11 -22.11 17.79
N GLY G 200 16.14 -21.22 16.79
CA GLY G 200 16.47 -19.82 17.01
C GLY G 200 15.45 -19.03 17.82
N ILE G 201 14.18 -19.22 17.52
CA ILE G 201 13.10 -18.59 18.28
C ILE G 201 13.15 -19.03 19.74
N LEU G 202 13.25 -20.33 19.95
CA LEU G 202 13.32 -20.89 21.28
C LEU G 202 14.51 -20.30 22.04
N THR G 203 15.66 -20.26 21.39
CA THR G 203 16.84 -19.67 21.99
C THR G 203 16.69 -18.18 22.32
N HIS G 204 16.07 -17.44 21.40
CA HIS G 204 15.78 -16.02 21.63
C HIS G 204 14.83 -15.85 22.79
N ALA G 205 13.84 -16.74 22.91
CA ALA G 205 12.91 -16.71 24.04
C ALA G 205 13.66 -16.94 25.35
N LEU G 206 14.59 -17.91 25.35
CA LEU G 206 15.36 -18.22 26.54
C LEU G 206 16.32 -17.09 26.92
N GLU G 207 16.92 -16.40 25.94
CA GLU G 207 17.96 -15.40 26.23
C GLU G 207 17.40 -14.00 26.49
N ALA G 208 16.42 -13.59 25.69
CA ALA G 208 15.90 -12.23 25.70
C ALA G 208 14.77 -12.07 26.74
N ASN G 209 14.99 -11.24 27.74
CA ASN G 209 14.03 -11.19 28.84
C ASN G 209 12.81 -10.26 28.61
N HIS G 210 12.65 -9.71 27.42
CA HIS G 210 11.42 -8.99 27.05
C HIS G 210 10.37 -9.89 26.40
N VAL G 211 10.75 -11.14 26.11
CA VAL G 211 9.88 -12.04 25.36
C VAL G 211 8.97 -12.77 26.31
N HIS G 212 7.66 -12.70 26.07
CA HIS G 212 6.66 -13.35 26.96
C HIS G 212 5.44 -13.73 26.17
N GLY G 213 4.68 -14.69 26.65
CA GLY G 213 3.41 -15.05 26.02
C GLY G 213 3.52 -15.95 24.80
N VAL G 214 2.51 -15.85 23.92
CA VAL G 214 2.37 -16.75 22.79
C VAL G 214 3.14 -16.19 21.59
N LEU G 215 3.96 -17.05 20.98
CA LEU G 215 4.68 -16.75 19.76
C LEU G 215 4.36 -17.84 18.71
N ASN G 216 4.07 -17.42 17.47
CA ASN G 216 3.80 -18.40 16.42
C ASN G 216 5.11 -18.81 15.81
N GLY G 217 5.44 -20.09 15.98
CA GLY G 217 6.65 -20.66 15.42
C GLY G 217 6.49 -21.07 13.97
N VAL G 218 6.29 -20.06 13.12
CA VAL G 218 6.12 -20.26 11.68
C VAL G 218 6.99 -19.25 10.93
N ALA G 219 7.46 -19.63 9.74
CA ALA G 219 8.13 -18.71 8.85
C ALA G 219 7.07 -17.73 8.39
N PRO G 220 7.43 -16.45 8.18
CA PRO G 220 6.47 -15.51 7.62
C PRO G 220 6.23 -15.76 6.13
N SER G 221 5.51 -16.84 5.85
CA SER G 221 5.32 -17.30 4.50
C SER G 221 3.85 -17.61 4.30
N SER G 222 3.43 -17.69 3.04
CA SER G 222 2.04 -17.98 2.70
C SER G 222 1.93 -19.23 1.87
N ALA G 223 2.92 -20.10 2.00
CA ALA G 223 2.93 -21.33 1.26
C ALA G 223 1.60 -22.09 1.40
N THR G 224 1.12 -22.62 0.27
CA THR G 224 0.09 -23.66 0.27
C THR G 224 0.79 -25.01 0.14
N ASN G 225 0.09 -26.09 0.41
CA ASN G 225 0.66 -27.42 0.22
C ASN G 225 1.11 -27.69 -1.23
N ALA G 226 0.32 -27.24 -2.21
CA ALA G 226 0.72 -27.35 -3.60
C ALA G 226 2.06 -26.64 -3.84
N GLU G 227 2.20 -25.43 -3.28
CA GLU G 227 3.45 -24.67 -3.46
C GLU G 227 4.61 -25.37 -2.80
N PHE G 228 4.37 -25.97 -1.64
CA PHE G 228 5.40 -26.79 -0.97
C PHE G 228 5.91 -27.96 -1.81
N ALA G 229 4.99 -28.73 -2.39
CA ALA G 229 5.36 -29.88 -3.22
C ALA G 229 6.20 -29.44 -4.41
N GLN G 230 5.73 -28.39 -5.07
CA GLN G 230 6.38 -27.87 -6.27
C GLN G 230 7.79 -27.36 -5.96
N THR G 231 7.90 -26.55 -4.90
CA THR G 231 9.20 -25.99 -4.48
C THR G 231 10.18 -27.06 -4.02
N PHE G 232 9.65 -28.10 -3.41
CA PHE G 232 10.49 -29.16 -2.91
C PHE G 232 11.02 -30.02 -4.06
N GLY G 233 10.15 -30.34 -5.01
CA GLY G 233 10.57 -30.98 -6.26
C GLY G 233 11.63 -30.18 -6.97
N ALA G 234 11.39 -28.89 -7.14
CA ALA G 234 12.38 -28.03 -7.80
C ALA G 234 13.73 -28.15 -7.05
N ALA G 235 13.72 -28.06 -5.72
CA ALA G 235 14.96 -28.07 -4.96
C ALA G 235 15.74 -29.38 -5.09
N LEU G 236 15.03 -30.47 -5.34
CA LEU G 236 15.65 -31.79 -5.54
C LEU G 236 15.92 -32.11 -7.02
N GLY G 237 15.42 -31.28 -7.92
CA GLY G 237 15.49 -31.52 -9.36
C GLY G 237 14.63 -32.68 -9.81
N ARG G 238 13.43 -32.79 -9.24
CA ARG G 238 12.53 -33.90 -9.52
C ARG G 238 11.11 -33.47 -9.89
N ARG G 239 10.48 -34.28 -10.72
CA ARG G 239 9.03 -34.27 -10.91
C ARG G 239 8.34 -34.46 -9.52
N ALA G 240 7.38 -33.59 -9.21
CA ALA G 240 6.52 -33.76 -8.00
C ALA G 240 5.05 -33.62 -8.39
N PHE G 241 4.59 -34.46 -9.33
CA PHE G 241 3.30 -34.34 -10.02
C PHE G 241 2.24 -35.33 -9.51
N ILE G 242 2.56 -36.17 -8.53
CA ILE G 242 1.66 -37.26 -8.11
C ILE G 242 0.84 -36.92 -6.87
N PRO G 243 -0.47 -36.62 -7.05
CA PRO G 243 -1.27 -36.19 -5.88
C PRO G 243 -1.65 -37.36 -4.99
N LEU G 244 -1.61 -37.15 -3.68
CA LEU G 244 -2.12 -38.11 -2.70
C LEU G 244 -3.60 -37.83 -2.42
N PRO G 245 -4.52 -38.69 -2.87
CA PRO G 245 -5.91 -38.38 -2.63
C PRO G 245 -6.22 -38.36 -1.14
N SER G 246 -7.28 -37.66 -0.80
CA SER G 246 -7.75 -37.56 0.56
C SER G 246 -8.06 -38.91 1.17
N ALA G 247 -8.81 -39.74 0.45
CA ALA G 247 -9.21 -41.07 0.88
C ALA G 247 -8.00 -41.91 1.37
N VAL G 248 -6.89 -41.78 0.66
CA VAL G 248 -5.69 -42.59 0.92
C VAL G 248 -4.94 -42.07 2.13
N VAL G 249 -4.88 -40.76 2.29
CA VAL G 249 -4.29 -40.20 3.48
C VAL G 249 -5.14 -40.53 4.72
N GLN G 250 -6.45 -40.51 4.57
CA GLN G 250 -7.35 -40.90 5.66
C GLN G 250 -7.22 -42.37 6.01
N ALA G 251 -7.05 -43.22 5.00
CA ALA G 251 -6.85 -44.64 5.22
C ALA G 251 -5.59 -44.90 6.05
N VAL G 252 -4.51 -44.19 5.75
CA VAL G 252 -3.25 -44.42 6.43
C VAL G 252 -3.23 -43.79 7.83
N PHE G 253 -3.70 -42.56 7.96
CA PHE G 253 -3.55 -41.79 9.19
C PHE G 253 -4.80 -41.68 10.06
N GLY G 254 -5.96 -41.98 9.50
CA GLY G 254 -7.24 -41.74 10.18
C GLY G 254 -7.81 -40.34 9.97
N ARG G 255 -9.13 -40.20 10.06
CA ARG G 255 -9.83 -38.95 9.76
C ARG G 255 -9.21 -37.80 10.54
N GLN G 256 -8.96 -38.04 11.81
CA GLN G 256 -8.58 -36.98 12.74
C GLN G 256 -7.18 -36.44 12.49
N ARG G 257 -6.20 -37.31 12.27
CA ARG G 257 -4.84 -36.84 11.93
C ARG G 257 -4.76 -36.30 10.53
N ALA G 258 -5.56 -36.88 9.64
CA ALA G 258 -5.56 -36.45 8.25
C ALA G 258 -5.83 -34.93 8.15
N ILE G 259 -6.54 -34.36 9.12
CA ILE G 259 -6.79 -32.93 9.20
C ILE G 259 -5.47 -32.16 9.12
N MSE G 260 -4.47 -32.66 9.78
CA MSE G 260 -3.17 -32.00 9.81
C MSE G 260 -2.50 -32.00 8.47
O MSE G 260 -1.56 -31.21 8.25
CB MSE G 260 -2.25 -32.69 10.82
CG MSE G 260 -2.62 -32.30 12.24
SE MSE G 260 -1.48 -33.27 13.50
CE MSE G 260 -2.46 -34.95 13.52
N LEU G 261 -2.93 -32.89 7.58
CA LEU G 261 -2.30 -33.05 6.26
C LEU G 261 -3.14 -32.44 5.12
N LEU G 262 -4.45 -32.65 5.17
CA LEU G 262 -5.37 -32.23 4.12
C LEU G 262 -5.90 -30.80 4.28
N GLU G 263 -5.78 -30.25 5.49
CA GLU G 263 -6.26 -28.91 5.76
C GLU G 263 -5.15 -28.07 6.38
N GLY G 264 -5.43 -26.78 6.58
CA GLY G 264 -4.45 -25.85 7.07
C GLY G 264 -4.94 -24.52 7.56
N GLN G 265 -4.04 -23.83 8.24
CA GLN G 265 -4.29 -22.53 8.85
C GLN G 265 -3.32 -21.53 8.27
N LYS G 266 -3.80 -20.36 7.90
CA LYS G 266 -2.89 -19.28 7.54
C LYS G 266 -2.44 -18.58 8.84
N VAL G 267 -1.19 -18.76 9.22
CA VAL G 267 -0.71 -18.25 10.51
C VAL G 267 0.39 -17.22 10.32
N ILE G 268 0.18 -16.04 10.90
CA ILE G 268 1.17 -14.96 10.89
C ILE G 268 1.94 -14.93 12.20
N PRO G 269 3.26 -14.86 12.11
CA PRO G 269 4.10 -14.71 13.29
C PRO G 269 4.29 -13.23 13.66
N ARG G 270 3.21 -12.57 14.07
CA ARG G 270 3.26 -11.15 14.36
CA ARG G 270 3.24 -11.13 14.36
C ARG G 270 4.09 -10.89 15.59
N ARG G 271 3.71 -11.56 16.68
CA ARG G 271 4.41 -11.39 17.93
C ARG G 271 5.84 -11.92 17.86
N THR G 272 6.06 -12.97 17.08
CA THR G 272 7.39 -13.54 16.94
C THR G 272 8.32 -12.52 16.34
N LEU G 273 7.87 -11.88 15.26
CA LEU G 273 8.68 -10.83 14.62
C LEU G 273 8.87 -9.62 15.55
N ALA G 274 7.85 -9.30 16.35
CA ALA G 274 7.91 -8.19 17.26
C ALA G 274 8.94 -8.40 18.39
N THR G 275 9.37 -9.65 18.63
CA THR G 275 10.40 -9.93 19.63
C THR G 275 11.80 -9.53 19.16
N GLY G 276 11.92 -9.12 17.90
CA GLY G 276 13.20 -8.77 17.32
C GLY G 276 13.88 -9.94 16.65
N TYR G 277 13.33 -11.15 16.77
CA TYR G 277 13.92 -12.34 16.15
C TYR G 277 13.97 -12.20 14.66
N GLN G 278 15.06 -12.68 14.08
CA GLN G 278 15.30 -12.55 12.66
C GLN G 278 15.57 -13.88 12.02
N TYR G 279 14.73 -14.21 11.03
CA TYR G 279 14.72 -15.54 10.45
C TYR G 279 15.89 -15.75 9.52
N SER G 280 16.50 -16.94 9.64
CA SER G 280 17.54 -17.37 8.71
C SER G 280 16.96 -17.88 7.37
N PHE G 281 15.78 -18.47 7.44
CA PHE G 281 15.13 -19.08 6.28
C PHE G 281 13.63 -18.70 6.21
N PRO G 282 13.33 -17.43 6.04
CA PRO G 282 11.94 -17.00 5.99
C PRO G 282 11.21 -17.41 4.74
N GLU G 283 11.93 -17.62 3.64
CA GLU G 283 11.31 -17.92 2.34
C GLU G 283 11.45 -19.44 2.12
N LEU G 284 10.37 -20.08 1.64
CA LEU G 284 10.32 -21.55 1.55
C LEU G 284 11.39 -22.14 0.62
N GLY G 285 11.60 -21.51 -0.53
CA GLY G 285 12.65 -21.92 -1.43
C GLY G 285 14.03 -21.99 -0.77
N ALA G 286 14.41 -20.94 -0.05
CA ALA G 286 15.71 -20.92 0.62
C ALA G 286 15.79 -22.02 1.67
N ALA G 287 14.67 -22.27 2.38
CA ALA G 287 14.63 -23.31 3.40
C ALA G 287 14.84 -24.70 2.81
N LEU G 288 14.11 -25.03 1.74
CA LEU G 288 14.20 -26.34 1.12
C LEU G 288 15.53 -26.55 0.39
N LYS G 289 16.08 -25.46 -0.13
CA LYS G 289 17.41 -25.49 -0.74
C LYS G 289 18.51 -25.85 0.28
N GLU G 290 18.44 -25.32 1.50
CA GLU G 290 19.34 -25.73 2.58
C GLU G 290 19.25 -27.23 2.87
N ILE G 291 18.01 -27.70 3.03
CA ILE G 291 17.74 -29.11 3.33
C ILE G 291 18.25 -30.00 2.20
N ALA G 292 17.98 -29.62 0.95
CA ALA G 292 18.33 -30.42 -0.23
C ALA G 292 19.81 -30.43 -0.54
N GLU G 293 20.50 -29.33 -0.28
CA GLU G 293 21.93 -29.25 -0.65
C GLU G 293 22.85 -29.89 0.40
N ASN G 294 22.31 -30.17 1.60
CA ASN G 294 23.14 -30.47 2.80
C ASN G 294 22.91 -31.87 3.42
N MSE H 1 28.32 -8.65 14.07
CA MSE H 1 29.34 -7.70 14.56
C MSE H 1 30.73 -8.07 14.13
O MSE H 1 31.04 -9.25 14.05
CB MSE H 1 29.31 -7.80 16.07
CG MSE H 1 29.56 -6.47 16.73
SE MSE H 1 29.55 -6.63 18.67
CE MSE H 1 29.35 -8.54 19.09
N ARG H 2 31.60 -7.08 13.88
CA ARG H 2 33.04 -7.34 13.63
C ARG H 2 33.85 -6.94 14.89
N VAL H 3 34.57 -7.89 15.49
CA VAL H 3 35.35 -7.61 16.72
C VAL H 3 36.87 -7.73 16.51
N LEU H 4 37.62 -6.72 16.95
CA LEU H 4 39.07 -6.73 16.91
C LEU H 4 39.60 -7.15 18.27
N VAL H 5 40.36 -8.25 18.33
CA VAL H 5 40.82 -8.75 19.62
C VAL H 5 42.34 -8.73 19.76
N GLY H 6 42.81 -7.77 20.53
CA GLY H 6 44.23 -7.66 20.82
C GLY H 6 44.71 -8.77 21.73
N GLY H 7 45.79 -9.44 21.35
CA GLY H 7 46.27 -10.59 22.08
C GLY H 7 45.36 -11.81 21.98
N GLY H 8 44.51 -11.85 20.97
CA GLY H 8 43.50 -12.91 20.84
C GLY H 8 43.98 -14.30 20.47
N THR H 9 45.27 -14.45 20.19
CA THR H 9 45.86 -15.78 19.98
C THR H 9 45.92 -16.60 21.26
N GLY H 10 45.82 -15.94 22.41
CA GLY H 10 46.06 -16.58 23.69
C GLY H 10 44.92 -17.44 24.20
N PHE H 11 45.00 -17.71 25.51
CA PHE H 11 44.12 -18.64 26.18
C PHE H 11 42.69 -18.12 26.21
N ILE H 12 42.52 -16.96 26.80
CA ILE H 12 41.19 -16.37 26.84
C ILE H 12 40.74 -16.04 25.43
N GLY H 13 41.67 -15.53 24.61
CA GLY H 13 41.36 -15.06 23.28
C GLY H 13 40.81 -16.13 22.38
N THR H 14 41.38 -17.33 22.49
CA THR H 14 40.95 -18.44 21.66
C THR H 14 39.54 -18.87 22.03
N ALA H 15 39.22 -18.85 23.31
CA ALA H 15 37.88 -19.19 23.75
C ALA H 15 36.93 -18.11 23.30
N LEU H 16 37.34 -16.86 23.41
CA LEU H 16 36.46 -15.75 23.02
C LEU H 16 36.16 -15.77 21.53
N THR H 17 37.16 -16.09 20.74
CA THR H 17 37.00 -16.16 19.31
C THR H 17 35.99 -17.27 18.95
N GLN H 18 36.14 -18.45 19.57
CA GLN H 18 35.24 -19.57 19.27
C GLN H 18 33.80 -19.18 19.61
N LEU H 19 33.57 -18.51 20.72
CA LEU H 19 32.22 -18.17 21.13
C LEU H 19 31.64 -17.07 20.24
N LEU H 20 32.44 -16.04 19.97
CA LEU H 20 32.03 -14.98 19.07
C LEU H 20 31.64 -15.49 17.70
N ASN H 21 32.47 -16.34 17.11
CA ASN H 21 32.15 -16.92 15.81
C ASN H 21 30.80 -17.67 15.88
N ALA H 22 30.65 -18.50 16.89
CA ALA H 22 29.43 -19.33 17.05
C ALA H 22 28.19 -18.47 17.12
N ARG H 23 28.33 -17.29 17.69
CA ARG H 23 27.22 -16.38 17.89
C ARG H 23 27.04 -15.37 16.72
N GLY H 24 27.74 -15.60 15.62
CA GLY H 24 27.51 -14.88 14.37
C GLY H 24 28.42 -13.70 14.09
N HIS H 25 29.51 -13.58 14.83
CA HIS H 25 30.44 -12.45 14.69
C HIS H 25 31.70 -12.80 13.98
N GLU H 26 32.25 -11.83 13.23
CA GLU H 26 33.56 -11.97 12.59
C GLU H 26 34.64 -11.44 13.56
N VAL H 27 35.78 -12.13 13.64
CA VAL H 27 36.89 -11.74 14.53
C VAL H 27 38.22 -11.52 13.78
N THR H 28 38.86 -10.39 14.04
CA THR H 28 40.26 -10.10 13.59
C THR H 28 41.15 -9.96 14.85
N LEU H 29 42.34 -10.56 14.83
CA LEU H 29 43.25 -10.51 15.99
C LEU H 29 44.32 -9.45 15.79
N VAL H 30 44.75 -8.82 16.87
CA VAL H 30 46.01 -8.08 16.83
C VAL H 30 47.08 -8.90 17.53
N SER H 31 48.22 -9.05 16.86
CA SER H 31 49.25 -9.99 17.30
C SER H 31 50.63 -9.44 17.00
N ARG H 32 51.64 -9.95 17.70
CA ARG H 32 53.02 -9.57 17.41
C ARG H 32 53.52 -10.22 16.13
N LYS H 33 52.92 -11.32 15.74
CA LYS H 33 53.34 -12.06 14.57
C LYS H 33 52.22 -12.01 13.52
N PRO H 34 52.58 -11.76 12.25
CA PRO H 34 51.52 -11.59 11.25
C PRO H 34 50.85 -12.92 10.88
N GLY H 35 49.89 -12.83 9.97
CA GLY H 35 49.21 -14.01 9.46
C GLY H 35 47.75 -13.76 9.12
N PRO H 36 47.02 -14.85 8.80
CA PRO H 36 45.66 -14.67 8.33
C PRO H 36 44.70 -14.40 9.51
N GLY H 37 43.68 -13.58 9.27
CA GLY H 37 42.72 -13.23 10.31
C GLY H 37 43.28 -12.30 11.36
N ARG H 38 44.40 -11.65 11.07
CA ARG H 38 45.04 -10.78 12.06
C ARG H 38 45.92 -9.66 11.46
N ILE H 39 46.11 -8.61 12.25
CA ILE H 39 47.05 -7.55 11.93
C ILE H 39 48.04 -7.39 13.09
N THR H 40 49.22 -6.88 12.79
CA THR H 40 50.23 -6.71 13.81
C THR H 40 50.13 -5.36 14.49
N TRP H 41 50.80 -5.23 15.63
CA TRP H 41 50.85 -3.99 16.37
C TRP H 41 51.50 -2.91 15.54
N ASP H 42 52.58 -3.26 14.84
CA ASP H 42 53.27 -2.29 13.99
C ASP H 42 52.35 -1.78 12.90
N GLU H 43 51.52 -2.68 12.36
CA GLU H 43 50.57 -2.31 11.31
C GLU H 43 49.46 -1.42 11.87
N LEU H 44 48.99 -1.68 13.10
CA LEU H 44 47.98 -0.83 13.74
C LEU H 44 48.47 0.59 13.98
N ALA H 45 49.72 0.73 14.38
CA ALA H 45 50.29 2.03 14.62
C ALA H 45 50.50 2.78 13.32
N ALA H 46 50.80 2.05 12.24
CA ALA H 46 51.12 2.64 10.93
C ALA H 46 49.89 3.16 10.23
N SER H 47 48.90 2.30 10.07
CA SER H 47 47.73 2.62 9.25
C SER H 47 46.42 2.73 10.03
N GLY H 48 46.42 2.47 11.33
CA GLY H 48 45.26 2.76 12.16
C GLY H 48 44.33 1.58 12.45
N LEU H 49 43.20 1.89 13.06
CA LEU H 49 42.25 0.87 13.47
C LEU H 49 41.51 0.31 12.27
N PRO H 50 41.55 -1.02 12.05
CA PRO H 50 40.76 -1.57 10.94
C PRO H 50 39.28 -1.50 11.23
N SER H 51 38.46 -1.63 10.20
CA SER H 51 37.00 -1.53 10.35
C SER H 51 36.55 -2.56 11.39
N CYS H 52 35.90 -2.08 12.44
CA CYS H 52 35.33 -2.96 13.44
C CYS H 52 34.22 -2.24 14.20
N ASP H 53 33.28 -3.01 14.72
CA ASP H 53 32.18 -2.49 15.52
C ASP H 53 32.56 -2.47 17.00
N ALA H 54 33.52 -3.30 17.39
CA ALA H 54 33.92 -3.43 18.77
C ALA H 54 35.36 -3.89 18.87
N ALA H 55 36.01 -3.57 19.97
CA ALA H 55 37.39 -3.98 20.19
C ALA H 55 37.61 -4.48 21.63
N VAL H 56 38.53 -5.44 21.78
CA VAL H 56 38.89 -6.01 23.06
C VAL H 56 40.41 -6.11 23.14
N ASN H 57 40.99 -5.85 24.31
CA ASN H 57 42.40 -6.15 24.52
C ASN H 57 42.64 -7.22 25.59
N LEU H 58 43.41 -8.23 25.21
CA LEU H 58 43.84 -9.29 26.10
C LEU H 58 45.38 -9.37 26.19
N ALA H 59 46.07 -8.50 25.46
CA ALA H 59 47.51 -8.61 25.26
C ALA H 59 48.26 -8.43 26.57
N GLY H 60 49.23 -9.32 26.83
CA GLY H 60 50.04 -9.21 28.03
C GLY H 60 51.07 -10.31 28.13
N GLU H 61 52.30 -9.94 28.46
CA GLU H 61 53.31 -10.92 28.84
C GLU H 61 52.77 -11.76 30.02
N ASN H 62 52.91 -13.06 29.93
CA ASN H 62 52.36 -13.97 30.93
C ASN H 62 53.03 -13.84 32.29
N ILE H 63 52.23 -13.53 33.29
CA ILE H 63 52.73 -13.22 34.60
C ILE H 63 53.17 -14.45 35.37
N LEU H 64 52.30 -15.47 35.42
CA LEU H 64 52.53 -16.66 36.29
C LEU H 64 53.73 -17.52 35.78
N ASN H 65 54.05 -17.42 34.49
CA ASN H 65 55.20 -18.12 33.87
C ASN H 65 56.42 -18.42 34.79
N PRO H 66 56.46 -19.63 35.38
CA PRO H 66 57.54 -20.01 36.30
C PRO H 66 58.92 -20.06 35.69
N LEU H 67 58.97 -20.11 34.36
CA LEU H 67 60.26 -20.17 33.67
C LEU H 67 60.98 -18.79 33.63
N ARG H 68 60.31 -17.73 34.08
CA ARG H 68 60.97 -16.43 34.20
C ARG H 68 61.05 -15.96 35.65
N ARG H 69 62.24 -15.52 36.04
CA ARG H 69 62.50 -15.02 37.38
C ARG H 69 61.87 -13.65 37.48
N TRP H 70 61.32 -13.32 38.63
CA TRP H 70 60.74 -12.00 38.84
C TRP H 70 61.78 -10.93 39.05
N ASN H 71 62.45 -10.52 37.98
CA ASN H 71 63.38 -9.39 38.06
C ASN H 71 62.76 -8.09 37.50
N GLU H 72 63.52 -7.01 37.54
CA GLU H 72 63.07 -5.71 37.07
C GLU H 72 62.76 -5.72 35.58
N THR H 73 63.56 -6.46 34.81
CA THR H 73 63.34 -6.57 33.37
C THR H 73 61.98 -7.18 33.04
N PHE H 74 61.64 -8.26 33.75
CA PHE H 74 60.40 -9.01 33.54
C PHE H 74 59.20 -8.20 34.03
N GLN H 75 59.42 -7.52 35.14
CA GLN H 75 58.48 -6.53 35.66
C GLN H 75 58.16 -5.45 34.61
N LYS H 76 59.21 -4.87 34.01
CA LYS H 76 59.04 -3.87 32.96
C LYS H 76 58.23 -4.43 31.77
N GLU H 77 58.48 -5.68 31.37
CA GLU H 77 57.69 -6.33 30.29
C GLU H 77 56.23 -6.59 30.69
N VAL H 78 56.02 -7.00 31.95
CA VAL H 78 54.65 -7.27 32.40
C VAL H 78 53.84 -5.97 32.29
N LEU H 79 54.42 -4.89 32.77
CA LEU H 79 53.78 -3.57 32.77
C LEU H 79 53.69 -3.00 31.37
N GLY H 80 54.83 -2.93 30.67
CA GLY H 80 54.90 -2.32 29.35
C GLY H 80 54.03 -2.98 28.30
N SER H 81 54.03 -4.31 28.30
CA SER H 81 53.22 -5.07 27.36
C SER H 81 51.72 -4.73 27.49
N ARG H 82 51.25 -4.51 28.70
CA ARG H 82 49.84 -4.18 28.91
C ARG H 82 49.51 -2.71 28.62
N LEU H 83 50.31 -1.79 29.12
CA LEU H 83 50.05 -0.36 28.91
C LEU H 83 50.20 0.01 27.43
N GLU H 84 51.26 -0.46 26.77
CA GLU H 84 51.56 -0.02 25.40
C GLU H 84 50.51 -0.53 24.44
N THR H 85 50.20 -1.82 24.48
CA THR H 85 49.16 -2.35 23.61
C THR H 85 47.82 -1.68 23.90
N THR H 86 47.48 -1.52 25.17
CA THR H 86 46.20 -0.90 25.52
C THR H 86 46.14 0.54 25.02
N GLN H 87 47.21 1.28 25.23
CA GLN H 87 47.26 2.70 24.85
C GLN H 87 47.15 2.82 23.33
N LEU H 88 47.77 1.88 22.62
CA LEU H 88 47.83 1.93 21.17
C LEU H 88 46.45 1.74 20.58
N LEU H 89 45.70 0.83 21.19
CA LEU H 89 44.32 0.59 20.81
C LEU H 89 43.44 1.78 21.16
N ALA H 90 43.61 2.31 22.36
CA ALA H 90 42.84 3.48 22.81
C ALA H 90 43.00 4.66 21.88
N LYS H 91 44.24 5.01 21.58
CA LYS H 91 44.53 6.13 20.67
C LYS H 91 43.98 5.86 19.26
N ALA H 92 44.02 4.60 18.82
CA ALA H 92 43.50 4.21 17.51
C ALA H 92 42.00 4.40 17.44
N ILE H 93 41.31 4.02 18.51
CA ILE H 93 39.87 4.22 18.63
C ILE H 93 39.50 5.71 18.62
N THR H 94 40.18 6.50 19.44
CA THR H 94 39.93 7.94 19.52
C THR H 94 40.10 8.61 18.17
N LYS H 95 41.08 8.19 17.38
CA LYS H 95 41.32 8.87 16.11
C LYS H 95 40.70 8.18 14.89
N ALA H 96 39.98 7.08 15.09
CA ALA H 96 39.25 6.43 14.01
C ALA H 96 38.10 7.31 13.53
N PRO H 97 37.92 7.42 12.20
CA PRO H 97 36.78 8.19 11.65
C PRO H 97 35.41 7.53 11.91
N GLN H 98 35.34 6.21 11.80
CA GLN H 98 34.13 5.43 12.11
C GLN H 98 34.43 4.60 13.35
N PRO H 99 34.45 5.23 14.53
CA PRO H 99 34.98 4.50 15.69
C PRO H 99 34.04 3.40 16.16
N PRO H 100 34.58 2.37 16.83
CA PRO H 100 33.77 1.23 17.28
C PRO H 100 32.82 1.60 18.43
N LYS H 101 31.68 0.92 18.49
CA LYS H 101 30.64 1.23 19.44
C LYS H 101 30.95 0.69 20.84
N ALA H 102 31.82 -0.32 20.94
CA ALA H 102 32.26 -0.85 22.26
C ALA H 102 33.77 -1.12 22.37
N TRP H 103 34.30 -1.00 23.59
CA TRP H 103 35.74 -1.16 23.89
C TRP H 103 35.91 -1.80 25.25
N VAL H 104 36.43 -3.03 25.27
CA VAL H 104 36.41 -3.85 26.47
C VAL H 104 37.80 -4.32 26.83
N LEU H 105 38.20 -4.09 28.07
CA LEU H 105 39.53 -4.47 28.56
C LEU H 105 39.40 -5.53 29.63
N VAL H 106 40.34 -6.47 29.65
CA VAL H 106 40.40 -7.45 30.71
C VAL H 106 41.56 -7.06 31.62
N THR H 107 41.28 -6.88 32.90
CA THR H 107 42.33 -6.75 33.89
C THR H 107 42.07 -7.81 34.98
N GLY H 108 42.38 -7.52 36.24
CA GLY H 108 42.41 -8.56 37.26
C GLY H 108 41.86 -8.17 38.62
N VAL H 109 41.46 -9.18 39.39
CA VAL H 109 40.95 -8.95 40.74
C VAL H 109 42.05 -8.55 41.69
N ALA H 110 43.31 -8.60 41.23
CA ALA H 110 44.44 -8.05 42.01
C ALA H 110 44.22 -6.59 42.46
N TYR H 111 43.29 -5.89 41.79
CA TYR H 111 42.88 -4.54 42.19
C TYR H 111 42.41 -4.48 43.66
N TYR H 112 41.74 -5.53 44.11
CA TYR H 112 41.19 -5.59 45.46
C TYR H 112 42.19 -6.16 46.49
N GLN H 113 42.32 -5.46 47.61
CA GLN H 113 43.29 -5.79 48.65
C GLN H 113 43.02 -7.19 49.22
N PRO H 114 43.99 -8.09 49.08
CA PRO H 114 43.79 -9.41 49.65
C PRO H 114 43.54 -9.31 51.13
N SER H 115 42.65 -10.17 51.61
CA SER H 115 42.13 -10.09 52.97
C SER H 115 41.37 -11.37 53.29
N LEU H 116 41.43 -11.79 54.55
CA LEU H 116 40.70 -12.97 54.98
C LEU H 116 39.27 -12.61 55.44
N THR H 117 39.01 -11.31 55.62
CA THR H 117 37.74 -10.83 56.15
C THR H 117 36.94 -9.95 55.18
N ALA H 118 37.60 -9.20 54.31
CA ALA H 118 36.91 -8.23 53.46
C ALA H 118 36.07 -8.88 52.36
N GLU H 119 35.13 -8.10 51.83
CA GLU H 119 34.30 -8.51 50.71
C GLU H 119 34.23 -7.34 49.71
N TYR H 120 34.48 -7.62 48.44
CA TYR H 120 34.61 -6.59 47.41
C TYR H 120 33.59 -6.77 46.31
N ASP H 121 33.10 -5.66 45.77
CA ASP H 121 32.41 -5.67 44.49
C ASP H 121 33.03 -4.63 43.55
N GLU H 122 32.39 -4.38 42.41
CA GLU H 122 32.96 -3.54 41.36
C GLU H 122 33.11 -2.08 41.78
N ASP H 123 32.39 -1.68 42.82
CA ASP H 123 32.49 -0.29 43.31
C ASP H 123 33.51 -0.16 44.42
N SER H 124 34.14 -1.26 44.81
CA SER H 124 35.06 -1.23 45.94
C SER H 124 36.36 -0.55 45.56
N PRO H 125 36.96 0.16 46.52
CA PRO H 125 38.22 0.81 46.24
C PRO H 125 39.40 -0.16 46.27
N GLY H 126 40.50 0.25 45.66
CA GLY H 126 41.71 -0.54 45.56
C GLY H 126 42.72 0.09 44.60
N GLY H 127 43.57 -0.75 44.03
CA GLY H 127 44.49 -0.33 42.98
C GLY H 127 45.73 0.43 43.40
N ASP H 128 46.11 0.36 44.68
CA ASP H 128 47.10 1.27 45.25
C ASP H 128 47.97 0.76 46.42
N PHE H 129 48.18 -0.55 46.52
CA PHE H 129 48.85 -1.15 47.71
C PHE H 129 49.95 -2.17 47.40
N ASP H 130 50.11 -2.54 46.14
CA ASP H 130 51.17 -3.43 45.72
C ASP H 130 51.39 -3.31 44.20
N PHE H 131 52.33 -4.06 43.66
CA PHE H 131 52.64 -3.99 42.25
C PHE H 131 51.46 -4.29 41.33
N PHE H 132 50.73 -5.38 41.61
CA PHE H 132 49.66 -5.80 40.74
C PHE H 132 48.40 -4.93 40.83
N SER H 133 48.10 -4.40 42.02
CA SER H 133 47.00 -3.46 42.15
C SER H 133 47.34 -2.16 41.40
N ASN H 134 48.56 -1.64 41.58
CA ASN H 134 49.02 -0.48 40.80
C ASN H 134 49.01 -0.76 39.32
N LEU H 135 49.37 -1.98 38.94
CA LEU H 135 49.29 -2.37 37.53
C LEU H 135 47.87 -2.15 37.01
N VAL H 136 46.89 -2.73 37.68
CA VAL H 136 45.52 -2.64 37.23
C VAL H 136 45.09 -1.17 37.09
N THR H 137 45.44 -0.33 38.04
CA THR H 137 45.09 1.10 37.94
C THR H 137 45.63 1.72 36.64
N LYS H 138 46.93 1.55 36.40
CA LYS H 138 47.60 2.17 35.24
C LYS H 138 47.07 1.57 33.94
N TRP H 139 46.81 0.28 33.99
CA TRP H 139 46.28 -0.48 32.88
C TRP H 139 44.91 0.02 32.48
N GLU H 140 44.04 0.19 33.46
CA GLU H 140 42.71 0.73 33.20
C GLU H 140 42.80 2.18 32.73
N ALA H 141 43.71 2.95 33.32
CA ALA H 141 43.88 4.34 32.90
C ALA H 141 44.28 4.40 31.44
N ALA H 142 45.10 3.46 31.00
CA ALA H 142 45.61 3.41 29.64
C ALA H 142 44.49 3.14 28.65
N ALA H 143 43.46 2.40 29.07
CA ALA H 143 42.31 2.12 28.21
C ALA H 143 41.27 3.25 28.16
N ARG H 144 41.32 4.20 29.10
CA ARG H 144 40.22 5.14 29.27
C ARG H 144 40.20 6.14 28.10
N LEU H 145 39.11 6.12 27.33
CA LEU H 145 38.92 7.03 26.22
C LEU H 145 38.26 8.31 26.72
N PRO H 146 38.73 9.49 26.24
CA PRO H 146 37.90 10.67 26.42
C PRO H 146 36.78 10.62 25.38
N GLY H 147 35.71 11.35 25.61
CA GLY H 147 34.63 11.36 24.64
C GLY H 147 33.70 10.19 24.90
N ASP H 148 32.48 10.35 24.42
CA ASP H 148 31.36 9.47 24.76
C ASP H 148 30.90 8.63 23.53
N SER H 149 31.61 8.72 22.40
CA SER H 149 31.28 7.95 21.17
C SER H 149 31.34 6.41 21.35
N THR H 150 32.17 5.93 22.27
CA THR H 150 32.39 4.49 22.43
C THR H 150 32.16 3.99 23.85
N ARG H 151 31.30 2.99 23.95
CA ARG H 151 30.95 2.35 25.22
C ARG H 151 32.18 1.68 25.80
N GLN H 152 32.43 1.87 27.10
CA GLN H 152 33.66 1.36 27.74
C GLN H 152 33.36 0.37 28.86
N VAL H 153 34.04 -0.78 28.81
CA VAL H 153 33.84 -1.85 29.79
C VAL H 153 35.19 -2.39 30.24
N VAL H 154 35.34 -2.64 31.53
CA VAL H 154 36.52 -3.29 32.03
C VAL H 154 36.08 -4.48 32.81
N VAL H 155 36.58 -5.66 32.42
CA VAL H 155 36.29 -6.91 33.17
C VAL H 155 37.50 -7.31 34.00
N ARG H 156 37.37 -7.20 35.32
CA ARG H 156 38.42 -7.61 36.23
C ARG H 156 38.24 -9.10 36.47
N SER H 157 39.18 -9.90 35.99
CA SER H 157 39.00 -11.35 36.00
C SER H 157 39.67 -12.04 37.17
N GLY H 158 39.05 -13.10 37.65
CA GLY H 158 39.69 -14.01 38.58
C GLY H 158 40.51 -15.01 37.80
N VAL H 159 40.90 -16.11 38.45
CA VAL H 159 41.66 -17.19 37.80
C VAL H 159 40.75 -17.90 36.83
N VAL H 160 41.18 -17.97 35.59
CA VAL H 160 40.36 -18.49 34.54
C VAL H 160 40.69 -19.97 34.43
N LEU H 161 39.71 -20.81 34.75
CA LEU H 161 39.92 -22.25 34.73
C LEU H 161 39.38 -22.84 33.43
N GLY H 162 40.21 -23.59 32.72
CA GLY H 162 39.76 -24.22 31.48
C GLY H 162 40.74 -25.22 30.92
N ARG H 163 40.24 -26.07 30.02
CA ARG H 163 41.09 -27.01 29.31
C ARG H 163 41.99 -26.19 28.36
N GLY H 164 43.20 -26.68 28.16
CA GLY H 164 44.05 -26.19 27.08
C GLY H 164 44.70 -24.85 27.37
N GLY H 165 45.04 -24.58 28.63
CA GLY H 165 45.88 -23.43 28.95
C GLY H 165 45.62 -22.84 30.29
N GLY H 166 46.18 -21.66 30.49
CA GLY H 166 46.06 -20.94 31.75
C GLY H 166 46.64 -21.68 32.93
N ALA H 167 46.08 -21.44 34.10
CA ALA H 167 46.56 -22.04 35.32
C ALA H 167 46.44 -23.58 35.27
N MSE H 168 45.37 -24.10 34.66
CA MSE H 168 45.18 -25.55 34.56
C MSE H 168 46.29 -26.22 33.76
O MSE H 168 46.64 -27.36 34.00
CB MSE H 168 43.84 -25.89 33.93
CG MSE H 168 42.68 -25.56 34.86
SE MSE H 168 42.64 -26.91 36.29
CE MSE H 168 41.93 -25.66 37.62
N GLY H 169 46.87 -25.49 32.80
CA GLY H 169 48.05 -25.98 32.11
C GLY H 169 49.13 -26.44 33.07
N HIS H 170 49.35 -25.69 34.15
CA HIS H 170 50.34 -26.06 35.17
C HIS H 170 49.89 -27.06 36.21
N MSE H 171 48.58 -27.09 36.52
CA MSE H 171 48.07 -27.82 37.67
C MSE H 171 47.53 -29.20 37.33
O MSE H 171 47.52 -30.08 38.17
CB MSE H 171 46.91 -27.05 38.28
CG MSE H 171 47.38 -25.91 39.19
SE MSE H 171 45.88 -25.04 40.11
CE MSE H 171 45.02 -24.20 38.58
N LEU H 172 47.17 -29.40 36.07
CA LEU H 172 46.34 -30.54 35.70
C LEU H 172 47.09 -31.85 35.80
N LEU H 173 48.32 -31.90 35.29
CA LEU H 173 49.08 -33.15 35.33
C LEU H 173 49.45 -33.54 36.76
N PRO H 174 49.96 -32.60 37.57
CA PRO H 174 50.28 -32.96 38.94
C PRO H 174 49.08 -33.42 39.73
N PHE H 175 47.97 -32.71 39.63
CA PHE H 175 46.77 -33.14 40.30
C PHE H 175 46.34 -34.53 39.84
N ARG H 176 46.38 -34.78 38.53
CA ARG H 176 46.06 -36.09 38.00
C ARG H 176 46.96 -37.21 38.53
N LEU H 177 48.16 -36.86 38.96
CA LEU H 177 49.12 -37.83 39.46
C LEU H 177 49.12 -37.92 40.98
N GLY H 178 48.19 -37.24 41.64
CA GLY H 178 48.06 -37.28 43.11
C GLY H 178 49.02 -36.36 43.86
N LEU H 179 49.57 -35.37 43.16
CA LEU H 179 50.53 -34.44 43.71
C LEU H 179 49.89 -33.10 44.02
N GLY H 180 48.59 -33.02 43.85
CA GLY H 180 47.85 -31.81 44.18
C GLY H 180 47.63 -31.59 45.66
N GLY H 181 47.17 -30.39 45.99
CA GLY H 181 46.81 -30.04 47.36
C GLY H 181 46.70 -28.54 47.59
N PRO H 182 46.43 -28.16 48.84
CA PRO H 182 46.34 -26.74 49.16
C PRO H 182 47.67 -25.99 49.07
N ILE H 183 47.58 -24.71 48.69
CA ILE H 183 48.71 -23.79 48.63
C ILE H 183 48.73 -22.94 49.90
N GLY H 184 49.78 -23.06 50.69
CA GLY H 184 49.87 -22.34 51.96
C GLY H 184 48.93 -22.90 53.01
N SER H 185 48.20 -22.02 53.69
CA SER H 185 47.18 -22.47 54.65
C SER H 185 45.97 -23.09 53.94
N GLY H 186 45.70 -22.66 52.71
CA GLY H 186 44.51 -23.06 51.99
C GLY H 186 43.27 -22.26 52.36
N HIS H 187 43.38 -21.43 53.38
CA HIS H 187 42.25 -20.61 53.83
C HIS H 187 41.93 -19.45 52.94
N GLN H 188 42.88 -19.05 52.10
CA GLN H 188 42.72 -17.87 51.28
C GLN H 188 41.58 -18.00 50.26
N PHE H 189 40.89 -16.91 49.98
CA PHE H 189 39.87 -16.91 48.94
C PHE H 189 40.47 -17.20 47.56
N PHE H 190 39.71 -17.93 46.77
CA PHE H 190 40.12 -18.35 45.45
C PHE H 190 39.09 -17.80 44.44
N PRO H 191 39.29 -16.56 43.99
CA PRO H 191 38.40 -16.00 42.96
C PRO H 191 38.70 -16.68 41.62
N TRP H 192 37.69 -17.27 41.00
CA TRP H 192 37.89 -18.04 39.80
C TRP H 192 36.72 -17.84 38.89
N ILE H 193 36.89 -18.22 37.63
CA ILE H 193 35.81 -18.26 36.65
C ILE H 193 36.13 -19.32 35.63
N HIS H 194 35.11 -20.00 35.15
CA HIS H 194 35.28 -20.93 34.05
C HIS H 194 35.50 -20.16 32.78
N ILE H 195 36.43 -20.63 31.96
CA ILE H 195 36.76 -19.95 30.72
C ILE H 195 35.55 -19.67 29.86
N GLY H 196 34.61 -20.59 29.83
CA GLY H 196 33.38 -20.36 29.06
C GLY H 196 32.58 -19.16 29.55
N ASP H 197 32.63 -18.89 30.86
CA ASP H 197 31.89 -17.80 31.46
C ASP H 197 32.62 -16.47 31.32
N LEU H 198 33.96 -16.48 31.31
CA LEU H 198 34.68 -15.23 30.99
C LEU H 198 34.40 -14.87 29.54
N ALA H 199 34.47 -15.85 28.66
CA ALA H 199 34.15 -15.68 27.25
C ALA H 199 32.75 -15.15 27.06
N GLY H 200 31.83 -15.69 27.86
CA GLY H 200 30.43 -15.27 27.85
C GLY H 200 30.20 -13.83 28.31
N ILE H 201 30.84 -13.45 29.43
CA ILE H 201 30.72 -12.10 29.97
C ILE H 201 31.25 -11.12 28.94
N LEU H 202 32.43 -11.41 28.40
CA LEU H 202 33.03 -10.54 27.39
C LEU H 202 32.10 -10.38 26.19
N THR H 203 31.53 -11.49 25.73
CA THR H 203 30.59 -11.45 24.61
C THR H 203 29.36 -10.65 24.94
N HIS H 204 28.85 -10.82 26.16
CA HIS H 204 27.69 -10.07 26.58
C HIS H 204 28.00 -8.59 26.64
N ALA H 205 29.21 -8.26 27.09
CA ALA H 205 29.67 -6.88 27.14
C ALA H 205 29.68 -6.28 25.72
N LEU H 206 30.21 -7.05 24.77
CA LEU H 206 30.26 -6.60 23.40
C LEU H 206 28.87 -6.43 22.78
N GLU H 207 27.93 -7.32 23.10
CA GLU H 207 26.64 -7.35 22.39
C GLU H 207 25.61 -6.42 23.02
N ALA H 208 25.52 -6.42 24.35
CA ALA H 208 24.47 -5.68 25.06
C ALA H 208 24.89 -4.25 25.31
N ASN H 209 24.15 -3.32 24.74
CA ASN H 209 24.60 -1.93 24.77
C ASN H 209 24.21 -1.16 26.06
N HIS H 210 23.65 -1.84 27.05
CA HIS H 210 23.43 -1.25 28.37
C HIS H 210 24.60 -1.49 29.31
N VAL H 211 25.56 -2.33 28.90
CA VAL H 211 26.66 -2.73 29.76
C VAL H 211 27.80 -1.71 29.66
N HIS H 212 28.22 -1.17 30.79
CA HIS H 212 29.31 -0.17 30.85
C HIS H 212 30.05 -0.29 32.14
N GLY H 213 31.29 0.17 32.17
CA GLY H 213 32.05 0.24 33.42
C GLY H 213 32.68 -1.08 33.85
N VAL H 214 32.88 -1.21 35.15
CA VAL H 214 33.65 -2.31 35.71
C VAL H 214 32.72 -3.49 35.98
N LEU H 215 33.13 -4.67 35.52
CA LEU H 215 32.46 -5.94 35.78
C LEU H 215 33.46 -6.94 36.37
N ASN H 216 33.08 -7.63 37.44
CA ASN H 216 33.98 -8.60 38.04
C ASN H 216 33.80 -9.92 37.32
N GLY H 217 34.86 -10.37 36.65
CA GLY H 217 34.85 -11.64 35.93
C GLY H 217 35.14 -12.83 36.83
N VAL H 218 34.22 -13.09 37.75
CA VAL H 218 34.33 -14.19 38.70
C VAL H 218 33.00 -14.93 38.79
N ALA H 219 33.07 -16.23 39.06
CA ALA H 219 31.88 -17.02 39.33
C ALA H 219 31.35 -16.53 40.65
N PRO H 220 30.03 -16.53 40.84
CA PRO H 220 29.48 -16.11 42.13
C PRO H 220 29.67 -17.24 43.15
N SER H 221 30.90 -17.42 43.57
CA SER H 221 31.28 -18.54 44.43
C SER H 221 32.11 -18.01 45.59
N SER H 222 32.21 -18.80 46.63
CA SER H 222 32.98 -18.45 47.80
C SER H 222 34.13 -19.42 48.05
N ALA H 223 34.58 -20.07 47.00
CA ALA H 223 35.63 -21.08 47.15
C ALA H 223 36.87 -20.49 47.85
N THR H 224 37.42 -21.26 48.79
CA THR H 224 38.77 -21.01 49.31
C THR H 224 39.71 -21.91 48.52
N ASN H 225 41.02 -21.65 48.60
CA ASN H 225 42.00 -22.51 47.93
C ASN H 225 41.94 -23.96 48.40
N ALA H 226 41.74 -24.18 49.71
CA ALA H 226 41.58 -25.53 50.24
C ALA H 226 40.36 -26.21 49.61
N GLU H 227 39.25 -25.49 49.50
CA GLU H 227 38.04 -26.05 48.85
C GLU H 227 38.29 -26.36 47.34
N PHE H 228 39.04 -25.51 46.65
CA PHE H 228 39.46 -25.78 45.29
C PHE H 228 40.24 -27.09 45.14
N ALA H 229 41.25 -27.27 45.97
CA ALA H 229 42.11 -28.47 45.88
C ALA H 229 41.30 -29.74 46.11
N GLN H 230 40.46 -29.69 47.13
CA GLN H 230 39.63 -30.81 47.49
C GLN H 230 38.61 -31.15 46.38
N THR H 231 37.92 -30.15 45.85
CA THR H 231 36.95 -30.34 44.77
C THR H 231 37.59 -30.84 43.50
N PHE H 232 38.79 -30.37 43.23
CA PHE H 232 39.50 -30.73 42.03
C PHE H 232 39.93 -32.20 42.11
N GLY H 233 40.50 -32.57 43.26
CA GLY H 233 40.83 -33.97 43.51
C GLY H 233 39.62 -34.87 43.34
N ALA H 234 38.51 -34.48 43.97
CA ALA H 234 37.28 -35.26 43.85
C ALA H 234 36.92 -35.41 42.37
N ALA H 235 36.96 -34.34 41.61
CA ALA H 235 36.58 -34.37 40.20
C ALA H 235 37.44 -35.32 39.35
N LEU H 236 38.71 -35.46 39.74
CA LEU H 236 39.64 -36.32 39.02
C LEU H 236 39.70 -37.73 39.61
N GLY H 237 39.05 -37.93 40.76
CA GLY H 237 39.18 -39.19 41.51
C GLY H 237 40.55 -39.44 42.14
N ARG H 238 41.16 -38.40 42.67
CA ARG H 238 42.53 -38.49 43.17
C ARG H 238 42.70 -37.90 44.54
N ARG H 239 43.66 -38.47 45.26
CA ARG H 239 44.24 -37.88 46.44
C ARG H 239 44.74 -36.46 46.12
N ALA H 240 44.38 -35.47 46.93
CA ALA H 240 44.96 -34.12 46.82
C ALA H 240 45.40 -33.58 48.19
N PHE H 241 46.30 -34.32 48.83
CA PHE H 241 46.65 -34.13 50.25
C PHE H 241 47.97 -33.45 50.51
N ILE H 242 48.67 -33.06 49.47
CA ILE H 242 50.04 -32.55 49.60
C ILE H 242 50.11 -31.02 49.59
N PRO H 243 50.30 -30.39 50.78
CA PRO H 243 50.30 -28.91 50.81
C PRO H 243 51.59 -28.34 50.26
N LEU H 244 51.50 -27.24 49.52
CA LEU H 244 52.68 -26.47 49.10
C LEU H 244 52.95 -25.39 50.13
N PRO H 245 54.03 -25.51 50.91
CA PRO H 245 54.31 -24.47 51.86
C PRO H 245 54.55 -23.13 51.22
N SER H 246 54.34 -22.08 51.99
CA SER H 246 54.53 -20.71 51.53
C SER H 246 55.95 -20.45 51.05
N ALA H 247 56.93 -20.86 51.86
CA ALA H 247 58.35 -20.67 51.55
C ALA H 247 58.71 -21.23 50.16
N VAL H 248 58.11 -22.34 49.77
CA VAL H 248 58.44 -23.00 48.51
C VAL H 248 57.78 -22.31 47.34
N VAL H 249 56.56 -21.84 47.52
CA VAL H 249 55.90 -21.06 46.47
C VAL H 249 56.62 -19.72 46.28
N GLN H 250 57.10 -19.12 47.36
CA GLN H 250 57.92 -17.91 47.27
C GLN H 250 59.27 -18.15 46.59
N ALA H 251 59.89 -19.30 46.87
CA ALA H 251 61.16 -19.65 46.25
C ALA H 251 60.99 -19.76 44.74
N VAL H 252 59.90 -20.36 44.28
CA VAL H 252 59.71 -20.57 42.83
C VAL H 252 59.22 -19.31 42.10
N PHE H 253 58.29 -18.57 42.68
CA PHE H 253 57.65 -17.46 42.00
C PHE H 253 58.10 -16.08 42.45
N GLY H 254 58.76 -15.99 43.60
CA GLY H 254 59.11 -14.69 44.21
C GLY H 254 58.01 -14.11 45.10
N ARG H 255 58.40 -13.29 46.08
CA ARG H 255 57.49 -12.75 47.10
C ARG H 255 56.25 -12.15 46.44
N GLN H 256 56.51 -11.34 45.42
CA GLN H 256 55.49 -10.47 44.83
C GLN H 256 54.45 -11.27 44.07
N ARG H 257 54.85 -12.23 43.24
CA ARG H 257 53.87 -13.09 42.57
C ARG H 257 53.17 -14.04 43.51
N ALA H 258 53.92 -14.50 44.53
CA ALA H 258 53.40 -15.47 45.47
C ALA H 258 52.09 -14.98 46.08
N ILE H 259 51.93 -13.66 46.16
CA ILE H 259 50.72 -13.02 46.67
C ILE H 259 49.49 -13.52 45.93
N MSE H 260 49.63 -13.68 44.62
CA MSE H 260 48.54 -14.18 43.80
C MSE H 260 48.17 -15.62 44.09
O MSE H 260 47.06 -16.04 43.75
CB MSE H 260 48.92 -14.09 42.33
CG MSE H 260 48.84 -12.64 41.87
SE MSE H 260 49.59 -12.48 40.07
CE MSE H 260 49.29 -14.28 39.34
N LEU H 261 49.09 -16.37 44.69
CA LEU H 261 48.87 -17.80 44.99
C LEU H 261 48.53 -18.06 46.47
N LEU H 262 49.23 -17.38 47.38
CA LEU H 262 49.08 -17.61 48.83
C LEU H 262 47.97 -16.79 49.49
N GLU H 263 47.54 -15.72 48.83
CA GLU H 263 46.53 -14.85 49.39
C GLU H 263 45.38 -14.69 48.41
N GLY H 264 44.33 -14.01 48.85
CA GLY H 264 43.12 -13.87 48.06
C GLY H 264 42.13 -12.81 48.47
N GLN H 265 41.23 -12.52 47.54
CA GLN H 265 40.17 -11.52 47.70
C GLN H 265 38.84 -12.22 47.56
N LYS H 266 37.89 -11.91 48.44
CA LYS H 266 36.53 -12.37 48.24
C LYS H 266 35.83 -11.38 47.31
N VAL H 267 35.55 -11.79 46.08
CA VAL H 267 35.03 -10.85 45.06
C VAL H 267 33.63 -11.26 44.61
N ILE H 268 32.67 -10.33 44.73
CA ILE H 268 31.30 -10.56 44.27
C ILE H 268 31.09 -9.90 42.89
N PRO H 269 30.46 -10.64 41.96
CA PRO H 269 30.16 -10.12 40.65
C PRO H 269 28.78 -9.49 40.66
N ARG H 270 28.64 -8.40 41.40
CA ARG H 270 27.34 -7.75 41.55
C ARG H 270 26.91 -7.14 40.22
N ARG H 271 27.77 -6.27 39.67
CA ARG H 271 27.48 -5.58 38.42
C ARG H 271 27.43 -6.54 37.22
N THR H 272 28.24 -7.59 37.26
CA THR H 272 28.19 -8.59 36.23
C THR H 272 26.81 -9.24 36.18
N LEU H 273 26.29 -9.66 37.33
CA LEU H 273 24.97 -10.28 37.38
C LEU H 273 23.88 -9.28 36.96
N ALA H 274 24.06 -8.02 37.32
CA ALA H 274 23.09 -6.98 37.00
C ALA H 274 22.97 -6.73 35.51
N THR H 275 23.96 -7.13 34.72
CA THR H 275 23.90 -6.98 33.27
C THR H 275 22.95 -7.97 32.61
N GLY H 276 22.44 -8.90 33.39
CA GLY H 276 21.58 -9.95 32.85
C GLY H 276 22.33 -11.19 32.43
N TYR H 277 23.67 -11.16 32.48
CA TYR H 277 24.47 -12.34 32.16
C TYR H 277 24.17 -13.50 33.10
N GLN H 278 24.11 -14.71 32.52
CA GLN H 278 23.76 -15.92 33.26
C GLN H 278 24.82 -16.99 33.10
N TYR H 279 25.38 -17.43 34.22
CA TYR H 279 26.56 -18.27 34.21
C TYR H 279 26.24 -19.71 33.82
N SER H 280 27.10 -20.29 32.98
CA SER H 280 27.03 -21.72 32.63
C SER H 280 27.60 -22.61 33.74
N PHE H 281 28.60 -22.09 34.46
CA PHE H 281 29.30 -22.85 35.49
C PHE H 281 29.53 -22.01 36.74
N PRO H 282 28.44 -21.62 37.40
CA PRO H 282 28.57 -20.80 38.60
C PRO H 282 29.11 -21.54 39.83
N GLU H 283 28.93 -22.85 39.88
CA GLU H 283 29.33 -23.65 41.04
C GLU H 283 30.68 -24.34 40.69
N LEU H 284 31.63 -24.33 41.62
CA LEU H 284 33.00 -24.80 41.35
C LEU H 284 33.05 -26.27 40.93
N GLY H 285 32.27 -27.10 41.61
CA GLY H 285 32.17 -28.50 41.25
C GLY H 285 31.80 -28.70 39.80
N ALA H 286 30.77 -28.01 39.33
CA ALA H 286 30.31 -28.17 37.96
C ALA H 286 31.39 -27.75 37.00
N ALA H 287 32.12 -26.68 37.35
CA ALA H 287 33.20 -26.16 36.50
C ALA H 287 34.31 -27.15 36.36
N LEU H 288 34.79 -27.68 37.48
CA LEU H 288 35.93 -28.61 37.46
C LEU H 288 35.55 -29.95 36.82
N LYS H 289 34.29 -30.33 36.97
CA LYS H 289 33.77 -31.55 36.35
C LYS H 289 33.81 -31.45 34.80
N GLU H 290 33.45 -30.30 34.26
CA GLU H 290 33.56 -30.06 32.82
C GLU H 290 35.00 -30.23 32.36
N ILE H 291 35.92 -29.59 33.08
CA ILE H 291 37.32 -29.62 32.74
C ILE H 291 37.86 -31.05 32.82
N ALA H 292 37.50 -31.75 33.89
CA ALA H 292 38.00 -33.12 34.15
C ALA H 292 37.44 -34.17 33.22
N GLU H 293 36.19 -34.03 32.80
CA GLU H 293 35.54 -35.07 31.98
C GLU H 293 35.88 -34.99 30.49
N ASN H 294 36.47 -33.86 30.09
CA ASN H 294 36.77 -33.56 28.70
C ASN H 294 38.28 -33.34 28.57
N LEU H 295 39.01 -34.30 28.00
CA LEU H 295 40.48 -34.23 27.93
C LEU H 295 40.99 -35.06 26.75
PA NDP I . -3.69 -21.12 -29.92
O1A NDP I . -4.71 -21.95 -30.74
O2A NDP I . -2.17 -21.28 -30.16
O5B NDP I . -3.80 -21.40 -28.32
C5B NDP I . -5.10 -21.72 -27.82
C4B NDP I . -4.93 -22.54 -26.57
O4B NDP I . -6.22 -22.68 -25.98
C3B NDP I . -4.40 -23.95 -26.88
O3B NDP I . -2.99 -24.12 -26.54
C2B NDP I . -5.26 -24.87 -26.02
O2B NDP I . -4.63 -25.17 -24.78
C1B NDP I . -6.46 -24.04 -25.69
N9A NDP I . -7.54 -24.54 -26.54
C8A NDP I . -7.56 -24.85 -27.89
N7A NDP I . -8.84 -25.34 -28.22
C5A NDP I . -9.58 -25.32 -27.08
C6A NDP I . -10.95 -25.66 -26.68
N6A NDP I . -11.86 -26.11 -27.57
N1A NDP I . -11.31 -25.50 -25.39
C2A NDP I . -10.40 -25.05 -24.48
N3A NDP I . -9.13 -24.69 -24.77
C4A NDP I . -8.72 -24.79 -26.00
O3 NDP I . -4.22 -19.61 -30.18
PN NDP I . -3.30 -18.30 -30.06
O1N NDP I . -2.25 -18.55 -28.99
O2N NDP I . -2.83 -17.89 -31.41
O5D NDP I . -4.39 -17.17 -29.54
C5D NDP I . -4.94 -17.40 -28.23
C4D NDP I . -6.23 -16.64 -28.02
O4D NDP I . -6.01 -15.36 -28.60
C3D NDP I . -7.47 -17.23 -28.71
O3D NDP I . -8.65 -17.09 -27.87
C2D NDP I . -7.57 -16.42 -30.02
O2D NDP I . -8.88 -16.13 -30.53
C1D NDP I . -7.01 -15.09 -29.61
N1N NDP I . -6.45 -14.32 -30.73
C2N NDP I . -5.46 -14.80 -31.50
C3N NDP I . -4.96 -14.06 -32.54
C7N NDP I . -3.86 -14.64 -33.35
O7N NDP I . -3.24 -15.59 -32.89
N7N NDP I . -3.56 -14.13 -34.55
C4N NDP I . -5.44 -12.68 -32.82
C5N NDP I . -6.50 -12.24 -31.92
C6N NDP I . -6.95 -13.08 -30.90
P2B NDP I . -4.69 -26.72 -24.20
O1X NDP I . -6.09 -26.90 -23.64
O2X NDP I . -4.40 -27.68 -25.40
O3X NDP I . -3.58 -26.56 -23.13
O1 PE4 J . -10.54 -13.39 -33.63
C1 PE4 J . -9.27 -13.72 -32.94
C2 PE4 J . -8.70 -15.20 -33.17
O2 PE4 J . -8.37 -15.43 -34.58
C3 PE4 J . -8.02 -14.21 -35.37
C4 PE4 J . -7.20 -14.69 -36.63
O3 PE4 J . -6.81 -13.59 -37.60
C5 PE4 J . -6.66 -14.26 -38.90
C6 PE4 J . -6.07 -13.32 -39.99
O4 PE4 J . -4.92 -14.01 -40.62
C7 PE4 J . -4.31 -13.41 -41.81
C8 PE4 J . -3.82 -14.53 -42.82
O5 PE4 J . -3.70 -15.94 -42.27
C9 PE4 J . -4.05 -17.15 -43.05
C10 PE4 J . -3.39 -17.05 -44.46
O6 PE4 J . -3.39 -18.31 -45.24
C11 PE4 J . -2.68 -18.12 -46.51
C12 PE4 J . -1.61 -19.28 -46.68
O7 PE4 J . -0.81 -19.14 -47.97
PA NDP K . -44.76 11.99 -15.68
O1A NDP K . -45.84 11.38 -14.79
O2A NDP K . -44.29 13.45 -15.69
O5B NDP K . -45.25 11.89 -17.25
C5B NDP K . -45.97 10.74 -17.68
C4B NDP K . -46.88 11.10 -18.82
O4B NDP K . -47.58 9.90 -19.17
C3B NDP K . -47.92 12.11 -18.38
O3B NDP K . -47.61 13.41 -18.85
C2B NDP K . -49.21 11.67 -19.03
O2B NDP K . -49.37 12.38 -20.23
C1B NDP K . -48.97 10.23 -19.38
N9A NDP K . -49.77 9.45 -18.43
C8A NDP K . -49.89 9.65 -17.06
N7A NDP K . -50.75 8.74 -16.52
C5A NDP K . -51.15 7.98 -17.54
C6A NDP K . -52.04 6.86 -17.64
N6A NDP K . -52.60 6.41 -16.51
N1A NDP K . -52.23 6.31 -18.86
C2A NDP K . -51.62 6.80 -19.98
N3A NDP K . -50.76 7.85 -19.98
C4A NDP K . -50.51 8.42 -18.80
O3 NDP K . -43.54 10.96 -15.46
PN NDP K . -42.03 11.22 -16.02
O1N NDP K . -42.04 12.19 -17.24
O2N NDP K . -41.13 11.64 -14.88
O5D NDP K . -41.50 9.70 -16.35
C5D NDP K . -41.78 9.18 -17.62
C4D NDP K . -41.63 7.65 -17.65
O4D NDP K . -40.31 7.28 -17.21
C3D NDP K . -42.59 6.90 -16.73
O3D NDP K . -42.95 5.67 -17.39
C2D NDP K . -41.80 6.68 -15.45
O2D NDP K . -42.20 5.54 -14.65
C1D NDP K . -40.38 6.50 -16.00
N1N NDP K . -39.34 6.89 -15.03
C2N NDP K . -39.35 8.06 -14.43
C3N NDP K . -38.37 8.37 -13.50
C7N NDP K . -38.41 9.69 -12.83
O7N NDP K . -39.14 10.59 -13.26
N7N NDP K . -37.66 9.93 -11.76
C4N NDP K . -37.24 7.41 -13.15
C5N NDP K . -37.36 6.15 -13.87
C6N NDP K . -38.39 5.97 -14.78
P2B NDP K . -50.85 12.79 -20.81
O1X NDP K . -51.49 11.48 -21.27
O2X NDP K . -51.64 13.42 -19.65
O3X NDP K . -50.51 13.80 -21.94
O1 PE4 L . -39.30 2.65 -12.28
C1 PE4 L . -39.39 4.06 -11.73
C2 PE4 L . -40.49 4.99 -12.44
O2 PE4 L . -40.46 6.37 -12.01
C3 PE4 L . -40.52 6.69 -10.58
C4 PE4 L . -39.16 6.42 -9.79
O3 PE4 L . -38.85 7.43 -8.67
C5 PE4 L . -37.71 7.07 -7.77
C6 PE4 L . -37.91 7.45 -6.22
O4 PE4 L . -37.82 8.92 -5.87
C7 PE4 L . -36.85 9.34 -4.84
C8 PE4 L . -37.61 9.83 -3.53
O5 PE4 L . -38.10 11.25 -3.40
C9 PE4 L . -39.41 11.44 -2.74
C10 PE4 L . -39.17 11.71 -1.19
O6 PE4 L . -39.74 13.01 -0.69
C11 PE4 L . -39.22 13.38 0.63
C12 PE4 L . -39.86 14.74 1.18
O7 PE4 L . -38.91 15.46 2.08
PA NDP M . 34.44 -1.41 -21.70
O1A NDP M . 35.89 -1.04 -22.15
O2A NDP M . 34.10 -2.90 -21.49
O5B NDP M . 33.37 -0.81 -22.72
C5B NDP M . 33.85 0.27 -23.51
C4B NDP M . 33.22 0.20 -24.87
O4B NDP M . 33.36 1.51 -25.42
C3B NDP M . 33.89 -0.80 -25.79
O3B NDP M . 33.08 -1.95 -26.01
C2B NDP M . 34.08 -0.06 -27.10
O2B NDP M . 33.03 -0.37 -28.02
C1B NDP M . 33.95 1.40 -26.75
N9A NDP M . 35.26 2.08 -26.80
C8A NDP M . 36.41 1.64 -26.27
N7A NDP M . 37.38 2.53 -26.55
C5A NDP M . 36.86 3.53 -27.26
C6A NDP M . 37.37 4.75 -27.87
N6A NDP M . 38.65 5.08 -27.73
N1A NDP M . 36.52 5.56 -28.55
C2A NDP M . 35.20 5.23 -28.67
N3A NDP M . 34.69 4.07 -28.12
C4A NDP M . 35.46 3.24 -27.42
O3 NDP M . 34.05 -0.53 -20.40
PN NDP M . 32.79 -0.92 -19.44
O1N NDP M . 31.71 -1.55 -20.33
O2N NDP M . 33.18 -1.66 -18.16
O5D NDP M . 32.41 0.57 -18.93
C5D NDP M . 31.62 1.32 -19.86
C4D NDP M . 31.55 2.78 -19.49
O4D NDP M . 31.15 2.90 -18.12
C3D NDP M . 32.91 3.50 -19.62
O3D NDP M . 32.64 4.85 -20.07
C2D NDP M . 33.47 3.40 -18.20
O2D NDP M . 34.30 4.43 -17.77
C1D NDP M . 32.22 3.54 -17.37
N1N NDP M . 32.43 2.98 -16.03
C2N NDP M . 32.82 1.70 -15.84
C3N NDP M . 33.02 1.21 -14.56
C7N NDP M . 33.51 -0.19 -14.38
O7N NDP M . 33.60 -0.96 -15.35
N7N NDP M . 33.88 -0.54 -13.14
C4N NDP M . 32.78 2.08 -13.34
C5N NDP M . 32.33 3.43 -13.65
C6N NDP M . 32.17 3.80 -14.99
P2B NDP M . 33.43 -0.63 -29.59
O1X NDP M . 33.62 0.79 -30.21
O2X NDP M . 34.72 -1.50 -29.49
O3X NDP M . 32.27 -1.49 -30.16
O1 PE4 N . 35.05 6.98 -13.93
C1 PE4 N . 34.62 5.69 -14.53
C2 PE4 N . 35.77 4.85 -15.17
O2 PE4 N . 35.62 3.43 -14.99
C3 PE4 N . 36.73 2.80 -14.26
C4 PE4 N . 36.48 2.65 -12.67
O3 PE4 N . 37.63 1.95 -11.93
C5 PE4 N . 37.34 1.17 -10.73
C6 PE4 N . 38.67 0.66 -10.02
O4 PE4 N . 39.00 -0.81 -10.10
C7 PE4 N . 39.22 -1.55 -8.85
C8 PE4 N . 40.69 -2.14 -8.86
O5 PE4 N . 40.93 -3.50 -9.46
C9 PE4 N . 42.13 -3.62 -10.43
C10 PE4 N . 43.48 -4.10 -9.72
O6 PE4 N . 43.77 -5.55 -9.92
C11 PE4 N . 45.10 -6.05 -9.54
C12 PE4 N . 45.14 -7.64 -9.57
O7 PE4 N . 45.49 -8.33 -8.28
PA NDP O . -13.54 39.06 -29.77
O1A NDP O . -12.52 40.22 -29.65
O2A NDP O . -15.03 39.31 -29.92
O5B NDP O . -13.29 37.99 -28.59
C5B NDP O . -11.94 37.85 -28.12
C4B NDP O . -11.97 37.45 -26.66
O4B NDP O . -10.66 37.13 -26.16
C3B NDP O . -12.53 38.60 -25.83
O3B NDP O . -13.92 38.45 -25.61
C2B NDP O . -11.72 38.62 -24.56
O2B NDP O . -12.47 38.00 -23.54
C1B NDP O . -10.45 37.85 -24.91
N9A NDP O . -9.32 38.80 -25.07
C8A NDP O . -9.35 39.99 -25.73
N7A NDP O . -8.13 40.60 -25.68
C5A NDP O . -7.30 39.78 -25.00
C6A NDP O . -5.88 39.81 -24.59
N6A NDP O . -5.08 40.84 -24.92
N1A NDP O . -5.40 38.74 -23.92
C2A NDP O . -6.19 37.69 -23.59
N3A NDP O . -7.48 37.60 -23.93
C4A NDP O . -8.09 38.59 -24.62
O3 NDP O . -13.04 38.30 -31.13
PN NDP O . -13.85 37.12 -31.91
O1N NDP O . -14.76 36.39 -30.94
O2N NDP O . -14.51 37.54 -33.22
O5D NDP O . -12.63 36.20 -32.35
C5D NDP O . -12.14 35.28 -31.39
C4D NDP O . -10.89 34.67 -32.01
O4D NDP O . -11.19 34.39 -33.39
C3D NDP O . -9.71 35.62 -32.03
O3D NDP O . -8.54 34.85 -31.67
C2D NDP O . -9.68 36.10 -33.48
O2D NDP O . -8.39 36.43 -34.02
C1D NDP O . -10.20 34.89 -34.23
N1N NDP O . -10.78 35.18 -35.54
C2N NDP O . -11.81 36.01 -35.65
C3N NDP O . -12.37 36.28 -36.91
C7N NDP O . -13.51 37.26 -37.01
O7N NDP O . -14.26 37.53 -36.04
N7N NDP O . -13.66 37.87 -38.20
C4N NDP O . -11.83 35.60 -38.14
C5N NDP O . -10.72 34.71 -37.89
C6N NDP O . -10.27 34.53 -36.60
P2B NDP O . -12.16 38.36 -21.98
O1X NDP O . -10.66 38.04 -21.71
O2X NDP O . -12.41 39.87 -21.84
O3X NDP O . -13.18 37.51 -21.22
O1 PE4 P . -6.63 36.34 -38.12
C1 PE4 P . -7.84 36.47 -37.22
C2 PE4 P . -8.06 37.89 -36.57
O2 PE4 P . -9.33 38.56 -36.92
C3 PE4 P . -9.63 38.55 -38.36
C4 PE4 P . -9.89 40.00 -38.92
O3 PE4 P . -10.18 40.01 -40.40
C5 PE4 P . -11.34 40.87 -40.66
C6 PE4 P . -11.49 41.31 -42.17
O4 PE4 P . -12.40 42.50 -42.16
C7 PE4 P . -13.10 42.92 -43.40
C8 PE4 P . -13.96 44.19 -43.01
O5 PE4 P . -13.25 45.40 -42.41
C9 PE4 P . -14.16 46.46 -41.96
C10 PE4 P . -13.78 47.84 -42.64
O6 PE4 P . -14.64 48.99 -42.17
C11 PE4 P . -15.28 49.53 -43.35
C12 PE4 P . -16.15 50.79 -42.99
O7 PE4 P . -17.08 51.14 -44.11
PA NDP Q . 0.80 24.68 18.17
O1A NDP Q . 1.36 25.96 17.53
O2A NDP Q . -0.55 24.64 18.90
O5B NDP Q . 1.76 24.18 19.38
C5B NDP Q . 3.15 24.49 19.30
C4B NDP Q . 3.71 24.50 20.70
O4B NDP Q . 5.16 24.43 20.61
C3B NDP Q . 3.31 25.79 21.44
O3B NDP Q . 2.19 25.52 22.31
C2B NDP Q . 4.57 26.23 22.18
O2B NDP Q . 4.62 25.80 23.56
C1B NDP Q . 5.70 25.50 21.42
N9A NDP Q . 6.33 26.48 20.54
C8A NDP Q . 5.73 27.42 19.74
N7A NDP Q . 6.69 28.18 19.11
C5A NDP Q . 7.90 27.71 19.53
C6A NDP Q . 9.30 28.02 19.29
N6A NDP Q . 9.66 29.00 18.44
N1A NDP Q . 10.22 27.29 19.88
C2A NDP Q . 9.91 26.28 20.74
N3A NDP Q . 8.65 25.94 21.04
C4A NDP Q . 7.64 26.59 20.46
O3 NDP Q . 1.03 23.53 17.07
PN NDP Q . 0.15 22.17 17.05
O1N NDP Q . -0.15 21.84 18.49
O2N NDP Q . -0.88 22.29 15.95
O5D NDP Q . 1.12 21.03 16.41
C5D NDP Q . 2.28 20.66 17.13
C4D NDP Q . 3.34 20.07 16.21
O4D NDP Q . 2.68 19.18 15.29
C3D NDP Q . 4.09 21.12 15.35
O3D NDP Q . 5.50 20.78 15.24
C2D NDP Q . 3.43 21.06 14.00
O2D NDP Q . 4.31 21.28 12.88
C1D NDP Q . 2.96 19.62 13.94
N1N NDP Q . 1.78 19.48 13.05
C2N NDP Q . 0.64 20.16 13.28
C3N NDP Q . -0.44 20.01 12.42
C7N NDP Q . -1.72 20.78 12.63
O7N NDP Q . -1.93 21.39 13.70
N7N NDP Q . -2.62 20.75 11.63
C4N NDP Q . -0.39 19.06 11.26
C5N NDP Q . 0.87 18.37 11.15
C6N NDP Q . 1.88 18.60 12.04
P2B NDP Q . 5.16 26.83 24.76
O1X NDP Q . 6.66 26.64 24.62
O2X NDP Q . 4.76 28.29 24.45
O3X NDP Q . 4.54 26.27 26.05
O1 PE4 R . 3.80 20.63 8.46
C1 PE4 R . 3.09 20.47 9.78
C2 PE4 R . 2.55 21.80 10.48
O2 PE4 R . 1.40 22.44 9.80
C3 PE4 R . 0.69 21.66 8.81
C4 PE4 R . -0.61 22.47 8.41
O3 PE4 R . -0.85 22.33 6.93
C5 PE4 R . -2.24 22.14 6.49
C6 PE4 R . -2.81 23.48 5.91
O4 PE4 R . -4.07 23.84 6.58
C7 PE4 R . -5.26 23.74 5.73
C8 PE4 R . -6.04 25.15 5.62
O5 PE4 R . -6.03 25.99 6.85
C9 PE4 R . -5.91 27.46 6.75
C10 PE4 R . -6.93 28.03 5.71
O6 PE4 R . -7.42 29.35 6.12
C11 PE4 R . -8.59 29.72 5.30
C12 PE4 R . -9.46 30.78 6.08
O7 PE4 R . -10.83 30.89 5.51
PA NDP S . -31.18 -1.41 33.13
O1A NDP S . -32.65 -1.86 33.43
O2A NDP S . -30.70 -0.18 33.88
O5B NDP S . -30.91 -1.04 31.57
C5B NDP S . -31.42 -1.93 30.56
C4B NDP S . -31.79 -1.12 29.34
O4B NDP S . -32.47 -1.95 28.40
C3B NDP S . -32.71 0.05 29.65
O3B NDP S . -31.96 1.25 29.91
C2B NDP S . -33.61 0.16 28.43
O2B NDP S . -33.14 1.18 27.56
C1B NDP S . -33.51 -1.20 27.75
N9A NDP S . -34.73 -1.98 28.02
C8A NDP S . -35.33 -2.11 29.24
N7A NDP S . -36.45 -2.90 29.14
C5A NDP S . -36.52 -3.28 27.86
C6A NDP S . -37.44 -4.12 27.11
N6A NDP S . -38.49 -4.71 27.77
N1A NDP S . -37.20 -4.32 25.81
C2A NDP S . -36.14 -3.72 25.19
N3A NDP S . -35.24 -2.92 25.83
C4A NDP S . -35.38 -2.70 27.15
O3 NDP S . -30.27 -2.74 33.39
PN NDP S . -28.67 -2.78 33.64
O1N NDP S . -28.00 -1.68 32.84
O2N NDP S . -28.31 -3.00 35.10
O5D NDP S . -28.32 -4.25 33.04
C5D NDP S . -28.28 -4.40 31.60
C4D NDP S . -28.21 -5.85 31.20
O4D NDP S . -27.29 -6.55 32.06
C3D NDP S . -29.55 -6.51 31.39
O3D NDP S . -29.76 -7.43 30.30
C2D NDP S . -29.44 -7.22 32.72
O2D NDP S . -30.30 -8.38 32.77
C1D NDP S . -27.96 -7.61 32.73
N1N NDP S . -27.43 -7.82 34.09
C2N NDP S . -27.53 -6.85 35.02
C3N NDP S . -27.06 -7.04 36.31
C7N NDP S . -27.18 -5.95 37.33
O7N NDP S . -27.55 -4.81 37.00
N7N NDP S . -26.84 -6.25 38.58
C4N NDP S . -26.39 -8.34 36.71
C5N NDP S . -26.33 -9.32 35.62
C6N NDP S . -26.86 -9.00 34.36
P2B NDP S . -34.25 1.93 26.60
O1X NDP S . -34.79 0.87 25.56
O2X NDP S . -35.40 2.33 27.59
O3X NDP S . -33.46 3.15 26.07
O1 PE4 T . -29.18 -12.72 34.81
C1 PE4 T . -28.90 -11.34 35.31
C2 PE4 T . -30.16 -10.37 35.52
O2 PE4 T . -29.84 -9.09 36.20
C3 PE4 T . -30.42 -8.93 37.57
C4 PE4 T . -29.61 -9.78 38.66
O3 PE4 T . -29.91 -9.40 40.10
C5 PE4 T . -28.91 -9.86 41.11
C6 PE4 T . -29.42 -9.91 42.65
O4 PE4 T . -29.47 -8.64 43.49
C7 PE4 T . -29.09 -8.64 44.93
C8 PE4 T . -30.36 -8.32 45.82
O5 PE4 T . -30.84 -6.89 45.94
C9 PE4 T . -32.31 -6.56 45.84
C10 PE4 T . -33.03 -6.74 47.23
O6 PE4 T . -33.37 -5.41 47.78
C11 PE4 T . -34.25 -5.04 48.88
C12 PE4 T . -33.44 -4.95 50.23
O7 PE4 T . -33.94 -3.86 51.17
PA NDP U . 10.37 -36.01 18.71
O1A NDP U . 9.28 -37.08 18.67
O2A NDP U . 11.52 -35.90 17.70
O5B NDP U . 11.02 -35.79 20.21
C5B NDP U . 10.13 -35.83 21.32
C4B NDP U . 10.78 -36.40 22.57
O4B NDP U . 9.79 -36.63 23.59
C3B NDP U . 11.46 -37.75 22.38
O3B NDP U . 12.86 -37.57 22.11
C2B NDP U . 11.31 -38.45 23.72
O2B NDP U . 12.44 -38.27 24.54
C1B NDP U . 10.14 -37.77 24.38
N9A NDP U . 8.99 -38.66 24.33
C8A NDP U . 8.59 -39.31 23.21
N7A NDP U . 7.48 -40.07 23.48
C5A NDP U . 7.16 -39.85 24.79
C6A NDP U . 6.12 -40.35 25.69
N6A NDP U . 5.20 -41.19 25.17
N1A NDP U . 6.10 -39.93 26.99
C2A NDP U . 7.06 -39.07 27.43
N3A NDP U . 8.06 -38.57 26.65
C4A NDP U . 8.15 -38.93 25.34
O3 NDP U . 9.42 -34.73 18.55
PN NDP U . 9.91 -33.32 17.91
O1N NDP U . 11.19 -32.89 18.55
O2N NDP U . 9.78 -33.32 16.38
O5D NDP U . 8.64 -32.49 18.55
C5D NDP U . 8.86 -32.11 19.92
C4D NDP U . 7.60 -31.50 20.48
O4D NDP U . 7.23 -30.39 19.61
C3D NDP U . 6.42 -32.48 20.51
O3D NDP U . 5.64 -32.26 21.71
C2D NDP U . 5.66 -32.09 19.28
O2D NDP U . 4.27 -32.23 19.47
C1D NDP U . 5.93 -30.60 19.14
N1N NDP U . 5.83 -30.18 17.76
C2N NDP U . 6.58 -30.72 16.78
C3N NDP U . 6.38 -30.30 15.46
C7N NDP U . 7.17 -30.87 14.32
O7N NDP U . 8.14 -31.62 14.55
N7N NDP U . 6.77 -30.57 13.08
C4N NDP U . 5.37 -29.21 15.14
C5N NDP U . 4.64 -28.69 16.27
C6N NDP U . 4.93 -29.21 17.52
P2B NDP U . 12.99 -39.51 25.45
O1X NDP U . 11.95 -39.73 26.58
O2X NDP U . 13.02 -40.65 24.39
O3X NDP U . 14.40 -39.09 25.91
O1 PE4 V . 1.01 -30.31 17.52
C1 PE4 V . 2.38 -30.84 17.28
C2 PE4 V . 2.48 -32.33 16.83
O2 PE4 V . 3.38 -32.55 15.70
C3 PE4 V . 3.05 -31.78 14.46
C4 PE4 V . 3.01 -32.68 13.18
O3 PE4 V . 2.10 -32.18 12.11
C5 PE4 V . 2.75 -31.72 10.87
C6 PE4 V . 1.96 -32.05 9.51
O4 PE4 V . 2.76 -32.90 8.57
C7 PE4 V . 3.21 -32.39 7.25
C8 PE4 V . 2.96 -33.55 6.19
O5 PE4 V . 4.08 -34.50 5.94
C9 PE4 V . 3.96 -35.94 6.30
C10 PE4 V . 3.21 -36.68 5.15
O6 PE4 V . 3.94 -37.84 4.63
C11 PE4 V . 4.04 -37.85 3.18
C12 PE4 V . 4.83 -39.14 2.76
O7 PE4 V . 5.03 -39.27 1.27
PA NDP W . 47.88 -15.54 27.29
O1A NDP W . 49.40 -15.37 27.48
O2A NDP W . 47.25 -16.92 26.97
O5B NDP W . 47.50 -14.51 26.08
C5B NDP W . 48.24 -13.27 26.02
C4B NDP W . 48.57 -12.93 24.56
O4B NDP W . 49.30 -11.68 24.49
C3B NDP W . 49.45 -14.00 23.90
O3B NDP W . 48.66 -14.92 23.13
C2B NDP W . 50.39 -13.23 22.99
O2B NDP W . 49.80 -13.07 21.69
C1B NDP W . 50.37 -11.84 23.54
N9A NDP W . 51.57 -11.56 24.29
C8A NDP W . 52.28 -12.35 25.18
N7A NDP W . 53.38 -11.63 25.66
C5A NDP W . 53.28 -10.40 25.06
C6A NDP W . 54.02 -9.15 25.12
N6A NDP W . 55.10 -9.13 25.92
N1A NDP W . 53.61 -8.07 24.39
C2A NDP W . 52.50 -8.15 23.61
N3A NDP W . 51.76 -9.27 23.49
C4A NDP W . 52.10 -10.36 24.19
O3 NDP W . 47.13 -14.80 28.55
PN NDP W . 45.57 -15.11 28.91
O1N NDP W . 44.72 -15.35 27.63
O2N NDP W . 45.50 -16.12 30.07
O5D NDP W . 45.19 -13.74 29.66
C5D NDP W . 44.71 -12.71 28.82
C4D NDP W . 44.75 -11.38 29.56
O4D NDP W . 43.88 -11.50 30.71
C3D NDP W . 46.18 -11.06 30.07
O3D NDP W . 46.37 -9.65 29.90
C2D NDP W . 46.17 -11.46 31.54
O2D NDP W . 46.98 -10.62 32.36
C1D NDP W . 44.68 -11.28 31.89
N1N NDP W . 44.19 -12.19 32.94
C2N NDP W . 44.32 -13.51 32.81
C3N NDP W . 43.87 -14.35 33.83
C7N NDP W . 44.02 -15.82 33.67
O7N NDP W . 44.28 -16.27 32.55
N7N NDP W . 43.85 -16.64 34.69
C4N NDP W . 43.17 -13.79 35.05
C5N NDP W . 43.08 -12.34 35.06
C6N NDP W . 43.57 -11.61 34.00
P2B NDP W . 50.69 -12.91 20.33
O1X NDP W . 51.00 -11.41 20.36
O2X NDP W . 51.89 -13.84 20.55
O3X NDP W . 49.76 -13.41 19.22
O1 PE4 X . 46.62 -9.66 37.30
C1 PE4 X . 46.11 -10.87 36.55
C2 PE4 X . 47.15 -11.56 35.55
O2 PE4 X . 46.80 -12.93 35.11
C3 PE4 X . 47.40 -14.03 35.91
C4 PE4 X . 46.57 -14.36 37.26
O3 PE4 X . 46.91 -15.72 37.91
C5 PE4 X . 46.13 -16.16 39.08
C6 PE4 X . 46.89 -17.29 39.91
O4 PE4 X . 46.35 -18.65 39.69
C7 PE4 X . 46.38 -19.64 40.74
C8 PE4 X . 47.77 -20.37 40.70
O5 PE4 X . 47.90 -21.59 39.86
C9 PE4 X . 49.30 -21.94 39.49
C10 PE4 X . 49.93 -22.77 40.67
O6 PE4 X . 50.47 -24.09 40.26
C11 PE4 X . 50.46 -25.16 41.27
C12 PE4 X . 51.23 -26.44 40.70
O7 PE4 X . 50.82 -27.74 41.33
#